data_1PMS
#
_entry.id   1PMS
#
_cell.length_a   1.000
_cell.length_b   1.000
_cell.length_c   1.000
_cell.angle_alpha   90.00
_cell.angle_beta   90.00
_cell.angle_gamma   90.00
#
_symmetry.space_group_name_H-M   'P 1'
#
_entity_poly.entity_id   1
_entity_poly.type   'polypeptide(L)'
_entity_poly.pdbx_seq_one_letter_code
;GSKQLAIKKMNEIQKNIDGWEGKDIGQCCNEFIMEGTLTRVGAKHERHIFLFDGLMICCKSNHGQPRLPGASSAEYRLKE
KFFMRKVQINDKDDTSEYKHAFEIILKDGNSVIFSAKSAEEKNNWMAALISLQYRS
;
_entity_poly.pdbx_strand_id   A
#
# COMPACT_ATOMS: atom_id res chain seq x y z
N SER A 2 -5.80 -5.77 -24.02
CA SER A 2 -6.63 -5.58 -22.78
C SER A 2 -6.38 -6.75 -21.83
N LYS A 3 -5.16 -7.01 -21.49
CA LYS A 3 -4.85 -8.13 -20.56
C LYS A 3 -4.75 -7.60 -19.13
N GLN A 4 -5.79 -6.99 -18.63
CA GLN A 4 -5.77 -6.47 -17.25
C GLN A 4 -6.23 -7.55 -16.28
N LEU A 5 -6.00 -8.79 -16.62
CA LEU A 5 -6.43 -9.91 -15.72
C LEU A 5 -5.73 -9.76 -14.37
N ALA A 6 -4.67 -9.01 -14.32
CA ALA A 6 -3.95 -8.82 -13.02
C ALA A 6 -4.53 -7.60 -12.31
N ILE A 7 -4.94 -6.61 -13.06
CA ILE A 7 -5.53 -5.40 -12.44
C ILE A 7 -7.00 -5.65 -12.14
N LYS A 8 -7.54 -6.73 -12.63
CA LYS A 8 -8.97 -7.04 -12.38
C LYS A 8 -9.07 -7.81 -11.06
N LYS A 9 -7.98 -8.37 -10.60
CA LYS A 9 -8.01 -9.13 -9.33
C LYS A 9 -8.24 -8.16 -8.16
N MET A 10 -7.56 -7.03 -8.17
CA MET A 10 -7.74 -6.05 -7.06
C MET A 10 -9.23 -5.82 -6.81
N ASN A 11 -10.01 -5.68 -7.84
CA ASN A 11 -11.48 -5.45 -7.65
C ASN A 11 -12.08 -6.62 -6.88
N GLU A 12 -11.97 -7.81 -7.40
CA GLU A 12 -12.52 -8.99 -6.69
C GLU A 12 -11.76 -9.22 -5.39
N ILE A 13 -10.69 -8.51 -5.18
CA ILE A 13 -9.89 -8.69 -3.94
C ILE A 13 -10.36 -7.68 -2.88
N GLN A 14 -10.94 -6.61 -3.32
CA GLN A 14 -11.42 -5.59 -2.34
C GLN A 14 -12.90 -5.86 -2.02
N LYS A 15 -13.52 -6.75 -2.73
CA LYS A 15 -14.96 -7.02 -2.46
C LYS A 15 -15.19 -8.51 -2.19
N ASN A 16 -14.36 -9.36 -2.68
CA ASN A 16 -14.57 -10.82 -2.47
C ASN A 16 -13.96 -11.24 -1.13
N ILE A 17 -13.31 -10.33 -0.46
CA ILE A 17 -12.69 -10.68 0.85
C ILE A 17 -12.87 -9.51 1.84
N ASP A 18 -13.54 -8.47 1.44
CA ASP A 18 -13.74 -7.32 2.37
C ASP A 18 -12.43 -6.55 2.52
N GLY A 19 -12.14 -6.08 3.70
CA GLY A 19 -10.87 -5.31 3.92
C GLY A 19 -10.46 -5.44 5.39
N TRP A 20 -9.62 -6.38 5.70
CA TRP A 20 -9.20 -6.57 7.11
C TRP A 20 -7.80 -7.18 7.16
N GLU A 21 -7.37 -7.61 8.33
CA GLU A 21 -6.02 -8.22 8.45
C GLU A 21 -6.14 -9.58 9.15
N GLY A 22 -7.25 -10.24 8.97
CA GLY A 22 -7.43 -11.56 9.64
C GLY A 22 -7.85 -12.61 8.60
N LYS A 23 -9.01 -12.46 8.01
CA LYS A 23 -9.46 -13.44 6.99
C LYS A 23 -8.68 -13.24 5.70
N ASP A 24 -8.69 -14.21 4.82
CA ASP A 24 -7.94 -14.05 3.55
C ASP A 24 -8.63 -14.85 2.44
N ILE A 25 -8.61 -14.35 1.24
CA ILE A 25 -9.27 -15.09 0.12
C ILE A 25 -8.20 -15.58 -0.85
N GLY A 26 -7.05 -14.96 -0.86
CA GLY A 26 -5.97 -15.41 -1.78
C GLY A 26 -5.11 -16.48 -1.10
N GLN A 27 -4.29 -17.17 -1.84
CA GLN A 27 -3.44 -18.22 -1.24
C GLN A 27 -2.10 -17.60 -0.80
N CYS A 28 -1.56 -16.71 -1.59
CA CYS A 28 -0.27 -16.08 -1.23
C CYS A 28 -0.17 -14.70 -1.90
N CYS A 29 -1.29 -14.09 -2.18
CA CYS A 29 -1.25 -12.75 -2.83
C CYS A 29 -2.46 -11.93 -2.37
N ASN A 30 -2.90 -12.13 -1.15
CA ASN A 30 -4.07 -11.36 -0.64
C ASN A 30 -4.06 -11.37 0.90
N GLU A 31 -5.02 -12.01 1.52
CA GLU A 31 -5.05 -12.06 3.02
C GLU A 31 -4.71 -10.68 3.62
N PHE A 32 -4.85 -9.63 2.84
CA PHE A 32 -4.54 -8.24 3.32
C PHE A 32 -3.61 -8.26 4.52
N ILE A 33 -2.36 -8.59 4.32
CA ILE A 33 -1.41 -8.65 5.46
C ILE A 33 -1.36 -7.30 6.20
N MET A 34 -1.77 -6.23 5.56
CA MET A 34 -1.74 -4.92 6.27
C MET A 34 -2.87 -4.02 5.77
N GLU A 35 -4.04 -4.16 6.33
CA GLU A 35 -5.17 -3.29 5.90
C GLU A 35 -5.23 -2.08 6.83
N GLY A 36 -4.77 -0.94 6.39
CA GLY A 36 -4.80 0.26 7.29
C GLY A 36 -4.52 1.53 6.50
N THR A 37 -3.52 2.28 6.91
CA THR A 37 -3.20 3.53 6.20
C THR A 37 -1.67 3.73 6.14
N LEU A 38 -1.17 4.09 4.99
CA LEU A 38 0.30 4.32 4.86
C LEU A 38 0.51 5.47 3.87
N THR A 39 1.59 6.20 4.02
CA THR A 39 1.83 7.35 3.12
C THR A 39 3.03 7.10 2.20
N ARG A 40 3.46 8.12 1.52
CA ARG A 40 4.63 7.99 0.61
C ARG A 40 5.77 8.86 1.15
N VAL A 41 6.49 8.37 2.12
CA VAL A 41 7.62 9.16 2.69
C VAL A 41 7.03 10.23 3.63
N GLY A 42 7.68 11.35 3.76
CA GLY A 42 7.16 12.41 4.67
C GLY A 42 6.13 13.27 3.91
N ALA A 43 5.05 12.67 3.50
CA ALA A 43 4.00 13.44 2.77
C ALA A 43 2.99 13.99 3.77
N LYS A 44 2.13 14.89 3.34
CA LYS A 44 1.12 15.47 4.27
C LYS A 44 -0.26 14.91 3.93
N HIS A 45 -0.36 14.14 2.88
CA HIS A 45 -1.69 13.57 2.50
C HIS A 45 -1.54 12.08 2.19
N GLU A 46 -1.45 11.26 3.21
CA GLU A 46 -1.30 9.80 2.97
C GLU A 46 -2.58 9.26 2.33
N ARG A 47 -2.62 7.99 2.02
CA ARG A 47 -3.83 7.42 1.39
C ARG A 47 -4.10 6.02 1.94
N HIS A 48 -5.30 5.53 1.82
CA HIS A 48 -5.61 4.17 2.34
C HIS A 48 -4.66 3.17 1.67
N ILE A 49 -4.34 2.10 2.34
CA ILE A 49 -3.42 1.10 1.74
C ILE A 49 -3.90 -0.31 2.03
N PHE A 50 -3.46 -1.26 1.25
CA PHE A 50 -3.88 -2.66 1.46
C PHE A 50 -2.73 -3.59 1.02
N LEU A 51 -2.00 -4.13 1.94
CA LEU A 51 -0.87 -5.02 1.54
C LEU A 51 -1.36 -6.45 1.42
N PHE A 52 -1.17 -7.05 0.26
CA PHE A 52 -1.63 -8.46 0.06
C PHE A 52 -0.46 -9.42 0.31
N ASP A 53 0.21 -9.30 1.43
CA ASP A 53 1.36 -10.22 1.70
C ASP A 53 2.18 -10.40 0.42
N GLY A 54 2.17 -9.44 -0.45
CA GLY A 54 2.95 -9.56 -1.71
C GLY A 54 2.53 -8.46 -2.68
N LEU A 55 1.33 -7.99 -2.57
CA LEU A 55 0.85 -6.91 -3.48
C LEU A 55 0.76 -5.59 -2.71
N MET A 56 0.74 -4.49 -3.40
CA MET A 56 0.66 -3.18 -2.70
C MET A 56 -0.40 -2.31 -3.37
N ILE A 57 -1.58 -2.24 -2.81
CA ILE A 57 -2.65 -1.41 -3.44
C ILE A 57 -2.86 -0.15 -2.58
N CYS A 58 -3.46 0.85 -3.15
CA CYS A 58 -3.70 2.12 -2.40
C CYS A 58 -5.00 2.76 -2.91
N CYS A 59 -5.66 3.51 -2.08
CA CYS A 59 -6.93 4.15 -2.52
C CYS A 59 -7.02 5.56 -1.94
N LYS A 60 -7.83 6.40 -2.52
CA LYS A 60 -7.97 7.79 -2.00
C LYS A 60 -8.89 8.60 -2.92
N SER A 61 -9.62 9.53 -2.37
CA SER A 61 -10.53 10.35 -3.21
C SER A 61 -9.75 11.00 -4.35
N ASN A 62 -10.27 10.97 -5.54
CA ASN A 62 -9.56 11.58 -6.70
C ASN A 62 -9.79 13.09 -6.69
N HIS A 63 -11.01 13.51 -6.98
CA HIS A 63 -11.30 14.97 -7.00
C HIS A 63 -11.83 15.40 -5.62
N GLY A 64 -11.14 15.06 -4.57
CA GLY A 64 -11.60 15.45 -3.21
C GLY A 64 -13.06 15.03 -3.05
N GLN A 65 -13.63 15.28 -1.90
CA GLN A 65 -15.06 14.90 -1.67
C GLN A 65 -15.98 15.98 -2.25
N PRO A 66 -16.86 15.59 -3.13
CA PRO A 66 -17.80 16.51 -3.78
C PRO A 66 -18.96 16.83 -2.83
N ARG A 67 -19.75 17.83 -3.14
CA ARG A 67 -20.89 18.17 -2.26
C ARG A 67 -21.83 16.97 -2.12
N LEU A 68 -22.18 16.37 -3.23
CA LEU A 68 -23.09 15.18 -3.17
C LEU A 68 -23.08 14.46 -4.52
N PRO A 69 -23.23 13.17 -4.47
CA PRO A 69 -23.25 12.33 -5.68
C PRO A 69 -24.60 12.41 -6.38
N GLY A 70 -24.63 12.27 -7.67
CA GLY A 70 -25.92 12.35 -8.42
C GLY A 70 -26.18 13.80 -8.82
N ALA A 71 -25.18 14.63 -8.79
CA ALA A 71 -25.37 16.06 -9.19
C ALA A 71 -24.58 16.34 -10.47
N SER A 72 -23.29 16.22 -10.42
CA SER A 72 -22.47 16.49 -11.63
C SER A 72 -21.81 15.18 -12.09
N SER A 73 -21.12 14.52 -11.22
CA SER A 73 -20.45 13.24 -11.60
C SER A 73 -19.55 12.76 -10.46
N ALA A 74 -19.51 11.48 -10.23
CA ALA A 74 -18.65 10.96 -9.13
C ALA A 74 -17.39 10.33 -9.72
N GLU A 75 -16.28 10.42 -9.04
CA GLU A 75 -15.03 9.83 -9.57
C GLU A 75 -14.31 9.08 -8.45
N TYR A 76 -15.03 8.63 -7.45
CA TYR A 76 -14.39 7.88 -6.34
C TYR A 76 -14.06 6.46 -6.80
N ARG A 77 -12.89 5.98 -6.50
CA ARG A 77 -12.51 4.60 -6.92
C ARG A 77 -11.09 4.29 -6.45
N LEU A 78 -10.65 3.08 -6.63
CA LEU A 78 -9.27 2.71 -6.20
C LEU A 78 -8.28 3.77 -6.68
N LYS A 79 -7.04 3.68 -6.29
CA LYS A 79 -6.04 4.69 -6.73
C LYS A 79 -4.98 4.01 -7.59
N GLU A 80 -4.02 3.37 -6.98
CA GLU A 80 -2.95 2.70 -7.77
C GLU A 80 -2.64 1.33 -7.16
N LYS A 81 -1.86 0.54 -7.84
CA LYS A 81 -1.50 -0.80 -7.32
C LYS A 81 -0.11 -1.20 -7.82
N PHE A 82 0.57 -2.07 -7.12
CA PHE A 82 1.92 -2.47 -7.55
C PHE A 82 2.21 -3.92 -7.12
N PHE A 83 3.38 -4.40 -7.36
CA PHE A 83 3.73 -5.79 -6.96
C PHE A 83 4.82 -5.75 -5.89
N MET A 84 4.46 -5.98 -4.66
CA MET A 84 5.49 -5.94 -3.57
C MET A 84 5.96 -7.36 -3.26
N ARG A 85 6.82 -7.91 -4.07
CA ARG A 85 7.32 -9.28 -3.80
C ARG A 85 8.81 -9.36 -4.11
N LYS A 86 9.24 -8.67 -5.12
CA LYS A 86 10.68 -8.67 -5.47
C LYS A 86 11.29 -7.36 -5.00
N VAL A 87 10.68 -6.78 -4.00
CA VAL A 87 11.18 -5.48 -3.47
C VAL A 87 11.63 -5.66 -2.01
N GLN A 88 12.43 -4.76 -1.52
CA GLN A 88 12.90 -4.87 -0.11
C GLN A 88 12.69 -3.55 0.62
N ILE A 89 12.17 -3.60 1.82
CA ILE A 89 11.93 -2.37 2.62
C ILE A 89 13.11 -2.13 3.56
N ASN A 90 13.66 -0.94 3.55
CA ASN A 90 14.82 -0.65 4.44
C ASN A 90 14.40 0.38 5.48
N ASP A 91 15.29 0.74 6.36
CA ASP A 91 14.94 1.74 7.41
C ASP A 91 15.96 2.88 7.39
N LYS A 92 15.69 3.97 8.07
CA LYS A 92 16.65 5.10 8.08
C LYS A 92 17.02 5.45 9.53
N ASP A 93 17.77 6.51 9.72
CA ASP A 93 18.17 6.90 11.09
C ASP A 93 17.63 8.30 11.41
N ASP A 94 16.34 8.49 11.24
CA ASP A 94 15.75 9.82 11.52
C ASP A 94 15.56 9.99 13.03
N THR A 95 14.52 10.67 13.44
CA THR A 95 14.29 10.87 14.89
C THR A 95 12.91 10.32 15.27
N SER A 96 12.80 9.72 16.42
CA SER A 96 11.47 9.18 16.84
C SER A 96 10.43 10.29 16.70
N GLU A 97 10.86 11.52 16.67
CA GLU A 97 9.90 12.64 16.53
C GLU A 97 9.06 12.43 15.26
N TYR A 98 9.70 12.15 14.16
CA TYR A 98 8.96 11.93 12.89
C TYR A 98 9.95 11.57 11.78
N LYS A 99 9.47 11.40 10.57
CA LYS A 99 10.40 11.04 9.45
C LYS A 99 10.82 9.58 9.59
N HIS A 100 10.31 8.90 10.57
CA HIS A 100 10.69 7.46 10.78
C HIS A 100 9.85 6.56 9.86
N ALA A 101 9.97 6.73 8.57
CA ALA A 101 9.19 5.88 7.62
C ALA A 101 10.09 4.74 7.15
N PHE A 102 9.92 4.32 5.93
CA PHE A 102 10.76 3.22 5.39
C PHE A 102 10.98 3.45 3.89
N GLU A 103 12.02 2.91 3.34
CA GLU A 103 12.28 3.15 1.90
C GLU A 103 12.48 1.84 1.16
N ILE A 104 11.48 1.41 0.45
CA ILE A 104 11.59 0.17 -0.35
C ILE A 104 12.12 0.56 -1.72
N ILE A 105 12.66 -0.36 -2.47
CA ILE A 105 13.16 0.03 -3.82
C ILE A 105 12.72 -0.98 -4.88
N LEU A 106 12.49 -0.50 -6.07
CA LEU A 106 12.12 -1.40 -7.18
C LEU A 106 13.42 -1.86 -7.82
N LYS A 107 13.38 -2.88 -8.61
CA LYS A 107 14.64 -3.32 -9.25
C LYS A 107 14.69 -2.78 -10.68
N ASP A 108 13.86 -1.81 -10.97
CA ASP A 108 13.83 -1.24 -12.34
C ASP A 108 14.48 0.15 -12.30
N GLY A 109 14.04 1.00 -11.41
CA GLY A 109 14.65 2.35 -11.32
C GLY A 109 13.79 3.28 -10.48
N ASN A 110 13.07 2.77 -9.52
CA ASN A 110 12.23 3.66 -8.67
C ASN A 110 12.39 3.25 -7.20
N SER A 111 11.68 3.89 -6.31
CA SER A 111 11.81 3.53 -4.88
C SER A 111 10.43 3.59 -4.21
N VAL A 112 10.02 2.53 -3.59
CA VAL A 112 8.69 2.52 -2.92
C VAL A 112 8.83 3.02 -1.48
N ILE A 113 8.96 4.30 -1.27
CA ILE A 113 9.10 4.82 0.12
C ILE A 113 7.72 5.21 0.67
N PHE A 114 7.37 4.72 1.83
CA PHE A 114 6.04 5.07 2.42
C PHE A 114 6.23 5.46 3.88
N SER A 115 5.22 5.99 4.52
CA SER A 115 5.36 6.41 5.95
C SER A 115 4.00 6.32 6.65
N ALA A 116 3.88 5.48 7.63
CA ALA A 116 2.57 5.36 8.33
C ALA A 116 2.39 6.53 9.30
N LYS A 117 1.17 6.93 9.54
CA LYS A 117 0.90 8.06 10.46
C LYS A 117 0.90 7.56 11.90
N SER A 118 1.85 6.74 12.27
CA SER A 118 1.91 6.22 13.66
C SER A 118 3.25 5.55 13.89
N ALA A 119 3.48 5.00 15.05
CA ALA A 119 4.78 4.32 15.31
C ALA A 119 4.65 2.84 14.93
N GLU A 120 3.68 2.17 15.48
CA GLU A 120 3.50 0.73 15.15
C GLU A 120 3.05 0.61 13.69
N GLU A 121 2.25 1.53 13.23
CA GLU A 121 1.78 1.45 11.81
C GLU A 121 3.00 1.58 10.89
N LYS A 122 3.98 2.34 11.29
CA LYS A 122 5.19 2.50 10.43
C LYS A 122 5.96 1.17 10.40
N ASN A 123 6.41 0.71 11.52
CA ASN A 123 7.16 -0.57 11.56
C ASN A 123 6.22 -1.73 11.19
N ASN A 124 4.94 -1.45 11.10
CA ASN A 124 3.97 -2.53 10.76
C ASN A 124 4.11 -2.92 9.29
N TRP A 125 3.85 -2.00 8.39
CA TRP A 125 3.95 -2.35 6.95
C TRP A 125 5.38 -2.79 6.62
N MET A 126 6.36 -2.18 7.22
CA MET A 126 7.77 -2.57 6.93
C MET A 126 7.96 -4.05 7.28
N ALA A 127 7.35 -4.51 8.34
CA ALA A 127 7.52 -5.94 8.72
C ALA A 127 6.69 -6.84 7.81
N ALA A 128 5.54 -6.37 7.39
CA ALA A 128 4.69 -7.20 6.50
C ALA A 128 5.39 -7.42 5.16
N LEU A 129 6.40 -6.64 4.88
CA LEU A 129 7.12 -6.81 3.59
C LEU A 129 8.24 -7.84 3.79
N ILE A 130 9.16 -7.57 4.67
CA ILE A 130 10.25 -8.53 4.91
C ILE A 130 9.65 -9.83 5.48
N SER A 131 8.41 -9.78 5.88
CA SER A 131 7.77 -11.00 6.44
C SER A 131 7.53 -11.99 5.29
N LEU A 132 7.06 -11.51 4.17
CA LEU A 132 6.80 -12.41 3.02
C LEU A 132 8.13 -12.79 2.35
N GLN A 133 9.06 -11.87 2.31
CA GLN A 133 10.38 -12.17 1.68
C GLN A 133 10.99 -13.41 2.34
N TYR A 134 10.91 -13.49 3.64
CA TYR A 134 11.48 -14.67 4.34
C TYR A 134 11.12 -15.95 3.58
N ARG A 135 9.93 -16.02 3.06
CA ARG A 135 9.52 -17.23 2.30
C ARG A 135 8.80 -16.82 1.02
N SER A 136 7.53 -16.56 1.10
CA SER A 136 6.78 -16.15 -0.13
C SER A 136 7.55 -15.05 -0.86
N SER A 2 -9.69 -5.77 -20.95
CA SER A 2 -8.40 -5.75 -21.69
C SER A 2 -7.42 -6.74 -21.04
N LYS A 3 -6.15 -6.47 -21.13
CA LYS A 3 -5.15 -7.39 -20.52
C LYS A 3 -5.01 -7.08 -19.03
N GLN A 4 -5.85 -6.24 -18.50
CA GLN A 4 -5.78 -5.91 -17.05
C GLN A 4 -6.61 -6.91 -16.26
N LEU A 5 -6.79 -8.10 -16.78
CA LEU A 5 -7.59 -9.11 -16.04
C LEU A 5 -7.01 -9.29 -14.64
N ALA A 6 -5.71 -9.26 -14.54
CA ALA A 6 -5.07 -9.40 -13.20
C ALA A 6 -5.28 -8.11 -12.41
N ILE A 7 -5.41 -7.00 -13.10
CA ILE A 7 -5.63 -5.71 -12.39
C ILE A 7 -7.12 -5.57 -12.04
N LYS A 8 -7.94 -6.41 -12.61
CA LYS A 8 -9.39 -6.34 -12.32
C LYS A 8 -9.66 -7.01 -10.97
N LYS A 9 -8.83 -7.95 -10.60
CA LYS A 9 -9.03 -8.65 -9.30
C LYS A 9 -8.88 -7.63 -8.17
N MET A 10 -7.77 -6.93 -8.12
CA MET A 10 -7.56 -5.93 -7.05
C MET A 10 -8.85 -5.16 -6.77
N ASN A 11 -9.71 -5.04 -7.75
CA ASN A 11 -10.99 -4.29 -7.52
C ASN A 11 -11.93 -5.15 -6.68
N GLU A 12 -12.26 -6.32 -7.16
CA GLU A 12 -13.17 -7.21 -6.38
C GLU A 12 -12.49 -7.62 -5.07
N ILE A 13 -11.22 -7.33 -4.95
CA ILE A 13 -10.47 -7.69 -3.71
C ILE A 13 -10.68 -6.61 -2.66
N GLN A 14 -10.39 -5.38 -2.99
CA GLN A 14 -10.59 -4.28 -2.01
C GLN A 14 -12.08 -4.09 -1.77
N LYS A 15 -12.90 -4.72 -2.57
CA LYS A 15 -14.37 -4.58 -2.41
C LYS A 15 -14.89 -5.71 -1.53
N ASN A 16 -14.47 -6.91 -1.80
CA ASN A 16 -14.95 -8.08 -1.01
C ASN A 16 -14.52 -7.92 0.46
N ILE A 17 -13.67 -6.97 0.75
CA ILE A 17 -13.22 -6.78 2.16
C ILE A 17 -13.38 -5.30 2.56
N ASP A 18 -13.29 -4.40 1.61
CA ASP A 18 -13.43 -2.95 1.92
C ASP A 18 -12.11 -2.38 2.46
N GLY A 19 -11.12 -3.21 2.66
CA GLY A 19 -9.82 -2.68 3.16
C GLY A 19 -9.04 -3.78 3.90
N TRP A 20 -9.62 -4.94 4.07
CA TRP A 20 -8.91 -6.04 4.77
C TRP A 20 -8.72 -5.67 6.25
N GLU A 21 -9.33 -4.61 6.68
CA GLU A 21 -9.19 -4.21 8.11
C GLU A 21 -10.28 -4.89 8.94
N GLY A 22 -10.79 -6.00 8.48
CA GLY A 22 -11.86 -6.70 9.24
C GLY A 22 -12.09 -8.09 8.66
N LYS A 23 -12.45 -8.17 7.40
CA LYS A 23 -12.69 -9.49 6.77
C LYS A 23 -11.44 -9.92 6.00
N ASP A 24 -11.61 -10.76 5.02
CA ASP A 24 -10.43 -11.21 4.22
C ASP A 24 -10.92 -11.94 2.97
N ILE A 25 -10.01 -12.27 2.07
CA ILE A 25 -10.41 -12.99 0.83
C ILE A 25 -9.51 -14.19 0.62
N GLY A 26 -8.27 -14.10 1.02
CA GLY A 26 -7.33 -15.25 0.84
C GLY A 26 -6.60 -15.53 2.14
N GLN A 27 -6.87 -16.64 2.77
CA GLN A 27 -6.18 -16.97 4.04
C GLN A 27 -4.67 -17.10 3.79
N CYS A 28 -4.30 -17.78 2.73
CA CYS A 28 -2.85 -17.94 2.42
C CYS A 28 -2.46 -16.95 1.33
N CYS A 29 -2.90 -17.19 0.12
CA CYS A 29 -2.57 -16.25 -1.00
C CYS A 29 -3.62 -15.15 -1.05
N ASN A 30 -3.22 -13.92 -0.83
CA ASN A 30 -4.20 -12.79 -0.85
C ASN A 30 -4.88 -12.73 0.51
N GLU A 31 -4.15 -12.35 1.53
CA GLU A 31 -4.75 -12.29 2.88
C GLU A 31 -4.70 -10.86 3.43
N PHE A 32 -4.61 -10.72 4.73
CA PHE A 32 -4.58 -9.35 5.33
C PHE A 32 -3.27 -9.13 6.09
N ILE A 33 -2.16 -9.11 5.42
CA ILE A 33 -0.86 -8.88 6.13
C ILE A 33 -0.69 -7.38 6.39
N MET A 34 -1.32 -6.56 5.58
CA MET A 34 -1.22 -5.09 5.79
C MET A 34 -2.58 -4.46 5.49
N GLU A 35 -3.38 -4.28 6.50
CA GLU A 35 -4.74 -3.71 6.30
C GLU A 35 -4.86 -2.41 7.12
N GLY A 36 -4.71 -1.27 6.52
CA GLY A 36 -4.83 -0.02 7.31
C GLY A 36 -4.62 1.21 6.41
N THR A 37 -3.65 2.02 6.74
CA THR A 37 -3.40 3.24 5.93
C THR A 37 -1.89 3.50 5.86
N LEU A 38 -1.41 3.92 4.72
CA LEU A 38 0.04 4.20 4.59
C LEU A 38 0.22 5.31 3.54
N THR A 39 1.26 6.08 3.67
CA THR A 39 1.48 7.20 2.71
C THR A 39 2.67 6.90 1.79
N ARG A 40 2.90 7.72 0.80
CA ARG A 40 4.04 7.48 -0.13
C ARG A 40 5.24 8.32 0.32
N VAL A 41 5.46 8.38 1.61
CA VAL A 41 6.61 9.19 2.13
C VAL A 41 6.61 10.58 1.49
N GLY A 42 7.54 11.40 1.87
CA GLY A 42 7.65 12.78 1.29
C GLY A 42 6.26 13.34 0.97
N ALA A 43 5.38 13.39 1.94
CA ALA A 43 4.01 13.92 1.67
C ALA A 43 3.27 14.15 2.99
N LYS A 44 2.25 14.96 2.98
CA LYS A 44 1.49 15.23 4.23
C LYS A 44 0.11 14.57 4.14
N HIS A 45 -0.19 13.91 3.06
CA HIS A 45 -1.51 13.25 2.92
C HIS A 45 -1.33 11.80 2.45
N GLU A 46 -1.74 10.85 3.24
CA GLU A 46 -1.58 9.44 2.85
C GLU A 46 -2.88 8.91 2.24
N ARG A 47 -2.96 7.64 1.99
CA ARG A 47 -4.20 7.07 1.38
C ARG A 47 -4.45 5.67 1.95
N HIS A 48 -5.65 5.18 1.85
CA HIS A 48 -5.94 3.81 2.37
C HIS A 48 -5.01 2.81 1.68
N ILE A 49 -4.66 1.74 2.35
CA ILE A 49 -3.74 0.76 1.72
C ILE A 49 -4.18 -0.67 2.05
N PHE A 50 -3.86 -1.59 1.18
CA PHE A 50 -4.23 -3.02 1.42
C PHE A 50 -3.18 -3.89 0.73
N LEU A 51 -2.20 -4.36 1.45
CA LEU A 51 -1.14 -5.21 0.80
C LEU A 51 -1.25 -6.64 1.31
N PHE A 52 -0.88 -7.59 0.51
CA PHE A 52 -0.94 -9.00 0.95
C PHE A 52 0.32 -9.74 0.50
N ASP A 53 1.14 -10.13 1.43
CA ASP A 53 2.39 -10.86 1.05
C ASP A 53 3.24 -10.00 0.11
N GLY A 54 3.03 -10.11 -1.19
CA GLY A 54 3.86 -9.32 -2.14
C GLY A 54 3.00 -8.45 -3.05
N LEU A 55 1.80 -8.13 -2.67
CA LEU A 55 0.95 -7.27 -3.54
C LEU A 55 0.54 -6.03 -2.75
N MET A 56 1.20 -4.93 -2.94
CA MET A 56 0.84 -3.69 -2.17
C MET A 56 -0.22 -2.91 -2.93
N ILE A 57 -1.44 -2.93 -2.45
CA ILE A 57 -2.52 -2.17 -3.14
C ILE A 57 -2.70 -0.83 -2.47
N CYS A 58 -3.30 0.10 -3.14
CA CYS A 58 -3.49 1.46 -2.54
C CYS A 58 -4.75 2.11 -3.10
N CYS A 59 -5.35 3.00 -2.35
CA CYS A 59 -6.58 3.69 -2.84
C CYS A 59 -6.63 5.10 -2.25
N LYS A 60 -6.66 6.10 -3.08
CA LYS A 60 -6.71 7.50 -2.57
C LYS A 60 -8.16 7.95 -2.42
N SER A 61 -8.96 7.20 -1.71
CA SER A 61 -10.39 7.60 -1.54
C SER A 61 -10.47 8.80 -0.61
N ASN A 62 -11.29 9.76 -0.95
CA ASN A 62 -11.41 10.97 -0.09
C ASN A 62 -12.54 10.77 0.93
N HIS A 63 -12.51 11.49 2.02
CA HIS A 63 -13.58 11.34 3.05
C HIS A 63 -14.95 11.38 2.37
N GLY A 64 -15.72 10.34 2.50
CA GLY A 64 -17.07 10.33 1.87
C GLY A 64 -18.14 10.48 2.95
N GLN A 65 -18.69 9.40 3.41
CA GLN A 65 -19.74 9.48 4.47
C GLN A 65 -19.34 10.52 5.52
N PRO A 66 -19.94 11.67 5.45
CA PRO A 66 -19.66 12.78 6.39
C PRO A 66 -20.35 12.53 7.73
N ARG A 67 -20.55 13.56 8.51
CA ARG A 67 -21.23 13.37 9.83
C ARG A 67 -22.63 12.81 9.63
N LEU A 68 -23.12 12.84 8.42
CA LEU A 68 -24.48 12.30 8.14
C LEU A 68 -24.62 11.96 6.66
N PRO A 69 -25.33 10.89 6.39
CA PRO A 69 -25.56 10.42 5.01
C PRO A 69 -26.63 11.28 4.33
N GLY A 70 -26.72 11.23 3.03
CA GLY A 70 -27.74 12.03 2.30
C GLY A 70 -27.09 13.29 1.74
N ALA A 71 -26.10 13.80 2.39
CA ALA A 71 -25.43 15.03 1.88
C ALA A 71 -24.66 14.71 0.59
N SER A 72 -23.47 14.19 0.71
CA SER A 72 -22.69 13.84 -0.51
C SER A 72 -22.53 12.32 -0.60
N SER A 73 -22.15 11.83 -1.75
CA SER A 73 -21.98 10.36 -1.91
C SER A 73 -20.60 9.95 -1.40
N ALA A 74 -20.15 8.78 -1.77
CA ALA A 74 -18.81 8.32 -1.31
C ALA A 74 -17.72 9.01 -2.13
N GLU A 75 -17.85 8.99 -3.43
CA GLU A 75 -16.83 9.66 -4.28
C GLU A 75 -15.47 9.00 -4.05
N TYR A 76 -14.98 8.25 -5.00
CA TYR A 76 -13.66 7.58 -4.83
C TYR A 76 -12.70 8.05 -5.92
N ARG A 77 -11.42 7.99 -5.67
CA ARG A 77 -10.44 8.43 -6.70
C ARG A 77 -9.87 7.21 -7.42
N LEU A 78 -8.71 7.35 -8.01
CA LEU A 78 -8.11 6.19 -8.73
C LEU A 78 -7.29 5.35 -7.75
N LYS A 79 -7.15 4.07 -8.04
CA LYS A 79 -6.36 3.19 -7.12
C LYS A 79 -5.18 2.60 -7.89
N GLU A 80 -4.06 2.41 -7.25
CA GLU A 80 -2.88 1.83 -7.94
C GLU A 80 -2.44 0.55 -7.22
N LYS A 81 -1.58 -0.21 -7.84
CA LYS A 81 -1.11 -1.47 -7.19
C LYS A 81 0.31 -1.78 -7.66
N PHE A 82 1.15 -2.26 -6.77
CA PHE A 82 2.55 -2.59 -7.15
C PHE A 82 2.89 -4.00 -6.68
N PHE A 83 3.99 -4.53 -7.12
CA PHE A 83 4.40 -5.89 -6.70
C PHE A 83 5.45 -5.80 -5.59
N MET A 84 5.04 -5.91 -4.36
CA MET A 84 6.01 -5.81 -3.23
C MET A 84 6.54 -7.20 -2.87
N ARG A 85 7.22 -7.86 -3.78
CA ARG A 85 7.77 -9.21 -3.47
C ARG A 85 9.26 -9.25 -3.76
N LYS A 86 9.70 -8.49 -4.71
CA LYS A 86 11.14 -8.47 -5.03
C LYS A 86 11.73 -7.14 -4.57
N VAL A 87 11.18 -6.61 -3.52
CA VAL A 87 11.68 -5.30 -3.01
C VAL A 87 12.22 -5.48 -1.58
N GLN A 88 13.04 -4.55 -1.13
CA GLN A 88 13.60 -4.66 0.24
C GLN A 88 13.41 -3.32 0.96
N ILE A 89 13.00 -3.37 2.21
CA ILE A 89 12.77 -2.11 2.96
C ILE A 89 14.06 -1.67 3.66
N ASN A 90 14.29 -0.38 3.71
CA ASN A 90 15.52 0.14 4.36
C ASN A 90 15.14 1.15 5.44
N ASP A 91 15.00 0.72 6.67
CA ASP A 91 14.63 1.66 7.75
C ASP A 91 15.67 2.78 7.83
N LYS A 92 15.28 3.95 8.26
CA LYS A 92 16.26 5.07 8.35
C LYS A 92 16.54 5.40 9.81
N ASP A 93 17.56 6.17 10.07
CA ASP A 93 17.89 6.53 11.48
C ASP A 93 17.21 7.86 11.83
N ASP A 94 15.98 8.03 11.43
CA ASP A 94 15.26 9.30 11.75
C ASP A 94 14.80 9.28 13.21
N THR A 95 13.98 10.21 13.60
CA THR A 95 13.50 10.25 15.01
C THR A 95 12.04 9.76 15.06
N SER A 96 11.72 8.94 16.01
CA SER A 96 10.32 8.44 16.12
C SER A 96 9.37 9.63 16.13
N GLU A 97 9.88 10.79 16.47
CA GLU A 97 9.02 12.01 16.50
C GLU A 97 8.79 12.50 15.07
N TYR A 98 9.81 12.47 14.25
CA TYR A 98 9.66 12.95 12.84
C TYR A 98 8.88 11.90 12.03
N LYS A 99 8.78 12.10 10.75
CA LYS A 99 8.04 11.13 9.90
C LYS A 99 8.44 9.70 10.29
N HIS A 100 9.69 9.37 10.16
CA HIS A 100 10.15 8.00 10.52
C HIS A 100 9.44 6.98 9.62
N ALA A 101 9.68 7.04 8.34
CA ALA A 101 9.01 6.08 7.41
C ALA A 101 9.98 4.95 7.07
N PHE A 102 9.83 4.37 5.91
CA PHE A 102 10.72 3.27 5.49
C PHE A 102 10.91 3.36 3.98
N GLU A 103 12.11 3.30 3.49
CA GLU A 103 12.29 3.43 2.04
C GLU A 103 12.59 2.09 1.38
N ILE A 104 11.59 1.52 0.77
CA ILE A 104 11.79 0.22 0.07
C ILE A 104 12.22 0.54 -1.37
N ILE A 105 12.82 -0.38 -2.06
CA ILE A 105 13.25 -0.09 -3.45
C ILE A 105 12.82 -1.22 -4.38
N LEU A 106 12.60 -0.90 -5.62
CA LEU A 106 12.24 -1.95 -6.60
C LEU A 106 13.53 -2.47 -7.18
N LYS A 107 13.53 -3.64 -7.73
CA LYS A 107 14.79 -4.15 -8.30
C LYS A 107 14.79 -3.86 -9.80
N ASP A 108 13.95 -2.96 -10.22
CA ASP A 108 13.88 -2.62 -11.67
C ASP A 108 14.49 -1.24 -11.88
N GLY A 109 14.06 -0.27 -11.12
CA GLY A 109 14.63 1.10 -11.28
C GLY A 109 13.76 2.15 -10.57
N ASN A 110 13.08 1.78 -9.52
CA ASN A 110 12.25 2.78 -8.80
C ASN A 110 12.42 2.60 -7.29
N SER A 111 11.62 3.26 -6.51
CA SER A 111 11.75 3.11 -5.03
C SER A 111 10.37 3.20 -4.39
N VAL A 112 10.03 2.25 -3.57
CA VAL A 112 8.70 2.27 -2.90
C VAL A 112 8.84 2.81 -1.48
N ILE A 113 8.83 4.10 -1.31
CA ILE A 113 8.96 4.67 0.06
C ILE A 113 7.60 5.13 0.57
N PHE A 114 7.20 4.66 1.71
CA PHE A 114 5.87 5.07 2.27
C PHE A 114 6.04 5.47 3.73
N SER A 115 5.01 5.97 4.35
CA SER A 115 5.11 6.38 5.78
C SER A 115 3.74 6.25 6.44
N ALA A 116 3.62 5.44 7.44
CA ALA A 116 2.31 5.28 8.11
C ALA A 116 2.04 6.45 9.05
N LYS A 117 0.80 6.80 9.23
CA LYS A 117 0.45 7.93 10.14
C LYS A 117 0.42 7.43 11.59
N SER A 118 1.38 6.65 11.98
CA SER A 118 1.41 6.12 13.38
C SER A 118 2.77 5.45 13.61
N ALA A 119 3.01 4.96 14.81
CA ALA A 119 4.31 4.29 15.08
C ALA A 119 4.15 2.80 14.82
N GLU A 120 2.97 2.29 15.00
CA GLU A 120 2.73 0.84 14.78
C GLU A 120 2.46 0.61 13.29
N GLU A 121 1.73 1.50 12.67
CA GLU A 121 1.43 1.34 11.22
C GLU A 121 2.73 1.49 10.42
N LYS A 122 3.67 2.24 10.94
CA LYS A 122 4.95 2.43 10.22
C LYS A 122 5.74 1.12 10.27
N ASN A 123 5.91 0.57 11.45
CA ASN A 123 6.67 -0.70 11.59
C ASN A 123 5.78 -1.88 11.16
N ASN A 124 4.51 -1.62 10.95
CA ASN A 124 3.60 -2.73 10.55
C ASN A 124 3.83 -3.09 9.09
N TRP A 125 3.65 -2.16 8.18
CA TRP A 125 3.86 -2.49 6.75
C TRP A 125 5.33 -2.82 6.53
N MET A 126 6.20 -2.15 7.20
CA MET A 126 7.66 -2.42 7.05
C MET A 126 7.94 -3.89 7.40
N ALA A 127 7.34 -4.39 8.45
CA ALA A 127 7.59 -5.81 8.83
C ALA A 127 6.92 -6.74 7.83
N ALA A 128 5.74 -6.40 7.36
CA ALA A 128 5.04 -7.29 6.39
C ALA A 128 5.88 -7.44 5.13
N LEU A 129 6.82 -6.55 4.92
CA LEU A 129 7.68 -6.65 3.71
C LEU A 129 8.79 -7.66 3.95
N ILE A 130 9.66 -7.39 4.88
CA ILE A 130 10.75 -8.33 5.18
C ILE A 130 10.14 -9.67 5.64
N SER A 131 8.88 -9.65 5.98
CA SER A 131 8.22 -10.92 6.43
C SER A 131 8.13 -11.88 5.24
N LEU A 132 7.73 -11.39 4.09
CA LEU A 132 7.64 -12.28 2.91
C LEU A 132 9.03 -12.57 2.37
N GLN A 133 9.90 -11.60 2.40
CA GLN A 133 11.28 -11.82 1.89
C GLN A 133 11.87 -13.08 2.52
N TYR A 134 11.60 -13.31 3.78
CA TYR A 134 12.15 -14.53 4.44
C TYR A 134 11.94 -15.74 3.53
N ARG A 135 10.77 -15.88 2.97
CA ARG A 135 10.50 -17.03 2.07
C ARG A 135 10.20 -16.52 0.66
N SER A 136 9.06 -15.93 0.45
CA SER A 136 8.71 -15.42 -0.90
C SER A 136 9.71 -14.32 -1.30
N SER A 2 -6.58 -7.75 -23.24
CA SER A 2 -5.44 -7.58 -22.30
C SER A 2 -5.56 -8.61 -21.17
N LYS A 3 -4.46 -8.96 -20.56
CA LYS A 3 -4.51 -9.96 -19.46
C LYS A 3 -4.61 -9.24 -18.11
N GLN A 4 -5.57 -8.37 -17.96
CA GLN A 4 -5.73 -7.64 -16.68
C GLN A 4 -6.52 -8.48 -15.69
N LEU A 5 -6.64 -9.76 -15.93
CA LEU A 5 -7.39 -10.62 -14.98
C LEU A 5 -6.74 -10.49 -13.61
N ALA A 6 -5.50 -10.08 -13.57
CA ALA A 6 -4.81 -9.89 -12.27
C ALA A 6 -5.16 -8.49 -11.75
N ILE A 7 -5.34 -7.55 -12.64
CA ILE A 7 -5.69 -6.19 -12.21
C ILE A 7 -7.18 -6.15 -11.85
N LYS A 8 -7.90 -7.18 -12.21
CA LYS A 8 -9.35 -7.22 -11.87
C LYS A 8 -9.51 -7.65 -10.42
N LYS A 9 -8.47 -8.20 -9.84
CA LYS A 9 -8.55 -8.63 -8.41
C LYS A 9 -8.55 -7.38 -7.52
N MET A 10 -7.52 -6.58 -7.61
CA MET A 10 -7.45 -5.35 -6.77
C MET A 10 -8.83 -4.69 -6.71
N ASN A 11 -9.61 -4.81 -7.74
CA ASN A 11 -10.96 -4.19 -7.73
C ASN A 11 -11.83 -4.88 -6.68
N GLU A 12 -11.95 -6.17 -6.77
CA GLU A 12 -12.77 -6.92 -5.77
C GLU A 12 -12.03 -6.94 -4.42
N ILE A 13 -10.81 -6.51 -4.40
CA ILE A 13 -10.04 -6.52 -3.12
C ILE A 13 -10.20 -5.17 -2.43
N GLN A 14 -10.46 -4.13 -3.18
CA GLN A 14 -10.65 -2.79 -2.56
C GLN A 14 -12.14 -2.58 -2.30
N LYS A 15 -12.96 -3.45 -2.81
CA LYS A 15 -14.43 -3.31 -2.61
C LYS A 15 -14.95 -4.44 -1.72
N ASN A 16 -14.48 -5.63 -1.93
CA ASN A 16 -14.96 -6.78 -1.12
C ASN A 16 -14.57 -6.59 0.35
N ILE A 17 -13.75 -5.61 0.65
CA ILE A 17 -13.36 -5.39 2.06
C ILE A 17 -13.45 -3.89 2.40
N ASP A 18 -13.83 -3.08 1.45
CA ASP A 18 -13.94 -1.61 1.71
C ASP A 18 -12.55 -0.94 1.62
N GLY A 19 -11.54 -1.57 2.14
CA GLY A 19 -10.18 -0.95 2.09
C GLY A 19 -9.25 -1.73 3.02
N TRP A 20 -9.48 -3.00 3.19
CA TRP A 20 -8.60 -3.83 4.06
C TRP A 20 -8.13 -3.01 5.27
N GLU A 21 -8.86 -3.04 6.35
CA GLU A 21 -8.46 -2.27 7.55
C GLU A 21 -8.44 -3.19 8.77
N GLY A 22 -8.58 -4.48 8.56
CA GLY A 22 -8.56 -5.43 9.70
C GLY A 22 -9.41 -6.65 9.36
N LYS A 23 -9.34 -7.12 8.14
CA LYS A 23 -10.13 -8.31 7.74
C LYS A 23 -9.50 -8.95 6.50
N ASP A 24 -8.83 -10.05 6.67
CA ASP A 24 -8.20 -10.73 5.50
C ASP A 24 -9.27 -11.05 4.45
N ILE A 25 -8.93 -10.99 3.19
CA ILE A 25 -9.93 -11.28 2.14
C ILE A 25 -9.66 -12.68 1.55
N GLY A 26 -8.42 -13.03 1.36
CA GLY A 26 -8.10 -14.37 0.79
C GLY A 26 -7.46 -15.25 1.86
N GLN A 27 -7.88 -16.48 1.97
CA GLN A 27 -7.28 -17.38 3.00
C GLN A 27 -5.78 -17.51 2.75
N CYS A 28 -5.39 -17.77 1.54
CA CYS A 28 -3.94 -17.91 1.22
C CYS A 28 -3.47 -16.64 0.50
N CYS A 29 -3.68 -16.56 -0.78
CA CYS A 29 -3.27 -15.34 -1.53
C CYS A 29 -4.14 -14.17 -1.10
N ASN A 30 -3.53 -13.08 -0.69
CA ASN A 30 -4.32 -11.91 -0.24
C ASN A 30 -4.81 -12.20 1.18
N GLU A 31 -4.21 -11.57 2.16
CA GLU A 31 -4.64 -11.85 3.56
C GLU A 31 -4.40 -10.64 4.45
N PHE A 32 -4.14 -10.86 5.72
CA PHE A 32 -3.92 -9.71 6.66
C PHE A 32 -2.46 -9.27 6.66
N ILE A 33 -1.75 -9.45 5.58
CA ILE A 33 -0.33 -9.01 5.57
C ILE A 33 -0.28 -7.51 5.83
N MET A 34 -1.03 -6.74 5.09
CA MET A 34 -1.03 -5.26 5.31
C MET A 34 -2.42 -4.72 4.98
N GLU A 35 -3.21 -4.40 5.97
CA GLU A 35 -4.57 -3.87 5.71
C GLU A 35 -4.82 -2.66 6.61
N GLY A 36 -4.70 -1.46 6.10
CA GLY A 36 -4.94 -0.28 6.97
C GLY A 36 -4.66 1.01 6.21
N THR A 37 -3.79 1.84 6.73
CA THR A 37 -3.49 3.13 6.06
C THR A 37 -1.98 3.36 6.03
N LEU A 38 -1.48 3.86 4.94
CA LEU A 38 -0.02 4.14 4.84
C LEU A 38 0.19 5.32 3.89
N THR A 39 1.24 6.07 4.08
CA THR A 39 1.47 7.26 3.21
C THR A 39 2.67 7.03 2.28
N ARG A 40 3.07 8.07 1.59
CA ARG A 40 4.24 7.95 0.68
C ARG A 40 5.36 8.83 1.24
N VAL A 41 6.00 8.41 2.30
CA VAL A 41 7.08 9.22 2.90
C VAL A 41 6.45 10.35 3.73
N GLY A 42 7.11 11.47 3.85
CA GLY A 42 6.54 12.59 4.64
C GLY A 42 5.59 13.41 3.75
N ALA A 43 4.74 12.75 3.02
CA ALA A 43 3.80 13.49 2.13
C ALA A 43 2.87 14.37 2.98
N LYS A 44 2.18 15.29 2.37
CA LYS A 44 1.28 16.18 3.15
C LYS A 44 -0.06 15.46 3.40
N HIS A 45 -0.20 14.26 2.91
CA HIS A 45 -1.47 13.51 3.12
C HIS A 45 -1.28 12.06 2.69
N GLU A 46 -1.68 11.13 3.52
CA GLU A 46 -1.53 9.70 3.16
C GLU A 46 -2.78 9.21 2.41
N ARG A 47 -2.88 7.93 2.18
CA ARG A 47 -4.06 7.40 1.45
C ARG A 47 -4.35 5.96 1.93
N HIS A 48 -5.54 5.49 1.72
CA HIS A 48 -5.87 4.11 2.14
C HIS A 48 -4.89 3.13 1.48
N ILE A 49 -4.62 2.03 2.11
CA ILE A 49 -3.66 1.07 1.48
C ILE A 49 -4.13 -0.37 1.70
N PHE A 50 -3.84 -1.22 0.76
CA PHE A 50 -4.25 -2.65 0.89
C PHE A 50 -3.16 -3.50 0.22
N LEU A 51 -2.25 -4.03 0.99
CA LEU A 51 -1.16 -4.85 0.40
C LEU A 51 -1.26 -6.30 0.89
N PHE A 52 -0.74 -7.21 0.13
CA PHE A 52 -0.80 -8.64 0.56
C PHE A 52 0.46 -9.38 0.08
N ASP A 53 1.25 -9.84 1.01
CA ASP A 53 2.50 -10.57 0.66
C ASP A 53 3.30 -9.79 -0.37
N GLY A 54 3.04 -9.95 -1.64
CA GLY A 54 3.84 -9.22 -2.67
C GLY A 54 2.94 -8.35 -3.57
N LEU A 55 1.87 -7.82 -3.04
CA LEU A 55 1.00 -6.96 -3.88
C LEU A 55 0.69 -5.67 -3.11
N MET A 56 1.39 -4.61 -3.39
CA MET A 56 1.13 -3.35 -2.64
C MET A 56 0.05 -2.54 -3.36
N ILE A 57 -1.13 -2.48 -2.80
CA ILE A 57 -2.22 -1.70 -3.44
C ILE A 57 -2.39 -0.38 -2.69
N CYS A 58 -2.94 0.61 -3.34
CA CYS A 58 -3.14 1.92 -2.68
C CYS A 58 -4.38 2.60 -3.27
N CYS A 59 -4.99 3.48 -2.52
CA CYS A 59 -6.20 4.19 -3.03
C CYS A 59 -6.24 5.60 -2.45
N LYS A 60 -6.13 6.60 -3.29
CA LYS A 60 -6.17 8.00 -2.79
C LYS A 60 -7.62 8.46 -2.67
N SER A 61 -7.83 9.63 -2.14
CA SER A 61 -9.22 10.15 -2.00
C SER A 61 -9.24 11.65 -2.27
N ASN A 62 -10.37 12.19 -2.62
CA ASN A 62 -10.45 13.66 -2.90
C ASN A 62 -10.06 14.44 -1.65
N HIS A 63 -8.81 14.77 -1.50
CA HIS A 63 -8.38 15.54 -0.29
C HIS A 63 -8.19 17.01 -0.67
N GLY A 64 -8.85 17.90 0.00
CA GLY A 64 -8.70 19.35 -0.32
C GLY A 64 -9.80 20.15 0.39
N GLN A 65 -10.85 20.48 -0.32
CA GLN A 65 -11.96 21.26 0.31
C GLN A 65 -12.53 20.47 1.49
N PRO A 66 -12.99 21.18 2.49
CA PRO A 66 -13.58 20.58 3.69
C PRO A 66 -15.01 20.13 3.41
N ARG A 67 -15.48 19.13 4.10
CA ARG A 67 -16.87 18.64 3.88
C ARG A 67 -17.84 19.51 4.69
N LEU A 68 -17.36 20.15 5.72
CA LEU A 68 -18.26 21.00 6.55
C LEU A 68 -19.18 21.84 5.65
N PRO A 69 -18.58 22.53 4.70
CA PRO A 69 -19.34 23.37 3.76
C PRO A 69 -20.00 22.51 2.67
N GLY A 70 -21.14 22.93 2.19
CA GLY A 70 -21.83 22.14 1.14
C GLY A 70 -22.68 21.04 1.79
N ALA A 71 -22.13 20.35 2.75
CA ALA A 71 -22.90 19.27 3.42
C ALA A 71 -22.95 18.04 2.53
N SER A 72 -22.10 17.99 1.53
CA SER A 72 -22.10 16.81 0.61
C SER A 72 -20.67 16.26 0.49
N SER A 73 -20.52 14.97 0.41
CA SER A 73 -19.16 14.39 0.28
C SER A 73 -18.94 13.91 -1.16
N ALA A 74 -17.79 14.16 -1.70
CA ALA A 74 -17.52 13.72 -3.10
C ALA A 74 -17.12 12.24 -3.11
N GLU A 75 -16.85 11.69 -4.26
CA GLU A 75 -16.47 10.25 -4.32
C GLU A 75 -14.95 10.13 -4.27
N TYR A 76 -14.41 9.10 -4.88
CA TYR A 76 -12.93 8.93 -4.87
C TYR A 76 -12.51 8.03 -6.03
N ARG A 77 -11.25 8.00 -6.36
CA ARG A 77 -10.79 7.15 -7.49
C ARG A 77 -9.27 7.25 -7.62
N LEU A 78 -8.71 6.69 -8.66
CA LEU A 78 -7.24 6.77 -8.85
C LEU A 78 -6.55 5.78 -7.90
N LYS A 79 -6.67 4.51 -8.16
CA LYS A 79 -6.02 3.50 -7.27
C LYS A 79 -4.87 2.83 -8.04
N GLU A 80 -3.72 2.72 -7.42
CA GLU A 80 -2.58 2.09 -8.13
C GLU A 80 -2.21 0.77 -7.45
N LYS A 81 -1.50 -0.09 -8.14
CA LYS A 81 -1.11 -1.39 -7.54
C LYS A 81 0.22 -1.85 -8.14
N PHE A 82 1.13 -2.30 -7.31
CA PHE A 82 2.44 -2.76 -7.85
C PHE A 82 2.77 -4.14 -7.27
N PHE A 83 3.89 -4.69 -7.63
CA PHE A 83 4.28 -6.03 -7.10
C PHE A 83 5.31 -5.85 -5.98
N MET A 84 4.90 -5.96 -4.75
CA MET A 84 5.85 -5.78 -3.62
C MET A 84 6.47 -7.14 -3.26
N ARG A 85 7.06 -7.81 -4.22
CA ARG A 85 7.69 -9.12 -3.93
C ARG A 85 9.13 -9.12 -4.41
N LYS A 86 9.52 -8.12 -5.13
CA LYS A 86 10.92 -8.05 -5.61
C LYS A 86 11.53 -6.74 -5.12
N VAL A 87 11.06 -6.27 -3.99
CA VAL A 87 11.58 -4.99 -3.45
C VAL A 87 12.11 -5.21 -2.04
N GLN A 88 12.94 -4.31 -1.57
CA GLN A 88 13.49 -4.46 -0.19
C GLN A 88 13.28 -3.15 0.58
N ILE A 89 12.85 -3.26 1.81
CA ILE A 89 12.61 -2.05 2.63
C ILE A 89 13.86 -1.70 3.44
N ASN A 90 14.04 -0.44 3.73
CA ASN A 90 15.22 -0.01 4.51
C ASN A 90 14.78 0.94 5.62
N ASP A 91 14.65 0.44 6.83
CA ASP A 91 14.22 1.32 7.95
C ASP A 91 15.45 2.03 8.55
N LYS A 92 16.17 2.76 7.75
CA LYS A 92 17.36 3.48 8.27
C LYS A 92 17.57 4.78 7.49
N ASP A 93 16.50 5.46 7.19
CA ASP A 93 16.63 6.75 6.44
C ASP A 93 15.34 7.54 6.58
N ASP A 94 14.96 7.88 7.80
CA ASP A 94 13.72 8.66 8.00
C ASP A 94 13.92 10.08 7.48
N THR A 95 12.98 10.97 7.71
CA THR A 95 13.13 12.36 7.23
C THR A 95 12.81 13.32 8.36
N SER A 96 13.57 14.39 8.48
CA SER A 96 13.30 15.37 9.57
C SER A 96 11.86 15.87 9.42
N GLU A 97 11.27 15.67 8.28
CA GLU A 97 9.88 16.14 8.06
C GLU A 97 8.90 15.24 8.85
N TYR A 98 9.17 13.96 8.92
CA TYR A 98 8.25 13.07 9.66
C TYR A 98 9.01 12.38 10.80
N LYS A 99 8.38 11.44 11.45
CA LYS A 99 9.05 10.73 12.57
C LYS A 99 10.00 9.67 12.02
N HIS A 100 9.47 8.61 11.47
CA HIS A 100 10.37 7.55 10.92
C HIS A 100 9.56 6.61 10.01
N ALA A 101 9.59 6.85 8.73
CA ALA A 101 8.84 5.96 7.80
C ALA A 101 9.77 4.83 7.35
N PHE A 102 9.59 4.35 6.15
CA PHE A 102 10.47 3.26 5.64
C PHE A 102 10.69 3.49 4.15
N GLU A 103 11.80 3.06 3.61
CA GLU A 103 12.04 3.30 2.17
C GLU A 103 12.30 2.00 1.43
N ILE A 104 11.42 1.65 0.54
CA ILE A 104 11.58 0.42 -0.26
C ILE A 104 11.95 0.83 -1.68
N ILE A 105 12.51 -0.05 -2.46
CA ILE A 105 12.88 0.34 -3.85
C ILE A 105 12.22 -0.61 -4.86
N LEU A 106 11.93 -0.10 -6.02
CA LEU A 106 11.35 -0.97 -7.07
C LEU A 106 12.51 -1.58 -7.83
N LYS A 107 12.29 -2.64 -8.53
CA LYS A 107 13.42 -3.24 -9.28
C LYS A 107 13.37 -2.75 -10.72
N ASP A 108 12.66 -1.68 -10.95
CA ASP A 108 12.55 -1.12 -12.33
C ASP A 108 13.33 0.18 -12.41
N GLY A 109 13.10 1.08 -11.48
CA GLY A 109 13.85 2.37 -11.51
C GLY A 109 13.16 3.41 -10.62
N ASN A 110 12.51 3.01 -9.56
CA ASN A 110 11.83 3.99 -8.68
C ASN A 110 12.02 3.57 -7.22
N SER A 111 11.32 4.18 -6.32
CA SER A 111 11.47 3.80 -4.89
C SER A 111 10.10 3.83 -4.20
N VAL A 112 9.73 2.74 -3.58
CA VAL A 112 8.41 2.68 -2.90
C VAL A 112 8.58 3.10 -1.42
N ILE A 113 8.62 4.38 -1.16
CA ILE A 113 8.78 4.84 0.25
C ILE A 113 7.41 5.25 0.82
N PHE A 114 7.02 4.68 1.93
CA PHE A 114 5.70 5.06 2.52
C PHE A 114 5.90 5.41 4.00
N SER A 115 4.87 5.92 4.64
CA SER A 115 4.99 6.28 6.08
C SER A 115 3.63 6.14 6.77
N ALA A 116 3.51 5.25 7.70
CA ALA A 116 2.19 5.07 8.37
C ALA A 116 1.96 6.18 9.40
N LYS A 117 0.71 6.48 9.67
CA LYS A 117 0.38 7.54 10.64
C LYS A 117 0.44 6.95 12.06
N SER A 118 1.46 6.20 12.36
CA SER A 118 1.59 5.60 13.73
C SER A 118 2.93 4.88 13.81
N ALA A 119 3.29 4.40 14.97
CA ALA A 119 4.59 3.68 15.11
C ALA A 119 4.35 2.20 14.85
N GLU A 120 3.16 1.73 15.12
CA GLU A 120 2.85 0.31 14.90
C GLU A 120 2.43 0.10 13.44
N GLU A 121 1.88 1.12 12.82
CA GLU A 121 1.45 0.98 11.40
C GLU A 121 2.68 1.11 10.49
N LYS A 122 3.59 1.99 10.82
CA LYS A 122 4.80 2.16 9.97
C LYS A 122 5.63 0.88 10.07
N ASN A 123 5.74 0.32 11.24
CA ASN A 123 6.53 -0.93 11.40
C ASN A 123 5.67 -2.12 10.99
N ASN A 124 4.39 -1.90 10.80
CA ASN A 124 3.51 -3.03 10.40
C ASN A 124 3.69 -3.34 8.91
N TRP A 125 3.53 -2.38 8.06
CA TRP A 125 3.71 -2.65 6.61
C TRP A 125 5.16 -3.00 6.35
N MET A 126 6.06 -2.33 7.02
CA MET A 126 7.50 -2.60 6.82
C MET A 126 7.82 -4.06 7.18
N ALA A 127 7.31 -4.54 8.27
CA ALA A 127 7.61 -5.95 8.68
C ALA A 127 6.89 -6.93 7.76
N ALA A 128 5.72 -6.58 7.29
CA ALA A 128 4.96 -7.50 6.39
C ALA A 128 5.74 -7.68 5.09
N LEU A 129 6.63 -6.77 4.78
CA LEU A 129 7.42 -6.90 3.53
C LEU A 129 8.59 -7.85 3.76
N ILE A 130 9.50 -7.49 4.61
CA ILE A 130 10.63 -8.37 4.90
C ILE A 130 10.09 -9.69 5.49
N SER A 131 8.85 -9.69 5.90
CA SER A 131 8.26 -10.94 6.45
C SER A 131 8.20 -11.99 5.35
N LEU A 132 7.64 -11.65 4.21
CA LEU A 132 7.57 -12.64 3.11
C LEU A 132 8.95 -12.80 2.47
N GLN A 133 9.79 -11.81 2.61
CA GLN A 133 11.16 -11.89 2.01
C GLN A 133 11.94 -13.02 2.70
N TYR A 134 11.80 -13.13 3.99
CA TYR A 134 12.53 -14.21 4.72
C TYR A 134 12.21 -15.56 4.08
N ARG A 135 11.07 -15.68 3.46
CA ARG A 135 10.70 -16.97 2.81
C ARG A 135 10.29 -16.71 1.36
N SER A 136 9.06 -16.33 1.15
CA SER A 136 8.60 -16.06 -0.25
C SER A 136 9.23 -14.76 -0.75
N SER A 2 -2.96 -6.90 -21.19
CA SER A 2 -3.94 -7.82 -21.85
C SER A 2 -4.30 -8.95 -20.89
N LYS A 3 -3.32 -9.60 -20.31
CA LYS A 3 -3.62 -10.71 -19.37
C LYS A 3 -3.70 -10.16 -17.94
N GLN A 4 -4.16 -8.94 -17.80
CA GLN A 4 -4.27 -8.34 -16.44
C GLN A 4 -5.59 -8.73 -15.80
N LEU A 5 -6.20 -9.79 -16.25
CA LEU A 5 -7.49 -10.21 -15.63
C LEU A 5 -7.25 -10.47 -14.16
N ALA A 6 -6.03 -10.78 -13.80
CA ALA A 6 -5.71 -11.03 -12.37
C ALA A 6 -5.46 -9.69 -11.70
N ILE A 7 -4.99 -8.72 -12.45
CA ILE A 7 -4.75 -7.37 -11.86
C ILE A 7 -6.06 -6.62 -11.78
N LYS A 8 -7.07 -7.09 -12.49
CA LYS A 8 -8.39 -6.41 -12.45
C LYS A 8 -9.10 -6.78 -11.15
N LYS A 9 -8.79 -7.92 -10.61
CA LYS A 9 -9.45 -8.33 -9.34
C LYS A 9 -9.20 -7.27 -8.28
N MET A 10 -7.99 -6.77 -8.20
CA MET A 10 -7.67 -5.73 -7.18
C MET A 10 -8.83 -4.74 -7.07
N ASN A 11 -9.47 -4.42 -8.17
CA ASN A 11 -10.61 -3.47 -8.11
C ASN A 11 -11.69 -4.05 -7.20
N GLU A 12 -12.10 -5.27 -7.44
CA GLU A 12 -13.14 -5.90 -6.58
C GLU A 12 -12.54 -6.25 -5.23
N ILE A 13 -11.24 -6.14 -5.11
CA ILE A 13 -10.58 -6.48 -3.81
C ILE A 13 -10.54 -5.23 -2.92
N GLN A 14 -10.55 -4.07 -3.51
CA GLN A 14 -10.53 -2.82 -2.70
C GLN A 14 -11.96 -2.35 -2.49
N LYS A 15 -12.87 -2.84 -3.29
CA LYS A 15 -14.29 -2.43 -3.15
C LYS A 15 -15.06 -3.53 -2.43
N ASN A 16 -14.71 -4.76 -2.66
CA ASN A 16 -15.41 -5.88 -1.98
C ASN A 16 -14.79 -6.07 -0.59
N ILE A 17 -13.78 -5.30 -0.29
CA ILE A 17 -13.11 -5.44 1.03
C ILE A 17 -13.31 -4.15 1.85
N ASP A 18 -13.23 -3.02 1.20
CA ASP A 18 -13.40 -1.73 1.93
C ASP A 18 -12.07 -1.32 2.59
N GLY A 19 -11.36 -2.26 3.16
CA GLY A 19 -10.07 -1.91 3.81
C GLY A 19 -9.47 -3.15 4.47
N TRP A 20 -9.78 -4.32 3.96
CA TRP A 20 -9.21 -5.55 4.55
C TRP A 20 -9.22 -5.46 6.08
N GLU A 21 -10.18 -4.79 6.64
CA GLU A 21 -10.24 -4.66 8.12
C GLU A 21 -11.11 -5.78 8.69
N GLY A 22 -11.92 -6.40 7.87
CA GLY A 22 -12.80 -7.50 8.37
C GLY A 22 -12.10 -8.84 8.19
N LYS A 23 -12.60 -9.67 7.32
CA LYS A 23 -11.96 -11.00 7.08
C LYS A 23 -10.87 -10.86 6.03
N ASP A 24 -10.29 -11.95 5.62
CA ASP A 24 -9.22 -11.89 4.59
C ASP A 24 -9.40 -13.02 3.59
N ILE A 25 -9.58 -12.70 2.34
CA ILE A 25 -9.76 -13.77 1.32
C ILE A 25 -9.39 -13.20 -0.06
N GLY A 26 -8.14 -12.91 -0.27
CA GLY A 26 -7.72 -12.34 -1.58
C GLY A 26 -8.22 -13.24 -2.71
N GLN A 27 -9.41 -13.01 -3.19
CA GLN A 27 -9.94 -13.85 -4.30
C GLN A 27 -8.85 -14.01 -5.35
N CYS A 28 -8.19 -12.93 -5.68
CA CYS A 28 -7.07 -13.00 -6.66
C CYS A 28 -5.76 -12.92 -5.89
N CYS A 29 -5.81 -12.31 -4.75
CA CYS A 29 -4.59 -12.18 -3.90
C CYS A 29 -4.47 -13.44 -3.05
N ASN A 30 -3.83 -13.38 -1.90
CA ASN A 30 -3.72 -14.58 -1.06
C ASN A 30 -4.19 -14.24 0.35
N GLU A 31 -4.11 -13.00 0.74
CA GLU A 31 -4.54 -12.64 2.11
C GLU A 31 -4.27 -11.15 2.39
N PHE A 32 -4.75 -10.67 3.52
CA PHE A 32 -4.55 -9.23 3.86
C PHE A 32 -3.43 -9.08 4.90
N ILE A 33 -2.21 -9.38 4.54
CA ILE A 33 -1.10 -9.25 5.53
C ILE A 33 -1.08 -7.82 6.10
N MET A 34 -1.42 -6.84 5.31
CA MET A 34 -1.41 -5.43 5.84
C MET A 34 -2.77 -4.78 5.57
N GLU A 35 -3.49 -4.44 6.60
CA GLU A 35 -4.82 -3.81 6.41
C GLU A 35 -4.91 -2.55 7.26
N GLY A 36 -4.73 -1.39 6.68
CA GLY A 36 -4.80 -0.15 7.51
C GLY A 36 -4.60 1.09 6.65
N THR A 37 -3.65 1.91 7.01
CA THR A 37 -3.40 3.15 6.24
C THR A 37 -1.90 3.41 6.13
N LEU A 38 -1.45 3.85 5.00
CA LEU A 38 0.00 4.13 4.82
C LEU A 38 0.15 5.26 3.79
N THR A 39 1.20 6.02 3.89
CA THR A 39 1.37 7.17 2.95
C THR A 39 2.41 6.86 1.87
N ARG A 40 2.24 7.43 0.71
CA ARG A 40 3.22 7.21 -0.39
C ARG A 40 4.11 8.45 -0.44
N VAL A 41 5.12 8.50 0.39
CA VAL A 41 6.03 9.69 0.43
C VAL A 41 6.17 10.30 -0.97
N GLY A 42 6.30 11.59 -1.05
CA GLY A 42 6.43 12.25 -2.38
C GLY A 42 5.14 13.02 -2.68
N ALA A 43 4.10 12.73 -1.95
CA ALA A 43 2.80 13.43 -2.18
C ALA A 43 2.49 14.32 -0.97
N LYS A 44 1.24 14.48 -0.63
CA LYS A 44 0.88 15.33 0.53
C LYS A 44 -0.47 14.88 1.08
N HIS A 45 -0.64 13.61 1.29
CA HIS A 45 -1.93 13.11 1.82
C HIS A 45 -1.97 11.58 1.74
N GLU A 46 -1.58 10.91 2.79
CA GLU A 46 -1.59 9.42 2.76
C GLU A 46 -2.93 8.93 2.21
N ARG A 47 -3.07 7.64 2.04
CA ARG A 47 -4.35 7.09 1.50
C ARG A 47 -4.57 5.69 2.06
N HIS A 48 -5.79 5.20 2.02
CA HIS A 48 -6.06 3.84 2.55
C HIS A 48 -5.12 2.85 1.87
N ILE A 49 -4.79 1.77 2.52
CA ILE A 49 -3.86 0.79 1.89
C ILE A 49 -4.30 -0.64 2.19
N PHE A 50 -3.99 -1.56 1.32
CA PHE A 50 -4.36 -2.98 1.56
C PHE A 50 -3.30 -3.85 0.90
N LEU A 51 -2.35 -4.33 1.66
CA LEU A 51 -1.28 -5.19 1.08
C LEU A 51 -1.67 -6.66 1.17
N PHE A 52 -1.05 -7.47 0.37
CA PHE A 52 -1.33 -8.92 0.39
C PHE A 52 0.00 -9.66 0.20
N ASP A 53 0.60 -10.08 1.27
CA ASP A 53 1.90 -10.80 1.14
C ASP A 53 2.86 -10.01 0.24
N GLY A 54 2.83 -10.23 -1.05
CA GLY A 54 3.76 -9.50 -1.95
C GLY A 54 3.01 -8.58 -2.92
N LEU A 55 1.96 -7.94 -2.50
CA LEU A 55 1.23 -7.03 -3.41
C LEU A 55 0.75 -5.80 -2.64
N MET A 56 1.35 -4.66 -2.87
CA MET A 56 0.94 -3.45 -2.12
C MET A 56 -0.20 -2.74 -2.85
N ILE A 57 -1.36 -2.69 -2.25
CA ILE A 57 -2.50 -2.00 -2.89
C ILE A 57 -2.70 -0.64 -2.25
N CYS A 58 -3.32 0.27 -2.94
CA CYS A 58 -3.52 1.64 -2.36
C CYS A 58 -4.79 2.26 -2.93
N CYS A 59 -5.46 3.07 -2.15
CA CYS A 59 -6.70 3.72 -2.64
C CYS A 59 -6.82 5.11 -2.02
N LYS A 60 -7.16 6.10 -2.80
CA LYS A 60 -7.29 7.48 -2.25
C LYS A 60 -8.19 7.45 -1.02
N SER A 61 -9.47 7.28 -1.22
CA SER A 61 -10.41 7.24 -0.06
C SER A 61 -11.51 6.22 -0.32
N ASN A 62 -12.32 6.43 -1.32
CA ASN A 62 -13.40 5.46 -1.62
C ASN A 62 -14.14 5.10 -0.33
N HIS A 63 -15.00 5.96 0.13
CA HIS A 63 -15.75 5.67 1.39
C HIS A 63 -17.12 5.07 1.05
N GLY A 64 -18.03 5.10 1.97
CA GLY A 64 -19.38 4.53 1.71
C GLY A 64 -20.44 5.36 2.45
N GLN A 65 -20.71 5.02 3.68
CA GLN A 65 -21.73 5.79 4.45
C GLN A 65 -21.23 7.22 4.66
N PRO A 66 -22.06 8.18 4.30
CA PRO A 66 -21.72 9.61 4.44
C PRO A 66 -21.90 10.06 5.89
N ARG A 67 -21.15 11.04 6.32
CA ARG A 67 -21.29 11.52 7.72
C ARG A 67 -22.60 12.30 7.86
N LEU A 68 -23.27 12.56 6.77
CA LEU A 68 -24.54 13.31 6.84
C LEU A 68 -25.43 12.90 5.65
N PRO A 69 -26.71 12.95 5.87
CA PRO A 69 -27.71 12.59 4.85
C PRO A 69 -27.85 13.73 3.83
N GLY A 70 -28.07 13.41 2.59
CA GLY A 70 -28.21 14.46 1.55
C GLY A 70 -27.44 14.05 0.29
N ALA A 71 -26.28 13.49 0.45
CA ALA A 71 -25.49 13.07 -0.74
C ALA A 71 -25.54 14.17 -1.81
N SER A 72 -24.65 15.12 -1.74
CA SER A 72 -24.66 16.21 -2.76
C SER A 72 -23.24 16.44 -3.27
N SER A 73 -22.39 15.47 -3.14
CA SER A 73 -20.99 15.63 -3.62
C SER A 73 -20.18 14.37 -3.31
N ALA A 74 -19.62 13.73 -4.30
CA ALA A 74 -18.83 12.50 -4.05
C ALA A 74 -17.58 12.52 -4.93
N GLU A 75 -16.42 12.50 -4.33
CA GLU A 75 -15.16 12.51 -5.13
C GLU A 75 -14.22 11.41 -4.62
N TYR A 76 -14.75 10.24 -4.37
CA TYR A 76 -13.89 9.13 -3.88
C TYR A 76 -13.48 8.24 -5.06
N ARG A 77 -12.23 8.21 -5.40
CA ARG A 77 -11.77 7.37 -6.53
C ARG A 77 -10.26 7.50 -6.70
N LEU A 78 -9.73 7.07 -7.81
CA LEU A 78 -8.26 7.17 -8.02
C LEU A 78 -7.54 6.20 -7.09
N LYS A 79 -6.89 5.20 -7.62
CA LYS A 79 -6.17 4.22 -6.76
C LYS A 79 -4.96 3.68 -7.52
N GLU A 80 -3.92 3.30 -6.81
CA GLU A 80 -2.71 2.76 -7.49
C GLU A 80 -2.33 1.41 -6.88
N LYS A 81 -1.52 0.66 -7.57
CA LYS A 81 -1.11 -0.67 -7.03
C LYS A 81 0.29 -1.02 -7.54
N PHE A 82 1.07 -1.68 -6.73
CA PHE A 82 2.45 -2.07 -7.16
C PHE A 82 2.72 -3.52 -6.76
N PHE A 83 3.76 -4.09 -7.29
CA PHE A 83 4.09 -5.50 -6.93
C PHE A 83 5.09 -5.50 -5.77
N MET A 84 4.71 -6.06 -4.65
CA MET A 84 5.63 -6.07 -3.48
C MET A 84 6.26 -7.46 -3.33
N ARG A 85 7.02 -7.89 -4.30
CA ARG A 85 7.67 -9.22 -4.20
C ARG A 85 9.16 -9.12 -4.55
N LYS A 86 9.50 -8.25 -5.45
CA LYS A 86 10.91 -8.08 -5.84
C LYS A 86 11.42 -6.80 -5.22
N VAL A 87 10.85 -6.43 -4.11
CA VAL A 87 11.28 -5.18 -3.43
C VAL A 87 11.73 -5.47 -2.00
N GLN A 88 12.49 -4.58 -1.43
CA GLN A 88 12.97 -4.78 -0.03
C GLN A 88 12.85 -3.46 0.72
N ILE A 89 12.54 -3.51 1.99
CA ILE A 89 12.38 -2.27 2.78
C ILE A 89 13.73 -1.86 3.38
N ASN A 90 13.99 -0.57 3.43
CA ASN A 90 15.28 -0.10 4.00
C ASN A 90 14.99 1.00 5.03
N ASP A 91 15.19 0.72 6.29
CA ASP A 91 14.93 1.76 7.33
C ASP A 91 16.22 2.54 7.59
N LYS A 92 16.62 3.36 6.67
CA LYS A 92 17.87 4.15 6.86
C LYS A 92 17.72 5.52 6.17
N ASP A 93 17.34 6.53 6.91
CA ASP A 93 17.17 7.88 6.31
C ASP A 93 17.66 8.94 7.30
N ASP A 94 18.94 9.03 7.53
CA ASP A 94 19.46 10.04 8.49
C ASP A 94 18.87 11.41 8.15
N THR A 95 18.56 12.20 9.14
CA THR A 95 17.99 13.55 8.87
C THR A 95 18.14 14.43 10.10
N SER A 96 18.47 15.67 9.92
CA SER A 96 18.63 16.57 11.09
C SER A 96 17.31 16.60 11.87
N GLU A 97 16.25 16.17 11.26
CA GLU A 97 14.93 16.16 11.95
C GLU A 97 14.54 14.71 12.27
N TYR A 98 15.16 13.75 11.64
CA TYR A 98 14.81 12.33 11.91
C TYR A 98 13.48 11.99 11.24
N LYS A 99 13.34 10.80 10.74
CA LYS A 99 12.07 10.42 10.07
C LYS A 99 11.43 9.25 10.82
N HIS A 100 10.33 8.74 10.30
CA HIS A 100 9.67 7.59 10.98
C HIS A 100 8.97 6.72 9.93
N ALA A 101 9.54 6.59 8.78
CA ALA A 101 8.92 5.77 7.71
C ALA A 101 9.91 4.69 7.25
N PHE A 102 9.80 4.27 6.03
CA PHE A 102 10.72 3.23 5.51
C PHE A 102 10.96 3.48 4.02
N GLU A 103 12.03 2.98 3.47
CA GLU A 103 12.29 3.23 2.03
C GLU A 103 12.55 1.93 1.29
N ILE A 104 11.57 1.47 0.57
CA ILE A 104 11.74 0.24 -0.23
C ILE A 104 12.27 0.66 -1.60
N ILE A 105 12.84 -0.24 -2.36
CA ILE A 105 13.36 0.16 -3.69
C ILE A 105 13.02 -0.89 -4.73
N LEU A 106 12.83 -0.46 -5.94
CA LEU A 106 12.54 -1.42 -7.04
C LEU A 106 13.89 -1.84 -7.61
N LYS A 107 13.95 -2.88 -8.36
CA LYS A 107 15.26 -3.27 -8.92
C LYS A 107 15.36 -2.75 -10.36
N ASP A 108 14.53 -1.81 -10.70
CA ASP A 108 14.56 -1.26 -12.07
C ASP A 108 15.12 0.16 -12.02
N GLY A 109 14.57 0.99 -11.18
CA GLY A 109 15.10 2.39 -11.09
C GLY A 109 14.15 3.29 -10.31
N ASN A 110 13.38 2.76 -9.39
CA ASN A 110 12.45 3.63 -8.62
C ASN A 110 12.60 3.30 -7.13
N SER A 111 11.75 3.86 -6.30
CA SER A 111 11.86 3.58 -4.85
C SER A 111 10.47 3.57 -4.21
N VAL A 112 10.13 2.51 -3.55
CA VAL A 112 8.79 2.42 -2.89
C VAL A 112 8.88 2.95 -1.45
N ILE A 113 8.94 4.24 -1.29
CA ILE A 113 9.02 4.80 0.10
C ILE A 113 7.63 5.18 0.61
N PHE A 114 7.27 4.73 1.77
CA PHE A 114 5.93 5.08 2.32
C PHE A 114 6.08 5.46 3.80
N SER A 115 5.03 5.92 4.44
CA SER A 115 5.14 6.31 5.87
C SER A 115 3.79 6.15 6.56
N ALA A 116 3.73 5.34 7.58
CA ALA A 116 2.44 5.14 8.29
C ALA A 116 2.20 6.31 9.24
N LYS A 117 0.96 6.67 9.43
CA LYS A 117 0.64 7.80 10.34
C LYS A 117 0.60 7.30 11.79
N SER A 118 1.56 6.50 12.17
CA SER A 118 1.60 5.97 13.56
C SER A 118 2.91 5.22 13.77
N ALA A 119 3.14 4.69 14.95
CA ALA A 119 4.41 3.95 15.19
C ALA A 119 4.20 2.47 14.87
N GLU A 120 3.08 1.93 15.25
CA GLU A 120 2.82 0.48 14.97
C GLU A 120 2.41 0.32 13.51
N GLU A 121 1.87 1.33 12.91
CA GLU A 121 1.45 1.22 11.48
C GLU A 121 2.67 1.35 10.57
N LYS A 122 3.66 2.10 10.97
CA LYS A 122 4.87 2.26 10.12
C LYS A 122 5.70 0.99 10.19
N ASN A 123 5.84 0.44 11.36
CA ASN A 123 6.64 -0.81 11.51
C ASN A 123 5.78 -2.01 11.11
N ASN A 124 4.51 -1.80 10.94
CA ASN A 124 3.62 -2.94 10.57
C ASN A 124 3.81 -3.28 9.08
N TRP A 125 3.64 -2.32 8.21
CA TRP A 125 3.82 -2.62 6.77
C TRP A 125 5.30 -2.95 6.52
N MET A 126 6.17 -2.26 7.19
CA MET A 126 7.63 -2.50 7.02
C MET A 126 7.92 -3.98 7.32
N ALA A 127 7.36 -4.52 8.37
CA ALA A 127 7.66 -5.93 8.71
C ALA A 127 7.00 -6.87 7.69
N ALA A 128 5.78 -6.59 7.30
CA ALA A 128 5.10 -7.48 6.32
C ALA A 128 5.90 -7.51 5.02
N LEU A 129 6.83 -6.61 4.85
CA LEU A 129 7.65 -6.60 3.61
C LEU A 129 8.80 -7.59 3.76
N ILE A 130 9.70 -7.34 4.68
CA ILE A 130 10.83 -8.27 4.88
C ILE A 130 10.26 -9.65 5.28
N SER A 131 9.01 -9.69 5.66
CA SER A 131 8.40 -11.00 6.06
C SER A 131 8.25 -11.87 4.82
N LEU A 132 7.74 -11.33 3.75
CA LEU A 132 7.58 -12.14 2.52
C LEU A 132 8.94 -12.26 1.82
N GLN A 133 9.78 -11.28 1.96
CA GLN A 133 11.12 -11.34 1.31
C GLN A 133 11.74 -12.72 1.54
N TYR A 134 11.74 -13.18 2.76
CA TYR A 134 12.33 -14.51 3.05
C TYR A 134 11.70 -15.56 2.14
N ARG A 135 10.45 -15.88 2.35
CA ARG A 135 9.78 -16.88 1.48
C ARG A 135 8.27 -16.84 1.73
N SER A 136 7.81 -17.42 2.81
CA SER A 136 6.36 -17.41 3.10
C SER A 136 6.00 -16.12 3.84
N SER A 2 -10.48 -6.26 -22.71
CA SER A 2 -10.23 -5.94 -21.27
C SER A 2 -8.97 -6.65 -20.79
N LYS A 3 -7.86 -5.97 -20.80
CA LYS A 3 -6.59 -6.61 -20.34
C LYS A 3 -6.37 -6.30 -18.87
N GLN A 4 -7.35 -5.73 -18.21
CA GLN A 4 -7.19 -5.40 -16.77
C GLN A 4 -7.68 -6.58 -15.94
N LEU A 5 -7.55 -7.78 -16.45
CA LEU A 5 -8.02 -8.97 -15.70
C LEU A 5 -7.30 -9.03 -14.35
N ALA A 6 -6.13 -8.46 -14.26
CA ALA A 6 -5.38 -8.48 -12.97
C ALA A 6 -5.88 -7.33 -12.09
N ILE A 7 -6.26 -6.23 -12.71
CA ILE A 7 -6.76 -5.07 -11.92
C ILE A 7 -8.21 -5.34 -11.53
N LYS A 8 -8.83 -6.31 -12.14
CA LYS A 8 -10.24 -6.62 -11.80
C LYS A 8 -10.29 -7.32 -10.45
N LYS A 9 -9.31 -8.14 -10.16
CA LYS A 9 -9.29 -8.84 -8.85
C LYS A 9 -9.14 -7.81 -7.74
N MET A 10 -8.08 -7.06 -7.74
CA MET A 10 -7.87 -6.03 -6.68
C MET A 10 -9.20 -5.29 -6.44
N ASN A 11 -9.92 -4.98 -7.49
CA ASN A 11 -11.21 -4.26 -7.30
C ASN A 11 -12.10 -5.08 -6.37
N GLU A 12 -12.39 -6.29 -6.73
CA GLU A 12 -13.25 -7.16 -5.88
C GLU A 12 -12.52 -7.46 -4.57
N ILE A 13 -11.26 -7.13 -4.50
CA ILE A 13 -10.48 -7.40 -3.26
C ILE A 13 -10.70 -6.28 -2.25
N GLN A 14 -10.87 -5.07 -2.71
CA GLN A 14 -11.11 -3.95 -1.77
C GLN A 14 -12.61 -3.92 -1.43
N LYS A 15 -13.40 -4.67 -2.14
CA LYS A 15 -14.86 -4.70 -1.88
C LYS A 15 -15.18 -5.85 -0.93
N ASN A 16 -14.57 -6.97 -1.15
CA ASN A 16 -14.85 -8.15 -0.28
C ASN A 16 -14.37 -7.88 1.15
N ILE A 17 -13.67 -6.80 1.36
CA ILE A 17 -13.18 -6.49 2.73
C ILE A 17 -13.39 -5.00 3.03
N ASP A 18 -13.97 -4.28 2.12
CA ASP A 18 -14.20 -2.82 2.36
C ASP A 18 -12.92 -2.02 2.12
N GLY A 19 -11.80 -2.67 1.97
CA GLY A 19 -10.53 -1.93 1.73
C GLY A 19 -9.43 -2.45 2.65
N TRP A 20 -9.72 -3.46 3.43
CA TRP A 20 -8.69 -4.01 4.35
C TRP A 20 -8.38 -2.98 5.44
N GLU A 21 -9.12 -3.01 6.51
CA GLU A 21 -8.87 -2.06 7.62
C GLU A 21 -8.64 -2.84 8.91
N GLY A 22 -8.58 -4.15 8.81
CA GLY A 22 -8.35 -4.98 10.03
C GLY A 22 -8.94 -6.37 9.82
N LYS A 23 -8.81 -6.91 8.63
CA LYS A 23 -9.36 -8.27 8.37
C LYS A 23 -8.77 -8.81 7.06
N ASP A 24 -8.36 -10.05 7.05
CA ASP A 24 -7.78 -10.63 5.81
C ASP A 24 -8.91 -10.95 4.82
N ILE A 25 -8.58 -11.09 3.57
CA ILE A 25 -9.64 -11.39 2.56
C ILE A 25 -9.37 -12.78 1.95
N GLY A 26 -8.13 -13.14 1.80
CA GLY A 26 -7.80 -14.47 1.20
C GLY A 26 -7.26 -15.40 2.29
N GLN A 27 -7.37 -16.69 2.08
CA GLN A 27 -6.86 -17.66 3.09
C GLN A 27 -5.38 -17.94 2.81
N CYS A 28 -5.02 -18.06 1.57
CA CYS A 28 -3.59 -18.32 1.22
C CYS A 28 -3.05 -17.14 0.42
N CYS A 29 -3.68 -16.80 -0.66
CA CYS A 29 -3.21 -15.64 -1.47
C CYS A 29 -3.96 -14.40 -1.01
N ASN A 30 -3.27 -13.44 -0.45
CA ASN A 30 -3.96 -12.21 0.05
C ASN A 30 -4.53 -12.51 1.42
N GLU A 31 -3.92 -12.02 2.47
CA GLU A 31 -4.42 -12.32 3.83
C GLU A 31 -4.31 -11.09 4.73
N PHE A 32 -4.02 -11.29 5.98
CA PHE A 32 -3.93 -10.12 6.91
C PHE A 32 -2.52 -9.55 6.95
N ILE A 33 -1.73 -9.71 5.91
CA ILE A 33 -0.37 -9.14 5.95
C ILE A 33 -0.48 -7.69 6.39
N MET A 34 -1.16 -6.89 5.62
CA MET A 34 -1.34 -5.45 6.01
C MET A 34 -2.65 -4.92 5.43
N GLU A 35 -3.51 -4.43 6.26
CA GLU A 35 -4.82 -3.90 5.80
C GLU A 35 -5.10 -2.59 6.53
N GLY A 36 -4.86 -1.46 5.91
CA GLY A 36 -5.13 -0.19 6.64
C GLY A 36 -4.79 1.04 5.79
N THR A 37 -3.93 1.88 6.28
CA THR A 37 -3.57 3.11 5.52
C THR A 37 -2.06 3.35 5.58
N LEU A 38 -1.50 3.80 4.50
CA LEU A 38 -0.04 4.12 4.46
C LEU A 38 0.18 5.24 3.45
N THR A 39 1.17 6.05 3.63
CA THR A 39 1.39 7.19 2.69
C THR A 39 2.51 6.89 1.70
N ARG A 40 2.47 7.51 0.56
CA ARG A 40 3.54 7.32 -0.45
C ARG A 40 4.44 8.55 -0.40
N VAL A 41 5.37 8.56 0.52
CA VAL A 41 6.28 9.75 0.68
C VAL A 41 6.49 10.47 -0.66
N GLY A 42 6.15 11.72 -0.71
CA GLY A 42 6.30 12.49 -1.97
C GLY A 42 5.02 13.29 -2.21
N ALA A 43 3.98 12.99 -1.49
CA ALA A 43 2.70 13.72 -1.66
C ALA A 43 2.31 14.37 -0.34
N LYS A 44 1.36 15.26 -0.36
CA LYS A 44 0.93 15.93 0.90
C LYS A 44 -0.29 15.20 1.47
N HIS A 45 -0.33 13.90 1.34
CA HIS A 45 -1.50 13.15 1.86
C HIS A 45 -1.31 11.65 1.59
N GLU A 46 -1.64 10.82 2.54
CA GLU A 46 -1.49 9.35 2.33
C GLU A 46 -2.69 8.82 1.55
N ARG A 47 -2.77 7.52 1.40
CA ARG A 47 -3.92 6.94 0.65
C ARG A 47 -4.23 5.53 1.19
N HIS A 48 -5.41 5.04 0.96
CA HIS A 48 -5.75 3.68 1.47
C HIS A 48 -4.72 2.69 0.94
N ILE A 49 -4.46 1.64 1.67
CA ILE A 49 -3.44 0.65 1.20
C ILE A 49 -3.90 -0.78 1.52
N PHE A 50 -3.43 -1.72 0.75
CA PHE A 50 -3.79 -3.15 0.97
C PHE A 50 -2.59 -4.01 0.59
N LEU A 51 -1.81 -4.46 1.54
CA LEU A 51 -0.60 -5.27 1.19
C LEU A 51 -0.92 -6.77 1.24
N PHE A 52 -0.71 -7.44 0.14
CA PHE A 52 -0.95 -8.91 0.11
C PHE A 52 0.41 -9.62 0.08
N ASP A 53 0.97 -9.88 1.22
CA ASP A 53 2.30 -10.55 1.27
C ASP A 53 3.25 -9.90 0.27
N GLY A 54 3.33 -10.43 -0.92
CA GLY A 54 4.25 -9.84 -1.94
C GLY A 54 3.45 -8.90 -2.87
N LEU A 55 2.48 -8.22 -2.34
CA LEU A 55 1.68 -7.29 -3.19
C LEU A 55 1.51 -5.97 -2.45
N MET A 56 1.59 -4.88 -3.16
CA MET A 56 1.41 -3.56 -2.49
C MET A 56 0.32 -2.81 -3.25
N ILE A 57 -0.87 -2.82 -2.74
CA ILE A 57 -1.99 -2.12 -3.44
C ILE A 57 -2.24 -0.76 -2.81
N CYS A 58 -2.86 0.12 -3.54
CA CYS A 58 -3.14 1.49 -3.00
C CYS A 58 -4.42 2.03 -3.64
N CYS A 59 -5.14 2.86 -2.94
CA CYS A 59 -6.40 3.42 -3.50
C CYS A 59 -6.61 4.83 -2.95
N LYS A 60 -7.40 5.62 -3.61
CA LYS A 60 -7.65 7.01 -3.12
C LYS A 60 -8.37 7.82 -4.20
N SER A 61 -7.80 7.92 -5.37
CA SER A 61 -8.45 8.70 -6.45
C SER A 61 -8.38 10.19 -6.11
N ASN A 62 -8.62 11.04 -7.07
CA ASN A 62 -8.57 12.50 -6.81
C ASN A 62 -9.50 12.84 -5.64
N HIS A 63 -9.49 14.07 -5.21
CA HIS A 63 -10.38 14.48 -4.07
C HIS A 63 -11.72 14.94 -4.61
N GLY A 64 -12.33 14.17 -5.47
CA GLY A 64 -13.64 14.57 -6.04
C GLY A 64 -13.46 15.00 -7.50
N GLN A 65 -14.12 16.06 -7.90
CA GLN A 65 -13.98 16.53 -9.30
C GLN A 65 -12.78 17.48 -9.42
N PRO A 66 -12.16 17.46 -10.58
CA PRO A 66 -10.99 18.31 -10.86
C PRO A 66 -11.44 19.75 -11.16
N ARG A 67 -10.66 20.72 -10.76
CA ARG A 67 -11.03 22.13 -11.03
C ARG A 67 -11.42 22.29 -12.50
N LEU A 68 -10.70 21.66 -13.38
CA LEU A 68 -11.02 21.78 -14.83
C LEU A 68 -11.52 20.42 -15.35
N PRO A 69 -12.83 20.26 -15.36
CA PRO A 69 -13.46 19.01 -15.83
C PRO A 69 -13.47 18.98 -17.36
N GLY A 70 -13.18 17.84 -17.93
CA GLY A 70 -13.17 17.74 -19.42
C GLY A 70 -11.73 17.86 -19.93
N ALA A 71 -10.88 18.50 -19.18
CA ALA A 71 -9.47 18.64 -19.63
C ALA A 71 -8.72 17.33 -19.39
N SER A 72 -8.47 16.99 -18.16
CA SER A 72 -7.75 15.72 -17.86
C SER A 72 -8.68 14.54 -18.11
N SER A 73 -9.94 14.80 -18.32
CA SER A 73 -10.90 13.68 -18.56
C SER A 73 -10.83 12.69 -17.41
N ALA A 74 -10.65 13.17 -16.21
CA ALA A 74 -10.57 12.25 -15.04
C ALA A 74 -11.95 12.17 -14.36
N GLU A 75 -12.10 11.30 -13.40
CA GLU A 75 -13.40 11.17 -12.71
C GLU A 75 -13.16 10.78 -11.24
N TYR A 76 -13.16 9.51 -10.95
CA TYR A 76 -12.93 9.07 -9.54
C TYR A 76 -12.66 7.56 -9.52
N ARG A 77 -11.46 7.17 -9.81
CA ARG A 77 -11.13 5.71 -9.81
C ARG A 77 -9.68 5.51 -10.26
N LEU A 78 -9.36 4.35 -10.73
CA LEU A 78 -7.96 4.09 -11.20
C LEU A 78 -7.02 4.02 -9.99
N LYS A 79 -6.79 2.85 -9.47
CA LYS A 79 -5.87 2.71 -8.31
C LYS A 79 -4.52 2.20 -8.80
N GLU A 80 -3.55 2.08 -7.93
CA GLU A 80 -2.22 1.59 -8.38
C GLU A 80 -1.83 0.33 -7.59
N LYS A 81 -0.99 -0.49 -8.17
CA LYS A 81 -0.57 -1.73 -7.47
C LYS A 81 0.85 -2.11 -7.92
N PHE A 82 1.58 -2.78 -7.08
CA PHE A 82 2.97 -3.18 -7.45
C PHE A 82 3.32 -4.52 -6.81
N PHE A 83 4.49 -5.03 -7.09
CA PHE A 83 4.90 -6.33 -6.49
C PHE A 83 5.85 -6.05 -5.33
N MET A 84 5.48 -6.45 -4.13
CA MET A 84 6.36 -6.18 -2.96
C MET A 84 6.98 -7.49 -2.45
N ARG A 85 7.57 -8.26 -3.33
CA ARG A 85 8.21 -9.53 -2.88
C ARG A 85 9.68 -9.53 -3.28
N LYS A 86 10.08 -8.60 -4.09
CA LYS A 86 11.50 -8.53 -4.50
C LYS A 86 12.06 -7.18 -4.09
N VAL A 87 11.55 -6.64 -3.02
CA VAL A 87 12.02 -5.31 -2.55
C VAL A 87 12.57 -5.42 -1.13
N GLN A 88 13.37 -4.47 -0.71
CA GLN A 88 13.92 -4.52 0.67
C GLN A 88 13.63 -3.20 1.38
N ILE A 89 13.12 -3.26 2.58
CA ILE A 89 12.80 -2.02 3.33
C ILE A 89 14.01 -1.58 4.16
N ASN A 90 14.33 -0.31 4.11
CA ASN A 90 15.49 0.19 4.87
C ASN A 90 15.00 1.20 5.92
N ASP A 91 14.87 0.78 7.15
CA ASP A 91 14.39 1.71 8.20
C ASP A 91 15.59 2.47 8.79
N LYS A 92 15.38 3.68 9.24
CA LYS A 92 16.50 4.46 9.83
C LYS A 92 16.16 4.89 11.25
N ASP A 93 16.30 4.00 12.20
CA ASP A 93 15.97 4.36 13.60
C ASP A 93 17.27 4.68 14.36
N ASP A 94 18.15 5.41 13.74
CA ASP A 94 19.43 5.76 14.42
C ASP A 94 19.62 7.28 14.41
N THR A 95 18.79 7.99 13.70
CA THR A 95 18.92 9.48 13.67
C THR A 95 18.14 10.09 14.83
N SER A 96 18.73 11.04 15.50
CA SER A 96 18.02 11.67 16.65
C SER A 96 16.66 12.18 16.15
N GLU A 97 16.52 12.35 14.87
CA GLU A 97 15.23 12.83 14.31
C GLU A 97 14.37 11.63 13.89
N TYR A 98 14.99 10.54 13.50
CA TYR A 98 14.20 9.34 13.09
C TYR A 98 13.66 9.56 11.68
N LYS A 99 12.59 8.90 11.35
CA LYS A 99 12.00 9.07 9.99
C LYS A 99 10.49 8.80 10.05
N HIS A 100 10.09 7.82 10.80
CA HIS A 100 8.63 7.50 10.92
C HIS A 100 8.17 6.76 9.67
N ALA A 101 9.07 6.46 8.77
CA ALA A 101 8.67 5.72 7.54
C ALA A 101 9.75 4.69 7.18
N PHE A 102 9.70 4.16 6.00
CA PHE A 102 10.72 3.16 5.59
C PHE A 102 10.90 3.25 4.08
N GLU A 103 12.12 3.33 3.62
CA GLU A 103 12.32 3.45 2.16
C GLU A 103 12.65 2.10 1.54
N ILE A 104 11.68 1.50 0.92
CA ILE A 104 11.89 0.20 0.25
C ILE A 104 12.35 0.49 -1.18
N ILE A 105 12.95 -0.46 -1.84
CA ILE A 105 13.40 -0.19 -3.24
C ILE A 105 12.89 -1.29 -4.17
N LEU A 106 12.68 -0.95 -5.40
CA LEU A 106 12.23 -1.98 -6.38
C LEU A 106 13.49 -2.60 -6.96
N LYS A 107 13.41 -3.80 -7.45
CA LYS A 107 14.62 -4.41 -8.02
C LYS A 107 14.72 -4.02 -9.50
N ASP A 108 13.98 -3.02 -9.91
CA ASP A 108 14.02 -2.58 -11.33
C ASP A 108 14.76 -1.24 -11.42
N GLY A 109 14.56 -0.38 -10.46
CA GLY A 109 15.28 0.93 -10.51
C GLY A 109 14.48 2.02 -9.76
N ASN A 110 13.31 1.72 -9.28
CA ASN A 110 12.54 2.77 -8.57
C ASN A 110 12.69 2.56 -7.05
N SER A 111 11.88 3.24 -6.27
CA SER A 111 11.99 3.07 -4.80
C SER A 111 10.60 3.17 -4.17
N VAL A 112 10.22 2.18 -3.41
CA VAL A 112 8.87 2.21 -2.77
C VAL A 112 9.00 2.77 -1.35
N ILE A 113 8.95 4.06 -1.20
CA ILE A 113 9.06 4.66 0.16
C ILE A 113 7.71 5.18 0.63
N PHE A 114 7.25 4.73 1.77
CA PHE A 114 5.93 5.19 2.29
C PHE A 114 6.06 5.61 3.75
N SER A 115 4.99 6.03 4.38
CA SER A 115 5.07 6.44 5.81
C SER A 115 3.72 6.21 6.47
N ALA A 116 3.69 5.40 7.50
CA ALA A 116 2.39 5.13 8.18
C ALA A 116 2.02 6.29 9.09
N LYS A 117 0.76 6.60 9.18
CA LYS A 117 0.31 7.73 10.06
C LYS A 117 0.19 7.23 11.50
N SER A 118 1.15 6.48 11.97
CA SER A 118 1.09 5.96 13.36
C SER A 118 2.41 5.27 13.70
N ALA A 119 2.57 4.80 14.90
CA ALA A 119 3.85 4.12 15.27
C ALA A 119 3.72 2.63 14.99
N GLU A 120 2.56 2.07 15.21
CA GLU A 120 2.37 0.62 14.95
C GLU A 120 2.06 0.41 13.47
N GLU A 121 1.55 1.42 12.82
CA GLU A 121 1.23 1.29 11.37
C GLU A 121 2.51 1.40 10.56
N LYS A 122 3.45 2.19 10.99
CA LYS A 122 4.72 2.32 10.24
C LYS A 122 5.53 1.03 10.37
N ASN A 123 5.70 0.56 11.57
CA ASN A 123 6.47 -0.70 11.76
C ASN A 123 5.64 -1.89 11.29
N ASN A 124 4.38 -1.66 10.99
CA ASN A 124 3.52 -2.78 10.53
C ASN A 124 3.82 -3.10 9.06
N TRP A 125 3.67 -2.16 8.17
CA TRP A 125 3.95 -2.45 6.75
C TRP A 125 5.43 -2.79 6.60
N MET A 126 6.27 -2.13 7.34
CA MET A 126 7.72 -2.41 7.27
C MET A 126 7.97 -3.90 7.51
N ALA A 127 7.31 -4.47 8.47
CA ALA A 127 7.52 -5.92 8.76
C ALA A 127 6.91 -6.78 7.65
N ALA A 128 5.83 -6.33 7.06
CA ALA A 128 5.20 -7.12 5.96
C ALA A 128 6.17 -7.23 4.79
N LEU A 129 7.14 -6.35 4.72
CA LEU A 129 8.11 -6.40 3.60
C LEU A 129 9.19 -7.43 3.92
N ILE A 130 9.94 -7.21 4.96
CA ILE A 130 10.99 -8.19 5.33
C ILE A 130 10.32 -9.51 5.70
N SER A 131 9.03 -9.50 5.88
CA SER A 131 8.32 -10.76 6.22
C SER A 131 8.32 -11.66 4.99
N LEU A 132 8.06 -11.11 3.83
CA LEU A 132 8.03 -11.93 2.60
C LEU A 132 9.43 -11.94 1.97
N GLN A 133 10.30 -11.08 2.44
CA GLN A 133 11.67 -11.03 1.87
C GLN A 133 12.31 -12.43 1.89
N TYR A 134 12.19 -13.15 2.97
CA TYR A 134 12.83 -14.49 3.02
C TYR A 134 12.56 -15.25 1.70
N ARG A 135 11.32 -15.48 1.34
CA ARG A 135 11.04 -16.19 0.06
C ARG A 135 9.57 -16.04 -0.29
N SER A 136 8.71 -16.45 0.60
CA SER A 136 7.25 -16.34 0.33
C SER A 136 6.86 -14.86 0.28
N SER A 2 -7.85 -7.87 -22.71
CA SER A 2 -6.47 -7.31 -22.59
C SER A 2 -5.64 -8.21 -21.68
N LYS A 3 -4.40 -7.84 -21.45
CA LYS A 3 -3.53 -8.67 -20.57
C LYS A 3 -3.68 -8.21 -19.11
N GLN A 4 -4.78 -7.56 -18.81
CA GLN A 4 -4.98 -7.08 -17.41
C GLN A 4 -5.64 -8.17 -16.58
N LEU A 5 -5.46 -9.41 -16.93
CA LEU A 5 -6.10 -10.50 -16.15
C LEU A 5 -5.56 -10.48 -14.72
N ALA A 6 -4.49 -9.76 -14.50
CA ALA A 6 -3.93 -9.68 -13.12
C ALA A 6 -4.50 -8.42 -12.45
N ILE A 7 -4.75 -7.40 -13.20
CA ILE A 7 -5.33 -6.17 -12.61
C ILE A 7 -6.84 -6.34 -12.46
N LYS A 8 -7.38 -7.36 -13.06
CA LYS A 8 -8.85 -7.60 -12.95
C LYS A 8 -9.14 -8.18 -11.56
N LYS A 9 -8.17 -8.84 -10.98
CA LYS A 9 -8.40 -9.43 -9.62
C LYS A 9 -8.67 -8.29 -8.63
N MET A 10 -7.75 -7.37 -8.48
CA MET A 10 -7.95 -6.23 -7.54
C MET A 10 -9.41 -5.79 -7.55
N ASN A 11 -10.08 -5.89 -8.66
CA ASN A 11 -11.50 -5.48 -8.71
C ASN A 11 -12.32 -6.42 -7.81
N GLU A 12 -12.22 -7.69 -8.03
CA GLU A 12 -12.98 -8.67 -7.19
C GLU A 12 -12.36 -8.73 -5.79
N ILE A 13 -11.22 -8.13 -5.60
CA ILE A 13 -10.57 -8.15 -4.26
C ILE A 13 -11.08 -6.98 -3.42
N GLN A 14 -11.40 -5.88 -4.04
CA GLN A 14 -11.91 -4.71 -3.28
C GLN A 14 -13.28 -5.03 -2.68
N LYS A 15 -13.87 -6.12 -3.10
CA LYS A 15 -15.21 -6.48 -2.56
C LYS A 15 -15.07 -7.71 -1.66
N ASN A 16 -14.32 -8.68 -2.08
CA ASN A 16 -14.14 -9.89 -1.24
C ASN A 16 -13.18 -9.57 -0.09
N ILE A 17 -12.63 -8.38 -0.09
CA ILE A 17 -11.67 -8.01 0.98
C ILE A 17 -12.22 -6.81 1.77
N ASP A 18 -12.85 -5.88 1.10
CA ASP A 18 -13.38 -4.68 1.82
C ASP A 18 -12.23 -3.88 2.42
N GLY A 19 -11.83 -4.23 3.62
CA GLY A 19 -10.70 -3.49 4.27
C GLY A 19 -10.48 -4.06 5.67
N TRP A 20 -10.01 -5.28 5.75
CA TRP A 20 -9.77 -5.88 7.09
C TRP A 20 -8.50 -6.72 7.06
N GLU A 21 -8.02 -7.14 8.21
CA GLU A 21 -6.77 -7.96 8.24
C GLU A 21 -7.00 -9.20 9.12
N GLY A 22 -8.01 -9.98 8.83
CA GLY A 22 -8.28 -11.19 9.66
C GLY A 22 -9.08 -12.20 8.84
N LYS A 23 -10.07 -11.75 8.12
CA LYS A 23 -10.88 -12.69 7.31
C LYS A 23 -10.77 -12.31 5.83
N ASP A 24 -9.72 -12.73 5.18
CA ASP A 24 -9.55 -12.38 3.74
C ASP A 24 -9.68 -13.65 2.89
N ILE A 25 -9.68 -13.50 1.59
CA ILE A 25 -9.80 -14.70 0.71
C ILE A 25 -8.45 -15.42 0.66
N GLY A 26 -7.36 -14.68 0.65
CA GLY A 26 -6.02 -15.31 0.61
C GLY A 26 -5.96 -16.33 -0.54
N GLN A 27 -6.75 -16.13 -1.56
CA GLN A 27 -6.73 -17.08 -2.71
C GLN A 27 -5.41 -16.94 -3.46
N CYS A 28 -4.98 -15.73 -3.71
CA CYS A 28 -3.69 -15.52 -4.42
C CYS A 28 -2.95 -14.34 -3.81
N CYS A 29 -3.67 -13.31 -3.47
CA CYS A 29 -3.02 -12.11 -2.85
C CYS A 29 -4.03 -11.39 -1.95
N ASN A 30 -4.13 -11.79 -0.73
CA ASN A 30 -5.10 -11.13 0.19
C ASN A 30 -4.75 -11.48 1.64
N GLU A 31 -5.36 -12.51 2.18
CA GLU A 31 -5.07 -12.92 3.59
C GLU A 31 -4.90 -11.67 4.45
N PHE A 32 -4.26 -11.79 5.57
CA PHE A 32 -4.08 -10.59 6.44
C PHE A 32 -2.60 -10.20 6.47
N ILE A 33 -2.32 -8.94 6.37
CA ILE A 33 -0.92 -8.46 6.41
C ILE A 33 -0.91 -7.03 6.94
N MET A 34 -1.54 -6.14 6.23
CA MET A 34 -1.60 -4.72 6.69
C MET A 34 -2.90 -4.08 6.18
N GLU A 35 -3.66 -3.48 7.05
CA GLU A 35 -4.93 -2.85 6.61
C GLU A 35 -5.13 -1.54 7.37
N GLY A 36 -4.82 -0.42 6.77
CA GLY A 36 -4.99 0.87 7.49
C GLY A 36 -4.67 2.05 6.56
N THR A 37 -3.59 2.73 6.81
CA THR A 37 -3.22 3.91 5.98
C THR A 37 -1.69 4.07 5.99
N LEU A 38 -1.11 4.49 4.90
CA LEU A 38 0.37 4.70 4.90
C LEU A 38 0.69 5.92 4.04
N THR A 39 1.74 6.61 4.34
CA THR A 39 2.08 7.83 3.58
C THR A 39 3.19 7.57 2.55
N ARG A 40 3.30 8.41 1.57
CA ARG A 40 4.36 8.24 0.56
C ARG A 40 5.53 9.14 0.95
N VAL A 41 5.93 9.07 2.19
CA VAL A 41 7.04 9.93 2.69
C VAL A 41 6.72 11.40 2.46
N GLY A 42 6.97 12.24 3.45
CA GLY A 42 6.69 13.69 3.28
C GLY A 42 5.19 13.90 3.09
N ALA A 43 4.47 14.11 4.15
CA ALA A 43 3.00 14.34 4.03
C ALA A 43 2.33 14.14 5.39
N LYS A 44 1.02 14.13 5.43
CA LYS A 44 0.32 13.95 6.72
C LYS A 44 -1.15 13.63 6.46
N HIS A 45 -1.43 12.94 5.39
CA HIS A 45 -2.85 12.60 5.06
C HIS A 45 -2.89 11.78 3.77
N GLU A 46 -1.95 10.90 3.59
CA GLU A 46 -1.93 10.07 2.35
C GLU A 46 -3.25 9.33 2.17
N ARG A 47 -3.24 8.25 1.44
CA ARG A 47 -4.49 7.48 1.20
C ARG A 47 -4.46 6.16 1.98
N HIS A 48 -5.63 5.57 2.15
CA HIS A 48 -5.70 4.27 2.87
C HIS A 48 -4.88 3.24 2.10
N ILE A 49 -4.42 2.23 2.76
CA ILE A 49 -3.59 1.21 2.06
C ILE A 49 -4.07 -0.20 2.43
N PHE A 50 -3.73 -1.18 1.63
CA PHE A 50 -4.15 -2.58 1.94
C PHE A 50 -3.08 -3.52 1.41
N LEU A 51 -2.20 -3.99 2.25
CA LEU A 51 -1.13 -4.93 1.79
C LEU A 51 -1.63 -6.37 1.87
N PHE A 52 -1.57 -7.07 0.77
CA PHE A 52 -2.02 -8.49 0.77
C PHE A 52 -0.82 -9.40 0.58
N ASP A 53 0.10 -9.39 1.52
CA ASP A 53 1.30 -10.26 1.40
C ASP A 53 2.22 -9.77 0.29
N GLY A 54 2.02 -10.21 -0.92
CA GLY A 54 2.90 -9.77 -2.03
C GLY A 54 2.21 -8.71 -2.88
N LEU A 55 1.13 -8.14 -2.41
CA LEU A 55 0.45 -7.11 -3.20
C LEU A 55 0.36 -5.81 -2.40
N MET A 56 0.32 -4.69 -3.07
CA MET A 56 0.23 -3.39 -2.34
C MET A 56 -0.90 -2.57 -2.95
N ILE A 57 -2.04 -2.58 -2.33
CA ILE A 57 -3.20 -1.81 -2.88
C ILE A 57 -3.30 -0.46 -2.17
N CYS A 58 -3.99 0.46 -2.78
CA CYS A 58 -4.15 1.81 -2.16
C CYS A 58 -5.48 2.42 -2.61
N CYS A 59 -6.08 3.24 -1.80
CA CYS A 59 -7.39 3.84 -2.18
C CYS A 59 -7.44 5.30 -1.72
N LYS A 60 -7.80 6.20 -2.59
CA LYS A 60 -7.88 7.64 -2.19
C LYS A 60 -8.53 7.76 -0.82
N SER A 61 -8.19 8.78 -0.09
CA SER A 61 -8.78 8.96 1.27
C SER A 61 -10.26 9.33 1.13
N ASN A 62 -10.62 9.95 0.05
CA ASN A 62 -12.05 10.33 -0.15
C ASN A 62 -12.42 11.44 0.84
N HIS A 63 -13.17 12.42 0.40
CA HIS A 63 -13.56 13.52 1.32
C HIS A 63 -15.00 13.30 1.79
N GLY A 64 -15.91 13.11 0.87
CA GLY A 64 -17.33 12.88 1.25
C GLY A 64 -18.14 12.55 0.01
N GLN A 65 -18.00 13.32 -1.04
CA GLN A 65 -18.77 13.04 -2.29
C GLN A 65 -18.42 11.65 -2.80
N PRO A 66 -19.33 11.06 -3.53
CA PRO A 66 -19.15 9.71 -4.10
C PRO A 66 -18.26 9.79 -5.35
N ARG A 67 -18.85 9.96 -6.50
CA ARG A 67 -18.04 10.03 -7.75
C ARG A 67 -17.24 11.34 -7.77
N LEU A 68 -17.79 12.37 -8.35
CA LEU A 68 -17.08 13.67 -8.39
C LEU A 68 -18.05 14.77 -7.97
N PRO A 69 -17.58 15.98 -7.96
CA PRO A 69 -18.39 17.14 -7.58
C PRO A 69 -19.32 17.52 -8.73
N GLY A 70 -19.71 18.76 -8.84
CA GLY A 70 -20.62 19.16 -9.96
C GLY A 70 -19.78 19.43 -11.20
N ALA A 71 -18.86 18.55 -11.53
CA ALA A 71 -18.02 18.77 -12.75
C ALA A 71 -17.09 19.97 -12.50
N SER A 72 -17.06 20.47 -11.30
CA SER A 72 -16.17 21.64 -11.00
C SER A 72 -15.20 21.27 -9.89
N SER A 73 -14.07 21.91 -9.82
CA SER A 73 -13.08 21.59 -8.75
C SER A 73 -12.62 20.13 -8.90
N ALA A 74 -11.77 19.67 -8.02
CA ALA A 74 -11.29 18.26 -8.12
C ALA A 74 -10.76 17.80 -6.76
N GLU A 75 -11.50 16.97 -6.08
CA GLU A 75 -11.05 16.48 -4.75
C GLU A 75 -10.58 15.01 -4.88
N TYR A 76 -10.41 14.34 -3.78
CA TYR A 76 -9.97 12.92 -3.83
C TYR A 76 -8.89 12.74 -4.91
N ARG A 77 -8.63 11.53 -5.30
CA ARG A 77 -7.59 11.30 -6.35
C ARG A 77 -7.90 9.99 -7.09
N LEU A 78 -7.41 8.88 -6.59
CA LEU A 78 -7.67 7.58 -7.27
C LEU A 78 -6.96 6.45 -6.52
N LYS A 79 -7.36 5.24 -6.76
CA LYS A 79 -6.70 4.10 -6.06
C LYS A 79 -5.62 3.49 -6.96
N GLU A 80 -4.53 3.05 -6.39
CA GLU A 80 -3.45 2.46 -7.22
C GLU A 80 -3.05 1.09 -6.65
N LYS A 81 -2.30 0.33 -7.40
CA LYS A 81 -1.88 -1.01 -6.92
C LYS A 81 -0.47 -1.32 -7.41
N PHE A 82 0.26 -2.12 -6.69
CA PHE A 82 1.65 -2.47 -7.11
C PHE A 82 2.02 -3.87 -6.62
N PHE A 83 3.19 -4.33 -6.96
CA PHE A 83 3.62 -5.69 -6.53
C PHE A 83 4.62 -5.56 -5.38
N MET A 84 4.27 -6.03 -4.21
CA MET A 84 5.21 -5.93 -3.05
C MET A 84 5.88 -7.29 -2.81
N ARG A 85 6.39 -7.91 -3.83
CA ARG A 85 7.06 -9.23 -3.63
C ARG A 85 8.47 -9.18 -4.21
N LYS A 86 8.72 -8.30 -5.13
CA LYS A 86 10.08 -8.20 -5.70
C LYS A 86 10.71 -6.89 -5.23
N VAL A 87 10.40 -6.51 -4.03
CA VAL A 87 10.96 -5.24 -3.48
C VAL A 87 11.63 -5.50 -2.13
N GLN A 88 12.50 -4.62 -1.72
CA GLN A 88 13.20 -4.80 -0.42
C GLN A 88 13.15 -3.50 0.37
N ILE A 89 12.79 -3.58 1.62
CA ILE A 89 12.69 -2.35 2.46
C ILE A 89 14.02 -2.11 3.19
N ASN A 90 14.47 -0.88 3.20
CA ASN A 90 15.76 -0.56 3.88
C ASN A 90 15.47 0.38 5.06
N ASP A 91 15.36 -0.16 6.25
CA ASP A 91 15.08 0.71 7.43
C ASP A 91 16.27 1.64 7.68
N LYS A 92 16.02 2.82 8.15
CA LYS A 92 17.14 3.78 8.41
C LYS A 92 17.45 3.80 9.91
N ASP A 93 18.67 4.10 10.27
CA ASP A 93 19.04 4.14 11.71
C ASP A 93 19.03 5.59 12.20
N ASP A 94 18.07 6.37 11.77
CA ASP A 94 18.01 7.80 12.21
C ASP A 94 17.73 7.84 13.72
N THR A 95 17.08 8.87 14.18
CA THR A 95 16.78 8.97 15.64
C THR A 95 15.27 8.97 15.85
N SER A 96 14.79 8.31 16.86
CA SER A 96 13.33 8.31 17.11
C SER A 96 12.85 9.74 17.24
N GLU A 97 13.75 10.65 17.48
CA GLU A 97 13.35 12.09 17.62
C GLU A 97 12.86 12.60 16.26
N TYR A 98 13.52 12.23 15.20
CA TYR A 98 13.08 12.70 13.86
C TYR A 98 13.13 11.54 12.86
N LYS A 99 12.44 11.68 11.76
CA LYS A 99 12.44 10.58 10.75
C LYS A 99 11.84 9.32 11.37
N HIS A 100 11.04 8.60 10.62
CA HIS A 100 10.44 7.35 11.16
C HIS A 100 9.68 6.63 10.05
N ALA A 101 10.40 6.14 9.06
CA ALA A 101 9.74 5.43 7.94
C ALA A 101 10.68 4.37 7.37
N PHE A 102 10.52 4.02 6.12
CA PHE A 102 11.41 3.01 5.50
C PHE A 102 11.54 3.31 4.01
N GLU A 103 12.55 2.80 3.36
CA GLU A 103 12.70 3.09 1.92
C GLU A 103 12.87 1.81 1.12
N ILE A 104 11.84 1.42 0.43
CA ILE A 104 11.91 0.21 -0.40
C ILE A 104 12.33 0.64 -1.80
N ILE A 105 12.82 -0.26 -2.62
CA ILE A 105 13.24 0.16 -3.98
C ILE A 105 12.61 -0.73 -5.03
N LEU A 106 12.39 -0.18 -6.20
CA LEU A 106 11.83 -0.99 -7.30
C LEU A 106 13.01 -1.60 -8.05
N LYS A 107 12.78 -2.56 -8.87
CA LYS A 107 13.94 -3.14 -9.59
C LYS A 107 14.00 -2.54 -11.00
N ASP A 108 13.32 -1.45 -11.21
CA ASP A 108 13.33 -0.81 -12.55
C ASP A 108 14.14 0.48 -12.48
N GLY A 109 13.82 1.34 -11.55
CA GLY A 109 14.59 2.61 -11.44
C GLY A 109 13.86 3.61 -10.52
N ASN A 110 13.13 3.14 -9.54
CA ASN A 110 12.43 4.07 -8.63
C ASN A 110 12.59 3.57 -7.19
N SER A 111 11.92 4.20 -6.26
CA SER A 111 12.04 3.75 -4.85
C SER A 111 10.67 3.82 -4.17
N VAL A 112 10.23 2.74 -3.61
CA VAL A 112 8.91 2.74 -2.93
C VAL A 112 9.08 3.10 -1.45
N ILE A 113 9.21 4.37 -1.16
CA ILE A 113 9.40 4.77 0.26
C ILE A 113 8.08 5.32 0.84
N PHE A 114 7.77 4.96 2.06
CA PHE A 114 6.50 5.46 2.68
C PHE A 114 6.74 5.71 4.17
N SER A 115 5.73 6.15 4.89
CA SER A 115 5.90 6.41 6.35
C SER A 115 4.55 6.23 7.03
N ALA A 116 4.49 5.49 8.11
CA ALA A 116 3.18 5.28 8.78
C ALA A 116 2.82 6.51 9.62
N LYS A 117 1.55 6.81 9.69
CA LYS A 117 1.09 7.97 10.50
C LYS A 117 0.93 7.53 11.96
N SER A 118 1.85 6.73 12.45
CA SER A 118 1.77 6.24 13.86
C SER A 118 3.06 5.49 14.18
N ALA A 119 3.12 4.80 15.28
CA ALA A 119 4.36 4.04 15.61
C ALA A 119 4.25 2.62 15.08
N GLU A 120 3.38 1.84 15.64
CA GLU A 120 3.21 0.43 15.18
C GLU A 120 2.91 0.42 13.68
N GLU A 121 2.12 1.33 13.20
CA GLU A 121 1.81 1.36 11.75
C GLU A 121 3.11 1.47 10.96
N LYS A 122 4.06 2.21 11.46
CA LYS A 122 5.36 2.36 10.75
C LYS A 122 6.01 0.98 10.61
N ASN A 123 6.37 0.39 11.72
CA ASN A 123 6.99 -0.95 11.69
C ASN A 123 6.00 -1.99 11.17
N ASN A 124 4.77 -1.62 11.00
CA ASN A 124 3.75 -2.59 10.52
C ASN A 124 3.94 -2.88 9.03
N TRP A 125 3.84 -1.89 8.20
CA TRP A 125 4.00 -2.15 6.75
C TRP A 125 5.44 -2.57 6.44
N MET A 126 6.38 -2.02 7.15
CA MET A 126 7.80 -2.38 6.92
C MET A 126 7.98 -3.88 7.19
N ALA A 127 7.26 -4.42 8.14
CA ALA A 127 7.41 -5.86 8.46
C ALA A 127 6.64 -6.70 7.42
N ALA A 128 5.54 -6.21 6.93
CA ALA A 128 4.77 -6.99 5.93
C ALA A 128 5.61 -7.15 4.66
N LEU A 129 6.60 -6.32 4.49
CA LEU A 129 7.45 -6.43 3.27
C LEU A 129 8.52 -7.50 3.50
N ILE A 130 9.42 -7.27 4.43
CA ILE A 130 10.46 -8.28 4.70
C ILE A 130 9.80 -9.55 5.22
N SER A 131 8.53 -9.48 5.55
CA SER A 131 7.83 -10.70 6.05
C SER A 131 7.60 -11.64 4.87
N LEU A 132 7.07 -11.14 3.79
CA LEU A 132 6.83 -12.00 2.60
C LEU A 132 8.15 -12.26 1.87
N GLN A 133 9.15 -11.49 2.16
CA GLN A 133 10.46 -11.67 1.49
C GLN A 133 11.11 -12.99 1.93
N TYR A 134 10.99 -13.34 3.19
CA TYR A 134 11.61 -14.59 3.66
C TYR A 134 10.76 -15.79 3.26
N ARG A 135 9.48 -15.76 3.56
CA ARG A 135 8.62 -16.93 3.18
C ARG A 135 8.68 -17.13 1.67
N SER A 136 8.16 -16.21 0.93
CA SER A 136 8.18 -16.34 -0.56
C SER A 136 9.61 -16.13 -1.07
N SER A 2 -9.25 -6.46 -23.18
CA SER A 2 -7.79 -6.77 -23.14
C SER A 2 -7.56 -7.99 -22.22
N LYS A 3 -6.32 -8.37 -22.04
CA LYS A 3 -6.04 -9.53 -21.16
C LYS A 3 -5.71 -9.05 -19.76
N GLN A 4 -6.44 -8.09 -19.26
CA GLN A 4 -6.17 -7.57 -17.89
C GLN A 4 -6.98 -8.37 -16.87
N LEU A 5 -7.26 -9.61 -17.17
CA LEU A 5 -8.05 -10.45 -16.22
C LEU A 5 -7.31 -10.52 -14.88
N ALA A 6 -6.03 -10.27 -14.89
CA ALA A 6 -5.27 -10.32 -13.61
C ALA A 6 -5.30 -8.93 -12.97
N ILE A 7 -5.30 -7.90 -13.78
CA ILE A 7 -5.33 -6.52 -13.23
C ILE A 7 -6.77 -6.16 -12.86
N LYS A 8 -7.72 -6.97 -13.25
CA LYS A 8 -9.13 -6.70 -12.91
C LYS A 8 -9.37 -7.19 -11.48
N LYS A 9 -8.55 -8.08 -11.01
CA LYS A 9 -8.72 -8.61 -9.63
C LYS A 9 -8.55 -7.44 -8.65
N MET A 10 -7.42 -6.78 -8.69
CA MET A 10 -7.16 -5.64 -7.76
C MET A 10 -8.45 -4.85 -7.53
N ASN A 11 -9.34 -4.82 -8.49
CA ASN A 11 -10.61 -4.07 -8.30
C ASN A 11 -11.49 -4.79 -7.28
N GLU A 12 -11.74 -6.05 -7.50
CA GLU A 12 -12.58 -6.82 -6.54
C GLU A 12 -11.79 -7.08 -5.25
N ILE A 13 -10.52 -6.76 -5.26
CA ILE A 13 -9.69 -6.99 -4.05
C ILE A 13 -9.77 -5.76 -3.13
N GLN A 14 -9.76 -4.59 -3.70
CA GLN A 14 -9.84 -3.35 -2.86
C GLN A 14 -11.27 -3.17 -2.36
N LYS A 15 -12.19 -3.95 -2.87
CA LYS A 15 -13.59 -3.82 -2.42
C LYS A 15 -13.99 -5.03 -1.59
N ASN A 16 -13.52 -6.19 -1.97
CA ASN A 16 -13.86 -7.41 -1.21
C ASN A 16 -13.00 -7.45 0.05
N ILE A 17 -12.10 -6.51 0.19
CA ILE A 17 -11.23 -6.49 1.38
C ILE A 17 -11.69 -5.36 2.32
N ASP A 18 -11.91 -4.18 1.79
CA ASP A 18 -12.35 -3.03 2.63
C ASP A 18 -11.14 -2.39 3.32
N GLY A 19 -10.22 -3.18 3.81
CA GLY A 19 -9.01 -2.62 4.48
C GLY A 19 -8.90 -3.21 5.88
N TRP A 20 -9.15 -4.49 6.02
CA TRP A 20 -9.06 -5.13 7.36
C TRP A 20 -7.86 -6.08 7.43
N GLU A 21 -7.44 -6.44 8.60
CA GLU A 21 -6.29 -7.38 8.73
C GLU A 21 -6.77 -8.70 9.30
N GLY A 22 -7.50 -9.46 8.53
CA GLY A 22 -8.00 -10.78 9.02
C GLY A 22 -8.04 -11.78 7.87
N LYS A 23 -7.24 -11.58 6.87
CA LYS A 23 -7.24 -12.53 5.72
C LYS A 23 -8.63 -12.61 5.11
N ASP A 24 -8.81 -12.12 3.91
CA ASP A 24 -10.16 -12.16 3.27
C ASP A 24 -10.23 -13.36 2.33
N ILE A 25 -9.57 -13.28 1.20
CA ILE A 25 -9.60 -14.43 0.24
C ILE A 25 -8.23 -15.07 0.13
N GLY A 26 -7.19 -14.29 0.13
CA GLY A 26 -5.82 -14.87 0.03
C GLY A 26 -5.76 -15.84 -1.15
N GLN A 27 -6.64 -15.70 -2.10
CA GLN A 27 -6.63 -16.62 -3.27
C GLN A 27 -5.58 -16.13 -4.27
N CYS A 28 -5.61 -14.87 -4.61
CA CYS A 28 -4.62 -14.33 -5.57
C CYS A 28 -3.79 -13.23 -4.89
N CYS A 29 -4.44 -12.18 -4.46
CA CYS A 29 -3.70 -11.07 -3.79
C CYS A 29 -4.60 -10.46 -2.73
N ASN A 30 -4.33 -10.73 -1.47
CA ASN A 30 -5.16 -10.16 -0.37
C ASN A 30 -5.08 -11.07 0.85
N GLU A 31 -4.59 -10.56 1.94
CA GLU A 31 -4.48 -11.38 3.18
C GLU A 31 -4.15 -10.45 4.36
N PHE A 32 -4.17 -10.97 5.55
CA PHE A 32 -3.87 -10.11 6.73
C PHE A 32 -2.60 -9.30 6.47
N ILE A 33 -1.47 -9.76 6.94
CA ILE A 33 -0.21 -8.99 6.72
C ILE A 33 -0.43 -7.54 7.12
N MET A 34 -0.87 -6.70 6.22
CA MET A 34 -1.09 -5.27 6.61
C MET A 34 -2.24 -4.67 5.82
N GLU A 35 -3.29 -4.27 6.49
CA GLU A 35 -4.46 -3.67 5.81
C GLU A 35 -4.99 -2.53 6.66
N GLY A 36 -4.81 -1.29 6.25
CA GLY A 36 -5.31 -0.16 7.08
C GLY A 36 -4.99 1.17 6.42
N THR A 37 -3.97 1.84 6.88
CA THR A 37 -3.63 3.17 6.29
C THR A 37 -2.13 3.40 6.30
N LEU A 38 -1.60 3.91 5.22
CA LEU A 38 -0.15 4.21 5.14
C LEU A 38 0.04 5.41 4.22
N THR A 39 1.05 6.19 4.43
CA THR A 39 1.24 7.41 3.59
C THR A 39 2.21 7.15 2.44
N ARG A 40 2.04 7.84 1.35
CA ARG A 40 2.95 7.68 0.19
C ARG A 40 3.94 8.85 0.22
N VAL A 41 5.00 8.71 0.96
CA VAL A 41 6.01 9.81 1.06
C VAL A 41 6.17 10.50 -0.30
N GLY A 42 6.09 11.80 -0.33
CA GLY A 42 6.23 12.53 -1.61
C GLY A 42 4.94 13.32 -1.87
N ALA A 43 3.88 12.99 -1.17
CA ALA A 43 2.60 13.71 -1.35
C ALA A 43 2.32 14.56 -0.11
N LYS A 44 1.07 14.74 0.23
CA LYS A 44 0.74 15.56 1.42
C LYS A 44 -0.59 15.08 2.01
N HIS A 45 -0.82 13.80 2.03
CA HIS A 45 -2.10 13.27 2.58
C HIS A 45 -2.11 11.75 2.43
N GLU A 46 -1.79 11.04 3.48
CA GLU A 46 -1.79 9.55 3.41
C GLU A 46 -3.06 9.07 2.70
N ARG A 47 -3.12 7.80 2.39
CA ARG A 47 -4.32 7.26 1.70
C ARG A 47 -4.53 5.80 2.11
N HIS A 48 -5.71 5.27 1.90
CA HIS A 48 -5.96 3.85 2.28
C HIS A 48 -4.90 2.97 1.63
N ILE A 49 -4.53 1.89 2.26
CA ILE A 49 -3.49 1.00 1.67
C ILE A 49 -3.84 -0.47 1.92
N PHE A 50 -3.34 -1.34 1.09
CA PHE A 50 -3.62 -2.79 1.28
C PHE A 50 -2.37 -3.59 0.87
N LEU A 51 -1.58 -3.99 1.82
CA LEU A 51 -0.35 -4.77 1.49
C LEU A 51 -0.65 -6.26 1.65
N PHE A 52 -0.79 -6.96 0.55
CA PHE A 52 -1.08 -8.41 0.62
C PHE A 52 0.25 -9.18 0.66
N ASP A 53 0.74 -9.52 1.81
CA ASP A 53 2.01 -10.28 1.89
C ASP A 53 3.05 -9.71 0.90
N GLY A 54 3.03 -10.16 -0.32
CA GLY A 54 4.03 -9.65 -1.31
C GLY A 54 3.36 -8.74 -2.34
N LEU A 55 2.43 -7.90 -1.92
CA LEU A 55 1.77 -7.00 -2.90
C LEU A 55 1.41 -5.68 -2.22
N MET A 56 1.43 -4.61 -2.95
CA MET A 56 1.10 -3.29 -2.34
C MET A 56 -0.08 -2.66 -3.10
N ILE A 57 -0.97 -2.02 -2.40
CA ILE A 57 -2.14 -1.39 -3.08
C ILE A 57 -2.43 -0.04 -2.42
N CYS A 58 -3.14 0.80 -3.10
CA CYS A 58 -3.46 2.14 -2.53
C CYS A 58 -4.83 2.60 -3.04
N CYS A 59 -5.56 3.33 -2.24
CA CYS A 59 -6.91 3.81 -2.67
C CYS A 59 -7.18 5.19 -2.07
N LYS A 60 -7.93 6.01 -2.76
CA LYS A 60 -8.24 7.36 -2.23
C LYS A 60 -9.66 7.76 -2.63
N SER A 61 -10.64 7.01 -2.21
CA SER A 61 -12.04 7.34 -2.57
C SER A 61 -12.99 6.64 -1.60
N ASN A 62 -14.17 6.28 -2.05
CA ASN A 62 -15.13 5.60 -1.15
C ASN A 62 -14.54 4.27 -0.68
N HIS A 63 -14.11 4.21 0.56
CA HIS A 63 -13.51 2.94 1.08
C HIS A 63 -14.32 2.45 2.28
N GLY A 64 -15.33 1.66 2.04
CA GLY A 64 -16.17 1.16 3.17
C GLY A 64 -17.58 1.74 3.06
N GLN A 65 -18.39 1.50 4.06
CA GLN A 65 -19.79 2.02 4.02
C GLN A 65 -19.75 3.56 4.06
N PRO A 66 -20.72 4.17 3.43
CA PRO A 66 -20.83 5.64 3.36
C PRO A 66 -21.41 6.18 4.68
N ARG A 67 -21.12 7.41 5.00
CA ARG A 67 -21.65 7.99 6.26
C ARG A 67 -23.12 8.38 6.06
N LEU A 68 -23.40 9.26 5.13
CA LEU A 68 -24.79 9.68 4.90
C LEU A 68 -25.72 8.46 4.93
N PRO A 69 -26.89 8.64 5.47
CA PRO A 69 -27.89 7.56 5.58
C PRO A 69 -28.60 7.37 4.24
N GLY A 70 -28.81 6.15 3.85
CA GLY A 70 -29.49 5.88 2.55
C GLY A 70 -28.44 5.68 1.46
N ALA A 71 -27.39 6.45 1.47
CA ALA A 71 -26.33 6.30 0.43
C ALA A 71 -26.99 6.15 -0.94
N SER A 72 -27.48 7.23 -1.50
CA SER A 72 -28.12 7.14 -2.84
C SER A 72 -27.08 7.36 -3.93
N SER A 73 -26.01 8.04 -3.61
CA SER A 73 -24.95 8.29 -4.64
C SER A 73 -23.94 7.14 -4.61
N ALA A 74 -23.17 7.00 -5.65
CA ALA A 74 -22.17 5.90 -5.70
C ALA A 74 -21.08 6.24 -6.72
N GLU A 75 -19.86 6.41 -6.28
CA GLU A 75 -18.77 6.75 -7.23
C GLU A 75 -17.46 6.14 -6.73
N TYR A 76 -16.70 5.55 -7.61
CA TYR A 76 -15.40 4.95 -7.19
C TYR A 76 -14.25 5.79 -7.73
N ARG A 77 -13.03 5.41 -7.45
CA ARG A 77 -11.87 6.19 -7.96
C ARG A 77 -10.61 5.32 -7.92
N LEU A 78 -10.39 4.61 -6.84
CA LEU A 78 -9.18 3.75 -6.75
C LEU A 78 -7.92 4.61 -6.91
N LYS A 79 -6.81 4.15 -6.42
CA LYS A 79 -5.56 4.94 -6.55
C LYS A 79 -4.56 4.20 -7.45
N GLU A 80 -3.70 3.41 -6.88
CA GLU A 80 -2.71 2.67 -7.71
C GLU A 80 -2.41 1.31 -7.08
N LYS A 81 -1.75 0.45 -7.80
CA LYS A 81 -1.41 -0.89 -7.24
C LYS A 81 -0.10 -1.39 -7.85
N PHE A 82 0.77 -1.94 -7.05
CA PHE A 82 2.06 -2.45 -7.58
C PHE A 82 2.36 -3.83 -6.99
N PHE A 83 3.46 -4.41 -7.37
CA PHE A 83 3.81 -5.75 -6.84
C PHE A 83 4.83 -5.58 -5.71
N MET A 84 4.74 -6.38 -4.69
CA MET A 84 5.71 -6.25 -3.56
C MET A 84 6.33 -7.62 -3.25
N ARG A 85 6.95 -8.24 -4.21
CA ARG A 85 7.57 -9.57 -3.95
C ARG A 85 9.05 -9.53 -4.36
N LYS A 86 9.41 -8.63 -5.22
CA LYS A 86 10.83 -8.53 -5.64
C LYS A 86 11.39 -7.22 -5.11
N VAL A 87 10.86 -6.76 -4.02
CA VAL A 87 11.33 -5.48 -3.45
C VAL A 87 11.80 -5.68 -1.99
N GLN A 88 12.58 -4.78 -1.49
CA GLN A 88 13.07 -4.90 -0.09
C GLN A 88 12.91 -3.55 0.62
N ILE A 89 12.66 -3.57 1.90
CA ILE A 89 12.48 -2.30 2.65
C ILE A 89 13.83 -1.83 3.19
N ASN A 90 14.12 -0.56 3.07
CA ASN A 90 15.42 -0.04 3.56
C ASN A 90 15.17 0.99 4.68
N ASP A 91 15.24 0.57 5.91
CA ASP A 91 15.01 1.53 7.02
C ASP A 91 16.33 2.22 7.38
N LYS A 92 16.85 3.01 6.48
CA LYS A 92 18.14 3.71 6.75
C LYS A 92 17.87 5.18 7.09
N ASP A 93 17.83 5.50 8.37
CA ASP A 93 17.59 6.91 8.81
C ASP A 93 16.72 7.66 7.80
N ASP A 94 15.43 7.45 7.85
CA ASP A 94 14.52 8.16 6.89
C ASP A 94 14.57 9.66 7.16
N THR A 95 14.83 10.05 8.39
CA THR A 95 14.89 11.49 8.71
C THR A 95 16.09 11.75 9.63
N SER A 96 16.86 12.77 9.36
CA SER A 96 18.02 13.08 10.23
C SER A 96 17.57 13.06 11.68
N GLU A 97 16.31 13.26 11.92
CA GLU A 97 15.80 13.25 13.32
C GLU A 97 15.86 11.82 13.87
N TYR A 98 15.33 10.88 13.14
CA TYR A 98 15.36 9.46 13.61
C TYR A 98 14.45 8.60 12.72
N LYS A 99 14.01 7.48 13.22
CA LYS A 99 13.12 6.61 12.39
C LYS A 99 11.86 7.38 12.00
N HIS A 100 11.41 7.22 10.79
CA HIS A 100 10.19 7.95 10.35
C HIS A 100 9.38 7.08 9.39
N ALA A 101 10.03 6.47 8.43
CA ALA A 101 9.29 5.61 7.47
C ALA A 101 10.20 4.50 6.97
N PHE A 102 9.94 3.98 5.80
CA PHE A 102 10.80 2.89 5.25
C PHE A 102 10.79 3.02 3.73
N GLU A 103 11.94 3.00 3.11
CA GLU A 103 11.97 3.15 1.64
C GLU A 103 12.19 1.81 0.96
N ILE A 104 11.15 1.26 0.42
CA ILE A 104 11.27 -0.03 -0.31
C ILE A 104 11.59 0.31 -1.76
N ILE A 105 12.11 -0.60 -2.53
CA ILE A 105 12.43 -0.28 -3.94
C ILE A 105 12.06 -1.43 -4.87
N LEU A 106 11.72 -1.12 -6.08
CA LEU A 106 11.39 -2.18 -7.06
C LEU A 106 12.69 -2.55 -7.75
N LYS A 107 12.75 -3.67 -8.37
CA LYS A 107 14.02 -4.04 -9.06
C LYS A 107 13.88 -3.71 -10.54
N ASP A 108 12.93 -2.90 -10.89
CA ASP A 108 12.73 -2.54 -12.31
C ASP A 108 13.17 -1.09 -12.53
N GLY A 109 12.67 -0.18 -11.73
CA GLY A 109 13.09 1.24 -11.89
C GLY A 109 12.20 2.17 -11.06
N ASN A 110 11.63 1.70 -9.98
CA ASN A 110 10.78 2.60 -9.15
C ASN A 110 11.13 2.41 -7.68
N SER A 111 10.44 3.07 -6.80
CA SER A 111 10.74 2.93 -5.35
C SER A 111 9.44 3.05 -4.55
N VAL A 112 9.18 2.10 -3.69
CA VAL A 112 7.93 2.16 -2.87
C VAL A 112 8.25 2.69 -1.48
N ILE A 113 8.26 4.00 -1.31
CA ILE A 113 8.56 4.56 0.05
C ILE A 113 7.29 5.13 0.66
N PHE A 114 6.95 4.68 1.84
CA PHE A 114 5.71 5.20 2.51
C PHE A 114 6.02 5.52 3.97
N SER A 115 5.04 5.95 4.72
CA SER A 115 5.29 6.28 6.16
C SER A 115 4.00 6.05 6.94
N ALA A 116 4.04 5.27 7.99
CA ALA A 116 2.80 5.02 8.77
C ALA A 116 2.48 6.23 9.65
N LYS A 117 1.21 6.52 9.81
CA LYS A 117 0.81 7.67 10.66
C LYS A 117 0.77 7.24 12.13
N SER A 118 1.77 6.51 12.57
CA SER A 118 1.80 6.06 13.99
C SER A 118 3.12 5.34 14.25
N ALA A 119 3.28 4.78 15.42
CA ALA A 119 4.56 4.06 15.72
C ALA A 119 4.43 2.60 15.32
N GLU A 120 3.42 1.94 15.82
CA GLU A 120 3.22 0.50 15.46
C GLU A 120 2.90 0.39 13.98
N GLU A 121 2.12 1.28 13.45
CA GLU A 121 1.77 1.21 12.00
C GLU A 121 3.03 1.36 11.16
N LYS A 122 3.97 2.15 11.61
CA LYS A 122 5.24 2.32 10.84
C LYS A 122 5.97 0.98 10.76
N ASN A 123 6.19 0.35 11.88
CA ASN A 123 6.88 -0.96 11.88
C ASN A 123 5.93 -2.05 11.37
N ASN A 124 4.69 -1.73 11.21
CA ASN A 124 3.71 -2.75 10.72
C ASN A 124 3.96 -3.04 9.25
N TRP A 125 3.79 -2.08 8.38
CA TRP A 125 4.01 -2.34 6.95
C TRP A 125 5.48 -2.70 6.70
N MET A 126 6.38 -2.08 7.41
CA MET A 126 7.82 -2.38 7.23
C MET A 126 8.09 -3.84 7.60
N ALA A 127 7.45 -4.35 8.62
CA ALA A 127 7.71 -5.75 9.02
C ALA A 127 7.02 -6.72 8.06
N ALA A 128 5.85 -6.38 7.58
CA ALA A 128 5.14 -7.29 6.64
C ALA A 128 5.98 -7.47 5.38
N LEU A 129 6.87 -6.55 5.12
CA LEU A 129 7.72 -6.68 3.90
C LEU A 129 8.86 -7.67 4.17
N ILE A 130 9.75 -7.32 5.05
CA ILE A 130 10.87 -8.24 5.36
C ILE A 130 10.33 -9.49 6.04
N SER A 131 9.08 -9.50 6.40
CA SER A 131 8.50 -10.69 7.06
C SER A 131 8.15 -11.72 5.98
N LEU A 132 7.63 -11.28 4.88
CA LEU A 132 7.27 -12.23 3.80
C LEU A 132 8.47 -12.44 2.88
N GLN A 133 9.49 -11.65 3.03
CA GLN A 133 10.69 -11.79 2.15
C GLN A 133 11.38 -13.13 2.43
N TYR A 134 11.59 -13.46 3.68
CA TYR A 134 12.28 -14.75 3.99
C TYR A 134 11.37 -15.92 3.62
N ARG A 135 10.15 -15.92 4.06
CA ARG A 135 9.23 -17.04 3.71
C ARG A 135 9.01 -17.07 2.21
N SER A 136 8.31 -16.09 1.70
CA SER A 136 8.05 -16.02 0.24
C SER A 136 9.36 -15.76 -0.51
N SER A 2 -10.03 -3.78 -20.99
CA SER A 2 -9.95 -5.00 -21.84
C SER A 2 -8.98 -5.99 -21.21
N LYS A 3 -7.71 -5.67 -21.21
CA LYS A 3 -6.72 -6.61 -20.60
C LYS A 3 -6.52 -6.27 -19.12
N GLN A 4 -7.60 -6.05 -18.42
CA GLN A 4 -7.48 -5.73 -16.98
C GLN A 4 -7.50 -7.01 -16.16
N LEU A 5 -7.03 -8.10 -16.73
CA LEU A 5 -7.02 -9.38 -15.99
C LEU A 5 -6.26 -9.21 -14.67
N ALA A 6 -5.32 -8.29 -14.63
CA ALA A 6 -4.55 -8.07 -13.38
C ALA A 6 -5.33 -7.10 -12.48
N ILE A 7 -5.97 -6.13 -13.06
CA ILE A 7 -6.75 -5.17 -12.25
C ILE A 7 -8.05 -5.84 -11.79
N LYS A 8 -8.35 -7.00 -12.33
CA LYS A 8 -9.59 -7.70 -11.92
C LYS A 8 -9.37 -8.29 -10.53
N LYS A 9 -8.15 -8.63 -10.21
CA LYS A 9 -7.86 -9.21 -8.87
C LYS A 9 -8.16 -8.14 -7.81
N MET A 10 -7.42 -7.07 -7.80
CA MET A 10 -7.65 -6.00 -6.79
C MET A 10 -9.15 -5.74 -6.65
N ASN A 11 -9.88 -5.75 -7.74
CA ASN A 11 -11.34 -5.51 -7.65
C ASN A 11 -12.00 -6.57 -6.77
N GLU A 12 -11.86 -7.82 -7.14
CA GLU A 12 -12.45 -8.91 -6.32
C GLU A 12 -11.74 -8.98 -4.96
N ILE A 13 -10.68 -8.25 -4.80
CA ILE A 13 -9.94 -8.28 -3.51
C ILE A 13 -10.50 -7.20 -2.59
N GLN A 14 -11.03 -6.15 -3.16
CA GLN A 14 -11.60 -5.06 -2.32
C GLN A 14 -13.11 -5.30 -2.16
N LYS A 15 -13.65 -6.22 -2.91
CA LYS A 15 -15.11 -6.48 -2.83
C LYS A 15 -15.36 -7.87 -2.26
N ASN A 16 -14.46 -8.78 -2.47
CA ASN A 16 -14.67 -10.15 -1.94
C ASN A 16 -14.24 -10.20 -0.47
N ILE A 17 -13.67 -9.14 0.02
CA ILE A 17 -13.23 -9.10 1.44
C ILE A 17 -13.19 -7.65 1.96
N ASP A 18 -13.55 -6.69 1.13
CA ASP A 18 -13.51 -5.28 1.60
C ASP A 18 -12.06 -4.84 1.79
N GLY A 19 -11.79 -4.04 2.78
CA GLY A 19 -10.39 -3.58 3.02
C GLY A 19 -10.21 -3.33 4.51
N TRP A 20 -9.74 -4.32 5.23
CA TRP A 20 -9.55 -4.14 6.70
C TRP A 20 -8.28 -4.85 7.16
N GLU A 21 -8.00 -4.85 8.43
CA GLU A 21 -6.78 -5.54 8.95
C GLU A 21 -7.16 -6.48 10.08
N GLY A 22 -7.98 -7.45 9.81
CA GLY A 22 -8.38 -8.41 10.88
C GLY A 22 -8.28 -9.84 10.36
N LYS A 23 -8.97 -10.14 9.29
CA LYS A 23 -8.91 -11.52 8.73
C LYS A 23 -9.41 -11.50 7.29
N ASP A 24 -8.69 -10.88 6.40
CA ASP A 24 -9.13 -10.82 4.98
C ASP A 24 -9.01 -12.22 4.36
N ILE A 25 -9.07 -12.31 3.05
CA ILE A 25 -8.97 -13.63 2.39
C ILE A 25 -7.65 -14.29 2.81
N GLY A 26 -6.54 -13.80 2.33
CA GLY A 26 -5.23 -14.39 2.70
C GLY A 26 -4.91 -15.54 1.74
N GLN A 27 -5.66 -16.62 1.83
CA GLN A 27 -5.39 -17.77 0.92
C GLN A 27 -5.12 -17.26 -0.49
N CYS A 28 -5.90 -16.32 -0.94
CA CYS A 28 -5.69 -15.77 -2.31
C CYS A 28 -4.67 -14.63 -2.25
N CYS A 29 -5.10 -13.44 -1.93
CA CYS A 29 -4.14 -12.31 -1.85
C CYS A 29 -4.79 -11.14 -1.10
N ASN A 30 -4.63 -11.10 0.20
CA ASN A 30 -5.24 -9.97 0.97
C ASN A 30 -4.81 -10.07 2.45
N GLU A 31 -5.40 -10.96 3.20
CA GLU A 31 -5.04 -11.10 4.64
C GLU A 31 -4.88 -9.71 5.26
N PHE A 32 -4.32 -9.62 6.44
CA PHE A 32 -4.16 -8.29 7.09
C PHE A 32 -2.69 -7.85 7.01
N ILE A 33 -1.94 -8.43 6.11
CA ILE A 33 -0.51 -8.05 5.99
C ILE A 33 -0.38 -6.54 6.08
N MET A 34 -0.97 -5.81 5.16
CA MET A 34 -0.87 -4.33 5.22
C MET A 34 -2.18 -3.70 4.76
N GLU A 35 -3.18 -3.69 5.60
CA GLU A 35 -4.46 -3.08 5.20
C GLU A 35 -4.83 -1.97 6.19
N GLY A 36 -4.56 -0.74 5.84
CA GLY A 36 -4.90 0.36 6.78
C GLY A 36 -4.59 1.71 6.13
N THR A 37 -3.54 2.37 6.56
CA THR A 37 -3.20 3.69 5.98
C THR A 37 -1.69 3.88 5.94
N LEU A 38 -1.16 4.33 4.84
CA LEU A 38 0.31 4.55 4.73
C LEU A 38 0.55 5.73 3.80
N THR A 39 1.60 6.46 4.01
CA THR A 39 1.88 7.64 3.15
C THR A 39 3.09 7.40 2.25
N ARG A 40 3.58 8.43 1.62
CA ARG A 40 4.77 8.28 0.73
C ARG A 40 5.94 9.03 1.37
N VAL A 41 6.11 8.90 2.65
CA VAL A 41 7.22 9.60 3.36
C VAL A 41 7.35 11.04 2.84
N GLY A 42 6.30 11.56 2.31
CA GLY A 42 6.33 12.95 1.78
C GLY A 42 4.93 13.35 1.34
N ALA A 43 3.99 13.30 2.24
CA ALA A 43 2.58 13.65 1.88
C ALA A 43 1.92 14.34 3.06
N LYS A 44 1.13 15.36 2.80
CA LYS A 44 0.43 16.07 3.91
C LYS A 44 -0.87 15.34 4.23
N HIS A 45 -1.04 14.15 3.71
CA HIS A 45 -2.28 13.38 3.97
C HIS A 45 -2.18 12.04 3.25
N GLU A 46 -1.71 11.03 3.92
CA GLU A 46 -1.57 9.70 3.27
C GLU A 46 -2.91 9.26 2.68
N ARG A 47 -3.03 8.02 2.31
CA ARG A 47 -4.30 7.52 1.71
C ARG A 47 -4.56 6.09 2.18
N HIS A 48 -5.77 5.61 2.05
CA HIS A 48 -6.06 4.23 2.49
C HIS A 48 -5.24 3.26 1.64
N ILE A 49 -4.21 2.66 2.22
CA ILE A 49 -3.35 1.74 1.43
C ILE A 49 -3.80 0.28 1.62
N PHE A 50 -3.42 -0.56 0.71
CA PHE A 50 -3.77 -2.00 0.80
C PHE A 50 -2.58 -2.80 0.25
N LEU A 51 -2.16 -3.83 0.93
CA LEU A 51 -0.99 -4.58 0.41
C LEU A 51 -1.05 -6.05 0.81
N PHE A 52 -1.15 -6.92 -0.14
CA PHE A 52 -1.16 -8.36 0.17
C PHE A 52 0.28 -8.85 0.10
N ASP A 53 0.74 -9.52 1.14
CA ASP A 53 2.15 -10.02 1.18
C ASP A 53 2.73 -10.20 -0.24
N GLY A 54 1.98 -10.77 -1.13
CA GLY A 54 2.51 -10.97 -2.52
C GLY A 54 2.10 -9.81 -3.44
N LEU A 55 0.92 -9.28 -3.26
CA LEU A 55 0.48 -8.16 -4.15
C LEU A 55 0.59 -6.82 -3.42
N MET A 56 0.73 -5.75 -4.15
CA MET A 56 0.84 -4.40 -3.52
C MET A 56 -0.38 -3.57 -3.93
N ILE A 57 -0.87 -2.73 -3.07
CA ILE A 57 -2.05 -1.91 -3.45
C ILE A 57 -2.05 -0.57 -2.71
N CYS A 58 -2.77 0.38 -3.23
CA CYS A 58 -2.85 1.73 -2.59
C CYS A 58 -4.21 2.35 -2.92
N CYS A 59 -4.75 3.13 -2.04
CA CYS A 59 -6.09 3.74 -2.31
C CYS A 59 -6.21 5.09 -1.59
N LYS A 60 -7.01 5.97 -2.12
CA LYS A 60 -7.19 7.30 -1.48
C LYS A 60 -8.67 7.71 -1.57
N SER A 61 -9.26 7.56 -2.71
CA SER A 61 -10.69 7.93 -2.87
C SER A 61 -10.82 9.46 -2.91
N ASN A 62 -12.00 9.95 -3.20
CA ASN A 62 -12.18 11.43 -3.25
C ASN A 62 -11.41 12.00 -4.44
N HIS A 63 -11.47 11.37 -5.58
CA HIS A 63 -10.73 11.87 -6.77
C HIS A 63 -11.12 13.33 -7.01
N GLY A 64 -12.39 13.65 -6.92
CA GLY A 64 -12.83 15.06 -7.14
C GLY A 64 -13.18 15.26 -8.61
N GLN A 65 -14.16 16.08 -8.89
CA GLN A 65 -14.55 16.32 -10.30
C GLN A 65 -14.06 17.71 -10.74
N PRO A 66 -12.99 17.73 -11.49
CA PRO A 66 -12.39 18.98 -11.99
C PRO A 66 -13.20 19.52 -13.17
N ARG A 67 -12.85 19.13 -14.37
CA ARG A 67 -13.60 19.62 -15.55
C ARG A 67 -14.87 18.80 -15.75
N LEU A 68 -14.75 17.49 -15.73
CA LEU A 68 -15.95 16.63 -15.91
C LEU A 68 -15.57 15.17 -15.65
N PRO A 69 -16.53 14.42 -15.15
CA PRO A 69 -16.33 13.00 -14.84
C PRO A 69 -16.38 12.16 -16.12
N GLY A 70 -15.85 10.97 -16.09
CA GLY A 70 -15.87 10.11 -17.30
C GLY A 70 -14.45 9.99 -17.87
N ALA A 71 -13.66 11.02 -17.72
CA ALA A 71 -12.27 10.97 -18.24
C ALA A 71 -11.60 9.67 -17.81
N SER A 72 -11.64 9.37 -16.54
CA SER A 72 -11.00 8.11 -16.05
C SER A 72 -12.01 6.96 -16.16
N SER A 73 -11.68 5.82 -15.62
CA SER A 73 -12.62 4.66 -15.69
C SER A 73 -13.04 4.27 -14.28
N ALA A 74 -12.11 4.12 -13.39
CA ALA A 74 -12.46 3.72 -12.00
C ALA A 74 -12.79 4.98 -11.18
N GLU A 75 -14.03 5.17 -10.85
CA GLU A 75 -14.40 6.37 -10.05
C GLU A 75 -14.49 6.00 -8.57
N TYR A 76 -13.94 6.82 -7.72
CA TYR A 76 -13.99 6.52 -6.25
C TYR A 76 -13.09 5.31 -5.96
N ARG A 77 -12.32 5.38 -4.91
CA ARG A 77 -11.43 4.23 -4.57
C ARG A 77 -10.63 3.82 -5.80
N LEU A 78 -9.86 2.78 -5.71
CA LEU A 78 -9.06 2.32 -6.89
C LEU A 78 -8.00 3.37 -7.21
N LYS A 79 -6.84 3.27 -6.62
CA LYS A 79 -5.76 4.26 -6.91
C LYS A 79 -4.68 3.60 -7.76
N GLU A 80 -3.72 2.96 -7.13
CA GLU A 80 -2.63 2.31 -7.91
C GLU A 80 -2.35 0.93 -7.33
N LYS A 81 -1.62 0.11 -8.05
CA LYS A 81 -1.32 -1.26 -7.55
C LYS A 81 0.04 -1.72 -8.10
N PHE A 82 0.67 -2.66 -7.44
CA PHE A 82 1.99 -3.15 -7.93
C PHE A 82 2.17 -4.61 -7.53
N PHE A 83 3.35 -5.14 -7.69
CA PHE A 83 3.60 -6.56 -7.32
C PHE A 83 4.56 -6.60 -6.12
N MET A 84 4.04 -6.83 -4.95
CA MET A 84 4.91 -6.86 -3.74
C MET A 84 5.43 -8.28 -3.49
N ARG A 85 6.52 -8.63 -4.09
CA ARG A 85 7.08 -10.00 -3.87
C ARG A 85 8.60 -9.94 -3.83
N LYS A 86 9.18 -9.08 -4.61
CA LYS A 86 10.66 -8.95 -4.60
C LYS A 86 10.99 -7.58 -4.01
N VAL A 87 10.21 -7.17 -3.06
CA VAL A 87 10.45 -5.84 -2.42
C VAL A 87 11.40 -5.98 -1.24
N GLN A 88 11.99 -4.88 -0.84
CA GLN A 88 12.94 -4.91 0.31
C GLN A 88 12.90 -3.55 1.02
N ILE A 89 12.54 -3.54 2.27
CA ILE A 89 12.45 -2.26 3.02
C ILE A 89 13.80 -1.93 3.67
N ASN A 90 14.19 -0.68 3.62
CA ASN A 90 15.49 -0.28 4.24
C ASN A 90 15.21 0.77 5.32
N ASP A 91 15.05 0.34 6.54
CA ASP A 91 14.78 1.31 7.64
C ASP A 91 15.76 2.48 7.56
N LYS A 92 15.50 3.52 8.30
CA LYS A 92 16.42 4.70 8.26
C LYS A 92 17.21 4.77 9.59
N ASP A 93 16.60 5.29 10.62
CA ASP A 93 17.30 5.38 11.93
C ASP A 93 16.31 5.08 13.05
N ASP A 94 15.97 3.84 13.23
CA ASP A 94 15.01 3.47 14.31
C ASP A 94 15.59 3.83 15.68
N THR A 95 14.78 4.42 16.53
CA THR A 95 15.29 4.79 17.88
C THR A 95 14.27 4.37 18.94
N SER A 96 14.72 3.74 19.98
CA SER A 96 13.77 3.31 21.06
C SER A 96 12.82 4.47 21.35
N GLU A 97 13.25 5.68 21.10
CA GLU A 97 12.37 6.85 21.38
C GLU A 97 11.25 6.91 20.32
N TYR A 98 11.61 6.89 19.07
CA TYR A 98 10.57 6.95 18.00
C TYR A 98 11.20 6.60 16.66
N LYS A 99 10.45 6.72 15.59
CA LYS A 99 11.01 6.40 14.25
C LYS A 99 10.48 7.38 13.21
N HIS A 100 10.53 7.03 11.96
CA HIS A 100 10.02 7.96 10.90
C HIS A 100 9.28 7.15 9.83
N ALA A 101 9.99 6.59 8.89
CA ALA A 101 9.33 5.79 7.82
C ALA A 101 10.26 4.67 7.36
N PHE A 102 10.11 4.26 6.12
CA PHE A 102 10.98 3.17 5.59
C PHE A 102 11.12 3.38 4.08
N GLU A 103 12.23 2.99 3.52
CA GLU A 103 12.41 3.18 2.06
C GLU A 103 12.55 1.84 1.36
N ILE A 104 11.48 1.38 0.77
CA ILE A 104 11.52 0.10 0.04
C ILE A 104 11.91 0.39 -1.41
N ILE A 105 12.38 -0.59 -2.13
CA ILE A 105 12.77 -0.32 -3.54
C ILE A 105 12.21 -1.41 -4.45
N LEU A 106 11.91 -1.06 -5.66
CA LEU A 106 11.42 -2.07 -6.62
C LEU A 106 12.64 -2.67 -7.30
N LYS A 107 12.53 -3.82 -7.88
CA LYS A 107 13.71 -4.39 -8.54
C LYS A 107 13.65 -4.05 -10.04
N ASP A 108 12.84 -3.07 -10.39
CA ASP A 108 12.72 -2.69 -11.81
C ASP A 108 13.39 -1.32 -12.01
N GLY A 109 13.04 -0.36 -11.21
CA GLY A 109 13.67 0.98 -11.36
C GLY A 109 12.91 2.05 -10.58
N ASN A 110 12.26 1.69 -9.49
CA ASN A 110 11.52 2.71 -8.71
C ASN A 110 11.79 2.49 -7.22
N SER A 111 11.09 3.19 -6.37
CA SER A 111 11.31 3.02 -4.91
C SER A 111 9.99 3.13 -4.17
N VAL A 112 9.67 2.15 -3.38
CA VAL A 112 8.38 2.19 -2.62
C VAL A 112 8.62 2.82 -1.23
N ILE A 113 8.85 4.10 -1.18
CA ILE A 113 9.10 4.76 0.13
C ILE A 113 7.78 5.29 0.70
N PHE A 114 7.40 4.84 1.87
CA PHE A 114 6.12 5.32 2.48
C PHE A 114 6.33 5.60 3.97
N SER A 115 5.32 6.14 4.64
CA SER A 115 5.48 6.44 6.09
C SER A 115 4.13 6.26 6.80
N ALA A 116 4.08 5.38 7.78
CA ALA A 116 2.78 5.16 8.50
C ALA A 116 2.55 6.30 9.49
N LYS A 117 1.33 6.75 9.60
CA LYS A 117 1.01 7.86 10.54
C LYS A 117 0.79 7.30 11.95
N SER A 118 1.63 6.40 12.38
CA SER A 118 1.47 5.82 13.74
C SER A 118 2.73 5.02 14.10
N ALA A 119 2.74 4.38 15.23
CA ALA A 119 3.93 3.58 15.62
C ALA A 119 3.76 2.15 15.11
N GLU A 120 2.65 1.53 15.42
CA GLU A 120 2.42 0.14 14.95
C GLU A 120 2.22 0.16 13.44
N GLU A 121 1.55 1.15 12.93
CA GLU A 121 1.32 1.22 11.46
C GLU A 121 2.69 1.36 10.76
N LYS A 122 3.58 2.10 11.34
CA LYS A 122 4.93 2.26 10.73
C LYS A 122 5.62 0.90 10.65
N ASN A 123 5.81 0.27 11.78
CA ASN A 123 6.46 -1.07 11.79
C ASN A 123 5.52 -2.10 11.16
N ASN A 124 4.29 -1.73 10.91
CA ASN A 124 3.33 -2.70 10.31
C ASN A 124 3.69 -2.95 8.84
N TRP A 125 3.65 -1.93 8.02
CA TRP A 125 3.98 -2.14 6.59
C TRP A 125 5.45 -2.51 6.46
N MET A 126 6.29 -1.91 7.26
CA MET A 126 7.74 -2.23 7.21
C MET A 126 7.94 -3.71 7.55
N ALA A 127 7.16 -4.24 8.45
CA ALA A 127 7.33 -5.67 8.83
C ALA A 127 6.66 -6.57 7.78
N ALA A 128 5.65 -6.10 7.13
CA ALA A 128 4.96 -6.93 6.10
C ALA A 128 5.93 -7.14 4.93
N LEU A 129 6.92 -6.31 4.81
CA LEU A 129 7.90 -6.47 3.71
C LEU A 129 8.96 -7.48 4.11
N ILE A 130 9.75 -7.16 5.10
CA ILE A 130 10.79 -8.10 5.55
C ILE A 130 10.11 -9.36 6.09
N SER A 131 8.82 -9.31 6.29
CA SER A 131 8.10 -10.52 6.78
C SER A 131 8.15 -11.58 5.69
N LEU A 132 8.06 -11.16 4.45
CA LEU A 132 8.11 -12.14 3.32
C LEU A 132 9.56 -12.29 2.87
N GLN A 133 10.38 -11.33 3.16
CA GLN A 133 11.81 -11.40 2.76
C GLN A 133 12.42 -12.73 3.19
N TYR A 134 12.09 -13.19 4.37
CA TYR A 134 12.68 -14.47 4.85
C TYR A 134 12.63 -15.53 3.74
N ARG A 135 11.54 -15.60 3.03
CA ARG A 135 11.44 -16.58 1.91
C ARG A 135 10.06 -16.48 1.26
N SER A 136 9.05 -16.98 1.91
CA SER A 136 7.68 -16.91 1.33
C SER A 136 6.95 -15.67 1.84
N SER A 2 -6.96 -0.29 -20.98
CA SER A 2 -8.11 -1.12 -21.46
C SER A 2 -7.90 -2.58 -21.04
N LYS A 3 -6.69 -3.06 -21.12
CA LYS A 3 -6.43 -4.47 -20.72
C LYS A 3 -6.12 -4.54 -19.22
N GLN A 4 -6.94 -3.92 -18.41
CA GLN A 4 -6.70 -3.95 -16.95
C GLN A 4 -7.41 -5.16 -16.35
N LEU A 5 -7.57 -6.21 -17.10
CA LEU A 5 -8.25 -7.41 -16.58
C LEU A 5 -7.53 -7.87 -15.30
N ALA A 6 -6.23 -7.75 -15.27
CA ALA A 6 -5.48 -8.16 -14.06
C ALA A 6 -5.62 -7.07 -12.99
N ILE A 7 -5.80 -5.84 -13.41
CA ILE A 7 -5.95 -4.74 -12.43
C ILE A 7 -7.40 -4.70 -11.96
N LYS A 8 -8.27 -5.44 -12.58
CA LYS A 8 -9.69 -5.45 -12.16
C LYS A 8 -9.84 -6.38 -10.95
N LYS A 9 -8.93 -7.32 -10.81
CA LYS A 9 -9.01 -8.25 -9.65
C LYS A 9 -8.85 -7.45 -8.34
N MET A 10 -7.80 -6.68 -8.24
CA MET A 10 -7.59 -5.87 -7.00
C MET A 10 -8.92 -5.25 -6.56
N ASN A 11 -9.73 -4.82 -7.49
CA ASN A 11 -11.03 -4.21 -7.11
C ASN A 11 -11.85 -5.24 -6.32
N GLU A 12 -12.12 -6.37 -6.91
CA GLU A 12 -12.91 -7.41 -6.19
C GLU A 12 -12.09 -7.94 -5.00
N ILE A 13 -10.84 -7.58 -4.94
CA ILE A 13 -9.98 -8.07 -3.82
C ILE A 13 -10.17 -7.17 -2.60
N GLN A 14 -10.39 -5.90 -2.82
CA GLN A 14 -10.61 -4.98 -1.67
C GLN A 14 -12.07 -5.07 -1.24
N LYS A 15 -12.89 -5.69 -2.04
CA LYS A 15 -14.33 -5.83 -1.71
C LYS A 15 -14.57 -7.17 -1.02
N ASN A 16 -13.96 -8.21 -1.53
CA ASN A 16 -14.16 -9.56 -0.94
C ASN A 16 -13.65 -9.58 0.50
N ILE A 17 -12.94 -8.56 0.91
CA ILE A 17 -12.42 -8.53 2.31
C ILE A 17 -12.39 -7.09 2.82
N ASP A 18 -13.04 -6.19 2.12
CA ASP A 18 -13.05 -4.77 2.57
C ASP A 18 -11.61 -4.29 2.80
N GLY A 19 -11.11 -4.46 3.99
CA GLY A 19 -9.70 -4.02 4.28
C GLY A 19 -9.37 -4.32 5.73
N TRP A 20 -9.28 -5.58 6.07
CA TRP A 20 -8.97 -5.95 7.49
C TRP A 20 -7.67 -6.77 7.54
N GLU A 21 -7.42 -7.43 8.64
CA GLU A 21 -6.19 -8.26 8.74
C GLU A 21 -6.56 -9.67 9.17
N GLY A 22 -6.83 -10.54 8.21
CA GLY A 22 -7.21 -11.93 8.57
C GLY A 22 -7.28 -12.78 7.30
N LYS A 23 -8.20 -12.47 6.42
CA LYS A 23 -8.33 -13.26 5.17
C LYS A 23 -8.03 -12.37 3.95
N ASP A 24 -6.88 -11.73 3.93
CA ASP A 24 -6.54 -10.86 2.78
C ASP A 24 -6.52 -11.71 1.51
N ILE A 25 -5.94 -11.22 0.45
CA ILE A 25 -5.90 -12.01 -0.81
C ILE A 25 -4.55 -11.80 -1.49
N GLY A 26 -3.48 -12.23 -0.87
CA GLY A 26 -2.14 -12.05 -1.48
C GLY A 26 -1.77 -13.29 -2.31
N GLN A 27 -0.52 -13.66 -2.31
CA GLN A 27 -0.10 -14.85 -3.09
C GLN A 27 -1.07 -16.01 -2.80
N CYS A 28 -1.09 -16.47 -1.58
CA CYS A 28 -2.00 -17.58 -1.23
C CYS A 28 -3.45 -17.06 -1.19
N CYS A 29 -3.61 -15.76 -1.24
CA CYS A 29 -4.97 -15.17 -1.20
C CYS A 29 -5.49 -15.17 0.24
N ASN A 30 -4.70 -14.68 1.15
CA ASN A 30 -5.13 -14.65 2.59
C ASN A 30 -3.87 -14.56 3.45
N GLU A 31 -3.62 -13.44 4.06
CA GLU A 31 -2.39 -13.32 4.89
C GLU A 31 -2.31 -11.95 5.58
N PHE A 32 -3.40 -11.24 5.70
CA PHE A 32 -3.37 -9.89 6.35
C PHE A 32 -2.08 -9.18 5.95
N ILE A 33 -1.08 -9.20 6.81
CA ILE A 33 0.23 -8.55 6.52
C ILE A 33 0.07 -7.04 6.54
N MET A 34 -0.53 -6.46 5.54
CA MET A 34 -0.69 -4.99 5.53
C MET A 34 -2.11 -4.61 5.12
N GLU A 35 -2.92 -4.18 6.05
CA GLU A 35 -4.31 -3.80 5.72
C GLU A 35 -4.73 -2.62 6.62
N GLY A 36 -4.69 -1.42 6.12
CA GLY A 36 -5.09 -0.26 6.97
C GLY A 36 -4.84 1.05 6.21
N THR A 37 -3.81 1.77 6.57
CA THR A 37 -3.54 3.07 5.90
C THR A 37 -2.03 3.32 5.83
N LEU A 38 -1.55 3.79 4.71
CA LEU A 38 -0.10 4.08 4.56
C LEU A 38 0.08 5.22 3.57
N THR A 39 1.12 5.99 3.70
CA THR A 39 1.32 7.14 2.77
C THR A 39 2.45 6.86 1.79
N ARG A 40 2.64 7.74 0.84
CA ARG A 40 3.75 7.56 -0.14
C ARG A 40 4.85 8.55 0.23
N VAL A 41 5.32 8.49 1.45
CA VAL A 41 6.39 9.42 1.90
C VAL A 41 5.77 10.80 2.16
N GLY A 42 6.39 11.59 2.99
CA GLY A 42 5.84 12.95 3.28
C GLY A 42 4.84 12.87 4.42
N ALA A 43 3.78 12.11 4.24
CA ALA A 43 2.76 11.99 5.33
C ALA A 43 1.87 13.23 5.33
N LYS A 44 1.21 13.50 6.44
CA LYS A 44 0.32 14.69 6.52
C LYS A 44 -1.02 14.38 5.83
N HIS A 45 -1.14 13.22 5.22
CA HIS A 45 -2.40 12.85 4.54
C HIS A 45 -2.15 11.63 3.66
N GLU A 46 -2.08 10.46 4.24
CA GLU A 46 -1.82 9.24 3.45
C GLU A 46 -3.11 8.79 2.74
N ARG A 47 -3.15 7.57 2.29
CA ARG A 47 -4.35 7.05 1.60
C ARG A 47 -4.59 5.61 2.00
N HIS A 48 -5.77 5.09 1.80
CA HIS A 48 -6.02 3.68 2.18
C HIS A 48 -4.97 2.80 1.48
N ILE A 49 -4.67 1.65 2.03
CA ILE A 49 -3.65 0.77 1.38
C ILE A 49 -4.01 -0.69 1.64
N PHE A 50 -3.77 -1.54 0.67
CA PHE A 50 -4.06 -2.98 0.85
C PHE A 50 -2.90 -3.78 0.25
N LEU A 51 -2.00 -4.23 1.07
CA LEU A 51 -0.84 -5.00 0.54
C LEU A 51 -0.80 -6.41 1.13
N PHE A 52 -1.02 -7.39 0.31
CA PHE A 52 -0.97 -8.79 0.80
C PHE A 52 0.46 -9.32 0.66
N ASP A 53 0.89 -10.13 1.61
CA ASP A 53 2.28 -10.69 1.57
C ASP A 53 2.82 -10.79 0.14
N GLY A 54 2.01 -11.20 -0.80
CA GLY A 54 2.52 -11.34 -2.20
C GLY A 54 2.03 -10.20 -3.09
N LEU A 55 0.84 -9.72 -2.88
CA LEU A 55 0.32 -8.62 -3.73
C LEU A 55 0.43 -7.27 -3.01
N MET A 56 0.47 -6.20 -3.75
CA MET A 56 0.55 -4.85 -3.12
C MET A 56 -0.57 -3.99 -3.68
N ILE A 57 -1.15 -3.13 -2.89
CA ILE A 57 -2.26 -2.29 -3.43
C ILE A 57 -2.31 -0.95 -2.72
N CYS A 58 -2.88 0.03 -3.36
CA CYS A 58 -2.99 1.38 -2.74
C CYS A 58 -4.24 2.09 -3.29
N CYS A 59 -4.99 2.72 -2.43
CA CYS A 59 -6.23 3.43 -2.89
C CYS A 59 -6.27 4.83 -2.28
N LYS A 60 -6.41 5.83 -3.12
CA LYS A 60 -6.47 7.23 -2.60
C LYS A 60 -7.72 7.92 -3.15
N SER A 61 -8.81 7.85 -2.43
CA SER A 61 -10.06 8.51 -2.90
C SER A 61 -9.80 9.99 -3.17
N ASN A 62 -10.25 10.50 -4.28
CA ASN A 62 -10.01 11.94 -4.59
C ASN A 62 -10.70 12.81 -3.53
N HIS A 63 -10.00 13.77 -3.01
CA HIS A 63 -10.60 14.65 -1.97
C HIS A 63 -10.63 16.10 -2.50
N GLY A 64 -11.63 16.44 -3.25
CA GLY A 64 -11.73 17.82 -3.79
C GLY A 64 -11.89 17.77 -5.31
N GLN A 65 -12.76 18.57 -5.85
CA GLN A 65 -12.97 18.57 -7.32
C GLN A 65 -11.72 19.12 -8.03
N PRO A 66 -11.59 18.78 -9.29
CA PRO A 66 -10.46 19.23 -10.11
C PRO A 66 -10.64 20.68 -10.55
N ARG A 67 -9.86 21.13 -11.49
CA ARG A 67 -9.99 22.54 -11.96
C ARG A 67 -11.27 22.69 -12.79
N LEU A 68 -11.63 21.67 -13.52
CA LEU A 68 -12.86 21.75 -14.35
C LEU A 68 -13.20 20.35 -14.88
N PRO A 69 -14.47 20.11 -15.08
CA PRO A 69 -14.97 18.82 -15.59
C PRO A 69 -14.75 18.72 -17.10
N GLY A 70 -15.01 17.57 -17.66
CA GLY A 70 -14.80 17.41 -19.13
C GLY A 70 -13.43 16.77 -19.39
N ALA A 71 -12.48 17.01 -18.53
CA ALA A 71 -11.14 16.42 -18.72
C ALA A 71 -11.14 14.97 -18.23
N SER A 72 -11.46 14.77 -16.98
CA SER A 72 -11.49 13.37 -16.44
C SER A 72 -12.94 12.89 -16.37
N SER A 73 -13.15 11.62 -16.59
CA SER A 73 -14.55 11.09 -16.54
C SER A 73 -14.92 10.75 -15.09
N ALA A 74 -15.72 11.56 -14.47
CA ALA A 74 -16.11 11.27 -13.05
C ALA A 74 -14.85 11.27 -12.17
N GLU A 75 -14.71 12.26 -11.33
CA GLU A 75 -13.51 12.30 -10.44
C GLU A 75 -13.59 11.16 -9.41
N TYR A 76 -13.05 10.02 -9.73
CA TYR A 76 -13.09 8.88 -8.78
C TYR A 76 -12.29 7.70 -9.35
N ARG A 77 -11.98 6.73 -8.54
CA ARG A 77 -11.21 5.57 -9.04
C ARG A 77 -9.76 5.99 -9.31
N LEU A 78 -8.83 5.45 -8.56
CA LEU A 78 -7.41 5.83 -8.77
C LEU A 78 -6.52 5.00 -7.84
N LYS A 79 -6.57 3.70 -7.96
CA LYS A 79 -5.74 2.84 -7.07
C LYS A 79 -4.70 2.09 -7.91
N GLU A 80 -3.56 1.83 -7.34
CA GLU A 80 -2.51 1.09 -8.10
C GLU A 80 -2.16 -0.21 -7.37
N LYS A 81 -1.40 -1.07 -8.00
CA LYS A 81 -1.04 -2.35 -7.32
C LYS A 81 0.37 -2.78 -7.76
N PHE A 82 1.03 -3.57 -6.96
CA PHE A 82 2.41 -4.02 -7.31
C PHE A 82 2.62 -5.44 -6.81
N PHE A 83 3.83 -5.91 -6.85
CA PHE A 83 4.12 -7.29 -6.36
C PHE A 83 5.06 -7.21 -5.15
N MET A 84 4.57 -7.57 -4.00
CA MET A 84 5.43 -7.50 -2.78
C MET A 84 6.19 -8.81 -2.59
N ARG A 85 7.20 -9.04 -3.38
CA ARG A 85 7.99 -10.30 -3.24
C ARG A 85 9.47 -10.01 -3.50
N LYS A 86 9.74 -9.18 -4.45
CA LYS A 86 11.15 -8.83 -4.76
C LYS A 86 11.43 -7.46 -4.20
N VAL A 87 10.78 -7.12 -3.13
CA VAL A 87 10.96 -5.78 -2.52
C VAL A 87 11.70 -5.90 -1.19
N GLN A 88 12.39 -4.87 -0.81
CA GLN A 88 13.14 -4.88 0.49
C GLN A 88 13.04 -3.50 1.13
N ILE A 89 12.69 -3.44 2.39
CA ILE A 89 12.55 -2.11 3.05
C ILE A 89 13.88 -1.67 3.66
N ASN A 90 14.15 -0.40 3.59
CA ASN A 90 15.43 0.13 4.14
C ASN A 90 15.10 1.22 5.17
N ASP A 91 14.92 0.84 6.41
CA ASP A 91 14.60 1.87 7.44
C ASP A 91 15.54 3.06 7.30
N LYS A 92 15.08 4.11 6.67
CA LYS A 92 15.96 5.30 6.49
C LYS A 92 15.79 6.24 7.68
N ASP A 93 16.02 5.74 8.87
CA ASP A 93 15.88 6.60 10.07
C ASP A 93 16.62 5.94 11.24
N ASP A 94 17.82 6.38 11.51
CA ASP A 94 18.60 5.79 12.64
C ASP A 94 17.69 5.61 13.86
N THR A 95 16.64 6.38 13.95
CA THR A 95 15.72 6.27 15.12
C THR A 95 16.53 6.43 16.41
N SER A 96 15.95 6.08 17.53
CA SER A 96 16.68 6.27 18.81
C SER A 96 16.68 7.77 19.10
N GLU A 97 16.04 8.53 18.25
CA GLU A 97 16.00 10.00 18.43
C GLU A 97 14.96 10.58 17.48
N TYR A 98 14.95 10.14 16.25
CA TYR A 98 13.95 10.67 15.28
C TYR A 98 13.57 9.57 14.27
N LYS A 99 12.36 9.58 13.81
CA LYS A 99 11.92 8.55 12.83
C LYS A 99 11.19 9.23 11.67
N HIS A 100 10.40 8.50 10.94
CA HIS A 100 9.67 9.13 9.79
C HIS A 100 8.91 8.06 9.00
N ALA A 101 9.60 7.36 8.13
CA ALA A 101 8.92 6.32 7.30
C ALA A 101 9.91 5.21 6.97
N PHE A 102 9.73 4.58 5.84
CA PHE A 102 10.66 3.48 5.42
C PHE A 102 10.83 3.56 3.91
N GLU A 103 11.97 3.19 3.39
CA GLU A 103 12.16 3.28 1.92
C GLU A 103 12.41 1.91 1.32
N ILE A 104 11.43 1.37 0.67
CA ILE A 104 11.59 0.06 0.00
C ILE A 104 12.01 0.32 -1.44
N ILE A 105 12.57 -0.65 -2.11
CA ILE A 105 12.98 -0.41 -3.52
C ILE A 105 12.42 -1.49 -4.42
N LEU A 106 12.18 -1.16 -5.65
CA LEU A 106 11.68 -2.16 -6.62
C LEU A 106 12.91 -2.80 -7.25
N LYS A 107 12.76 -3.94 -7.85
CA LYS A 107 13.95 -4.56 -8.47
C LYS A 107 13.96 -4.22 -9.95
N ASP A 108 13.21 -3.21 -10.34
CA ASP A 108 13.16 -2.83 -11.76
C ASP A 108 13.89 -1.49 -11.94
N GLY A 109 13.56 -0.51 -11.15
CA GLY A 109 14.25 0.80 -11.28
C GLY A 109 13.46 1.91 -10.55
N ASN A 110 12.76 1.58 -9.50
CA ASN A 110 12.02 2.63 -8.76
C ASN A 110 12.18 2.38 -7.25
N SER A 111 11.45 3.09 -6.44
CA SER A 111 11.57 2.89 -4.97
C SER A 111 10.20 2.98 -4.31
N VAL A 112 9.82 1.97 -3.59
CA VAL A 112 8.49 2.00 -2.90
C VAL A 112 8.64 2.60 -1.50
N ILE A 113 8.72 3.91 -1.42
CA ILE A 113 8.87 4.55 -0.08
C ILE A 113 7.51 5.03 0.43
N PHE A 114 7.09 4.56 1.57
CA PHE A 114 5.78 5.00 2.13
C PHE A 114 5.95 5.41 3.59
N SER A 115 4.92 5.90 4.22
CA SER A 115 5.04 6.32 5.65
C SER A 115 3.69 6.17 6.33
N ALA A 116 3.59 5.34 7.33
CA ALA A 116 2.28 5.16 8.02
C ALA A 116 2.05 6.33 8.98
N LYS A 117 0.80 6.71 9.14
CA LYS A 117 0.47 7.84 10.04
C LYS A 117 0.39 7.35 11.49
N SER A 118 1.33 6.55 11.91
CA SER A 118 1.31 6.03 13.31
C SER A 118 2.64 5.32 13.58
N ALA A 119 2.84 4.87 14.79
CA ALA A 119 4.12 4.16 15.10
C ALA A 119 3.93 2.67 14.85
N GLU A 120 2.73 2.20 15.02
CA GLU A 120 2.45 0.75 14.80
C GLU A 120 2.18 0.51 13.32
N GLU A 121 1.68 1.50 12.63
CA GLU A 121 1.39 1.34 11.18
C GLU A 121 2.70 1.47 10.39
N LYS A 122 3.57 2.34 10.82
CA LYS A 122 4.85 2.52 10.10
C LYS A 122 5.70 1.25 10.26
N ASN A 123 5.72 0.69 11.44
CA ASN A 123 6.51 -0.55 11.65
C ASN A 123 5.68 -1.75 11.21
N ASN A 124 4.42 -1.54 10.93
CA ASN A 124 3.56 -2.68 10.49
C ASN A 124 3.85 -3.03 9.03
N TRP A 125 3.68 -2.09 8.14
CA TRP A 125 3.97 -2.39 6.71
C TRP A 125 5.47 -2.65 6.55
N MET A 126 6.27 -1.92 7.27
CA MET A 126 7.75 -2.11 7.19
C MET A 126 8.11 -3.52 7.65
N ALA A 127 7.56 -3.97 8.74
CA ALA A 127 7.90 -5.34 9.23
C ALA A 127 7.30 -6.39 8.31
N ALA A 128 6.19 -6.10 7.70
CA ALA A 128 5.56 -7.10 6.79
C ALA A 128 6.46 -7.33 5.59
N LEU A 129 7.32 -6.38 5.31
CA LEU A 129 8.24 -6.55 4.15
C LEU A 129 9.40 -7.45 4.55
N ILE A 130 10.21 -7.01 5.47
CA ILE A 130 11.35 -7.85 5.91
C ILE A 130 10.81 -9.11 6.59
N SER A 131 9.54 -9.14 6.87
CA SER A 131 8.95 -10.35 7.51
C SER A 131 8.85 -11.47 6.47
N LEU A 132 8.57 -11.12 5.25
CA LEU A 132 8.47 -12.16 4.19
C LEU A 132 9.88 -12.55 3.72
N GLN A 133 10.70 -11.58 3.43
CA GLN A 133 12.08 -11.89 2.98
C GLN A 133 12.76 -12.81 3.99
N TYR A 134 12.52 -12.58 5.25
CA TYR A 134 13.15 -13.44 6.30
C TYR A 134 12.97 -14.91 5.92
N ARG A 135 11.78 -15.32 5.58
CA ARG A 135 11.56 -16.74 5.20
C ARG A 135 11.06 -16.81 3.76
N SER A 136 9.77 -16.67 3.56
CA SER A 136 9.23 -16.74 2.17
C SER A 136 9.50 -15.41 1.46
N SER A 2 -8.29 -4.96 -23.38
CA SER A 2 -7.62 -4.62 -22.09
C SER A 2 -7.32 -5.91 -21.31
N LYS A 3 -6.07 -6.26 -21.19
CA LYS A 3 -5.72 -7.50 -20.44
C LYS A 3 -5.58 -7.18 -18.95
N GLN A 4 -6.47 -6.38 -18.42
CA GLN A 4 -6.40 -6.03 -16.98
C GLN A 4 -7.14 -7.08 -16.15
N LEU A 5 -7.31 -8.26 -16.67
CA LEU A 5 -8.02 -9.31 -15.89
C LEU A 5 -7.26 -9.56 -14.60
N ALA A 6 -5.99 -9.20 -14.58
CA ALA A 6 -5.19 -9.38 -13.35
C ALA A 6 -5.35 -8.13 -12.48
N ILE A 7 -5.62 -7.01 -13.11
CA ILE A 7 -5.80 -5.75 -12.34
C ILE A 7 -7.24 -5.69 -11.83
N LYS A 8 -8.08 -6.55 -12.32
CA LYS A 8 -9.50 -6.54 -11.86
C LYS A 8 -9.57 -7.32 -10.54
N LYS A 9 -8.58 -8.11 -10.26
CA LYS A 9 -8.59 -8.89 -8.99
C LYS A 9 -8.39 -7.94 -7.82
N MET A 10 -7.35 -7.15 -7.82
CA MET A 10 -7.13 -6.21 -6.70
C MET A 10 -8.42 -5.45 -6.39
N ASN A 11 -9.20 -5.17 -7.40
CA ASN A 11 -10.48 -4.44 -7.16
C ASN A 11 -11.39 -5.29 -6.28
N GLU A 12 -11.70 -6.47 -6.71
CA GLU A 12 -12.58 -7.37 -5.90
C GLU A 12 -11.84 -7.83 -4.65
N ILE A 13 -10.57 -7.55 -4.57
CA ILE A 13 -9.77 -7.98 -3.39
C ILE A 13 -9.76 -6.86 -2.35
N GLN A 14 -9.95 -5.65 -2.80
CA GLN A 14 -9.97 -4.51 -1.84
C GLN A 14 -11.41 -4.22 -1.44
N LYS A 15 -12.36 -4.84 -2.10
CA LYS A 15 -13.79 -4.60 -1.79
C LYS A 15 -14.46 -5.87 -1.28
N ASN A 16 -14.11 -7.00 -1.83
CA ASN A 16 -14.75 -8.27 -1.40
C ASN A 16 -14.33 -8.61 0.04
N ILE A 17 -13.41 -7.89 0.59
CA ILE A 17 -12.96 -8.19 1.99
C ILE A 17 -13.18 -6.97 2.87
N ASP A 18 -13.42 -5.83 2.28
CA ASP A 18 -13.65 -4.59 3.07
C ASP A 18 -12.32 -4.00 3.56
N GLY A 19 -11.70 -4.63 4.52
CA GLY A 19 -10.41 -4.11 5.03
C GLY A 19 -9.57 -5.28 5.57
N TRP A 20 -9.48 -6.32 4.80
CA TRP A 20 -8.69 -7.50 5.23
C TRP A 20 -7.46 -7.62 4.32
N GLU A 21 -7.64 -7.37 3.05
CA GLU A 21 -6.48 -7.44 2.11
C GLU A 21 -5.83 -8.82 2.19
N GLY A 22 -5.21 -9.25 1.13
CA GLY A 22 -4.54 -10.58 1.15
C GLY A 22 -5.16 -11.48 0.07
N LYS A 23 -6.04 -10.94 -0.73
CA LYS A 23 -6.69 -11.75 -1.80
C LYS A 23 -7.83 -12.56 -1.18
N ASP A 24 -8.47 -12.01 -0.18
CA ASP A 24 -9.60 -12.72 0.50
C ASP A 24 -9.06 -13.70 1.54
N ILE A 25 -8.20 -14.59 1.16
CA ILE A 25 -7.64 -15.57 2.13
C ILE A 25 -6.19 -15.88 1.77
N GLY A 26 -5.56 -15.01 1.05
CA GLY A 26 -4.14 -15.25 0.67
C GLY A 26 -4.01 -16.60 -0.03
N GLN A 27 -4.44 -16.70 -1.25
CA GLN A 27 -4.34 -18.00 -1.98
C GLN A 27 -2.94 -18.57 -1.83
N CYS A 28 -1.94 -17.76 -2.08
CA CYS A 28 -0.54 -18.26 -1.95
C CYS A 28 0.40 -17.07 -1.69
N CYS A 29 0.30 -16.46 -0.55
CA CYS A 29 1.18 -15.31 -0.24
C CYS A 29 1.28 -15.12 1.27
N ASN A 30 0.20 -14.74 1.92
CA ASN A 30 0.23 -14.56 3.39
C ASN A 30 -1.20 -14.41 3.89
N GLU A 31 -1.87 -13.33 3.49
CA GLU A 31 -3.29 -13.05 3.89
C GLU A 31 -3.41 -11.60 4.36
N PHE A 32 -4.18 -11.36 5.40
CA PHE A 32 -4.37 -9.96 5.90
C PHE A 32 -3.06 -9.16 5.82
N ILE A 33 -1.99 -9.66 6.38
CA ILE A 33 -0.71 -8.90 6.35
C ILE A 33 -0.95 -7.50 6.92
N MET A 34 -1.32 -6.56 6.10
CA MET A 34 -1.57 -5.19 6.63
C MET A 34 -2.81 -4.58 5.97
N GLU A 35 -3.76 -4.15 6.77
CA GLU A 35 -5.00 -3.54 6.23
C GLU A 35 -5.21 -2.19 6.90
N GLY A 36 -4.87 -1.10 6.26
CA GLY A 36 -5.07 0.21 6.95
C GLY A 36 -4.71 1.38 6.04
N THR A 37 -3.73 2.15 6.43
CA THR A 37 -3.35 3.34 5.61
C THR A 37 -1.83 3.53 5.66
N LEU A 38 -1.27 3.99 4.57
CA LEU A 38 0.19 4.24 4.51
C LEU A 38 0.43 5.39 3.54
N THR A 39 1.48 6.15 3.74
CA THR A 39 1.74 7.31 2.84
C THR A 39 2.93 7.04 1.92
N ARG A 40 3.27 8.01 1.13
CA ARG A 40 4.44 7.84 0.22
C ARG A 40 5.54 8.78 0.69
N VAL A 41 6.12 8.51 1.83
CA VAL A 41 7.18 9.40 2.36
C VAL A 41 6.51 10.63 2.97
N GLY A 42 7.20 11.74 3.05
CA GLY A 42 6.58 12.97 3.63
C GLY A 42 5.82 13.72 2.53
N ALA A 43 4.89 13.06 1.89
CA ALA A 43 4.11 13.73 0.81
C ALA A 43 2.89 14.44 1.42
N LYS A 44 2.73 14.34 2.71
CA LYS A 44 1.57 15.01 3.36
C LYS A 44 0.28 14.68 2.60
N HIS A 45 0.01 13.42 2.40
CA HIS A 45 -1.23 13.02 1.67
C HIS A 45 -1.27 11.50 1.52
N GLU A 46 -1.24 10.78 2.60
CA GLU A 46 -1.26 9.29 2.51
C GLU A 46 -2.61 8.84 1.93
N ARG A 47 -2.69 7.62 1.49
CA ARG A 47 -3.96 7.11 0.90
C ARG A 47 -4.25 5.72 1.48
N HIS A 48 -5.48 5.27 1.41
CA HIS A 48 -5.81 3.92 1.95
C HIS A 48 -4.85 2.89 1.34
N ILE A 49 -4.56 1.83 2.05
CA ILE A 49 -3.62 0.81 1.49
C ILE A 49 -4.08 -0.60 1.84
N PHE A 50 -3.65 -1.55 1.08
CA PHE A 50 -4.00 -2.97 1.35
C PHE A 50 -2.78 -3.85 1.00
N LEU A 51 -2.03 -4.25 1.97
CA LEU A 51 -0.81 -5.07 1.69
C LEU A 51 -1.16 -6.55 1.65
N PHE A 52 -0.98 -7.16 0.50
CA PHE A 52 -1.28 -8.61 0.36
C PHE A 52 0.04 -9.37 0.15
N ASP A 53 0.86 -9.43 1.17
CA ASP A 53 2.15 -10.14 1.04
C ASP A 53 3.05 -9.44 0.03
N GLY A 54 2.92 -9.77 -1.24
CA GLY A 54 3.78 -9.12 -2.27
C GLY A 54 2.94 -8.26 -3.21
N LEU A 55 1.77 -7.86 -2.79
CA LEU A 55 0.92 -7.00 -3.67
C LEU A 55 0.57 -5.71 -2.94
N MET A 56 1.23 -4.64 -3.26
CA MET A 56 0.96 -3.34 -2.57
C MET A 56 -0.14 -2.58 -3.31
N ILE A 57 -1.35 -2.61 -2.82
CA ILE A 57 -2.44 -1.86 -3.50
C ILE A 57 -2.72 -0.58 -2.72
N CYS A 58 -3.33 0.39 -3.35
CA CYS A 58 -3.64 1.67 -2.64
C CYS A 58 -4.90 2.28 -3.24
N CYS A 59 -5.55 3.16 -2.53
CA CYS A 59 -6.79 3.79 -3.08
C CYS A 59 -6.90 5.21 -2.54
N LYS A 60 -7.12 6.17 -3.41
CA LYS A 60 -7.25 7.58 -2.94
C LYS A 60 -8.48 8.21 -3.60
N SER A 61 -8.83 9.40 -3.18
CA SER A 61 -10.02 10.07 -3.78
C SER A 61 -9.98 11.56 -3.44
N ASN A 62 -10.30 12.40 -4.39
CA ASN A 62 -10.28 13.87 -4.13
C ASN A 62 -10.40 14.63 -5.44
N HIS A 63 -10.18 15.92 -5.43
CA HIS A 63 -10.29 16.71 -6.67
C HIS A 63 -8.89 16.95 -7.25
N GLY A 64 -8.82 17.56 -8.41
CA GLY A 64 -7.47 17.83 -9.02
C GLY A 64 -7.58 17.71 -10.54
N GLN A 65 -8.15 18.67 -11.19
CA GLN A 65 -8.28 18.61 -12.68
C GLN A 65 -6.94 18.21 -13.28
N PRO A 66 -6.99 17.67 -14.47
CA PRO A 66 -5.79 17.22 -15.21
C PRO A 66 -5.07 18.43 -15.82
N ARG A 67 -3.76 18.41 -15.82
CA ARG A 67 -3.01 19.55 -16.40
C ARG A 67 -3.07 19.48 -17.92
N LEU A 68 -3.43 18.35 -18.46
CA LEU A 68 -3.51 18.23 -19.95
C LEU A 68 -4.91 18.64 -20.42
N PRO A 69 -4.98 19.74 -21.13
CA PRO A 69 -6.26 20.26 -21.65
C PRO A 69 -6.69 19.47 -22.89
N GLY A 70 -7.97 19.27 -23.06
CA GLY A 70 -8.47 18.52 -24.24
C GLY A 70 -8.00 17.06 -24.15
N ALA A 71 -7.47 16.67 -23.02
CA ALA A 71 -7.00 15.26 -22.86
C ALA A 71 -7.11 14.84 -21.40
N SER A 72 -8.30 14.73 -20.89
CA SER A 72 -8.47 14.34 -19.47
C SER A 72 -8.66 12.81 -19.38
N SER A 73 -9.01 12.31 -18.23
CA SER A 73 -9.21 10.84 -18.10
C SER A 73 -10.38 10.57 -17.15
N ALA A 74 -10.15 10.65 -15.86
CA ALA A 74 -11.25 10.40 -14.90
C ALA A 74 -10.80 10.83 -13.49
N GLU A 75 -11.66 11.47 -12.75
CA GLU A 75 -11.28 11.91 -11.38
C GLU A 75 -12.02 11.06 -10.35
N TYR A 76 -11.57 11.04 -9.12
CA TYR A 76 -12.25 10.24 -8.08
C TYR A 76 -12.09 8.75 -8.40
N ARG A 77 -12.12 7.91 -7.40
CA ARG A 77 -11.99 6.44 -7.64
C ARG A 77 -10.66 6.18 -8.36
N LEU A 78 -9.56 6.35 -7.68
CA LEU A 78 -8.24 6.10 -8.33
C LEU A 78 -7.43 5.12 -7.46
N LYS A 79 -7.44 3.86 -7.81
CA LYS A 79 -6.68 2.87 -7.01
C LYS A 79 -5.49 2.35 -7.83
N GLU A 80 -4.32 2.37 -7.26
CA GLU A 80 -3.13 1.88 -8.00
C GLU A 80 -2.65 0.56 -7.37
N LYS A 81 -1.78 -0.15 -8.04
CA LYS A 81 -1.29 -1.43 -7.48
C LYS A 81 0.13 -1.70 -7.96
N PHE A 82 0.94 -2.29 -7.13
CA PHE A 82 2.34 -2.60 -7.52
C PHE A 82 2.72 -3.98 -7.01
N PHE A 83 3.85 -4.48 -7.43
CA PHE A 83 4.29 -5.83 -6.96
C PHE A 83 5.32 -5.65 -5.84
N MET A 84 4.91 -5.76 -4.62
CA MET A 84 5.87 -5.58 -3.49
C MET A 84 6.43 -6.93 -3.05
N ARG A 85 6.98 -7.68 -3.97
CA ARG A 85 7.55 -9.01 -3.59
C ARG A 85 8.99 -9.10 -4.08
N LYS A 86 9.44 -8.11 -4.79
CA LYS A 86 10.84 -8.12 -5.28
C LYS A 86 11.52 -6.85 -4.81
N VAL A 87 11.09 -6.34 -3.68
CA VAL A 87 11.70 -5.11 -3.15
C VAL A 87 12.16 -5.33 -1.71
N GLN A 88 13.04 -4.49 -1.24
CA GLN A 88 13.54 -4.63 0.17
C GLN A 88 13.34 -3.32 0.91
N ILE A 89 12.88 -3.38 2.13
CA ILE A 89 12.65 -2.13 2.91
C ILE A 89 13.90 -1.76 3.69
N ASN A 90 14.22 -0.50 3.74
CA ASN A 90 15.43 -0.05 4.48
C ASN A 90 15.00 0.92 5.58
N ASP A 91 14.78 0.42 6.77
CA ASP A 91 14.36 1.32 7.88
C ASP A 91 15.60 1.98 8.50
N LYS A 92 15.47 3.20 8.93
CA LYS A 92 16.64 3.89 9.54
C LYS A 92 16.34 4.20 11.01
N ASP A 93 15.47 3.44 11.62
CA ASP A 93 15.13 3.68 13.04
C ASP A 93 16.14 2.95 13.93
N ASP A 94 17.40 3.11 13.68
CA ASP A 94 18.42 2.43 14.51
C ASP A 94 18.21 2.82 15.97
N THR A 95 18.03 4.08 16.24
CA THR A 95 17.82 4.52 17.65
C THR A 95 16.36 4.94 17.83
N SER A 96 15.77 4.60 18.94
CA SER A 96 14.35 4.99 19.17
C SER A 96 14.22 6.50 18.98
N GLU A 97 15.32 7.20 19.05
CA GLU A 97 15.26 8.68 18.87
C GLU A 97 14.95 9.01 17.41
N TYR A 98 15.56 8.31 16.49
CA TYR A 98 15.29 8.58 15.05
C TYR A 98 14.09 7.75 14.58
N LYS A 99 13.19 8.37 13.85
CA LYS A 99 12.00 7.62 13.37
C LYS A 99 11.25 8.47 12.33
N HIS A 100 10.56 7.84 11.42
CA HIS A 100 9.82 8.61 10.39
C HIS A 100 9.05 7.67 9.47
N ALA A 101 9.72 7.03 8.55
CA ALA A 101 9.03 6.09 7.62
C ALA A 101 9.99 4.97 7.23
N PHE A 102 9.83 4.46 6.04
CA PHE A 102 10.72 3.36 5.56
C PHE A 102 10.94 3.54 4.06
N GLU A 103 12.09 3.17 3.56
CA GLU A 103 12.32 3.36 2.11
C GLU A 103 12.59 2.02 1.43
N ILE A 104 11.66 1.58 0.65
CA ILE A 104 11.83 0.30 -0.08
C ILE A 104 12.28 0.64 -1.50
N ILE A 105 12.87 -0.29 -2.20
CA ILE A 105 13.31 0.05 -3.59
C ILE A 105 12.69 -0.92 -4.59
N LEU A 106 12.43 -0.44 -5.77
CA LEU A 106 11.89 -1.31 -6.83
C LEU A 106 13.10 -1.91 -7.52
N LYS A 107 12.99 -2.22 -8.77
CA LYS A 107 14.18 -2.77 -9.46
C LYS A 107 14.09 -2.46 -10.95
N ASP A 108 13.27 -1.51 -11.31
CA ASP A 108 13.14 -1.19 -12.76
C ASP A 108 12.82 0.29 -13.00
N GLY A 109 12.50 1.06 -11.99
CA GLY A 109 12.18 2.49 -12.25
C GLY A 109 12.53 3.38 -11.05
N ASN A 110 12.06 3.05 -9.88
CA ASN A 110 12.35 3.93 -8.71
C ASN A 110 12.36 3.13 -7.41
N SER A 111 12.00 3.76 -6.32
CA SER A 111 11.97 3.08 -5.00
C SER A 111 10.60 3.30 -4.36
N VAL A 112 10.13 2.34 -3.60
CA VAL A 112 8.80 2.47 -2.95
C VAL A 112 8.96 2.96 -1.51
N ILE A 113 8.97 4.26 -1.29
CA ILE A 113 9.11 4.77 0.11
C ILE A 113 7.75 5.21 0.63
N PHE A 114 7.32 4.67 1.73
CA PHE A 114 5.99 5.08 2.31
C PHE A 114 6.16 5.43 3.79
N SER A 115 5.13 5.93 4.42
CA SER A 115 5.23 6.30 5.87
C SER A 115 3.85 6.16 6.51
N ALA A 116 3.72 5.30 7.48
CA ALA A 116 2.39 5.12 8.13
C ALA A 116 2.12 6.26 9.10
N LYS A 117 0.88 6.66 9.19
CA LYS A 117 0.51 7.77 10.11
C LYS A 117 0.34 7.24 11.54
N SER A 118 1.24 6.41 11.98
CA SER A 118 1.15 5.85 13.36
C SER A 118 2.46 5.15 13.70
N ALA A 119 2.55 4.55 14.86
CA ALA A 119 3.81 3.84 15.23
C ALA A 119 3.71 2.38 14.79
N GLU A 120 2.68 1.70 15.20
CA GLU A 120 2.53 0.27 14.81
C GLU A 120 2.26 0.19 13.31
N GLU A 121 1.54 1.13 12.76
CA GLU A 121 1.25 1.10 11.30
C GLU A 121 2.54 1.28 10.53
N LYS A 122 3.44 2.10 11.02
CA LYS A 122 4.73 2.32 10.30
C LYS A 122 5.52 1.01 10.31
N ASN A 123 5.77 0.47 11.46
CA ASN A 123 6.54 -0.82 11.54
C ASN A 123 5.66 -1.97 11.07
N ASN A 124 4.39 -1.73 10.87
CA ASN A 124 3.49 -2.82 10.42
C ASN A 124 3.73 -3.16 8.96
N TRP A 125 3.65 -2.21 8.08
CA TRP A 125 3.89 -2.51 6.65
C TRP A 125 5.36 -2.86 6.45
N MET A 126 6.22 -2.14 7.13
CA MET A 126 7.67 -2.43 7.01
C MET A 126 7.92 -3.91 7.33
N ALA A 127 7.20 -4.45 8.27
CA ALA A 127 7.41 -5.89 8.63
C ALA A 127 6.73 -6.78 7.59
N ALA A 128 5.63 -6.34 7.03
CA ALA A 128 4.93 -7.17 6.01
C ALA A 128 5.82 -7.31 4.78
N LEU A 129 6.87 -6.53 4.70
CA LEU A 129 7.77 -6.63 3.53
C LEU A 129 8.88 -7.63 3.84
N ILE A 130 9.69 -7.35 4.82
CA ILE A 130 10.78 -8.28 5.18
C ILE A 130 10.16 -9.56 5.74
N SER A 131 8.87 -9.55 6.00
CA SER A 131 8.22 -10.78 6.53
C SER A 131 8.02 -11.77 5.38
N LEU A 132 7.56 -11.29 4.26
CA LEU A 132 7.34 -12.21 3.11
C LEU A 132 8.66 -12.42 2.35
N GLN A 133 9.62 -11.57 2.58
CA GLN A 133 10.93 -11.72 1.88
C GLN A 133 11.59 -13.03 2.30
N TYR A 134 11.53 -13.36 3.56
CA TYR A 134 12.15 -14.63 4.03
C TYR A 134 11.75 -15.77 3.10
N ARG A 135 10.61 -15.67 2.48
CA ARG A 135 10.16 -16.74 1.55
C ARG A 135 9.83 -16.13 0.19
N SER A 136 8.66 -15.60 0.03
CA SER A 136 8.28 -14.99 -1.28
C SER A 136 9.18 -13.80 -1.56
N SER A 2 -6.58 -5.10 -24.28
CA SER A 2 -7.13 -4.77 -22.93
C SER A 2 -7.03 -5.98 -22.02
N LYS A 3 -5.83 -6.37 -21.67
CA LYS A 3 -5.67 -7.56 -20.78
C LYS A 3 -5.67 -7.10 -19.32
N GLN A 4 -6.63 -6.29 -18.94
CA GLN A 4 -6.69 -5.82 -17.53
C GLN A 4 -7.44 -6.85 -16.68
N LEU A 5 -7.60 -8.05 -17.17
CA LEU A 5 -8.32 -9.08 -16.38
C LEU A 5 -7.67 -9.17 -14.99
N ALA A 6 -6.41 -8.83 -14.91
CA ALA A 6 -5.72 -8.88 -13.59
C ALA A 6 -6.02 -7.58 -12.85
N ILE A 7 -6.15 -6.49 -13.56
CA ILE A 7 -6.45 -5.20 -12.90
C ILE A 7 -7.94 -5.15 -12.52
N LYS A 8 -8.70 -6.10 -13.01
CA LYS A 8 -10.15 -6.12 -12.67
C LYS A 8 -10.36 -6.85 -11.35
N LYS A 9 -9.44 -7.72 -11.00
CA LYS A 9 -9.57 -8.46 -9.71
C LYS A 9 -9.47 -7.47 -8.55
N MET A 10 -8.54 -6.55 -8.64
CA MET A 10 -8.38 -5.55 -7.54
C MET A 10 -9.76 -5.06 -7.10
N ASN A 11 -10.65 -4.84 -8.02
CA ASN A 11 -12.01 -4.35 -7.64
C ASN A 11 -12.63 -5.33 -6.64
N GLU A 12 -12.79 -6.57 -7.05
CA GLU A 12 -13.39 -7.58 -6.12
C GLU A 12 -12.44 -7.82 -4.95
N ILE A 13 -11.24 -7.31 -5.03
CA ILE A 13 -10.26 -7.52 -3.93
C ILE A 13 -10.52 -6.50 -2.81
N GLN A 14 -10.93 -5.30 -3.17
CA GLN A 14 -11.20 -4.28 -2.14
C GLN A 14 -12.62 -4.48 -1.58
N LYS A 15 -13.38 -5.33 -2.19
CA LYS A 15 -14.77 -5.58 -1.70
C LYS A 15 -14.85 -6.96 -1.08
N ASN A 16 -13.96 -7.83 -1.43
CA ASN A 16 -13.97 -9.19 -0.86
C ASN A 16 -13.05 -9.22 0.36
N ILE A 17 -12.43 -8.10 0.64
CA ILE A 17 -11.51 -8.03 1.80
C ILE A 17 -12.13 -7.17 2.90
N ASP A 18 -12.85 -6.13 2.52
CA ASP A 18 -13.49 -5.24 3.53
C ASP A 18 -12.46 -4.22 4.05
N GLY A 19 -11.21 -4.63 4.19
CA GLY A 19 -10.18 -3.69 4.70
C GLY A 19 -9.76 -4.13 6.10
N TRP A 20 -9.17 -5.28 6.23
CA TRP A 20 -8.77 -5.76 7.58
C TRP A 20 -7.42 -6.49 7.52
N GLU A 21 -6.94 -6.95 8.64
CA GLU A 21 -5.65 -7.69 8.66
C GLU A 21 -5.84 -9.02 9.39
N GLY A 22 -6.39 -9.99 8.73
CA GLY A 22 -6.61 -11.31 9.40
C GLY A 22 -6.17 -12.44 8.45
N LYS A 23 -6.85 -12.60 7.35
CA LYS A 23 -6.48 -13.69 6.40
C LYS A 23 -7.48 -13.72 5.25
N ASP A 24 -7.55 -12.67 4.47
CA ASP A 24 -8.51 -12.64 3.33
C ASP A 24 -7.99 -13.57 2.22
N ILE A 25 -8.24 -13.23 0.98
CA ILE A 25 -7.77 -14.08 -0.13
C ILE A 25 -7.19 -13.21 -1.24
N GLY A 26 -6.13 -12.50 -0.96
CA GLY A 26 -5.52 -11.61 -2.00
C GLY A 26 -4.72 -12.47 -2.98
N GLN A 27 -3.71 -13.15 -2.50
CA GLN A 27 -2.90 -14.00 -3.41
C GLN A 27 -2.98 -15.47 -2.96
N CYS A 28 -3.24 -15.70 -1.70
CA CYS A 28 -3.34 -17.09 -1.21
C CYS A 28 -4.32 -17.14 -0.03
N CYS A 29 -3.95 -16.58 1.09
CA CYS A 29 -4.86 -16.61 2.26
C CYS A 29 -4.10 -16.17 3.52
N ASN A 30 -3.23 -15.20 3.38
CA ASN A 30 -2.46 -14.73 4.57
C ASN A 30 -1.77 -13.43 4.19
N GLU A 31 -2.47 -12.33 4.27
CA GLU A 31 -1.85 -11.04 3.88
C GLU A 31 -2.19 -9.96 4.90
N PHE A 32 -2.67 -10.33 6.05
CA PHE A 32 -3.01 -9.31 7.07
C PHE A 32 -1.80 -8.40 7.30
N ILE A 33 -0.63 -8.86 6.91
CA ILE A 33 0.60 -8.06 7.11
C ILE A 33 0.34 -6.56 6.92
N MET A 34 -0.23 -6.14 5.81
CA MET A 34 -0.48 -4.67 5.64
C MET A 34 -1.93 -4.42 5.19
N GLU A 35 -2.75 -3.94 6.09
CA GLU A 35 -4.16 -3.65 5.73
C GLU A 35 -4.66 -2.47 6.56
N GLY A 36 -4.68 -1.28 6.01
CA GLY A 36 -5.16 -0.12 6.82
C GLY A 36 -4.85 1.19 6.11
N THR A 37 -3.94 1.96 6.65
CA THR A 37 -3.61 3.28 6.02
C THR A 37 -2.10 3.51 6.03
N LEU A 38 -1.57 4.01 4.95
CA LEU A 38 -0.11 4.29 4.88
C LEU A 38 0.10 5.45 3.90
N THR A 39 1.13 6.23 4.10
CA THR A 39 1.38 7.39 3.19
C THR A 39 2.49 7.04 2.20
N ARG A 40 3.00 8.03 1.51
CA ARG A 40 4.09 7.76 0.52
C ARG A 40 5.33 8.55 0.92
N VAL A 41 5.64 8.58 2.19
CA VAL A 41 6.85 9.33 2.67
C VAL A 41 6.87 10.73 2.07
N GLY A 42 7.80 11.53 2.48
CA GLY A 42 7.90 12.93 1.95
C GLY A 42 6.49 13.52 1.79
N ALA A 43 5.58 13.16 2.65
CA ALA A 43 4.19 13.71 2.54
C ALA A 43 3.48 13.59 3.89
N LYS A 44 2.55 14.47 4.16
CA LYS A 44 1.81 14.40 5.45
C LYS A 44 0.42 13.83 5.20
N HIS A 45 -0.08 13.94 4.00
CA HIS A 45 -1.43 13.40 3.69
C HIS A 45 -1.29 11.99 3.09
N GLU A 46 -1.63 10.99 3.85
CA GLU A 46 -1.50 9.60 3.32
C GLU A 46 -2.79 9.19 2.61
N ARG A 47 -2.79 8.00 2.07
CA ARG A 47 -4.00 7.51 1.35
C ARG A 47 -4.30 6.07 1.79
N HIS A 48 -5.49 5.59 1.54
CA HIS A 48 -5.81 4.19 1.95
C HIS A 48 -4.75 3.27 1.36
N ILE A 49 -4.55 2.11 1.93
CA ILE A 49 -3.52 1.20 1.38
C ILE A 49 -3.91 -0.25 1.65
N PHE A 50 -3.43 -1.16 0.83
CA PHE A 50 -3.73 -2.60 1.05
C PHE A 50 -2.56 -3.42 0.50
N LEU A 51 -1.66 -3.85 1.36
CA LEU A 51 -0.50 -4.65 0.88
C LEU A 51 -0.63 -6.10 1.32
N PHE A 52 -0.82 -6.99 0.40
CA PHE A 52 -0.94 -8.43 0.75
C PHE A 52 0.45 -9.06 0.69
N ASP A 53 0.82 -9.80 1.70
CA ASP A 53 2.18 -10.44 1.70
C ASP A 53 2.57 -10.87 0.27
N GLY A 54 1.62 -11.22 -0.54
CA GLY A 54 1.97 -11.65 -1.93
C GLY A 54 1.88 -10.45 -2.90
N LEU A 55 0.93 -9.59 -2.72
CA LEU A 55 0.78 -8.42 -3.64
C LEU A 55 0.96 -7.11 -2.87
N MET A 56 1.25 -6.03 -3.56
CA MET A 56 1.41 -4.72 -2.88
C MET A 56 0.41 -3.72 -3.47
N ILE A 57 -0.69 -3.50 -2.81
CA ILE A 57 -1.70 -2.56 -3.36
C ILE A 57 -1.74 -1.26 -2.53
N CYS A 58 -2.29 -0.23 -3.13
CA CYS A 58 -2.40 1.09 -2.45
C CYS A 58 -3.68 1.76 -2.93
N CYS A 59 -4.18 2.74 -2.21
CA CYS A 59 -5.43 3.42 -2.63
C CYS A 59 -5.30 4.93 -2.41
N LYS A 60 -4.70 5.61 -3.36
CA LYS A 60 -4.52 7.08 -3.22
C LYS A 60 -5.20 7.77 -4.42
N SER A 61 -4.89 9.02 -4.64
CA SER A 61 -5.53 9.74 -5.78
C SER A 61 -4.63 10.91 -6.22
N ASN A 62 -4.64 11.23 -7.48
CA ASN A 62 -3.79 12.35 -7.97
C ASN A 62 -4.58 13.19 -8.98
N HIS A 63 -4.88 14.42 -8.64
CA HIS A 63 -5.64 15.28 -9.57
C HIS A 63 -4.86 16.58 -9.83
N GLY A 64 -3.76 16.77 -9.15
CA GLY A 64 -2.96 18.01 -9.36
C GLY A 64 -2.73 18.69 -8.01
N GLN A 65 -2.23 17.97 -7.05
CA GLN A 65 -1.99 18.59 -5.71
C GLN A 65 -1.00 19.75 -5.85
N PRO A 66 -1.07 20.67 -4.94
CA PRO A 66 -0.20 21.86 -4.92
C PRO A 66 1.19 21.50 -4.38
N ARG A 67 1.26 20.55 -3.49
CA ARG A 67 2.58 20.14 -2.93
C ARG A 67 3.54 19.81 -4.06
N LEU A 68 3.03 19.55 -5.24
CA LEU A 68 3.91 19.21 -6.38
C LEU A 68 3.46 20.02 -7.62
N PRO A 69 4.17 21.08 -7.90
CA PRO A 69 3.87 21.95 -9.04
C PRO A 69 4.37 21.32 -10.35
N GLY A 70 3.67 21.53 -11.43
CA GLY A 70 4.10 20.94 -12.72
C GLY A 70 3.36 19.62 -12.96
N ALA A 71 2.88 19.00 -11.91
CA ALA A 71 2.15 17.72 -12.07
C ALA A 71 0.64 17.99 -12.11
N SER A 72 0.25 19.18 -12.46
CA SER A 72 -1.20 19.50 -12.51
C SER A 72 -1.71 19.27 -13.93
N SER A 73 -1.29 18.21 -14.57
CA SER A 73 -1.74 17.94 -15.96
C SER A 73 -3.03 17.10 -15.90
N ALA A 74 -3.62 16.82 -17.03
CA ALA A 74 -4.87 16.02 -17.04
C ALA A 74 -4.54 14.56 -16.68
N GLU A 75 -4.48 14.26 -15.42
CA GLU A 75 -4.17 12.86 -15.00
C GLU A 75 -5.05 12.48 -13.81
N TYR A 76 -5.35 11.22 -13.65
CA TYR A 76 -6.20 10.79 -12.51
C TYR A 76 -6.14 9.28 -12.35
N ARG A 77 -6.75 8.74 -11.33
CA ARG A 77 -6.73 7.27 -11.13
C ARG A 77 -7.45 6.92 -9.82
N LEU A 78 -7.15 5.78 -9.24
CA LEU A 78 -7.81 5.40 -7.97
C LEU A 78 -6.84 4.61 -7.10
N LYS A 79 -6.60 3.36 -7.45
CA LYS A 79 -5.67 2.53 -6.63
C LYS A 79 -4.64 1.85 -7.55
N GLU A 80 -3.45 1.68 -7.08
CA GLU A 80 -2.40 1.02 -7.92
C GLU A 80 -1.99 -0.30 -7.27
N LYS A 81 -1.31 -1.15 -8.00
CA LYS A 81 -0.90 -2.46 -7.41
C LYS A 81 0.43 -2.91 -8.03
N PHE A 82 1.17 -3.71 -7.30
CA PHE A 82 2.48 -4.20 -7.81
C PHE A 82 2.77 -5.57 -7.20
N PHE A 83 3.96 -6.06 -7.36
CA PHE A 83 4.32 -7.39 -6.77
C PHE A 83 5.18 -7.17 -5.53
N MET A 84 4.84 -7.77 -4.43
CA MET A 84 5.64 -7.57 -3.19
C MET A 84 6.52 -8.79 -2.93
N ARG A 85 7.58 -8.94 -3.69
CA ARG A 85 8.48 -10.10 -3.46
C ARG A 85 9.94 -9.70 -3.71
N LYS A 86 10.17 -8.82 -4.64
CA LYS A 86 11.55 -8.39 -4.91
C LYS A 86 11.78 -7.01 -4.29
N VAL A 87 11.12 -6.74 -3.19
CA VAL A 87 11.29 -5.42 -2.53
C VAL A 87 11.96 -5.59 -1.17
N GLN A 88 12.52 -4.52 -0.65
CA GLN A 88 13.19 -4.60 0.68
C GLN A 88 13.06 -3.26 1.40
N ILE A 89 12.88 -3.29 2.69
CA ILE A 89 12.72 -2.02 3.46
C ILE A 89 14.09 -1.49 3.91
N ASN A 90 14.28 -0.20 3.80
CA ASN A 90 15.57 0.40 4.21
C ASN A 90 15.30 1.49 5.25
N ASP A 91 15.29 1.14 6.51
CA ASP A 91 15.03 2.16 7.56
C ASP A 91 16.15 3.19 7.56
N LYS A 92 15.87 4.38 8.02
CA LYS A 92 16.92 5.44 8.05
C LYS A 92 16.74 6.30 9.30
N ASP A 93 17.82 6.79 9.84
CA ASP A 93 17.72 7.63 11.06
C ASP A 93 17.55 9.10 10.66
N ASP A 94 16.59 9.39 9.82
CA ASP A 94 16.37 10.81 9.40
C ASP A 94 16.44 11.72 10.61
N THR A 95 16.13 11.19 11.78
CA THR A 95 16.19 12.03 13.01
C THR A 95 16.94 11.28 14.10
N SER A 96 17.88 11.93 14.73
CA SER A 96 18.66 11.25 15.80
C SER A 96 17.67 10.50 16.72
N GLU A 97 16.45 10.94 16.76
CA GLU A 97 15.44 10.26 17.62
C GLU A 97 15.15 8.87 17.05
N TYR A 98 14.86 8.79 15.78
CA TYR A 98 14.56 7.47 15.16
C TYR A 98 14.07 7.67 13.72
N LYS A 99 13.67 6.62 13.07
CA LYS A 99 13.17 6.75 11.67
C LYS A 99 11.68 7.08 11.69
N HIS A 100 11.22 7.82 10.70
CA HIS A 100 9.77 8.19 10.67
C HIS A 100 9.05 7.28 9.66
N ALA A 101 9.71 6.90 8.61
CA ALA A 101 9.07 6.02 7.60
C ALA A 101 10.06 4.92 7.17
N PHE A 102 9.88 4.40 5.99
CA PHE A 102 10.80 3.33 5.52
C PHE A 102 10.88 3.41 4.00
N GLU A 103 12.06 3.43 3.45
CA GLU A 103 12.15 3.54 1.98
C GLU A 103 12.46 2.18 1.35
N ILE A 104 11.46 1.56 0.80
CA ILE A 104 11.66 0.26 0.13
C ILE A 104 12.04 0.53 -1.32
N ILE A 105 12.62 -0.42 -1.99
CA ILE A 105 13.00 -0.19 -3.41
C ILE A 105 12.45 -1.30 -4.30
N LEU A 106 12.14 -0.98 -5.52
CA LEU A 106 11.65 -2.01 -6.45
C LEU A 106 12.87 -2.59 -7.14
N LYS A 107 12.78 -3.79 -7.63
CA LYS A 107 13.96 -4.36 -8.30
C LYS A 107 13.85 -4.06 -9.80
N ASP A 108 13.03 -3.10 -10.15
CA ASP A 108 12.86 -2.75 -11.58
C ASP A 108 13.53 -1.40 -11.85
N GLY A 109 13.29 -0.43 -11.01
CA GLY A 109 13.93 0.89 -11.23
C GLY A 109 13.17 2.00 -10.49
N ASN A 110 12.53 1.70 -9.39
CA ASN A 110 11.80 2.76 -8.64
C ASN A 110 12.02 2.56 -7.15
N SER A 111 11.28 3.24 -6.33
CA SER A 111 11.45 3.08 -4.86
C SER A 111 10.10 3.17 -4.17
N VAL A 112 9.76 2.17 -3.40
CA VAL A 112 8.45 2.19 -2.68
C VAL A 112 8.64 2.78 -1.28
N ILE A 113 8.63 4.08 -1.15
CA ILE A 113 8.81 4.70 0.19
C ILE A 113 7.48 5.23 0.72
N PHE A 114 7.08 4.79 1.88
CA PHE A 114 5.79 5.26 2.47
C PHE A 114 6.01 5.66 3.93
N SER A 115 4.97 6.06 4.61
CA SER A 115 5.13 6.45 6.04
C SER A 115 3.82 6.22 6.79
N ALA A 116 3.82 5.40 7.80
CA ALA A 116 2.57 5.12 8.54
C ALA A 116 2.25 6.29 9.49
N LYS A 117 1.01 6.67 9.56
CA LYS A 117 0.61 7.79 10.46
C LYS A 117 0.43 7.28 11.89
N SER A 118 1.32 6.43 12.35
CA SER A 118 1.20 5.90 13.73
C SER A 118 2.50 5.18 14.09
N ALA A 119 2.60 4.64 15.28
CA ALA A 119 3.85 3.93 15.67
C ALA A 119 3.72 2.45 15.30
N GLU A 120 2.59 1.86 15.58
CA GLU A 120 2.41 0.42 15.25
C GLU A 120 2.13 0.28 13.76
N GLU A 121 1.67 1.33 13.13
CA GLU A 121 1.38 1.25 11.67
C GLU A 121 2.69 1.37 10.88
N LYS A 122 3.61 2.17 11.34
CA LYS A 122 4.89 2.32 10.61
C LYS A 122 5.68 1.01 10.71
N ASN A 123 5.68 0.39 11.86
CA ASN A 123 6.42 -0.88 12.02
C ASN A 123 5.59 -2.03 11.46
N ASN A 124 4.35 -1.77 11.13
CA ASN A 124 3.49 -2.86 10.58
C ASN A 124 3.82 -3.07 9.10
N TRP A 125 3.66 -2.07 8.29
CA TRP A 125 3.96 -2.24 6.85
C TRP A 125 5.44 -2.54 6.69
N MET A 126 6.26 -1.93 7.50
CA MET A 126 7.73 -2.18 7.41
C MET A 126 8.01 -3.68 7.63
N ALA A 127 7.40 -4.27 8.63
CA ALA A 127 7.65 -5.72 8.88
C ALA A 127 7.02 -6.55 7.75
N ALA A 128 5.97 -6.05 7.18
CA ALA A 128 5.31 -6.80 6.06
C ALA A 128 6.29 -6.99 4.91
N LEU A 129 7.26 -6.13 4.82
CA LEU A 129 8.25 -6.27 3.71
C LEU A 129 9.32 -7.28 4.11
N ILE A 130 10.02 -7.04 5.17
CA ILE A 130 11.06 -7.99 5.60
C ILE A 130 10.40 -9.30 6.04
N SER A 131 9.09 -9.32 6.14
CA SER A 131 8.40 -10.57 6.53
C SER A 131 8.43 -11.55 5.37
N LEU A 132 8.29 -11.06 4.17
CA LEU A 132 8.31 -11.98 2.99
C LEU A 132 9.75 -12.13 2.49
N GLN A 133 10.58 -11.13 2.69
CA GLN A 133 11.98 -11.22 2.23
C GLN A 133 12.67 -12.41 2.91
N TYR A 134 12.39 -12.63 4.16
CA TYR A 134 13.02 -13.76 4.88
C TYR A 134 12.80 -15.05 4.10
N ARG A 135 11.67 -15.19 3.46
CA ARG A 135 11.39 -16.42 2.68
C ARG A 135 11.17 -16.05 1.21
N SER A 136 9.95 -15.70 0.86
CA SER A 136 9.68 -15.33 -0.56
C SER A 136 10.05 -13.87 -0.79
N SER A 2 -9.49 -3.93 -21.43
CA SER A 2 -9.51 -5.07 -22.39
C SER A 2 -8.88 -6.31 -21.73
N LYS A 3 -7.58 -6.37 -21.68
CA LYS A 3 -6.91 -7.56 -21.05
C LYS A 3 -6.70 -7.28 -19.57
N GLN A 4 -7.68 -6.73 -18.91
CA GLN A 4 -7.53 -6.44 -17.46
C GLN A 4 -7.96 -7.66 -16.65
N LEU A 5 -7.96 -8.82 -17.26
CA LEU A 5 -8.36 -10.04 -16.52
C LEU A 5 -7.56 -10.13 -15.22
N ALA A 6 -6.35 -9.62 -15.23
CA ALA A 6 -5.53 -9.65 -13.99
C ALA A 6 -5.94 -8.49 -13.10
N ILE A 7 -6.33 -7.39 -13.69
CA ILE A 7 -6.76 -6.22 -12.88
C ILE A 7 -8.17 -6.49 -12.34
N LYS A 8 -8.81 -7.51 -12.80
CA LYS A 8 -10.17 -7.83 -12.31
C LYS A 8 -10.05 -8.50 -10.94
N LYS A 9 -8.90 -9.08 -10.66
CA LYS A 9 -8.71 -9.74 -9.34
C LYS A 9 -8.64 -8.66 -8.25
N MET A 10 -7.63 -7.82 -8.31
CA MET A 10 -7.50 -6.75 -7.28
C MET A 10 -8.87 -6.14 -6.98
N ASN A 11 -9.76 -6.17 -7.95
CA ASN A 11 -11.12 -5.58 -7.71
C ASN A 11 -11.88 -6.47 -6.74
N GLU A 12 -12.09 -7.71 -7.08
CA GLU A 12 -12.82 -8.63 -6.18
C GLU A 12 -11.99 -8.89 -4.91
N ILE A 13 -10.77 -8.43 -4.91
CA ILE A 13 -9.90 -8.65 -3.71
C ILE A 13 -10.09 -7.50 -2.73
N GLN A 14 -10.23 -6.30 -3.22
CA GLN A 14 -10.41 -5.12 -2.31
C GLN A 14 -11.77 -5.23 -1.60
N LYS A 15 -12.68 -5.99 -2.17
CA LYS A 15 -14.02 -6.12 -1.52
C LYS A 15 -14.04 -7.35 -0.63
N ASN A 16 -13.36 -8.39 -1.02
CA ASN A 16 -13.33 -9.62 -0.19
C ASN A 16 -12.31 -9.42 0.93
N ILE A 17 -11.60 -8.32 0.90
CA ILE A 17 -10.58 -8.06 1.94
C ILE A 17 -11.14 -7.08 2.97
N ASP A 18 -11.82 -6.05 2.52
CA ASP A 18 -12.37 -5.04 3.47
C ASP A 18 -11.26 -4.09 3.90
N GLY A 19 -10.36 -4.54 4.73
CA GLY A 19 -9.25 -3.66 5.17
C GLY A 19 -8.65 -4.22 6.48
N TRP A 20 -8.18 -5.43 6.45
CA TRP A 20 -7.59 -6.01 7.69
C TRP A 20 -6.23 -6.64 7.40
N GLU A 21 -5.64 -7.29 8.36
CA GLU A 21 -4.31 -7.93 8.14
C GLU A 21 -4.24 -9.26 8.88
N GLY A 22 -4.40 -10.35 8.18
CA GLY A 22 -4.34 -11.68 8.84
C GLY A 22 -4.72 -12.76 7.83
N LYS A 23 -5.97 -12.85 7.46
CA LYS A 23 -6.40 -13.87 6.49
C LYS A 23 -7.36 -13.24 5.47
N ASP A 24 -7.57 -13.90 4.36
CA ASP A 24 -8.50 -13.34 3.34
C ASP A 24 -8.99 -14.47 2.43
N ILE A 25 -8.34 -14.68 1.32
CA ILE A 25 -8.78 -15.76 0.39
C ILE A 25 -7.54 -16.50 -0.15
N GLY A 26 -6.44 -15.81 -0.31
CA GLY A 26 -5.22 -16.48 -0.84
C GLY A 26 -4.23 -16.71 0.30
N GLN A 27 -4.24 -17.87 0.88
CA GLN A 27 -3.28 -18.14 2.00
C GLN A 27 -1.88 -17.72 1.57
N CYS A 28 -1.60 -17.77 0.29
CA CYS A 28 -0.25 -17.38 -0.20
C CYS A 28 -0.41 -16.41 -1.38
N CYS A 29 -1.62 -16.02 -1.68
CA CYS A 29 -1.84 -15.08 -2.82
C CYS A 29 -2.84 -14.00 -2.41
N ASN A 30 -2.80 -13.59 -1.16
CA ASN A 30 -3.73 -12.53 -0.68
C ASN A 30 -3.57 -12.40 0.84
N GLU A 31 -4.48 -12.94 1.62
CA GLU A 31 -4.34 -12.86 3.11
C GLU A 31 -3.79 -11.49 3.52
N PHE A 32 -4.03 -10.48 2.72
CA PHE A 32 -3.53 -9.08 3.02
C PHE A 32 -2.97 -8.97 4.44
N ILE A 33 -1.75 -8.51 4.56
CA ILE A 33 -1.14 -8.36 5.91
C ILE A 33 -1.11 -6.88 6.30
N MET A 34 -1.26 -6.00 5.34
CA MET A 34 -1.22 -4.55 5.67
C MET A 34 -2.43 -3.83 5.04
N GLU A 35 -3.46 -3.60 5.82
CA GLU A 35 -4.65 -2.91 5.28
C GLU A 35 -5.06 -1.78 6.23
N GLY A 36 -4.70 -0.57 5.92
CA GLY A 36 -5.07 0.54 6.83
C GLY A 36 -4.68 1.89 6.23
N THR A 37 -3.63 2.49 6.70
CA THR A 37 -3.20 3.81 6.17
C THR A 37 -1.69 3.95 6.23
N LEU A 38 -1.12 4.56 5.22
CA LEU A 38 0.35 4.77 5.21
C LEU A 38 0.63 6.04 4.40
N THR A 39 1.69 6.74 4.69
CA THR A 39 1.96 8.00 3.95
C THR A 39 2.90 7.75 2.78
N ARG A 40 2.55 8.24 1.63
CA ARG A 40 3.44 8.07 0.45
C ARG A 40 4.41 9.25 0.44
N VAL A 41 5.51 9.13 1.13
CA VAL A 41 6.50 10.25 1.20
C VAL A 41 6.55 11.00 -0.14
N GLY A 42 6.93 12.25 -0.10
CA GLY A 42 6.97 13.05 -1.36
C GLY A 42 5.61 13.72 -1.55
N ALA A 43 4.74 13.61 -0.59
CA ALA A 43 3.40 14.24 -0.70
C ALA A 43 2.95 14.74 0.67
N LYS A 44 2.36 15.90 0.73
CA LYS A 44 1.90 16.42 2.04
C LYS A 44 0.50 15.88 2.33
N HIS A 45 0.36 14.59 2.46
CA HIS A 45 -0.97 13.98 2.73
C HIS A 45 -0.91 12.48 2.48
N GLU A 46 -0.99 11.70 3.53
CA GLU A 46 -0.93 10.22 3.38
C GLU A 46 -1.89 9.74 2.29
N ARG A 47 -2.02 8.44 2.19
CA ARG A 47 -2.94 7.85 1.18
C ARG A 47 -3.45 6.51 1.72
N HIS A 48 -4.68 6.17 1.45
CA HIS A 48 -5.22 4.87 1.94
C HIS A 48 -4.35 3.77 1.35
N ILE A 49 -4.07 2.72 2.07
CA ILE A 49 -3.19 1.67 1.49
C ILE A 49 -3.76 0.28 1.73
N PHE A 50 -3.34 -0.64 0.90
CA PHE A 50 -3.79 -2.06 1.04
C PHE A 50 -2.64 -2.92 0.50
N LEU A 51 -2.30 -4.00 1.15
CA LEU A 51 -1.16 -4.82 0.64
C LEU A 51 -1.34 -6.29 1.03
N PHE A 52 -0.76 -7.17 0.27
CA PHE A 52 -0.87 -8.61 0.60
C PHE A 52 0.39 -9.34 0.12
N ASP A 53 1.17 -9.83 1.05
CA ASP A 53 2.42 -10.55 0.68
C ASP A 53 3.21 -9.77 -0.37
N GLY A 54 2.96 -10.01 -1.64
CA GLY A 54 3.74 -9.28 -2.69
C GLY A 54 2.82 -8.45 -3.58
N LEU A 55 1.81 -7.85 -3.04
CA LEU A 55 0.90 -7.02 -3.88
C LEU A 55 0.58 -5.73 -3.13
N MET A 56 1.20 -4.65 -3.50
CA MET A 56 0.93 -3.37 -2.78
C MET A 56 -0.10 -2.53 -3.54
N ILE A 57 -1.34 -2.59 -3.14
CA ILE A 57 -2.38 -1.75 -3.80
C ILE A 57 -2.50 -0.44 -3.01
N CYS A 58 -3.05 0.59 -3.61
CA CYS A 58 -3.16 1.89 -2.90
C CYS A 58 -4.44 2.62 -3.35
N CYS A 59 -4.90 3.55 -2.57
CA CYS A 59 -6.12 4.31 -2.95
C CYS A 59 -5.94 5.77 -2.56
N LYS A 60 -5.63 6.62 -3.51
CA LYS A 60 -5.43 8.06 -3.18
C LYS A 60 -6.68 8.85 -3.59
N SER A 61 -6.83 10.04 -3.07
CA SER A 61 -8.02 10.87 -3.43
C SER A 61 -7.85 11.42 -4.84
N ASN A 62 -8.89 11.97 -5.41
CA ASN A 62 -8.79 12.53 -6.78
C ASN A 62 -7.49 13.33 -6.91
N HIS A 63 -6.62 12.94 -7.80
CA HIS A 63 -5.33 13.68 -7.96
C HIS A 63 -5.62 15.06 -8.56
N GLY A 64 -4.66 15.63 -9.23
CA GLY A 64 -4.87 16.98 -9.83
C GLY A 64 -5.34 16.82 -11.29
N GLN A 65 -4.55 17.25 -12.22
CA GLN A 65 -4.95 17.13 -13.65
C GLN A 65 -4.76 15.68 -14.11
N PRO A 66 -5.48 15.30 -15.14
CA PRO A 66 -5.41 13.95 -15.70
C PRO A 66 -4.17 13.79 -16.57
N ARG A 67 -4.16 12.83 -17.46
CA ARG A 67 -2.98 12.63 -18.33
C ARG A 67 -3.30 13.12 -19.74
N LEU A 68 -3.91 12.29 -20.55
CA LEU A 68 -4.23 12.72 -21.94
C LEU A 68 -5.63 13.36 -22.00
N PRO A 69 -6.60 12.69 -21.44
CA PRO A 69 -7.99 13.18 -21.43
C PRO A 69 -8.19 14.22 -20.34
N GLY A 70 -9.41 14.62 -20.10
CA GLY A 70 -9.67 15.64 -19.04
C GLY A 70 -10.23 14.95 -17.80
N ALA A 71 -9.79 13.77 -17.52
CA ALA A 71 -10.30 13.05 -16.31
C ALA A 71 -11.72 12.53 -16.59
N SER A 72 -11.90 11.84 -17.69
CA SER A 72 -13.26 11.32 -18.01
C SER A 72 -13.24 9.79 -17.95
N SER A 73 -12.96 9.23 -16.80
CA SER A 73 -12.92 7.75 -16.68
C SER A 73 -12.65 7.36 -15.22
N ALA A 74 -11.86 8.14 -14.53
CA ALA A 74 -11.57 7.82 -13.11
C ALA A 74 -11.59 9.10 -12.27
N GLU A 75 -12.72 9.73 -12.17
CA GLU A 75 -12.82 10.98 -11.36
C GLU A 75 -13.22 10.64 -9.93
N TYR A 76 -12.55 11.19 -8.96
CA TYR A 76 -12.90 10.89 -7.55
C TYR A 76 -12.82 9.38 -7.32
N ARG A 77 -11.80 8.75 -7.82
CA ARG A 77 -11.66 7.27 -7.62
C ARG A 77 -10.39 6.79 -8.32
N LEU A 78 -9.29 6.72 -7.61
CA LEU A 78 -8.02 6.26 -8.24
C LEU A 78 -7.43 5.13 -7.39
N LYS A 79 -6.96 4.09 -8.02
CA LYS A 79 -6.37 2.96 -7.26
C LYS A 79 -5.18 2.38 -8.04
N GLU A 80 -4.00 2.44 -7.47
CA GLU A 80 -2.81 1.89 -8.18
C GLU A 80 -2.43 0.54 -7.58
N LYS A 81 -1.60 -0.22 -8.24
CA LYS A 81 -1.20 -1.53 -7.70
C LYS A 81 0.21 -1.88 -8.18
N PHE A 82 1.04 -2.38 -7.31
CA PHE A 82 2.42 -2.74 -7.71
C PHE A 82 2.78 -4.13 -7.16
N PHE A 83 3.83 -4.71 -7.67
CA PHE A 83 4.24 -6.05 -7.18
C PHE A 83 5.28 -5.88 -6.06
N MET A 84 4.86 -6.04 -4.83
CA MET A 84 5.82 -5.87 -3.71
C MET A 84 6.37 -7.22 -3.26
N ARG A 85 6.96 -7.96 -4.16
CA ARG A 85 7.52 -9.29 -3.77
C ARG A 85 9.01 -9.32 -4.09
N LYS A 86 9.47 -8.40 -4.88
CA LYS A 86 10.91 -8.35 -5.21
C LYS A 86 11.47 -7.02 -4.73
N VAL A 87 10.91 -6.53 -3.66
CA VAL A 87 11.37 -5.22 -3.12
C VAL A 87 11.91 -5.41 -1.70
N GLN A 88 12.69 -4.47 -1.23
CA GLN A 88 13.25 -4.60 0.15
C GLN A 88 13.08 -3.26 0.89
N ILE A 89 12.65 -3.33 2.12
CA ILE A 89 12.45 -2.09 2.92
C ILE A 89 13.74 -1.75 3.66
N ASN A 90 14.07 -0.49 3.73
CA ASN A 90 15.32 -0.09 4.43
C ASN A 90 14.97 0.91 5.54
N ASP A 91 14.98 0.48 6.77
CA ASP A 91 14.64 1.39 7.89
C ASP A 91 15.73 2.46 8.01
N LYS A 92 15.36 3.72 7.90
CA LYS A 92 16.37 4.80 8.01
C LYS A 92 16.43 5.30 9.45
N ASP A 93 17.26 6.27 9.72
CA ASP A 93 17.37 6.80 11.11
C ASP A 93 17.22 8.32 11.09
N ASP A 94 16.05 8.82 10.84
CA ASP A 94 15.86 10.30 10.81
C ASP A 94 16.52 10.93 12.03
N THR A 95 16.12 10.54 13.21
CA THR A 95 16.72 11.13 14.44
C THR A 95 17.31 10.01 15.29
N SER A 96 18.46 10.23 15.86
CA SER A 96 19.07 9.18 16.72
C SER A 96 18.08 8.80 17.82
N GLU A 97 17.10 9.63 18.05
CA GLU A 97 16.09 9.32 19.10
C GLU A 97 15.18 8.19 18.62
N TYR A 98 14.80 8.21 17.37
CA TYR A 98 13.92 7.14 16.85
C TYR A 98 13.86 7.23 15.31
N LYS A 99 13.04 6.41 14.70
CA LYS A 99 12.94 6.43 13.22
C LYS A 99 11.83 7.41 12.80
N HIS A 100 11.41 7.34 11.56
CA HIS A 100 10.33 8.26 11.10
C HIS A 100 9.52 7.58 10.00
N ALA A 101 10.17 6.90 9.09
CA ALA A 101 9.43 6.21 7.99
C ALA A 101 10.23 4.99 7.55
N PHE A 102 10.11 4.64 6.29
CA PHE A 102 10.85 3.46 5.76
C PHE A 102 11.20 3.73 4.30
N GLU A 103 12.18 3.06 3.77
CA GLU A 103 12.54 3.33 2.34
C GLU A 103 12.72 2.03 1.58
N ILE A 104 11.72 1.65 0.85
CA ILE A 104 11.80 0.42 0.02
C ILE A 104 12.24 0.82 -1.38
N ILE A 105 12.73 -0.09 -2.15
CA ILE A 105 13.14 0.27 -3.54
C ILE A 105 12.60 -0.74 -4.53
N LEU A 106 12.29 -0.29 -5.71
CA LEU A 106 11.80 -1.23 -6.75
C LEU A 106 13.02 -1.77 -7.48
N LYS A 107 12.91 -2.90 -8.07
CA LYS A 107 14.09 -3.43 -8.78
C LYS A 107 14.01 -3.00 -10.25
N ASP A 108 13.20 -2.01 -10.53
CA ASP A 108 13.06 -1.53 -11.93
C ASP A 108 13.73 -0.17 -12.05
N GLY A 109 13.44 0.74 -11.16
CA GLY A 109 14.08 2.08 -11.24
C GLY A 109 13.32 3.11 -10.39
N ASN A 110 12.67 2.69 -9.34
CA ASN A 110 11.94 3.67 -8.50
C ASN A 110 12.19 3.34 -7.02
N SER A 111 11.50 3.99 -6.12
CA SER A 111 11.71 3.70 -4.68
C SER A 111 10.38 3.78 -3.94
N VAL A 112 10.04 2.75 -3.22
CA VAL A 112 8.75 2.73 -2.47
C VAL A 112 8.99 3.27 -1.04
N ILE A 113 9.09 4.56 -0.88
CA ILE A 113 9.31 5.11 0.49
C ILE A 113 7.98 5.58 1.08
N PHE A 114 7.65 5.13 2.27
CA PHE A 114 6.36 5.56 2.90
C PHE A 114 6.60 5.81 4.40
N SER A 115 5.59 6.25 5.11
CA SER A 115 5.77 6.52 6.57
C SER A 115 4.44 6.30 7.29
N ALA A 116 4.40 5.45 8.26
CA ALA A 116 3.11 5.20 8.98
C ALA A 116 2.83 6.32 9.96
N LYS A 117 1.58 6.69 10.10
CA LYS A 117 1.19 7.78 11.03
C LYS A 117 1.07 7.20 12.46
N SER A 118 1.98 6.36 12.85
CA SER A 118 1.91 5.78 14.22
C SER A 118 3.17 4.94 14.47
N ALA A 119 3.25 4.27 15.59
CA ALA A 119 4.45 3.44 15.86
C ALA A 119 4.23 2.03 15.33
N GLU A 120 3.15 1.41 15.72
CA GLU A 120 2.88 0.02 15.24
C GLU A 120 2.61 0.06 13.73
N GLU A 121 1.89 1.04 13.27
CA GLU A 121 1.60 1.13 11.80
C GLU A 121 2.92 1.24 11.03
N LYS A 122 3.89 1.91 11.58
CA LYS A 122 5.20 2.04 10.89
C LYS A 122 5.83 0.66 10.75
N ASN A 123 6.06 0.00 11.84
CA ASN A 123 6.66 -1.36 11.78
C ASN A 123 5.64 -2.35 11.20
N ASN A 124 4.42 -1.92 11.02
CA ASN A 124 3.39 -2.84 10.46
C ASN A 124 3.68 -3.12 8.99
N TRP A 125 3.61 -2.13 8.15
CA TRP A 125 3.87 -2.38 6.71
C TRP A 125 5.34 -2.77 6.53
N MET A 126 6.19 -2.16 7.29
CA MET A 126 7.64 -2.48 7.18
C MET A 126 7.89 -3.95 7.53
N ALA A 127 7.18 -4.48 8.49
CA ALA A 127 7.43 -5.89 8.87
C ALA A 127 6.76 -6.83 7.86
N ALA A 128 5.61 -6.48 7.37
CA ALA A 128 4.91 -7.37 6.38
C ALA A 128 5.79 -7.55 5.15
N LEU A 129 6.69 -6.65 4.91
CA LEU A 129 7.56 -6.79 3.71
C LEU A 129 8.70 -7.75 4.01
N ILE A 130 9.54 -7.42 4.95
CA ILE A 130 10.65 -8.32 5.29
C ILE A 130 10.09 -9.62 5.88
N SER A 131 8.81 -9.66 6.15
CA SER A 131 8.21 -10.89 6.72
C SER A 131 7.93 -11.87 5.59
N LEU A 132 7.26 -11.43 4.55
CA LEU A 132 6.96 -12.34 3.42
C LEU A 132 8.16 -12.42 2.47
N GLN A 133 9.13 -11.57 2.66
CA GLN A 133 10.33 -11.60 1.78
C GLN A 133 11.08 -12.91 1.98
N TYR A 134 11.26 -13.31 3.22
CA TYR A 134 12.00 -14.58 3.48
C TYR A 134 11.50 -15.67 2.53
N ARG A 135 10.27 -15.61 2.12
CA ARG A 135 9.73 -16.64 1.20
C ARG A 135 9.33 -15.98 -0.13
N SER A 136 8.25 -15.26 -0.15
CA SER A 136 7.83 -14.60 -1.42
C SER A 136 8.80 -13.45 -1.75
N SER A 2 -9.32 -9.90 -24.11
CA SER A 2 -8.90 -9.14 -22.90
C SER A 2 -8.08 -10.06 -21.99
N LYS A 3 -6.78 -9.91 -21.99
CA LYS A 3 -5.94 -10.78 -21.12
C LYS A 3 -5.69 -10.07 -19.79
N GLN A 4 -6.58 -9.22 -19.39
CA GLN A 4 -6.38 -8.49 -18.10
C GLN A 4 -7.00 -9.31 -16.95
N LEU A 5 -7.06 -10.60 -17.11
CA LEU A 5 -7.64 -11.45 -16.03
C LEU A 5 -6.86 -11.22 -14.73
N ALA A 6 -5.64 -10.79 -14.84
CA ALA A 6 -4.83 -10.55 -13.61
C ALA A 6 -5.11 -9.13 -13.11
N ILE A 7 -5.38 -8.22 -14.00
CA ILE A 7 -5.67 -6.82 -13.57
C ILE A 7 -7.12 -6.72 -13.11
N LYS A 8 -7.91 -7.71 -13.40
CA LYS A 8 -9.33 -7.69 -12.97
C LYS A 8 -9.38 -8.01 -11.48
N LYS A 9 -8.45 -8.79 -11.00
CA LYS A 9 -8.43 -9.14 -9.57
C LYS A 9 -8.35 -7.86 -8.74
N MET A 10 -7.31 -7.10 -8.94
CA MET A 10 -7.13 -5.82 -8.19
C MET A 10 -8.48 -5.15 -7.92
N ASN A 11 -9.43 -5.32 -8.80
CA ASN A 11 -10.76 -4.69 -8.56
C ASN A 11 -11.51 -5.46 -7.48
N GLU A 12 -11.62 -6.76 -7.61
CA GLU A 12 -12.33 -7.57 -6.59
C GLU A 12 -11.53 -7.63 -5.29
N ILE A 13 -10.31 -7.16 -5.29
CA ILE A 13 -9.51 -7.21 -4.03
C ILE A 13 -9.63 -5.87 -3.30
N GLN A 14 -9.68 -4.79 -4.02
CA GLN A 14 -9.81 -3.46 -3.37
C GLN A 14 -11.28 -3.13 -3.14
N LYS A 15 -12.17 -3.92 -3.69
CA LYS A 15 -13.61 -3.65 -3.52
C LYS A 15 -14.30 -4.79 -2.78
N ASN A 16 -13.92 -6.00 -3.06
CA ASN A 16 -14.59 -7.15 -2.37
C ASN A 16 -14.08 -7.25 -0.94
N ILE A 17 -13.09 -6.46 -0.58
CA ILE A 17 -12.56 -6.53 0.81
C ILE A 17 -11.98 -5.18 1.24
N ASP A 18 -12.13 -4.16 0.44
CA ASP A 18 -11.59 -2.83 0.83
C ASP A 18 -10.15 -2.97 1.34
N GLY A 19 -9.99 -3.13 2.63
CA GLY A 19 -8.63 -3.28 3.20
C GLY A 19 -8.65 -4.41 4.23
N TRP A 20 -8.97 -5.60 3.80
CA TRP A 20 -9.02 -6.75 4.75
C TRP A 20 -7.77 -7.63 4.57
N GLU A 21 -7.71 -8.72 5.29
CA GLU A 21 -6.53 -9.64 5.20
C GLU A 21 -5.92 -9.64 3.79
N GLY A 22 -6.29 -10.58 2.97
CA GLY A 22 -5.71 -10.62 1.60
C GLY A 22 -6.83 -10.57 0.56
N LYS A 23 -6.62 -11.18 -0.58
CA LYS A 23 -7.68 -11.17 -1.64
C LYS A 23 -8.73 -12.22 -1.31
N ASP A 24 -9.59 -11.92 -0.37
CA ASP A 24 -10.66 -12.89 0.04
C ASP A 24 -10.09 -13.89 1.04
N ILE A 25 -8.91 -14.40 0.78
CA ILE A 25 -8.30 -15.39 1.71
C ILE A 25 -6.97 -15.88 1.14
N GLY A 26 -6.28 -15.05 0.39
CA GLY A 26 -4.97 -15.47 -0.20
C GLY A 26 -5.06 -16.93 -0.67
N GLN A 27 -5.59 -17.15 -1.84
CA GLN A 27 -5.70 -18.54 -2.35
C GLN A 27 -4.36 -19.25 -2.18
N CYS A 28 -3.28 -18.59 -2.53
CA CYS A 28 -1.94 -19.23 -2.38
C CYS A 28 -0.98 -18.21 -1.74
N CYS A 29 -1.08 -16.97 -2.12
CA CYS A 29 -0.18 -15.93 -1.53
C CYS A 29 -0.95 -14.61 -1.45
N ASN A 30 -1.12 -14.08 -0.27
CA ASN A 30 -1.86 -12.81 -0.10
C ASN A 30 -2.36 -12.70 1.34
N GLU A 31 -3.55 -13.18 1.59
CA GLU A 31 -4.10 -13.14 2.98
C GLU A 31 -3.75 -11.81 3.65
N PHE A 32 -3.70 -11.79 4.95
CA PHE A 32 -3.39 -10.53 5.67
C PHE A 32 -1.89 -10.20 5.58
N ILE A 33 -1.58 -8.95 5.41
CA ILE A 33 -0.15 -8.52 5.35
C ILE A 33 -0.07 -7.06 5.78
N MET A 34 -0.81 -6.20 5.13
CA MET A 34 -0.78 -4.76 5.52
C MET A 34 -2.13 -4.11 5.19
N GLU A 35 -3.01 -4.00 6.14
CA GLU A 35 -4.34 -3.37 5.87
C GLU A 35 -4.58 -2.24 6.88
N GLY A 36 -4.35 -1.01 6.49
CA GLY A 36 -4.59 0.10 7.45
C GLY A 36 -4.36 1.46 6.78
N THR A 37 -3.35 2.16 7.18
CA THR A 37 -3.08 3.49 6.58
C THR A 37 -1.58 3.72 6.46
N LEU A 38 -1.13 4.18 5.33
CA LEU A 38 0.33 4.45 5.15
C LEU A 38 0.51 5.63 4.21
N THR A 39 1.57 6.36 4.36
CA THR A 39 1.78 7.56 3.48
C THR A 39 2.93 7.30 2.51
N ARG A 40 3.32 8.32 1.79
CA ARG A 40 4.45 8.17 0.84
C ARG A 40 5.63 8.96 1.39
N VAL A 41 5.91 8.79 2.65
CA VAL A 41 7.03 9.54 3.28
C VAL A 41 6.82 11.05 3.07
N GLY A 42 7.51 11.85 3.84
CA GLY A 42 7.37 13.33 3.70
C GLY A 42 5.92 13.71 3.36
N ALA A 43 5.02 13.59 4.30
CA ALA A 43 3.61 13.95 4.02
C ALA A 43 2.84 14.08 5.34
N LYS A 44 1.87 14.94 5.38
CA LYS A 44 1.08 15.13 6.63
C LYS A 44 -0.27 14.42 6.49
N HIS A 45 -0.60 13.99 5.30
CA HIS A 45 -1.90 13.29 5.08
C HIS A 45 -1.65 12.04 4.23
N GLU A 46 -1.67 10.89 4.83
CA GLU A 46 -1.44 9.64 4.05
C GLU A 46 -2.74 9.18 3.38
N ARG A 47 -2.86 7.92 3.09
CA ARG A 47 -4.10 7.42 2.42
C ARG A 47 -4.40 5.99 2.87
N HIS A 48 -5.61 5.54 2.70
CA HIS A 48 -5.94 4.14 3.10
C HIS A 48 -5.15 3.17 2.24
N ILE A 49 -4.20 2.48 2.81
CA ILE A 49 -3.38 1.54 2.01
C ILE A 49 -3.83 0.11 2.25
N PHE A 50 -3.52 -0.77 1.34
CA PHE A 50 -3.88 -2.20 1.50
C PHE A 50 -2.76 -3.04 0.87
N LEU A 51 -2.51 -4.21 1.38
CA LEU A 51 -1.41 -5.03 0.80
C LEU A 51 -1.72 -6.52 0.98
N PHE A 52 -1.54 -7.31 -0.05
CA PHE A 52 -1.83 -8.75 0.06
C PHE A 52 -0.57 -9.56 -0.25
N ASP A 53 0.44 -9.43 0.57
CA ASP A 53 1.73 -10.18 0.37
C ASP A 53 2.45 -9.74 -0.92
N GLY A 54 1.95 -10.06 -2.10
CA GLY A 54 2.69 -9.65 -3.33
C GLY A 54 1.86 -8.66 -4.16
N LEU A 55 0.68 -8.30 -3.71
CA LEU A 55 -0.13 -7.33 -4.49
C LEU A 55 -0.31 -6.05 -3.69
N MET A 56 0.35 -5.00 -4.09
CA MET A 56 0.21 -3.72 -3.34
C MET A 56 -0.96 -2.92 -3.90
N ILE A 57 -1.63 -2.18 -3.05
CA ILE A 57 -2.78 -1.37 -3.51
C ILE A 57 -2.89 -0.12 -2.64
N CYS A 58 -3.57 0.90 -3.10
CA CYS A 58 -3.71 2.15 -2.30
C CYS A 58 -5.04 2.82 -2.64
N CYS A 59 -5.58 3.61 -1.75
CA CYS A 59 -6.88 4.28 -2.04
C CYS A 59 -6.90 5.66 -1.37
N LYS A 60 -7.22 6.68 -2.13
CA LYS A 60 -7.27 8.05 -1.56
C LYS A 60 -7.28 9.07 -2.72
N SER A 61 -8.38 9.75 -2.90
CA SER A 61 -8.45 10.74 -4.01
C SER A 61 -7.36 11.79 -3.82
N ASN A 62 -7.00 12.48 -4.87
CA ASN A 62 -5.95 13.52 -4.76
C ASN A 62 -4.63 12.86 -4.32
N HIS A 63 -3.77 12.54 -5.24
CA HIS A 63 -2.48 11.89 -4.88
C HIS A 63 -1.73 12.77 -3.88
N GLY A 64 -1.46 14.01 -4.24
CA GLY A 64 -0.73 14.91 -3.32
C GLY A 64 -1.23 16.34 -3.49
N GLN A 65 -1.26 17.12 -2.45
CA GLN A 65 -1.74 18.52 -2.56
C GLN A 65 -1.09 19.19 -3.77
N PRO A 66 -1.82 20.07 -4.40
CA PRO A 66 -1.33 20.81 -5.58
C PRO A 66 -0.40 21.95 -5.15
N ARG A 67 0.31 22.51 -6.08
CA ARG A 67 1.23 23.63 -5.74
C ARG A 67 0.43 24.79 -5.16
N LEU A 68 -0.54 25.28 -5.89
CA LEU A 68 -1.35 26.41 -5.39
C LEU A 68 -2.82 25.97 -5.26
N PRO A 69 -3.33 26.00 -4.05
CA PRO A 69 -4.72 25.60 -3.78
C PRO A 69 -5.69 26.73 -4.17
N GLY A 70 -6.79 26.40 -4.78
CA GLY A 70 -7.77 27.44 -5.19
C GLY A 70 -7.93 27.43 -6.70
N ALA A 71 -6.94 26.97 -7.42
CA ALA A 71 -7.03 26.93 -8.90
C ALA A 71 -6.94 25.48 -9.38
N SER A 72 -7.65 24.59 -8.76
CA SER A 72 -7.61 23.16 -9.17
C SER A 72 -8.94 22.76 -9.81
N SER A 73 -8.91 21.92 -10.81
CA SER A 73 -10.18 21.50 -11.46
C SER A 73 -10.64 20.16 -10.90
N ALA A 74 -10.14 19.07 -11.44
CA ALA A 74 -10.54 17.73 -10.94
C ALA A 74 -9.75 17.41 -9.67
N GLU A 75 -10.42 17.02 -8.61
CA GLU A 75 -9.70 16.69 -7.35
C GLU A 75 -10.12 15.29 -6.88
N TYR A 76 -10.62 14.48 -7.77
CA TYR A 76 -11.04 13.12 -7.37
C TYR A 76 -10.32 12.08 -8.23
N ARG A 77 -9.08 11.80 -7.92
CA ARG A 77 -8.32 10.80 -8.71
C ARG A 77 -8.92 9.41 -8.49
N LEU A 78 -8.13 8.37 -8.66
CA LEU A 78 -8.65 7.00 -8.45
C LEU A 78 -7.69 6.21 -7.57
N LYS A 79 -7.85 4.92 -7.52
CA LYS A 79 -6.94 4.09 -6.67
C LYS A 79 -5.81 3.53 -7.54
N GLU A 80 -4.70 3.18 -6.94
CA GLU A 80 -3.56 2.63 -7.72
C GLU A 80 -3.18 1.25 -7.16
N LYS A 81 -2.42 0.49 -7.90
CA LYS A 81 -2.01 -0.85 -7.40
C LYS A 81 -0.65 -1.23 -8.00
N PHE A 82 0.25 -1.72 -7.17
CA PHE A 82 1.59 -2.11 -7.68
C PHE A 82 1.86 -3.57 -7.30
N PHE A 83 3.07 -4.03 -7.52
CA PHE A 83 3.42 -5.44 -7.16
C PHE A 83 4.40 -5.43 -6.00
N MET A 84 3.97 -5.83 -4.83
CA MET A 84 4.89 -5.83 -3.65
C MET A 84 5.41 -7.24 -3.38
N ARG A 85 6.25 -7.77 -4.24
CA ARG A 85 6.78 -9.13 -4.00
C ARG A 85 8.31 -9.12 -4.13
N LYS A 86 8.82 -8.32 -5.02
CA LYS A 86 10.28 -8.24 -5.18
C LYS A 86 10.77 -6.93 -4.59
N VAL A 87 10.14 -6.52 -3.54
CA VAL A 87 10.54 -5.24 -2.88
C VAL A 87 11.34 -5.52 -1.61
N GLN A 88 12.08 -4.54 -1.15
CA GLN A 88 12.88 -4.71 0.08
C GLN A 88 12.83 -3.40 0.89
N ILE A 89 12.45 -3.49 2.13
CA ILE A 89 12.35 -2.25 2.95
C ILE A 89 13.69 -1.96 3.64
N ASN A 90 14.06 -0.71 3.70
CA ASN A 90 15.35 -0.34 4.34
C ASN A 90 15.07 0.68 5.45
N ASP A 91 14.96 0.24 6.67
CA ASP A 91 14.69 1.20 7.78
C ASP A 91 16.02 1.78 8.29
N LYS A 92 16.06 3.07 8.47
CA LYS A 92 17.32 3.70 8.96
C LYS A 92 17.00 4.66 10.11
N ASP A 93 16.40 4.15 11.16
CA ASP A 93 16.06 5.03 12.32
C ASP A 93 17.27 5.13 13.25
N ASP A 94 18.44 5.31 12.71
CA ASP A 94 19.65 5.42 13.58
C ASP A 94 19.43 6.51 14.63
N THR A 95 18.70 7.53 14.29
CA THR A 95 18.44 8.63 15.26
C THR A 95 17.01 9.13 15.12
N SER A 96 16.39 9.48 16.20
CA SER A 96 14.99 9.99 16.11
C SER A 96 14.98 11.23 15.21
N GLU A 97 16.12 11.79 14.96
CA GLU A 97 16.19 13.00 14.09
C GLU A 97 15.92 12.60 12.64
N TYR A 98 16.40 11.45 12.23
CA TYR A 98 16.17 11.00 10.83
C TYR A 98 14.66 10.91 10.57
N LYS A 99 14.28 10.44 9.41
CA LYS A 99 12.83 10.32 9.10
C LYS A 99 12.24 9.12 9.84
N HIS A 100 10.94 9.09 9.98
CA HIS A 100 10.29 7.94 10.69
C HIS A 100 9.48 7.12 9.70
N ALA A 101 10.13 6.57 8.70
CA ALA A 101 9.39 5.74 7.70
C ALA A 101 10.29 4.60 7.23
N PHE A 102 10.10 4.14 6.04
CA PHE A 102 10.95 3.03 5.51
C PHE A 102 11.05 3.19 4.00
N GLU A 103 12.23 3.12 3.45
CA GLU A 103 12.34 3.29 1.98
C GLU A 103 12.47 1.96 1.29
N ILE A 104 11.39 1.48 0.73
CA ILE A 104 11.43 0.19 0.00
C ILE A 104 11.80 0.50 -1.45
N ILE A 105 12.25 -0.48 -2.19
CA ILE A 105 12.62 -0.21 -3.60
C ILE A 105 12.03 -1.27 -4.52
N LEU A 106 11.75 -0.91 -5.74
CA LEU A 106 11.23 -1.89 -6.71
C LEU A 106 12.43 -2.53 -7.37
N LYS A 107 12.26 -3.69 -7.95
CA LYS A 107 13.42 -4.32 -8.59
C LYS A 107 13.37 -3.99 -10.09
N ASP A 108 12.61 -2.99 -10.46
CA ASP A 108 12.51 -2.60 -11.89
C ASP A 108 13.26 -1.29 -12.10
N GLY A 109 12.98 -0.30 -11.29
CA GLY A 109 13.70 1.00 -11.45
C GLY A 109 12.98 2.12 -10.69
N ASN A 110 12.34 1.81 -9.59
CA ASN A 110 11.65 2.88 -8.82
C ASN A 110 11.86 2.65 -7.33
N SER A 111 11.16 3.35 -6.49
CA SER A 111 11.34 3.17 -5.02
C SER A 111 10.00 3.34 -4.32
N VAL A 112 9.63 2.40 -3.50
CA VAL A 112 8.32 2.49 -2.78
C VAL A 112 8.57 2.99 -1.34
N ILE A 113 8.79 4.26 -1.16
CA ILE A 113 9.02 4.77 0.22
C ILE A 113 7.71 5.29 0.80
N PHE A 114 7.32 4.79 1.94
CA PHE A 114 6.04 5.26 2.57
C PHE A 114 6.29 5.58 4.04
N SER A 115 5.31 6.12 4.72
CA SER A 115 5.50 6.45 6.17
C SER A 115 4.14 6.38 6.87
N ALA A 116 3.99 5.49 7.81
CA ALA A 116 2.68 5.38 8.51
C ALA A 116 2.56 6.48 9.56
N LYS A 117 1.35 6.88 9.86
CA LYS A 117 1.11 7.94 10.86
C LYS A 117 1.12 7.35 12.28
N SER A 118 2.09 6.52 12.57
CA SER A 118 2.15 5.91 13.94
C SER A 118 3.53 5.25 14.13
N ALA A 119 3.86 4.89 15.34
CA ALA A 119 5.18 4.26 15.58
C ALA A 119 5.04 2.74 15.46
N GLU A 120 3.99 2.20 16.02
CA GLU A 120 3.78 0.73 15.93
C GLU A 120 3.15 0.40 14.58
N GLU A 121 2.45 1.34 14.01
CA GLU A 121 1.81 1.08 12.69
C GLU A 121 2.87 1.27 11.60
N LYS A 122 3.76 2.21 11.77
CA LYS A 122 4.82 2.42 10.74
C LYS A 122 5.68 1.15 10.66
N ASN A 123 6.03 0.60 11.78
CA ASN A 123 6.84 -0.65 11.76
C ASN A 123 5.95 -1.80 11.30
N ASN A 124 4.65 -1.57 11.26
CA ASN A 124 3.72 -2.64 10.82
C ASN A 124 3.94 -2.95 9.34
N TRP A 125 3.77 -1.99 8.47
CA TRP A 125 3.97 -2.27 7.03
C TRP A 125 5.43 -2.69 6.80
N MET A 126 6.33 -2.10 7.53
CA MET A 126 7.77 -2.44 7.38
C MET A 126 7.98 -3.94 7.65
N ALA A 127 7.32 -4.49 8.62
CA ALA A 127 7.52 -5.93 8.93
C ALA A 127 6.85 -6.81 7.87
N ALA A 128 5.73 -6.40 7.35
CA ALA A 128 5.04 -7.22 6.31
C ALA A 128 5.94 -7.32 5.08
N LEU A 129 6.86 -6.41 4.92
CA LEU A 129 7.76 -6.47 3.74
C LEU A 129 8.86 -7.50 3.99
N ILE A 130 9.71 -7.26 4.95
CA ILE A 130 10.78 -8.22 5.25
C ILE A 130 10.17 -9.52 5.78
N SER A 131 8.89 -9.51 6.06
CA SER A 131 8.22 -10.74 6.55
C SER A 131 7.98 -11.66 5.36
N LEU A 132 7.69 -11.08 4.22
CA LEU A 132 7.45 -11.90 3.00
C LEU A 132 8.78 -12.30 2.39
N GLN A 133 9.79 -11.49 2.57
CA GLN A 133 11.13 -11.80 2.00
C GLN A 133 11.64 -13.14 2.54
N TYR A 134 11.48 -13.40 3.82
CA TYR A 134 11.97 -14.69 4.38
C TYR A 134 11.09 -15.84 3.91
N ARG A 135 9.80 -15.75 4.11
CA ARG A 135 8.91 -16.86 3.67
C ARG A 135 9.07 -17.06 2.17
N SER A 136 8.64 -16.11 1.39
CA SER A 136 8.76 -16.24 -0.09
C SER A 136 10.23 -16.15 -0.50
N SER A 2 -14.26 -7.35 -22.20
CA SER A 2 -12.78 -7.39 -22.38
C SER A 2 -12.21 -8.57 -21.58
N LYS A 3 -11.00 -8.96 -21.87
CA LYS A 3 -10.39 -10.09 -21.12
C LYS A 3 -9.64 -9.55 -19.90
N GLN A 4 -10.13 -8.50 -19.31
CA GLN A 4 -9.45 -7.93 -18.11
C GLN A 4 -10.01 -8.59 -16.85
N LEU A 5 -10.45 -9.81 -16.96
CA LEU A 5 -11.02 -10.51 -15.77
C LEU A 5 -9.95 -10.59 -14.67
N ALA A 6 -8.70 -10.50 -15.04
CA ALA A 6 -7.62 -10.56 -14.02
C ALA A 6 -7.39 -9.15 -13.46
N ILE A 7 -7.68 -8.15 -14.25
CA ILE A 7 -7.48 -6.75 -13.77
C ILE A 7 -8.72 -6.31 -13.00
N LYS A 8 -9.80 -7.03 -13.14
CA LYS A 8 -11.04 -6.67 -12.41
C LYS A 8 -10.88 -7.08 -10.95
N LYS A 9 -10.11 -8.09 -10.69
CA LYS A 9 -9.90 -8.54 -9.29
C LYS A 9 -9.36 -7.35 -8.48
N MET A 10 -8.26 -6.78 -8.91
CA MET A 10 -7.65 -5.62 -8.20
C MET A 10 -8.74 -4.73 -7.59
N ASN A 11 -9.89 -4.66 -8.22
CA ASN A 11 -10.98 -3.81 -7.65
C ASN A 11 -11.64 -4.55 -6.48
N GLU A 12 -12.01 -5.78 -6.68
CA GLU A 12 -12.66 -6.56 -5.60
C GLU A 12 -11.66 -6.87 -4.48
N ILE A 13 -10.39 -6.60 -4.68
CA ILE A 13 -9.40 -6.91 -3.61
C ILE A 13 -9.26 -5.70 -2.69
N GLN A 14 -9.33 -4.52 -3.24
CA GLN A 14 -9.19 -3.30 -2.38
C GLN A 14 -10.58 -2.79 -1.98
N LYS A 15 -11.62 -3.32 -2.55
CA LYS A 15 -12.99 -2.84 -2.20
C LYS A 15 -13.82 -3.97 -1.59
N ASN A 16 -13.48 -5.19 -1.89
CA ASN A 16 -14.24 -6.30 -1.31
C ASN A 16 -13.53 -6.77 -0.05
N ILE A 17 -12.39 -6.18 0.22
CA ILE A 17 -11.62 -6.54 1.41
C ILE A 17 -11.86 -5.48 2.50
N ASP A 18 -11.87 -4.22 2.14
CA ASP A 18 -12.12 -3.15 3.15
C ASP A 18 -10.87 -2.93 4.01
N GLY A 19 -10.63 -3.80 4.96
CA GLY A 19 -9.45 -3.66 5.84
C GLY A 19 -9.15 -5.04 6.41
N TRP A 20 -9.32 -6.04 5.58
CA TRP A 20 -9.09 -7.44 6.02
C TRP A 20 -10.33 -7.95 6.77
N GLU A 21 -11.50 -7.56 6.34
CA GLU A 21 -12.74 -8.00 7.02
C GLU A 21 -12.62 -9.49 7.40
N GLY A 22 -11.86 -10.23 6.66
CA GLY A 22 -11.71 -11.68 6.97
C GLY A 22 -11.75 -12.49 5.66
N LYS A 23 -12.19 -11.88 4.59
CA LYS A 23 -12.26 -12.60 3.30
C LYS A 23 -10.90 -12.53 2.60
N ASP A 24 -9.83 -12.71 3.34
CA ASP A 24 -8.47 -12.66 2.71
C ASP A 24 -8.50 -13.42 1.38
N ILE A 25 -8.47 -12.72 0.28
CA ILE A 25 -8.49 -13.40 -1.04
C ILE A 25 -7.56 -14.61 -1.01
N GLY A 26 -6.52 -14.54 -0.21
CA GLY A 26 -5.57 -15.69 -0.11
C GLY A 26 -6.07 -16.67 0.94
N GLN A 27 -6.03 -17.95 0.65
CA GLN A 27 -6.51 -18.95 1.64
C GLN A 27 -5.58 -18.96 2.86
N CYS A 28 -4.30 -18.89 2.64
CA CYS A 28 -3.33 -18.88 3.78
C CYS A 28 -2.11 -18.04 3.40
N CYS A 29 -1.05 -18.67 2.95
CA CYS A 29 0.15 -17.88 2.56
C CYS A 29 -0.22 -16.98 1.38
N ASN A 30 0.20 -15.75 1.40
CA ASN A 30 -0.15 -14.82 0.29
C ASN A 30 -1.54 -14.27 0.55
N GLU A 31 -1.64 -13.30 1.42
CA GLU A 31 -2.96 -12.72 1.75
C GLU A 31 -2.76 -11.28 2.21
N PHE A 32 -3.78 -10.46 2.17
CA PHE A 32 -3.61 -9.05 2.62
C PHE A 32 -2.84 -9.03 3.95
N ILE A 33 -1.54 -8.95 3.89
CA ILE A 33 -0.72 -8.96 5.12
C ILE A 33 -0.86 -7.64 5.89
N MET A 34 -1.27 -6.58 5.23
CA MET A 34 -1.42 -5.29 5.96
C MET A 34 -2.59 -4.50 5.40
N GLU A 35 -3.76 -4.72 5.92
CA GLU A 35 -4.96 -3.98 5.44
C GLU A 35 -5.12 -2.71 6.28
N GLY A 36 -4.79 -1.55 5.75
CA GLY A 36 -4.95 -0.33 6.57
C GLY A 36 -4.65 0.93 5.76
N THR A 37 -3.90 1.83 6.34
CA THR A 37 -3.57 3.10 5.65
C THR A 37 -2.09 3.41 5.79
N LEU A 38 -1.46 3.84 4.74
CA LEU A 38 -0.02 4.20 4.82
C LEU A 38 0.21 5.44 3.96
N THR A 39 1.17 6.25 4.29
CA THR A 39 1.39 7.49 3.52
C THR A 39 2.40 7.27 2.40
N ARG A 40 2.08 7.70 1.22
CA ARG A 40 3.02 7.56 0.10
C ARG A 40 3.91 8.80 0.08
N VAL A 41 4.98 8.78 0.84
CA VAL A 41 5.89 9.97 0.91
C VAL A 41 5.96 10.67 -0.44
N GLY A 42 6.24 11.94 -0.45
CA GLY A 42 6.29 12.69 -1.74
C GLY A 42 4.95 13.39 -1.96
N ALA A 43 3.97 13.06 -1.16
CA ALA A 43 2.64 13.70 -1.29
C ALA A 43 2.17 14.19 0.08
N LYS A 44 1.53 15.32 0.13
CA LYS A 44 1.04 15.82 1.45
C LYS A 44 -0.34 15.22 1.73
N HIS A 45 -0.43 13.92 1.75
CA HIS A 45 -1.74 13.27 2.00
C HIS A 45 -1.59 11.76 1.83
N GLU A 46 -1.71 11.03 2.89
CA GLU A 46 -1.56 9.55 2.81
C GLU A 46 -2.44 8.99 1.70
N ARG A 47 -2.48 7.69 1.61
CA ARG A 47 -3.32 7.04 0.57
C ARG A 47 -3.77 5.67 1.12
N HIS A 48 -4.96 5.24 0.80
CA HIS A 48 -5.41 3.91 1.31
C HIS A 48 -4.40 2.87 0.87
N ILE A 49 -4.28 1.79 1.58
CA ILE A 49 -3.25 0.77 1.18
C ILE A 49 -3.76 -0.64 1.47
N PHE A 50 -3.23 -1.59 0.76
CA PHE A 50 -3.62 -3.02 0.98
C PHE A 50 -2.41 -3.89 0.62
N LEU A 51 -1.68 -4.33 1.60
CA LEU A 51 -0.48 -5.17 1.33
C LEU A 51 -0.90 -6.63 1.26
N PHE A 52 -0.54 -7.31 0.21
CA PHE A 52 -0.92 -8.74 0.07
C PHE A 52 0.36 -9.60 0.06
N ASP A 53 0.91 -9.88 1.22
CA ASP A 53 2.16 -10.70 1.28
C ASP A 53 3.25 -10.10 0.39
N GLY A 54 3.36 -10.56 -0.83
CA GLY A 54 4.43 -10.03 -1.74
C GLY A 54 3.85 -9.04 -2.74
N LEU A 55 2.76 -8.40 -2.41
CA LEU A 55 2.15 -7.42 -3.35
C LEU A 55 1.95 -6.10 -2.62
N MET A 56 2.07 -5.00 -3.31
CA MET A 56 1.86 -3.69 -2.64
C MET A 56 0.68 -2.98 -3.30
N ILE A 57 -0.47 -3.01 -2.68
CA ILE A 57 -1.65 -2.35 -3.29
C ILE A 57 -1.86 -0.96 -2.68
N CYS A 58 -2.47 -0.08 -3.43
CA CYS A 58 -2.72 1.30 -2.92
C CYS A 58 -3.98 1.84 -3.59
N CYS A 59 -4.75 2.63 -2.90
CA CYS A 59 -5.99 3.19 -3.51
C CYS A 59 -6.00 4.71 -3.32
N LYS A 60 -6.13 5.43 -4.40
CA LYS A 60 -6.15 6.92 -4.29
C LYS A 60 -7.59 7.40 -4.13
N SER A 61 -8.52 6.72 -4.74
CA SER A 61 -9.94 7.14 -4.61
C SER A 61 -10.14 8.51 -5.27
N ASN A 62 -11.30 8.78 -5.79
CA ASN A 62 -11.54 10.10 -6.44
C ASN A 62 -12.42 10.95 -5.53
N HIS A 63 -12.00 12.16 -5.26
CA HIS A 63 -12.80 13.05 -4.38
C HIS A 63 -12.82 14.46 -4.96
N GLY A 64 -13.08 14.59 -6.23
CA GLY A 64 -13.11 15.94 -6.86
C GLY A 64 -12.21 15.94 -8.10
N GLN A 65 -11.21 16.76 -8.12
CA GLN A 65 -10.31 16.81 -9.31
C GLN A 65 -9.42 15.55 -9.32
N PRO A 66 -9.37 14.89 -10.45
CA PRO A 66 -8.57 13.66 -10.61
C PRO A 66 -7.10 14.00 -10.80
N ARG A 67 -6.67 14.22 -12.01
CA ARG A 67 -5.25 14.56 -12.26
C ARG A 67 -5.09 16.08 -12.40
N LEU A 68 -4.87 16.57 -13.58
CA LEU A 68 -4.70 18.05 -13.75
C LEU A 68 -6.06 18.71 -13.98
N PRO A 69 -6.81 18.20 -14.91
CA PRO A 69 -8.14 18.74 -15.25
C PRO A 69 -9.19 18.22 -14.27
N GLY A 70 -10.44 18.28 -14.64
CA GLY A 70 -11.51 17.79 -13.72
C GLY A 70 -12.25 16.63 -14.40
N ALA A 71 -11.53 15.78 -15.08
CA ALA A 71 -12.20 14.63 -15.75
C ALA A 71 -13.20 13.99 -14.80
N SER A 72 -12.78 12.99 -14.06
CA SER A 72 -13.71 12.32 -13.12
C SER A 72 -13.85 13.18 -11.85
N SER A 73 -15.06 13.50 -11.49
CA SER A 73 -15.27 14.34 -10.27
C SER A 73 -16.09 13.54 -9.24
N ALA A 74 -16.09 12.24 -9.35
CA ALA A 74 -16.86 11.41 -8.39
C ALA A 74 -16.66 9.93 -8.71
N GLU A 75 -16.76 9.57 -9.97
CA GLU A 75 -16.57 8.15 -10.34
C GLU A 75 -15.26 7.63 -9.75
N TYR A 76 -15.34 6.82 -8.72
CA TYR A 76 -14.10 6.29 -8.10
C TYR A 76 -13.41 5.32 -9.07
N ARG A 77 -12.26 5.71 -9.57
CA ARG A 77 -11.54 4.82 -10.52
C ARG A 77 -10.10 5.31 -10.68
N LEU A 78 -9.27 5.12 -9.69
CA LEU A 78 -7.87 5.58 -9.79
C LEU A 78 -7.04 4.98 -8.65
N LYS A 79 -6.40 3.88 -8.88
CA LYS A 79 -5.57 3.24 -7.82
C LYS A 79 -4.27 2.72 -8.43
N GLU A 80 -3.24 2.59 -7.65
CA GLU A 80 -1.95 2.09 -8.20
C GLU A 80 -1.54 0.81 -7.48
N LYS A 81 -0.70 0.02 -8.09
CA LYS A 81 -0.25 -1.24 -7.45
C LYS A 81 1.17 -1.58 -7.92
N PHE A 82 1.88 -2.36 -7.16
CA PHE A 82 3.26 -2.74 -7.55
C PHE A 82 3.61 -4.12 -7.00
N PHE A 83 4.81 -4.59 -7.24
CA PHE A 83 5.20 -5.93 -6.74
C PHE A 83 6.13 -5.76 -5.53
N MET A 84 5.81 -6.37 -4.42
CA MET A 84 6.67 -6.22 -3.22
C MET A 84 7.39 -7.54 -2.91
N ARG A 85 8.26 -7.99 -3.78
CA ARG A 85 8.98 -9.26 -3.50
C ARG A 85 10.48 -9.07 -3.75
N LYS A 86 10.84 -8.17 -4.63
CA LYS A 86 12.27 -7.93 -4.89
C LYS A 86 12.63 -6.57 -4.34
N VAL A 87 11.98 -6.18 -3.29
CA VAL A 87 12.24 -4.85 -2.67
C VAL A 87 12.86 -5.02 -1.29
N GLN A 88 13.50 -4.00 -0.79
CA GLN A 88 14.12 -4.10 0.56
C GLN A 88 13.80 -2.82 1.35
N ILE A 89 13.40 -2.97 2.58
CA ILE A 89 13.06 -1.80 3.42
C ILE A 89 14.29 -1.31 4.18
N ASN A 90 14.48 -0.01 4.27
CA ASN A 90 15.65 0.53 4.99
C ASN A 90 15.17 1.51 6.06
N ASP A 91 15.16 1.11 7.30
CA ASP A 91 14.70 2.03 8.38
C ASP A 91 15.76 3.11 8.62
N LYS A 92 15.40 4.35 8.48
CA LYS A 92 16.39 5.44 8.71
C LYS A 92 15.97 6.28 9.90
N ASP A 93 16.61 6.11 11.03
CA ASP A 93 16.25 6.90 12.23
C ASP A 93 17.44 7.76 12.66
N ASP A 94 17.72 8.82 11.93
CA ASP A 94 18.87 9.68 12.30
C ASP A 94 18.41 10.76 13.29
N THR A 95 17.28 11.37 13.03
CA THR A 95 16.78 12.42 13.95
C THR A 95 15.26 12.28 14.11
N SER A 96 14.74 12.62 15.25
CA SER A 96 13.27 12.52 15.46
C SER A 96 12.57 13.53 14.54
N GLU A 97 13.34 14.40 13.93
CA GLU A 97 12.72 15.42 13.02
C GLU A 97 12.63 14.84 11.62
N TYR A 98 13.42 13.84 11.32
CA TYR A 98 13.38 13.23 9.96
C TYR A 98 12.20 12.26 9.85
N LYS A 99 11.43 12.18 10.88
CA LYS A 99 10.25 11.28 10.88
C LYS A 99 10.72 9.83 11.08
N HIS A 100 9.82 8.93 11.35
CA HIS A 100 10.22 7.51 11.57
C HIS A 100 9.51 6.61 10.54
N ALA A 101 9.60 6.94 9.29
CA ALA A 101 8.93 6.09 8.25
C ALA A 101 9.90 5.00 7.78
N PHE A 102 9.79 4.60 6.55
CA PHE A 102 10.69 3.54 6.03
C PHE A 102 10.98 3.83 4.55
N GLU A 103 12.13 3.47 4.07
CA GLU A 103 12.43 3.76 2.64
C GLU A 103 12.82 2.48 1.90
N ILE A 104 11.91 1.95 1.16
CA ILE A 104 12.20 0.72 0.38
C ILE A 104 12.65 1.17 -1.01
N ILE A 105 13.31 0.33 -1.75
CA ILE A 105 13.74 0.73 -3.11
C ILE A 105 13.41 -0.36 -4.12
N LEU A 106 13.12 0.03 -5.32
CA LEU A 106 12.84 -0.96 -6.37
C LEU A 106 14.17 -1.31 -7.02
N LYS A 107 14.25 -2.42 -7.67
CA LYS A 107 15.54 -2.76 -8.31
C LYS A 107 15.47 -2.36 -9.78
N ASP A 108 14.55 -1.49 -10.12
CA ASP A 108 14.41 -1.05 -11.53
C ASP A 108 14.86 0.41 -11.64
N GLY A 109 14.35 1.26 -10.80
CA GLY A 109 14.77 2.69 -10.86
C GLY A 109 13.81 3.58 -10.06
N ASN A 110 13.22 3.07 -9.01
CA ASN A 110 12.30 3.92 -8.20
C ASN A 110 12.53 3.62 -6.72
N SER A 111 11.68 4.13 -5.86
CA SER A 111 11.87 3.87 -4.41
C SER A 111 10.51 3.75 -3.72
N VAL A 112 10.32 2.67 -3.00
CA VAL A 112 9.02 2.47 -2.30
C VAL A 112 9.10 3.08 -0.90
N ILE A 113 9.06 4.39 -0.78
CA ILE A 113 9.14 5.01 0.57
C ILE A 113 7.74 5.43 1.05
N PHE A 114 7.37 5.00 2.23
CA PHE A 114 6.03 5.37 2.78
C PHE A 114 6.18 5.71 4.26
N SER A 115 5.11 6.11 4.90
CA SER A 115 5.19 6.46 6.35
C SER A 115 3.84 6.20 7.00
N ALA A 116 3.79 5.37 8.01
CA ALA A 116 2.50 5.06 8.67
C ALA A 116 2.08 6.20 9.60
N LYS A 117 0.80 6.41 9.71
CA LYS A 117 0.28 7.48 10.60
C LYS A 117 0.19 6.95 12.03
N SER A 118 1.20 6.24 12.46
CA SER A 118 1.20 5.68 13.85
C SER A 118 2.52 4.95 14.10
N ALA A 119 2.73 4.42 15.26
CA ALA A 119 4.01 3.71 15.54
C ALA A 119 3.83 2.23 15.21
N GLU A 120 2.64 1.73 15.37
CA GLU A 120 2.39 0.30 15.07
C GLU A 120 2.12 0.12 13.58
N GLU A 121 1.59 1.12 12.94
CA GLU A 121 1.32 1.01 11.48
C GLU A 121 2.61 1.19 10.70
N LYS A 122 3.54 1.97 11.22
CA LYS A 122 4.82 2.18 10.50
C LYS A 122 5.63 0.88 10.57
N ASN A 123 5.69 0.28 11.72
CA ASN A 123 6.44 -0.99 11.87
C ASN A 123 5.60 -2.15 11.35
N ASN A 124 4.35 -1.89 11.07
CA ASN A 124 3.46 -2.97 10.57
C ASN A 124 3.76 -3.25 9.10
N TRP A 125 3.63 -2.26 8.25
CA TRP A 125 3.91 -2.52 6.82
C TRP A 125 5.39 -2.83 6.63
N MET A 126 6.23 -2.17 7.37
CA MET A 126 7.69 -2.43 7.25
C MET A 126 7.98 -3.90 7.56
N ALA A 127 7.34 -4.45 8.56
CA ALA A 127 7.61 -5.87 8.89
C ALA A 127 6.94 -6.79 7.87
N ALA A 128 5.80 -6.41 7.35
CA ALA A 128 5.11 -7.26 6.35
C ALA A 128 5.97 -7.40 5.10
N LEU A 129 6.92 -6.52 4.92
CA LEU A 129 7.80 -6.60 3.72
C LEU A 129 8.93 -7.58 4.00
N ILE A 130 9.75 -7.29 4.97
CA ILE A 130 10.86 -8.20 5.29
C ILE A 130 10.29 -9.53 5.80
N SER A 131 9.01 -9.57 6.08
CA SER A 131 8.40 -10.84 6.56
C SER A 131 8.29 -11.82 5.40
N LEU A 132 7.90 -11.35 4.24
CA LEU A 132 7.78 -12.28 3.08
C LEU A 132 9.18 -12.60 2.54
N GLN A 133 10.01 -11.60 2.40
CA GLN A 133 11.39 -11.85 1.89
C GLN A 133 12.01 -13.02 2.63
N TYR A 134 11.85 -13.06 3.93
CA TYR A 134 12.44 -14.19 4.72
C TYR A 134 12.22 -15.50 3.98
N ARG A 135 11.01 -15.75 3.55
CA ARG A 135 10.73 -17.02 2.81
C ARG A 135 10.45 -16.71 1.34
N SER A 136 9.25 -16.31 1.02
CA SER A 136 8.93 -15.98 -0.40
C SER A 136 9.16 -14.50 -0.65
N SER A 2 -6.37 -9.30 -23.01
CA SER A 2 -6.07 -8.66 -21.71
C SER A 2 -5.81 -9.72 -20.65
N LYS A 3 -4.58 -9.91 -20.26
CA LYS A 3 -4.27 -10.94 -19.22
C LYS A 3 -4.29 -10.30 -17.83
N GLN A 4 -5.04 -9.25 -17.66
CA GLN A 4 -5.10 -8.58 -16.34
C GLN A 4 -6.17 -9.24 -15.47
N LEU A 5 -6.47 -10.48 -15.73
CA LEU A 5 -7.51 -11.18 -14.90
C LEU A 5 -7.13 -11.07 -13.43
N ALA A 6 -5.85 -11.10 -13.14
CA ALA A 6 -5.42 -10.98 -11.72
C ALA A 6 -5.46 -9.51 -11.31
N ILE A 7 -5.32 -8.62 -12.25
CA ILE A 7 -5.36 -7.17 -11.91
C ILE A 7 -6.82 -6.70 -11.87
N LYS A 8 -7.73 -7.54 -12.29
CA LYS A 8 -9.17 -7.16 -12.27
C LYS A 8 -9.73 -7.43 -10.87
N LYS A 9 -9.12 -8.35 -10.15
CA LYS A 9 -9.62 -8.66 -8.78
C LYS A 9 -9.42 -7.43 -7.89
N MET A 10 -8.26 -6.84 -7.93
CA MET A 10 -8.00 -5.63 -7.10
C MET A 10 -9.23 -4.72 -7.09
N ASN A 11 -9.85 -4.55 -8.23
CA ASN A 11 -11.06 -3.67 -8.27
C ASN A 11 -12.10 -4.19 -7.28
N GLU A 12 -12.46 -5.44 -7.39
CA GLU A 12 -13.47 -6.00 -6.46
C GLU A 12 -12.84 -6.15 -5.07
N ILE A 13 -11.55 -5.94 -4.97
CA ILE A 13 -10.87 -6.08 -3.65
C ILE A 13 -11.00 -4.77 -2.87
N GLN A 14 -11.00 -3.66 -3.55
CA GLN A 14 -11.12 -2.36 -2.84
C GLN A 14 -12.57 -2.15 -2.42
N LYS A 15 -13.47 -2.92 -2.98
CA LYS A 15 -14.90 -2.78 -2.62
C LYS A 15 -15.26 -3.84 -1.58
N ASN A 16 -14.84 -5.05 -1.78
CA ASN A 16 -15.15 -6.12 -0.79
C ASN A 16 -14.35 -5.87 0.48
N ILE A 17 -13.46 -4.91 0.47
CA ILE A 17 -12.66 -4.61 1.67
C ILE A 17 -13.02 -3.23 2.21
N ASP A 18 -13.13 -2.25 1.34
CA ASP A 18 -13.49 -0.87 1.78
C ASP A 18 -12.25 -0.13 2.29
N GLY A 19 -11.42 -0.80 3.03
CA GLY A 19 -10.19 -0.13 3.56
C GLY A 19 -9.53 -1.03 4.61
N TRP A 20 -9.66 -2.33 4.45
CA TRP A 20 -9.05 -3.28 5.40
C TRP A 20 -9.01 -2.70 6.82
N GLU A 21 -10.08 -2.85 7.56
CA GLU A 21 -10.12 -2.31 8.94
C GLU A 21 -10.46 -3.43 9.93
N GLY A 22 -11.06 -4.49 9.45
CA GLY A 22 -11.43 -5.61 10.36
C GLY A 22 -12.05 -6.76 9.55
N LYS A 23 -11.43 -7.13 8.46
CA LYS A 23 -11.99 -8.23 7.62
C LYS A 23 -11.15 -8.37 6.35
N ASP A 24 -10.90 -9.58 5.92
CA ASP A 24 -10.09 -9.78 4.69
C ASP A 24 -10.68 -10.92 3.87
N ILE A 25 -10.23 -11.08 2.66
CA ILE A 25 -10.76 -12.17 1.79
C ILE A 25 -9.72 -13.30 1.71
N GLY A 26 -8.54 -13.00 1.21
CA GLY A 26 -7.50 -14.05 1.11
C GLY A 26 -7.90 -15.09 0.07
N GLN A 27 -8.98 -14.86 -0.65
CA GLN A 27 -9.41 -15.83 -1.68
C GLN A 27 -8.33 -15.98 -2.74
N CYS A 28 -7.91 -14.89 -3.33
CA CYS A 28 -6.85 -14.95 -4.36
C CYS A 28 -5.87 -13.79 -4.16
N CYS A 29 -6.39 -12.61 -3.93
CA CYS A 29 -5.50 -11.44 -3.71
C CYS A 29 -6.01 -10.63 -2.51
N ASN A 30 -5.14 -9.93 -1.83
CA ASN A 30 -5.56 -9.13 -0.65
C ASN A 30 -5.63 -10.04 0.56
N GLU A 31 -4.56 -10.13 1.31
CA GLU A 31 -4.55 -11.02 2.50
C GLU A 31 -3.91 -10.26 3.67
N PHE A 32 -3.34 -10.98 4.60
CA PHE A 32 -2.70 -10.32 5.77
C PHE A 32 -1.57 -9.39 5.27
N ILE A 33 -0.38 -9.50 5.80
CA ILE A 33 0.74 -8.62 5.33
C ILE A 33 0.43 -7.17 5.70
N MET A 34 -0.29 -6.47 4.87
CA MET A 34 -0.58 -5.06 5.20
C MET A 34 -2.05 -4.73 4.94
N GLU A 35 -2.74 -4.31 5.97
CA GLU A 35 -4.18 -3.97 5.82
C GLU A 35 -4.48 -2.74 6.68
N GLY A 36 -4.51 -1.56 6.11
CA GLY A 36 -4.81 -0.36 6.94
C GLY A 36 -4.56 0.92 6.13
N THR A 37 -3.66 1.75 6.61
CA THR A 37 -3.39 3.02 5.88
C THR A 37 -1.88 3.30 5.89
N LEU A 38 -1.37 3.80 4.80
CA LEU A 38 0.08 4.12 4.74
C LEU A 38 0.28 5.29 3.77
N THR A 39 1.29 6.08 3.98
CA THR A 39 1.51 7.27 3.10
C THR A 39 2.67 7.03 2.14
N ARG A 40 2.87 7.93 1.21
CA ARG A 40 3.98 7.77 0.24
C ARG A 40 5.21 8.53 0.75
N VAL A 41 5.44 8.48 2.03
CA VAL A 41 6.60 9.19 2.64
C VAL A 41 6.65 10.64 2.15
N GLY A 42 7.54 11.41 2.70
CA GLY A 42 7.67 12.85 2.29
C GLY A 42 6.28 13.45 2.05
N ALA A 43 5.31 13.07 2.85
CA ALA A 43 3.94 13.63 2.67
C ALA A 43 3.17 13.54 3.99
N LYS A 44 2.14 14.33 4.13
CA LYS A 44 1.34 14.29 5.39
C LYS A 44 -0.03 13.68 5.10
N HIS A 45 -0.45 13.69 3.86
CA HIS A 45 -1.76 13.10 3.51
C HIS A 45 -1.55 11.69 2.94
N GLU A 46 -1.73 10.69 3.76
CA GLU A 46 -1.53 9.29 3.27
C GLU A 46 -2.79 8.81 2.55
N ARG A 47 -2.85 7.55 2.23
CA ARG A 47 -4.04 7.02 1.51
C ARG A 47 -4.28 5.57 1.94
N HIS A 48 -5.47 5.06 1.72
CA HIS A 48 -5.76 3.65 2.10
C HIS A 48 -4.74 2.73 1.42
N ILE A 49 -4.36 1.66 2.06
CA ILE A 49 -3.36 0.74 1.45
C ILE A 49 -3.76 -0.71 1.69
N PHE A 50 -3.44 -1.58 0.78
CA PHE A 50 -3.78 -3.03 0.98
C PHE A 50 -2.71 -3.88 0.30
N LEU A 51 -1.76 -4.39 1.04
CA LEU A 51 -0.69 -5.21 0.42
C LEU A 51 -1.01 -6.70 0.54
N PHE A 52 -0.89 -7.40 -0.56
CA PHE A 52 -1.19 -8.86 -0.56
C PHE A 52 0.12 -9.64 -0.68
N ASP A 53 0.98 -9.49 0.28
CA ASP A 53 2.29 -10.19 0.22
C ASP A 53 2.88 -10.13 -1.21
N GLY A 54 2.41 -9.22 -2.03
CA GLY A 54 2.96 -9.14 -3.42
C GLY A 54 2.26 -8.04 -4.20
N LEU A 55 1.03 -7.73 -3.87
CA LEU A 55 0.30 -6.67 -4.60
C LEU A 55 0.08 -5.46 -3.69
N MET A 56 0.79 -4.39 -3.90
CA MET A 56 0.59 -3.19 -3.04
C MET A 56 -0.49 -2.31 -3.66
N ILE A 57 -1.65 -2.31 -3.08
CA ILE A 57 -2.76 -1.48 -3.63
C ILE A 57 -2.91 -0.19 -2.83
N CYS A 58 -3.54 0.79 -3.40
CA CYS A 58 -3.73 2.08 -2.70
C CYS A 58 -5.05 2.72 -3.17
N CYS A 59 -5.63 3.56 -2.37
CA CYS A 59 -6.92 4.21 -2.77
C CYS A 59 -6.96 5.64 -2.24
N LYS A 60 -7.20 6.60 -3.10
CA LYS A 60 -7.26 8.02 -2.65
C LYS A 60 -7.45 8.93 -3.86
N SER A 61 -8.20 9.98 -3.71
CA SER A 61 -8.43 10.91 -4.86
C SER A 61 -7.50 12.12 -4.72
N ASN A 62 -7.47 12.97 -5.71
CA ASN A 62 -6.58 14.16 -5.63
C ASN A 62 -7.30 15.37 -6.26
N HIS A 63 -8.04 16.10 -5.47
CA HIS A 63 -8.75 17.28 -6.02
C HIS A 63 -7.81 18.48 -6.06
N GLY A 64 -7.02 18.61 -7.10
CA GLY A 64 -6.08 19.76 -7.19
C GLY A 64 -4.65 19.24 -7.06
N GLN A 65 -3.77 19.67 -7.94
CA GLN A 65 -2.36 19.20 -7.85
C GLN A 65 -1.75 19.68 -6.54
N PRO A 66 -0.79 18.93 -6.05
CA PRO A 66 -0.10 19.24 -4.79
C PRO A 66 0.96 20.32 -5.03
N ARG A 67 2.15 19.93 -5.38
CA ARG A 67 3.23 20.94 -5.63
C ARG A 67 2.69 22.04 -6.55
N LEU A 68 2.59 21.77 -7.82
CA LEU A 68 2.07 22.80 -8.76
C LEU A 68 1.69 22.14 -10.09
N PRO A 69 0.65 22.63 -10.70
CA PRO A 69 0.16 22.11 -11.98
C PRO A 69 1.02 22.62 -13.14
N GLY A 70 1.02 21.92 -14.24
CA GLY A 70 1.84 22.37 -15.41
C GLY A 70 3.12 21.55 -15.48
N ALA A 71 3.56 21.00 -14.38
CA ALA A 71 4.81 20.19 -14.39
C ALA A 71 4.47 18.71 -14.18
N SER A 72 3.30 18.44 -13.66
CA SER A 72 2.91 17.02 -13.43
C SER A 72 1.99 16.55 -14.56
N SER A 73 1.84 15.27 -14.73
CA SER A 73 0.95 14.76 -15.82
C SER A 73 0.03 13.67 -15.26
N ALA A 74 -0.97 14.06 -14.52
CA ALA A 74 -1.90 13.04 -13.95
C ALA A 74 -2.99 13.75 -13.14
N GLU A 75 -4.24 13.58 -13.53
CA GLU A 75 -5.34 14.24 -12.79
C GLU A 75 -5.83 13.33 -11.66
N TYR A 76 -6.79 13.77 -10.90
CA TYR A 76 -7.31 12.92 -9.79
C TYR A 76 -7.52 11.49 -10.30
N ARG A 77 -7.36 10.52 -9.44
CA ARG A 77 -7.55 9.11 -9.88
C ARG A 77 -8.28 8.32 -8.78
N LEU A 78 -8.70 7.13 -9.07
CA LEU A 78 -9.42 6.33 -8.04
C LEU A 78 -8.41 5.60 -7.16
N LYS A 79 -7.76 4.59 -7.69
CA LYS A 79 -6.76 3.85 -6.88
C LYS A 79 -5.67 3.28 -7.80
N GLU A 80 -4.50 3.05 -7.26
CA GLU A 80 -3.38 2.50 -8.08
C GLU A 80 -2.92 1.18 -7.49
N LYS A 81 -2.05 0.48 -8.17
CA LYS A 81 -1.56 -0.82 -7.63
C LYS A 81 -0.13 -1.07 -8.11
N PHE A 82 0.61 -1.88 -7.39
CA PHE A 82 2.01 -2.17 -7.80
C PHE A 82 2.34 -3.63 -7.50
N PHE A 83 3.58 -4.01 -7.69
CA PHE A 83 3.97 -5.43 -7.42
C PHE A 83 4.93 -5.44 -6.23
N MET A 84 4.41 -5.47 -5.04
CA MET A 84 5.29 -5.48 -3.83
C MET A 84 5.62 -6.91 -3.43
N ARG A 85 6.48 -7.57 -4.16
CA ARG A 85 6.84 -8.97 -3.78
C ARG A 85 8.36 -9.10 -3.70
N LYS A 86 9.05 -8.45 -4.58
CA LYS A 86 10.53 -8.52 -4.54
C LYS A 86 11.07 -7.22 -3.97
N VAL A 87 10.31 -6.61 -3.09
CA VAL A 87 10.75 -5.33 -2.50
C VAL A 87 11.56 -5.56 -1.22
N GLN A 88 12.31 -4.58 -0.82
CA GLN A 88 13.14 -4.71 0.42
C GLN A 88 13.08 -3.39 1.19
N ILE A 89 12.74 -3.45 2.45
CA ILE A 89 12.64 -2.21 3.26
C ILE A 89 13.98 -1.86 3.89
N ASN A 90 14.23 -0.58 4.06
CA ASN A 90 15.53 -0.14 4.66
C ASN A 90 15.25 0.94 5.71
N ASP A 91 15.12 0.57 6.95
CA ASP A 91 14.86 1.59 8.00
C ASP A 91 16.03 2.58 8.03
N LYS A 92 15.82 3.76 8.55
CA LYS A 92 16.92 4.76 8.62
C LYS A 92 17.51 4.80 10.02
N ASP A 93 18.82 4.76 10.12
CA ASP A 93 19.49 4.80 11.45
C ASP A 93 18.66 4.05 12.50
N ASP A 94 18.89 2.77 12.63
CA ASP A 94 18.13 1.97 13.62
C ASP A 94 17.98 2.77 14.92
N THR A 95 16.79 2.81 15.48
CA THR A 95 16.58 3.58 16.73
C THR A 95 15.44 2.95 17.53
N SER A 96 15.56 2.93 18.83
CA SER A 96 14.47 2.34 19.66
C SER A 96 13.18 3.11 19.39
N GLU A 97 13.28 4.26 18.78
CA GLU A 97 12.05 5.04 18.48
C GLU A 97 11.79 5.01 16.98
N TYR A 98 12.77 4.63 16.21
CA TYR A 98 12.59 4.57 14.72
C TYR A 98 12.28 5.98 14.19
N LYS A 99 12.95 6.39 13.15
CA LYS A 99 12.69 7.74 12.59
C LYS A 99 11.18 7.98 12.48
N HIS A 100 10.53 7.27 11.60
CA HIS A 100 9.06 7.45 11.46
C HIS A 100 8.55 6.64 10.26
N ALA A 101 9.32 6.57 9.21
CA ALA A 101 8.87 5.79 8.02
C ALA A 101 9.94 4.77 7.63
N PHE A 102 9.88 4.28 6.42
CA PHE A 102 10.89 3.28 5.96
C PHE A 102 11.06 3.45 4.45
N GLU A 103 12.20 3.07 3.92
CA GLU A 103 12.39 3.25 2.45
C GLU A 103 12.59 1.90 1.77
N ILE A 104 11.61 1.50 1.01
CA ILE A 104 11.70 0.23 0.27
C ILE A 104 12.13 0.57 -1.16
N ILE A 105 12.65 -0.38 -1.90
CA ILE A 105 13.08 -0.06 -3.28
C ILE A 105 12.52 -1.09 -4.27
N LEU A 106 12.31 -0.68 -5.48
CA LEU A 106 11.84 -1.62 -6.51
C LEU A 106 13.07 -2.25 -7.15
N LYS A 107 12.94 -3.33 -7.81
CA LYS A 107 14.13 -3.93 -8.44
C LYS A 107 14.18 -3.51 -9.91
N ASP A 108 13.46 -2.48 -10.26
CA ASP A 108 13.45 -2.01 -11.66
C ASP A 108 14.19 -0.67 -11.74
N GLY A 109 13.85 0.26 -10.90
CA GLY A 109 14.55 1.57 -10.94
C GLY A 109 13.76 2.64 -10.16
N ASN A 110 13.04 2.25 -9.13
CA ASN A 110 12.28 3.26 -8.35
C ASN A 110 12.41 2.95 -6.86
N SER A 111 11.66 3.62 -6.03
CA SER A 111 11.76 3.35 -4.58
C SER A 111 10.37 3.40 -3.94
N VAL A 112 10.01 2.37 -3.23
CA VAL A 112 8.66 2.36 -2.57
C VAL A 112 8.78 2.88 -1.14
N ILE A 113 9.06 4.15 -0.98
CA ILE A 113 9.19 4.71 0.40
C ILE A 113 7.82 5.20 0.88
N PHE A 114 7.37 4.75 2.02
CA PHE A 114 6.04 5.20 2.53
C PHE A 114 6.18 5.62 4.00
N SER A 115 5.09 6.01 4.62
CA SER A 115 5.17 6.42 6.05
C SER A 115 3.83 6.17 6.73
N ALA A 116 3.80 5.32 7.71
CA ALA A 116 2.51 5.02 8.41
C ALA A 116 2.18 6.16 9.37
N LYS A 117 0.92 6.48 9.49
CA LYS A 117 0.50 7.57 10.41
C LYS A 117 0.39 7.03 11.85
N SER A 118 1.34 6.25 12.27
CA SER A 118 1.31 5.69 13.65
C SER A 118 2.65 5.01 13.93
N ALA A 119 2.86 4.54 15.13
CA ALA A 119 4.15 3.86 15.44
C ALA A 119 3.99 2.36 15.17
N GLU A 120 2.82 1.85 15.39
CA GLU A 120 2.57 0.40 15.16
C GLU A 120 2.28 0.17 13.68
N GLU A 121 1.79 1.18 13.01
CA GLU A 121 1.49 1.03 11.55
C GLU A 121 2.80 1.15 10.76
N LYS A 122 3.66 2.04 11.16
CA LYS A 122 4.94 2.22 10.42
C LYS A 122 5.77 0.94 10.54
N ASN A 123 5.80 0.36 11.72
CA ASN A 123 6.58 -0.89 11.90
C ASN A 123 5.76 -2.07 11.38
N ASN A 124 4.51 -1.85 11.08
CA ASN A 124 3.66 -2.96 10.57
C ASN A 124 3.98 -3.23 9.10
N TRP A 125 3.86 -2.24 8.25
CA TRP A 125 4.17 -2.47 6.82
C TRP A 125 5.65 -2.82 6.67
N MET A 126 6.48 -2.19 7.45
CA MET A 126 7.93 -2.49 7.38
C MET A 126 8.15 -4.00 7.55
N ALA A 127 7.43 -4.62 8.46
CA ALA A 127 7.61 -6.08 8.68
C ALA A 127 6.96 -6.87 7.56
N ALA A 128 5.87 -6.39 7.02
CA ALA A 128 5.19 -7.14 5.91
C ALA A 128 6.13 -7.22 4.71
N LEU A 129 7.15 -6.40 4.69
CA LEU A 129 8.10 -6.43 3.55
C LEU A 129 9.18 -7.48 3.82
N ILE A 130 9.93 -7.32 4.87
CA ILE A 130 10.97 -8.33 5.19
C ILE A 130 10.28 -9.65 5.52
N SER A 131 8.99 -9.64 5.69
CA SER A 131 8.27 -10.91 6.00
C SER A 131 8.26 -11.77 4.74
N LEU A 132 8.22 -11.16 3.59
CA LEU A 132 8.23 -11.94 2.32
C LEU A 132 9.68 -12.15 1.88
N GLN A 133 10.56 -11.24 2.23
CA GLN A 133 11.98 -11.38 1.82
C GLN A 133 12.61 -12.61 2.48
N TYR A 134 12.33 -12.85 3.74
CA TYR A 134 12.93 -14.02 4.42
C TYR A 134 12.39 -15.32 3.80
N ARG A 135 11.09 -15.44 3.70
CA ARG A 135 10.51 -16.68 3.10
C ARG A 135 10.78 -16.69 1.60
N SER A 136 10.16 -15.81 0.87
CA SER A 136 10.38 -15.77 -0.60
C SER A 136 11.73 -15.13 -0.90
N SER A 2 -9.45 -4.49 -21.60
CA SER A 2 -10.25 -5.75 -21.69
C SER A 2 -9.49 -6.90 -21.05
N LYS A 3 -8.18 -6.88 -21.14
CA LYS A 3 -7.39 -7.99 -20.53
C LYS A 3 -7.00 -7.60 -19.09
N GLN A 4 -7.74 -6.71 -18.49
CA GLN A 4 -7.42 -6.30 -17.10
C GLN A 4 -8.15 -7.22 -16.11
N LEU A 5 -8.39 -8.45 -16.50
CA LEU A 5 -9.09 -9.39 -15.58
C LEU A 5 -8.30 -9.50 -14.27
N ALA A 6 -7.02 -9.27 -14.31
CA ALA A 6 -6.23 -9.37 -13.07
C ALA A 6 -6.31 -8.05 -12.30
N ILE A 7 -6.47 -6.96 -13.01
CA ILE A 7 -6.58 -5.65 -12.34
C ILE A 7 -8.02 -5.43 -11.87
N LYS A 8 -8.92 -6.25 -12.33
CA LYS A 8 -10.35 -6.11 -11.91
C LYS A 8 -10.52 -6.73 -10.52
N LYS A 9 -9.72 -7.71 -10.19
CA LYS A 9 -9.84 -8.35 -8.86
C LYS A 9 -9.59 -7.30 -7.78
N MET A 10 -8.54 -6.53 -7.90
CA MET A 10 -8.25 -5.49 -6.87
C MET A 10 -9.55 -4.79 -6.49
N ASN A 11 -10.50 -4.73 -7.37
CA ASN A 11 -11.80 -4.07 -7.05
C ASN A 11 -12.51 -4.88 -5.96
N GLU A 12 -12.69 -6.16 -6.19
CA GLU A 12 -13.37 -7.01 -5.16
C GLU A 12 -12.41 -7.23 -3.99
N ILE A 13 -11.17 -6.85 -4.15
CA ILE A 13 -10.17 -7.04 -3.05
C ILE A 13 -10.17 -5.79 -2.16
N GLN A 14 -10.55 -4.67 -2.70
CA GLN A 14 -10.57 -3.43 -1.90
C GLN A 14 -11.77 -3.46 -0.94
N LYS A 15 -12.73 -4.31 -1.22
CA LYS A 15 -13.91 -4.41 -0.33
C LYS A 15 -13.67 -5.48 0.73
N ASN A 16 -12.79 -6.38 0.45
CA ASN A 16 -12.47 -7.44 1.44
C ASN A 16 -11.16 -7.07 2.12
N ILE A 17 -10.60 -5.97 1.70
CA ILE A 17 -9.31 -5.52 2.29
C ILE A 17 -9.31 -3.99 2.44
N ASP A 18 -10.46 -3.37 2.29
CA ASP A 18 -10.53 -1.89 2.42
C ASP A 18 -9.65 -1.44 3.59
N GLY A 19 -9.67 -2.17 4.66
CA GLY A 19 -8.84 -1.80 5.84
C GLY A 19 -8.75 -3.02 6.75
N TRP A 20 -8.94 -4.18 6.21
CA TRP A 20 -8.86 -5.41 7.03
C TRP A 20 -10.10 -5.53 7.91
N GLU A 21 -11.13 -6.18 7.41
CA GLU A 21 -12.38 -6.32 8.20
C GLU A 21 -12.15 -7.37 9.30
N GLY A 22 -11.16 -8.20 9.14
CA GLY A 22 -10.89 -9.24 10.19
C GLY A 22 -10.71 -10.61 9.52
N LYS A 23 -10.83 -10.67 8.22
CA LYS A 23 -10.66 -11.97 7.52
C LYS A 23 -9.92 -11.74 6.20
N ASP A 24 -8.83 -12.43 6.00
CA ASP A 24 -8.06 -12.26 4.74
C ASP A 24 -8.99 -12.49 3.55
N ILE A 25 -8.49 -12.32 2.35
CA ILE A 25 -9.35 -12.54 1.16
C ILE A 25 -8.83 -13.74 0.36
N GLY A 26 -7.54 -13.90 0.29
CA GLY A 26 -6.98 -15.05 -0.48
C GLY A 26 -6.25 -16.01 0.47
N GLN A 27 -6.51 -17.28 0.37
CA GLN A 27 -5.83 -18.26 1.26
C GLN A 27 -4.32 -18.08 1.16
N CYS A 28 -3.79 -18.05 -0.03
CA CYS A 28 -2.32 -17.87 -0.20
C CYS A 28 -2.03 -16.41 -0.54
N CYS A 29 -2.32 -15.99 -1.74
CA CYS A 29 -2.06 -14.57 -2.11
C CYS A 29 -3.18 -13.70 -1.55
N ASN A 30 -2.83 -12.61 -0.91
CA ASN A 30 -3.86 -11.71 -0.30
C ASN A 30 -4.15 -12.22 1.10
N GLU A 31 -3.61 -11.57 2.09
CA GLU A 31 -3.85 -12.02 3.49
C GLU A 31 -3.38 -10.93 4.46
N PHE A 32 -3.12 -11.30 5.69
CA PHE A 32 -2.68 -10.27 6.68
C PHE A 32 -1.56 -9.41 6.06
N ILE A 33 -0.32 -9.71 6.35
CA ILE A 33 0.79 -8.91 5.78
C ILE A 33 0.53 -7.41 6.02
N MET A 34 -0.15 -6.77 5.11
CA MET A 34 -0.43 -5.31 5.31
C MET A 34 -1.81 -4.97 4.76
N GLU A 35 -2.68 -4.47 5.60
CA GLU A 35 -4.04 -4.11 5.14
C GLU A 35 -4.57 -2.96 6.00
N GLY A 36 -4.50 -1.76 5.50
CA GLY A 36 -5.01 -0.61 6.32
C GLY A 36 -4.73 0.71 5.61
N THR A 37 -3.81 1.48 6.11
CA THR A 37 -3.50 2.79 5.48
C THR A 37 -2.01 3.10 5.57
N LEU A 38 -1.43 3.56 4.51
CA LEU A 38 0.01 3.91 4.52
C LEU A 38 0.22 5.08 3.55
N THR A 39 1.20 5.91 3.79
CA THR A 39 1.39 7.09 2.91
C THR A 39 2.58 6.87 1.96
N ARG A 40 2.92 7.87 1.20
CA ARG A 40 4.07 7.76 0.26
C ARG A 40 4.93 9.01 0.40
N VAL A 41 6.04 8.92 1.06
CA VAL A 41 6.90 10.13 1.23
C VAL A 41 6.99 10.89 -0.09
N GLY A 42 7.44 12.11 -0.05
CA GLY A 42 7.55 12.91 -1.30
C GLY A 42 6.19 13.55 -1.61
N ALA A 43 5.19 13.23 -0.84
CA ALA A 43 3.84 13.82 -1.10
C ALA A 43 3.30 14.43 0.20
N LYS A 44 1.99 14.46 0.35
CA LYS A 44 1.41 15.04 1.60
C LYS A 44 -0.05 14.58 1.74
N HIS A 45 -0.32 13.34 1.45
CA HIS A 45 -1.72 12.84 1.57
C HIS A 45 -1.73 11.31 1.49
N GLU A 46 -1.44 10.64 2.57
CA GLU A 46 -1.43 9.16 2.55
C GLU A 46 -2.67 8.65 1.82
N ARG A 47 -2.66 7.40 1.43
CA ARG A 47 -3.84 6.82 0.71
C ARG A 47 -4.06 5.37 1.15
N HIS A 48 -5.23 4.85 0.92
CA HIS A 48 -5.49 3.43 1.32
C HIS A 48 -4.40 2.53 0.75
N ILE A 49 -4.08 1.45 1.42
CA ILE A 49 -3.01 0.55 0.92
C ILE A 49 -3.40 -0.90 1.17
N PHE A 50 -2.91 -1.80 0.35
CA PHE A 50 -3.23 -3.24 0.55
C PHE A 50 -2.07 -4.10 0.04
N LEU A 51 -1.21 -4.55 0.92
CA LEU A 51 -0.07 -5.40 0.48
C LEU A 51 -0.42 -6.87 0.70
N PHE A 52 -0.27 -7.68 -0.31
CA PHE A 52 -0.60 -9.13 -0.18
C PHE A 52 0.65 -9.97 -0.32
N ASP A 53 1.59 -9.81 0.56
CA ASP A 53 2.86 -10.61 0.49
C ASP A 53 3.24 -10.88 -0.96
N GLY A 54 3.04 -9.93 -1.84
CA GLY A 54 3.41 -10.15 -3.27
C GLY A 54 2.75 -9.09 -4.15
N LEU A 55 1.61 -8.60 -3.75
CA LEU A 55 0.92 -7.57 -4.58
C LEU A 55 0.79 -6.26 -3.82
N MET A 56 1.45 -5.23 -4.25
CA MET A 56 1.32 -3.93 -3.53
C MET A 56 0.14 -3.17 -4.15
N ILE A 57 -0.71 -2.61 -3.33
CA ILE A 57 -1.88 -1.88 -3.89
C ILE A 57 -2.07 -0.55 -3.17
N CYS A 58 -2.66 0.39 -3.83
CA CYS A 58 -2.90 1.73 -3.23
C CYS A 58 -4.16 2.34 -3.85
N CYS A 59 -4.95 3.03 -3.08
CA CYS A 59 -6.19 3.63 -3.65
C CYS A 59 -6.41 5.02 -3.05
N LYS A 60 -7.05 5.90 -3.78
CA LYS A 60 -7.31 7.26 -3.25
C LYS A 60 -8.23 8.01 -4.22
N SER A 61 -9.12 8.82 -3.69
CA SER A 61 -10.04 9.57 -4.58
C SER A 61 -9.73 11.07 -4.50
N ASN A 62 -9.90 11.78 -5.58
CA ASN A 62 -9.60 13.24 -5.57
C ASN A 62 -8.09 13.46 -5.47
N HIS A 63 -7.65 14.65 -5.70
CA HIS A 63 -6.18 14.94 -5.63
C HIS A 63 -5.96 16.28 -4.93
N GLY A 64 -6.53 17.33 -5.45
CA GLY A 64 -6.35 18.67 -4.81
C GLY A 64 -6.71 19.76 -5.84
N GLN A 65 -7.14 20.90 -5.36
CA GLN A 65 -7.52 22.00 -6.29
C GLN A 65 -6.53 22.06 -7.46
N PRO A 66 -6.94 21.51 -8.58
CA PRO A 66 -6.11 21.48 -9.80
C PRO A 66 -6.15 22.84 -10.51
N ARG A 67 -5.31 23.04 -11.48
CA ARG A 67 -5.31 24.34 -12.21
C ARG A 67 -6.48 24.37 -13.18
N LEU A 68 -6.76 23.27 -13.83
CA LEU A 68 -7.89 23.23 -14.80
C LEU A 68 -9.10 23.96 -14.21
N PRO A 69 -9.86 24.56 -15.09
CA PRO A 69 -11.06 25.33 -14.71
C PRO A 69 -12.23 24.37 -14.40
N GLY A 70 -13.01 24.68 -13.40
CA GLY A 70 -14.16 23.80 -13.05
C GLY A 70 -13.74 22.83 -11.95
N ALA A 71 -12.47 22.53 -11.84
CA ALA A 71 -12.01 21.60 -10.78
C ALA A 71 -12.68 20.24 -10.97
N SER A 72 -12.49 19.61 -12.09
CA SER A 72 -13.12 18.29 -12.34
C SER A 72 -12.49 17.25 -11.41
N SER A 73 -12.75 15.99 -11.64
CA SER A 73 -12.17 14.93 -10.77
C SER A 73 -12.82 14.98 -9.40
N ALA A 74 -13.73 14.08 -9.12
CA ALA A 74 -14.39 14.08 -7.78
C ALA A 74 -14.93 12.69 -7.49
N GLU A 75 -15.51 12.05 -8.46
CA GLU A 75 -16.06 10.68 -8.23
C GLU A 75 -14.96 9.65 -8.47
N TYR A 76 -14.07 9.48 -7.53
CA TYR A 76 -12.97 8.50 -7.71
C TYR A 76 -12.14 8.86 -8.95
N ARG A 77 -10.89 8.55 -8.95
CA ARG A 77 -10.03 8.88 -10.12
C ARG A 77 -9.35 7.61 -10.64
N LEU A 78 -8.56 6.98 -9.81
CA LEU A 78 -7.87 5.74 -10.27
C LEU A 78 -6.97 5.21 -9.14
N LYS A 79 -6.46 4.03 -9.28
CA LYS A 79 -5.58 3.46 -8.22
C LYS A 79 -4.34 2.83 -8.87
N GLU A 80 -3.29 2.65 -8.11
CA GLU A 80 -2.06 2.04 -8.69
C GLU A 80 -1.76 0.72 -7.99
N LYS A 81 -0.99 -0.13 -8.61
CA LYS A 81 -0.64 -1.44 -7.99
C LYS A 81 0.73 -1.89 -8.47
N PHE A 82 1.60 -2.24 -7.57
CA PHE A 82 2.96 -2.70 -7.99
C PHE A 82 3.18 -4.14 -7.53
N PHE A 83 4.37 -4.63 -7.65
CA PHE A 83 4.66 -6.03 -7.23
C PHE A 83 5.58 -5.98 -5.99
N MET A 84 5.11 -6.48 -4.88
CA MET A 84 5.95 -6.45 -3.65
C MET A 84 6.32 -7.87 -3.19
N ARG A 85 7.47 -8.36 -3.58
CA ARG A 85 7.88 -9.72 -3.15
C ARG A 85 9.37 -9.72 -2.80
N LYS A 86 10.20 -9.43 -3.76
CA LYS A 86 11.64 -9.40 -3.49
C LYS A 86 12.06 -8.00 -3.09
N VAL A 87 11.18 -7.28 -2.47
CA VAL A 87 11.49 -5.90 -2.04
C VAL A 87 12.10 -5.92 -0.64
N GLN A 88 12.79 -4.86 -0.28
CA GLN A 88 13.41 -4.80 1.07
C GLN A 88 13.23 -3.41 1.67
N ILE A 89 12.88 -3.33 2.92
CA ILE A 89 12.67 -2.01 3.57
C ILE A 89 13.99 -1.50 4.16
N ASN A 90 14.22 -0.21 4.10
CA ASN A 90 15.48 0.36 4.63
C ASN A 90 15.14 1.47 5.63
N ASP A 91 15.07 1.15 6.90
CA ASP A 91 14.74 2.20 7.91
C ASP A 91 15.89 3.21 7.99
N LYS A 92 15.68 4.32 8.64
CA LYS A 92 16.76 5.34 8.73
C LYS A 92 16.75 5.96 10.14
N ASP A 93 17.44 7.05 10.32
CA ASP A 93 17.47 7.70 11.66
C ASP A 93 16.34 8.71 11.75
N ASP A 94 15.13 8.31 11.48
CA ASP A 94 13.99 9.26 11.55
C ASP A 94 13.85 9.78 12.99
N THR A 95 13.07 10.82 13.18
CA THR A 95 12.90 11.37 14.56
C THR A 95 11.46 11.86 14.72
N SER A 96 10.88 11.65 15.86
CA SER A 96 9.48 12.12 16.08
C SER A 96 9.44 13.62 15.85
N GLU A 97 10.57 14.28 15.86
CA GLU A 97 10.60 15.74 15.63
C GLU A 97 10.35 16.03 14.15
N TYR A 98 10.90 15.23 13.28
CA TYR A 98 10.71 15.46 11.82
C TYR A 98 10.94 14.16 11.06
N LYS A 99 10.28 13.97 9.95
CA LYS A 99 10.48 12.73 9.16
C LYS A 99 10.09 11.51 10.01
N HIS A 100 9.68 10.45 9.39
CA HIS A 100 9.28 9.24 10.16
C HIS A 100 8.64 8.22 9.23
N ALA A 101 9.43 7.55 8.43
CA ALA A 101 8.85 6.54 7.50
C ALA A 101 9.87 5.43 7.24
N PHE A 102 9.78 4.78 6.11
CA PHE A 102 10.73 3.69 5.78
C PHE A 102 10.89 3.65 4.27
N GLU A 103 12.08 3.45 3.77
CA GLU A 103 12.24 3.46 2.30
C GLU A 103 12.50 2.06 1.75
N ILE A 104 11.50 1.47 1.18
CA ILE A 104 11.67 0.12 0.57
C ILE A 104 12.11 0.34 -0.88
N ILE A 105 12.68 -0.65 -1.51
CA ILE A 105 13.12 -0.46 -2.91
C ILE A 105 12.73 -1.66 -3.77
N LEU A 106 12.48 -1.44 -5.02
CA LEU A 106 12.15 -2.56 -5.92
C LEU A 106 13.47 -3.09 -6.47
N LYS A 107 13.52 -4.33 -6.84
CA LYS A 107 14.79 -4.84 -7.39
C LYS A 107 14.81 -4.59 -8.90
N ASP A 108 13.96 -3.73 -9.37
CA ASP A 108 13.92 -3.43 -10.82
C ASP A 108 14.51 -2.05 -11.07
N GLY A 109 14.27 -1.12 -10.19
CA GLY A 109 14.84 0.25 -10.39
C GLY A 109 13.97 1.31 -9.70
N ASN A 110 12.84 0.97 -9.15
CA ASN A 110 12.01 2.00 -8.48
C ASN A 110 12.22 1.93 -6.97
N SER A 111 11.44 2.64 -6.21
CA SER A 111 11.60 2.63 -4.74
C SER A 111 10.24 2.79 -4.08
N VAL A 112 9.91 1.92 -3.16
CA VAL A 112 8.59 2.01 -2.48
C VAL A 112 8.76 2.64 -1.09
N ILE A 113 8.85 3.94 -1.02
CA ILE A 113 9.00 4.59 0.31
C ILE A 113 7.64 5.10 0.79
N PHE A 114 7.20 4.65 1.93
CA PHE A 114 5.86 5.10 2.44
C PHE A 114 5.97 5.50 3.92
N SER A 115 4.89 5.94 4.51
CA SER A 115 4.92 6.35 5.94
C SER A 115 3.53 6.16 6.55
N ALA A 116 3.37 5.28 7.50
CA ALA A 116 2.02 5.06 8.09
C ALA A 116 1.68 6.18 9.08
N LYS A 117 0.41 6.47 9.19
CA LYS A 117 -0.03 7.52 10.13
C LYS A 117 -0.25 6.86 11.51
N SER A 118 0.79 6.29 12.04
CA SER A 118 0.68 5.62 13.37
C SER A 118 2.06 5.09 13.77
N ALA A 119 2.24 4.75 15.01
CA ALA A 119 3.57 4.22 15.43
C ALA A 119 3.55 2.70 15.32
N GLU A 120 2.46 2.10 15.70
CA GLU A 120 2.36 0.62 15.61
C GLU A 120 2.01 0.24 14.17
N GLU A 121 1.12 0.96 13.56
CA GLU A 121 0.75 0.65 12.16
C GLU A 121 1.97 0.96 11.27
N LYS A 122 2.76 1.92 11.64
CA LYS A 122 3.96 2.25 10.83
C LYS A 122 4.89 1.04 10.83
N ASN A 123 5.30 0.59 11.98
CA ASN A 123 6.20 -0.59 12.05
C ASN A 123 5.48 -1.81 11.50
N ASN A 124 4.20 -1.71 11.25
CA ASN A 124 3.45 -2.88 10.71
C ASN A 124 3.84 -3.13 9.26
N TRP A 125 3.62 -2.19 8.38
CA TRP A 125 3.99 -2.42 6.97
C TRP A 125 5.49 -2.71 6.88
N MET A 126 6.26 -2.08 7.70
CA MET A 126 7.74 -2.29 7.66
C MET A 126 8.06 -3.77 7.91
N ALA A 127 7.49 -4.36 8.91
CA ALA A 127 7.79 -5.78 9.20
C ALA A 127 7.22 -6.68 8.10
N ALA A 128 6.05 -6.38 7.62
CA ALA A 128 5.45 -7.23 6.54
C ALA A 128 6.41 -7.30 5.36
N LEU A 129 7.28 -6.32 5.22
CA LEU A 129 8.24 -6.35 4.08
C LEU A 129 9.35 -7.35 4.38
N ILE A 130 10.10 -7.15 5.42
CA ILE A 130 11.18 -8.11 5.76
C ILE A 130 10.57 -9.49 5.96
N SER A 131 9.27 -9.57 6.15
CA SER A 131 8.62 -10.89 6.33
C SER A 131 8.69 -11.62 4.99
N LEU A 132 8.37 -10.95 3.93
CA LEU A 132 8.41 -11.59 2.59
C LEU A 132 9.86 -11.90 2.23
N GLN A 133 10.78 -11.10 2.71
CA GLN A 133 12.21 -11.33 2.41
C GLN A 133 12.64 -12.72 2.88
N TYR A 134 12.27 -13.10 4.07
CA TYR A 134 12.69 -14.45 4.57
C TYR A 134 11.86 -15.55 3.90
N ARG A 135 10.55 -15.43 3.91
CA ARG A 135 9.73 -16.49 3.27
C ARG A 135 10.05 -16.55 1.78
N SER A 136 9.69 -15.54 1.05
CA SER A 136 9.96 -15.53 -0.41
C SER A 136 11.37 -14.98 -0.66
N SER A 2 -7.94 -6.76 -21.95
CA SER A 2 -9.11 -7.67 -22.06
C SER A 2 -8.96 -8.82 -21.06
N LYS A 3 -7.79 -9.39 -20.98
CA LYS A 3 -7.57 -10.51 -20.02
C LYS A 3 -7.14 -9.96 -18.67
N GLN A 4 -7.67 -8.83 -18.28
CA GLN A 4 -7.30 -8.24 -16.97
C GLN A 4 -8.22 -8.80 -15.88
N LEU A 5 -8.75 -9.97 -16.08
CA LEU A 5 -9.64 -10.56 -15.06
C LEU A 5 -8.87 -10.64 -13.73
N ALA A 6 -7.60 -10.88 -13.80
CA ALA A 6 -6.79 -10.95 -12.56
C ALA A 6 -6.55 -9.53 -12.04
N ILE A 7 -6.55 -8.57 -12.93
CA ILE A 7 -6.33 -7.16 -12.51
C ILE A 7 -7.63 -6.60 -11.95
N LYS A 8 -8.74 -7.23 -12.25
CA LYS A 8 -10.05 -6.75 -11.74
C LYS A 8 -10.12 -7.05 -10.24
N LYS A 9 -9.39 -8.03 -9.80
CA LYS A 9 -9.40 -8.37 -8.35
C LYS A 9 -8.92 -7.17 -7.54
N MET A 10 -7.72 -6.74 -7.78
CA MET A 10 -7.16 -5.56 -7.04
C MET A 10 -8.26 -4.53 -6.75
N ASN A 11 -9.22 -4.41 -7.64
CA ASN A 11 -10.31 -3.43 -7.41
C ASN A 11 -11.24 -3.95 -6.31
N GLU A 12 -11.76 -5.13 -6.49
CA GLU A 12 -12.67 -5.71 -5.45
C GLU A 12 -11.87 -6.00 -4.17
N ILE A 13 -10.58 -5.87 -4.23
CA ILE A 13 -9.74 -6.15 -3.03
C ILE A 13 -9.56 -4.87 -2.22
N GLN A 14 -9.22 -3.79 -2.86
CA GLN A 14 -9.04 -2.51 -2.12
C GLN A 14 -10.39 -1.81 -1.99
N LYS A 15 -11.39 -2.30 -2.67
CA LYS A 15 -12.73 -1.65 -2.59
C LYS A 15 -13.70 -2.55 -1.83
N ASN A 16 -13.67 -3.83 -2.06
CA ASN A 16 -14.61 -4.73 -1.34
C ASN A 16 -14.10 -4.93 0.08
N ILE A 17 -12.94 -4.41 0.38
CA ILE A 17 -12.39 -4.57 1.75
C ILE A 17 -12.40 -3.21 2.47
N ASP A 18 -12.00 -2.16 1.78
CA ASP A 18 -11.99 -0.81 2.40
C ASP A 18 -10.70 -0.63 3.22
N GLY A 19 -10.54 -1.42 4.26
CA GLY A 19 -9.33 -1.31 5.10
C GLY A 19 -9.22 -2.59 5.91
N TRP A 20 -9.78 -3.65 5.39
CA TRP A 20 -9.74 -4.96 6.11
C TRP A 20 -10.81 -4.98 7.20
N GLU A 21 -11.87 -5.71 6.99
CA GLU A 21 -12.95 -5.78 8.01
C GLU A 21 -13.38 -7.24 8.20
N GLY A 22 -12.69 -8.16 7.59
CA GLY A 22 -13.05 -9.59 7.73
C GLY A 22 -11.80 -10.46 7.66
N LYS A 23 -10.67 -9.92 8.05
CA LYS A 23 -9.41 -10.71 8.00
C LYS A 23 -8.96 -10.87 6.55
N ASP A 24 -8.09 -11.80 6.28
CA ASP A 24 -7.61 -12.01 4.88
C ASP A 24 -8.81 -12.18 3.95
N ILE A 25 -8.67 -11.83 2.70
CA ILE A 25 -9.81 -11.98 1.76
C ILE A 25 -9.46 -13.03 0.70
N GLY A 26 -8.20 -13.29 0.49
CA GLY A 26 -7.82 -14.32 -0.52
C GLY A 26 -7.09 -15.47 0.15
N GLN A 27 -7.45 -16.69 -0.18
CA GLN A 27 -6.78 -17.86 0.46
C GLN A 27 -5.29 -17.84 0.10
N CYS A 28 -4.97 -17.67 -1.16
CA CYS A 28 -3.54 -17.64 -1.57
C CYS A 28 -3.19 -16.25 -2.11
N CYS A 29 -4.00 -15.73 -3.00
CA CYS A 29 -3.72 -14.39 -3.56
C CYS A 29 -4.50 -13.34 -2.74
N ASN A 30 -3.81 -12.43 -2.11
CA ASN A 30 -4.50 -11.39 -1.29
C ASN A 30 -4.73 -11.97 0.11
N GLU A 31 -4.01 -11.49 1.08
CA GLU A 31 -4.17 -12.04 2.45
C GLU A 31 -3.87 -10.94 3.48
N PHE A 32 -3.71 -11.30 4.73
CA PHE A 32 -3.44 -10.27 5.77
C PHE A 32 -2.19 -9.47 5.35
N ILE A 33 -1.07 -9.70 5.99
CA ILE A 33 0.15 -8.93 5.63
C ILE A 33 -0.07 -7.45 5.90
N MET A 34 -0.62 -6.72 4.98
CA MET A 34 -0.85 -5.27 5.24
C MET A 34 -2.26 -4.86 4.79
N GLU A 35 -3.11 -4.51 5.71
CA GLU A 35 -4.48 -4.10 5.34
C GLU A 35 -4.89 -2.91 6.21
N GLY A 36 -4.81 -1.70 5.69
CA GLY A 36 -5.21 -0.54 6.53
C GLY A 36 -4.91 0.77 5.80
N THR A 37 -4.03 1.57 6.35
CA THR A 37 -3.72 2.88 5.72
C THR A 37 -2.21 3.14 5.76
N LEU A 38 -1.67 3.66 4.71
CA LEU A 38 -0.21 3.98 4.67
C LEU A 38 0.00 5.16 3.71
N THR A 39 1.01 5.95 3.94
CA THR A 39 1.23 7.14 3.07
C THR A 39 2.43 6.93 2.14
N ARG A 40 2.62 7.80 1.20
CA ARG A 40 3.78 7.68 0.28
C ARG A 40 4.86 8.63 0.80
N VAL A 41 5.11 8.59 2.08
CA VAL A 41 6.13 9.50 2.67
C VAL A 41 5.78 10.95 2.34
N GLY A 42 6.33 11.88 3.07
CA GLY A 42 6.04 13.32 2.81
C GLY A 42 4.57 13.51 2.44
N ALA A 43 3.72 13.69 3.41
CA ALA A 43 2.27 13.87 3.11
C ALA A 43 1.47 13.85 4.42
N LYS A 44 0.62 14.82 4.60
CA LYS A 44 -0.21 14.86 5.84
C LYS A 44 -1.55 14.18 5.59
N HIS A 45 -1.69 13.52 4.47
CA HIS A 45 -2.98 12.83 4.16
C HIS A 45 -2.69 11.54 3.40
N GLU A 46 -2.25 10.53 4.08
CA GLU A 46 -1.94 9.24 3.39
C GLU A 46 -3.17 8.77 2.62
N ARG A 47 -3.10 7.62 2.02
CA ARG A 47 -4.26 7.10 1.24
C ARG A 47 -4.49 5.63 1.61
N HIS A 48 -5.67 5.12 1.36
CA HIS A 48 -5.95 3.69 1.70
C HIS A 48 -4.85 2.81 1.09
N ILE A 49 -4.60 1.67 1.67
CA ILE A 49 -3.55 0.78 1.13
C ILE A 49 -3.93 -0.69 1.34
N PHE A 50 -3.46 -1.55 0.49
CA PHE A 50 -3.75 -3.01 0.64
C PHE A 50 -2.60 -3.81 0.05
N LEU A 51 -1.70 -4.29 0.88
CA LEU A 51 -0.56 -5.08 0.35
C LEU A 51 -0.80 -6.57 0.58
N PHE A 52 -0.37 -7.38 -0.34
CA PHE A 52 -0.55 -8.85 -0.20
C PHE A 52 0.76 -9.53 -0.60
N ASP A 53 1.51 -9.98 0.36
CA ASP A 53 2.79 -10.67 0.05
C ASP A 53 3.62 -9.84 -0.94
N GLY A 54 3.40 -10.02 -2.21
CA GLY A 54 4.17 -9.24 -3.22
C GLY A 54 3.25 -8.35 -4.06
N LEU A 55 2.24 -7.79 -3.47
CA LEU A 55 1.33 -6.90 -4.24
C LEU A 55 1.05 -5.63 -3.44
N MET A 56 1.73 -4.55 -3.73
CA MET A 56 1.47 -3.31 -2.97
C MET A 56 0.37 -2.50 -3.64
N ILE A 57 -0.82 -2.53 -3.11
CA ILE A 57 -1.94 -1.76 -3.72
C ILE A 57 -2.12 -0.43 -2.98
N CYS A 58 -2.69 0.52 -3.64
CA CYS A 58 -2.91 1.85 -3.00
C CYS A 58 -4.15 2.51 -3.60
N CYS A 59 -4.88 3.27 -2.83
CA CYS A 59 -6.09 3.95 -3.36
C CYS A 59 -6.32 5.26 -2.60
N LYS A 60 -7.04 6.17 -3.19
CA LYS A 60 -7.29 7.47 -2.50
C LYS A 60 -8.61 8.06 -2.99
N SER A 61 -9.67 7.88 -2.24
CA SER A 61 -10.99 8.43 -2.66
C SER A 61 -10.81 9.91 -3.01
N ASN A 62 -11.83 10.53 -3.53
CA ASN A 62 -11.73 11.97 -3.89
C ASN A 62 -13.12 12.62 -3.84
N HIS A 63 -13.90 12.42 -4.87
CA HIS A 63 -15.27 13.02 -4.88
C HIS A 63 -16.29 11.95 -5.26
N GLY A 64 -17.39 11.89 -4.54
CA GLY A 64 -18.42 10.87 -4.86
C GLY A 64 -19.11 11.23 -6.18
N GLN A 65 -20.31 11.73 -6.11
CA GLN A 65 -21.04 12.10 -7.35
C GLN A 65 -20.25 13.17 -8.12
N PRO A 66 -20.40 13.16 -9.42
CA PRO A 66 -19.72 14.12 -10.31
C PRO A 66 -20.42 15.47 -10.26
N ARG A 67 -19.77 16.50 -10.74
CA ARG A 67 -20.40 17.85 -10.73
C ARG A 67 -21.67 17.83 -11.58
N LEU A 68 -21.69 17.04 -12.62
CA LEU A 68 -22.90 16.97 -13.49
C LEU A 68 -22.92 15.64 -14.24
N PRO A 69 -24.09 15.07 -14.37
CA PRO A 69 -24.28 13.78 -15.06
C PRO A 69 -24.27 13.98 -16.57
N GLY A 70 -23.79 13.01 -17.31
CA GLY A 70 -23.76 13.16 -18.79
C GLY A 70 -22.33 12.97 -19.30
N ALA A 71 -21.37 13.42 -18.55
CA ALA A 71 -19.95 13.27 -18.99
C ALA A 71 -19.07 12.98 -17.77
N SER A 72 -19.37 11.94 -17.04
CA SER A 72 -18.56 11.60 -15.84
C SER A 72 -17.60 10.46 -16.19
N SER A 73 -16.90 9.95 -15.21
CA SER A 73 -15.95 8.84 -15.48
C SER A 73 -15.55 8.17 -14.16
N ALA A 74 -16.17 7.08 -13.82
CA ALA A 74 -15.83 6.38 -12.55
C ALA A 74 -16.02 7.34 -11.38
N GLU A 75 -15.71 6.90 -10.19
CA GLU A 75 -15.88 7.80 -9.00
C GLU A 75 -14.53 7.92 -8.28
N TYR A 76 -14.04 6.83 -7.75
CA TYR A 76 -12.73 6.88 -7.04
C TYR A 76 -11.58 6.82 -8.04
N ARG A 77 -10.54 7.58 -7.83
CA ARG A 77 -9.39 7.57 -8.76
C ARG A 77 -8.09 7.76 -7.99
N LEU A 78 -6.99 7.85 -8.68
CA LEU A 78 -5.68 8.03 -7.98
C LEU A 78 -5.30 6.73 -7.26
N LYS A 79 -5.60 5.61 -7.85
CA LYS A 79 -5.25 4.32 -7.20
C LYS A 79 -4.22 3.58 -8.06
N GLU A 80 -3.13 3.19 -7.48
CA GLU A 80 -2.08 2.47 -8.27
C GLU A 80 -1.74 1.14 -7.57
N LYS A 81 -0.98 0.30 -8.23
CA LYS A 81 -0.61 -1.00 -7.61
C LYS A 81 0.77 -1.42 -8.12
N PHE A 82 1.47 -2.23 -7.39
CA PHE A 82 2.83 -2.67 -7.83
C PHE A 82 3.14 -4.06 -7.30
N PHE A 83 4.28 -4.59 -7.64
CA PHE A 83 4.66 -5.94 -7.16
C PHE A 83 5.68 -5.79 -6.04
N MET A 84 5.26 -5.87 -4.81
CA MET A 84 6.22 -5.70 -3.68
C MET A 84 6.79 -7.06 -3.25
N ARG A 85 7.53 -7.72 -4.10
CA ARG A 85 8.12 -9.03 -3.71
C ARG A 85 9.64 -9.01 -3.92
N LYS A 86 10.11 -8.09 -4.71
CA LYS A 86 11.57 -8.00 -4.94
C LYS A 86 12.08 -6.69 -4.36
N VAL A 87 11.46 -6.22 -3.32
CA VAL A 87 11.89 -4.94 -2.71
C VAL A 87 12.40 -5.18 -1.29
N GLN A 88 13.16 -4.25 -0.77
CA GLN A 88 13.70 -4.39 0.61
C GLN A 88 13.47 -3.09 1.37
N ILE A 89 13.19 -3.17 2.64
CA ILE A 89 12.93 -1.94 3.43
C ILE A 89 14.25 -1.38 3.99
N ASN A 90 14.38 -0.09 4.02
CA ASN A 90 15.61 0.55 4.55
C ASN A 90 15.24 1.65 5.55
N ASP A 91 15.48 1.43 6.82
CA ASP A 91 15.14 2.46 7.83
C ASP A 91 16.32 3.43 7.97
N LYS A 92 16.66 4.12 6.92
CA LYS A 92 17.80 5.08 6.99
C LYS A 92 17.27 6.51 7.05
N ASP A 93 16.02 6.67 7.41
CA ASP A 93 15.45 8.05 7.50
C ASP A 93 14.77 8.23 8.86
N ASP A 94 15.45 7.89 9.91
CA ASP A 94 14.85 8.05 11.27
C ASP A 94 15.71 9.01 12.10
N THR A 95 15.16 9.55 13.15
CA THR A 95 15.94 10.49 14.01
C THR A 95 16.11 9.88 15.39
N SER A 96 17.28 10.02 15.97
CA SER A 96 17.50 9.46 17.33
C SER A 96 16.34 9.90 18.24
N GLU A 97 15.68 10.97 17.88
CA GLU A 97 14.54 11.45 18.72
C GLU A 97 13.30 10.61 18.41
N TYR A 98 12.95 10.47 17.15
CA TYR A 98 11.76 9.66 16.80
C TYR A 98 11.85 9.22 15.34
N LYS A 99 11.64 7.96 15.07
CA LYS A 99 11.72 7.48 13.66
C LYS A 99 10.69 8.22 12.81
N HIS A 100 10.20 7.61 11.77
CA HIS A 100 9.20 8.29 10.92
C HIS A 100 8.59 7.28 9.93
N ALA A 101 9.29 7.00 8.86
CA ALA A 101 8.77 6.04 7.86
C ALA A 101 9.86 5.03 7.51
N PHE A 102 9.79 4.44 6.34
CA PHE A 102 10.82 3.45 5.92
C PHE A 102 10.91 3.52 4.41
N GLU A 103 12.09 3.47 3.86
CA GLU A 103 12.21 3.59 2.39
C GLU A 103 12.55 2.25 1.74
N ILE A 104 11.57 1.65 1.12
CA ILE A 104 11.82 0.37 0.42
C ILE A 104 12.24 0.71 -1.01
N ILE A 105 12.85 -0.20 -1.71
CA ILE A 105 13.27 0.12 -3.11
C ILE A 105 12.74 -0.94 -4.07
N LEU A 106 12.50 -0.56 -5.28
CA LEU A 106 12.03 -1.53 -6.29
C LEU A 106 13.27 -2.12 -6.93
N LYS A 107 13.18 -3.29 -7.46
CA LYS A 107 14.38 -3.88 -8.10
C LYS A 107 14.42 -3.44 -9.57
N ASP A 108 13.67 -2.44 -9.91
CA ASP A 108 13.65 -1.95 -11.32
C ASP A 108 14.38 -0.61 -11.39
N GLY A 109 14.21 0.22 -10.39
CA GLY A 109 14.91 1.54 -10.41
C GLY A 109 14.14 2.59 -9.59
N ASN A 110 12.97 2.27 -9.11
CA ASN A 110 12.20 3.27 -8.32
C ASN A 110 12.39 2.96 -6.83
N SER A 111 11.60 3.59 -5.99
CA SER A 111 11.73 3.34 -4.53
C SER A 111 10.34 3.35 -3.88
N VAL A 112 10.01 2.33 -3.15
CA VAL A 112 8.68 2.29 -2.49
C VAL A 112 8.80 2.85 -1.07
N ILE A 113 8.79 4.14 -0.92
CA ILE A 113 8.90 4.73 0.44
C ILE A 113 7.53 5.20 0.93
N PHE A 114 7.10 4.70 2.05
CA PHE A 114 5.76 5.10 2.58
C PHE A 114 5.89 5.43 4.06
N SER A 115 4.82 5.85 4.69
CA SER A 115 4.89 6.19 6.14
C SER A 115 3.52 5.97 6.76
N ALA A 116 3.41 5.11 7.73
CA ALA A 116 2.08 4.86 8.36
C ALA A 116 1.76 6.00 9.33
N LYS A 117 0.51 6.34 9.45
CA LYS A 117 0.11 7.42 10.36
C LYS A 117 -0.10 6.79 11.77
N SER A 118 0.89 6.06 12.22
CA SER A 118 0.80 5.41 13.55
C SER A 118 2.15 4.76 13.87
N ALA A 119 2.31 4.25 15.07
CA ALA A 119 3.60 3.60 15.42
C ALA A 119 3.53 2.11 15.09
N GLU A 120 2.46 1.47 15.45
CA GLU A 120 2.33 0.02 15.15
C GLU A 120 1.97 -0.16 13.68
N GLU A 121 1.42 0.84 13.06
CA GLU A 121 1.05 0.72 11.62
C GLU A 121 2.29 0.93 10.76
N LYS A 122 3.16 1.82 11.16
CA LYS A 122 4.39 2.06 10.35
C LYS A 122 5.27 0.83 10.40
N ASN A 123 5.46 0.27 11.57
CA ASN A 123 6.31 -0.95 11.68
C ASN A 123 5.53 -2.16 11.17
N ASN A 124 4.25 -1.99 10.91
CA ASN A 124 3.45 -3.13 10.42
C ASN A 124 3.69 -3.35 8.93
N TRP A 125 3.50 -2.36 8.10
CA TRP A 125 3.74 -2.57 6.65
C TRP A 125 5.21 -2.89 6.42
N MET A 126 6.07 -2.27 7.19
CA MET A 126 7.52 -2.51 7.05
C MET A 126 7.83 -3.97 7.31
N ALA A 127 7.44 -4.45 8.46
CA ALA A 127 7.72 -5.88 8.80
C ALA A 127 6.97 -6.79 7.82
N ALA A 128 5.85 -6.35 7.31
CA ALA A 128 5.08 -7.19 6.35
C ALA A 128 5.91 -7.40 5.09
N LEU A 129 6.86 -6.55 4.84
CA LEU A 129 7.68 -6.72 3.62
C LEU A 129 8.80 -7.73 3.90
N ILE A 130 9.62 -7.46 4.87
CA ILE A 130 10.70 -8.41 5.20
C ILE A 130 10.07 -9.76 5.58
N SER A 131 8.79 -9.77 5.85
CA SER A 131 8.13 -11.05 6.22
C SER A 131 8.21 -12.00 5.02
N LEU A 132 7.77 -11.57 3.87
CA LEU A 132 7.84 -12.47 2.68
C LEU A 132 9.23 -12.40 2.06
N GLN A 133 10.04 -11.47 2.49
CA GLN A 133 11.41 -11.35 1.92
C GLN A 133 12.24 -12.58 2.29
N TYR A 134 12.11 -13.06 3.49
CA TYR A 134 12.91 -14.25 3.91
C TYR A 134 12.33 -15.53 3.31
N ARG A 135 11.05 -15.77 3.48
CA ARG A 135 10.46 -17.02 2.91
C ARG A 135 10.66 -17.02 1.40
N SER A 136 10.01 -16.13 0.71
CA SER A 136 10.14 -16.07 -0.77
C SER A 136 11.55 -15.58 -1.13
N SER A 2 -4.56 -7.26 -23.67
CA SER A 2 -5.82 -6.98 -22.93
C SER A 2 -6.08 -8.11 -21.92
N LYS A 3 -5.04 -8.68 -21.37
CA LYS A 3 -5.23 -9.78 -20.38
C LYS A 3 -5.21 -9.21 -18.97
N GLN A 4 -6.09 -8.27 -18.69
CA GLN A 4 -6.12 -7.68 -17.32
C GLN A 4 -7.03 -8.51 -16.42
N LEU A 5 -7.25 -9.75 -16.76
CA LEU A 5 -8.11 -10.59 -15.89
C LEU A 5 -7.46 -10.70 -14.52
N ALA A 6 -6.18 -10.43 -14.46
CA ALA A 6 -5.47 -10.48 -13.16
C ALA A 6 -5.55 -9.10 -12.50
N ILE A 7 -5.71 -8.07 -13.30
CA ILE A 7 -5.81 -6.70 -12.73
C ILE A 7 -7.27 -6.38 -12.44
N LYS A 8 -8.17 -7.22 -12.88
CA LYS A 8 -9.61 -6.98 -12.62
C LYS A 8 -9.98 -7.60 -11.27
N LYS A 9 -9.29 -8.64 -10.88
CA LYS A 9 -9.60 -9.28 -9.57
C LYS A 9 -9.37 -8.24 -8.47
N MET A 10 -8.31 -7.48 -8.56
CA MET A 10 -8.02 -6.46 -7.51
C MET A 10 -9.33 -5.78 -7.08
N ASN A 11 -10.24 -5.58 -7.99
CA ASN A 11 -11.53 -4.93 -7.60
C ASN A 11 -12.28 -5.84 -6.61
N GLU A 12 -12.51 -7.07 -7.00
CA GLU A 12 -13.22 -8.00 -6.09
C GLU A 12 -12.33 -8.37 -4.90
N ILE A 13 -11.09 -7.98 -4.95
CA ILE A 13 -10.15 -8.30 -3.83
C ILE A 13 -10.27 -7.22 -2.74
N GLN A 14 -10.43 -5.99 -3.14
CA GLN A 14 -10.54 -4.90 -2.13
C GLN A 14 -11.96 -4.92 -1.54
N LYS A 15 -12.86 -5.64 -2.15
CA LYS A 15 -14.25 -5.70 -1.62
C LYS A 15 -14.43 -6.99 -0.84
N ASN A 16 -13.81 -8.05 -1.28
CA ASN A 16 -13.93 -9.34 -0.55
C ASN A 16 -12.94 -9.35 0.60
N ILE A 17 -12.15 -8.32 0.71
CA ILE A 17 -11.14 -8.26 1.79
C ILE A 17 -11.53 -7.18 2.80
N ASP A 18 -12.04 -6.07 2.32
CA ASP A 18 -12.45 -4.96 3.24
C ASP A 18 -11.22 -4.11 3.59
N GLY A 19 -10.11 -4.74 3.89
CA GLY A 19 -8.89 -3.96 4.24
C GLY A 19 -8.36 -4.43 5.59
N TRP A 20 -8.07 -5.71 5.73
CA TRP A 20 -7.55 -6.21 7.02
C TRP A 20 -6.12 -6.71 6.84
N GLU A 21 -5.44 -7.01 7.92
CA GLU A 21 -4.04 -7.51 7.81
C GLU A 21 -3.92 -8.85 8.54
N GLY A 22 -4.77 -9.78 8.24
CA GLY A 22 -4.70 -11.11 8.93
C GLY A 22 -5.56 -12.12 8.16
N LYS A 23 -6.80 -11.81 7.91
CA LYS A 23 -7.67 -12.76 7.17
C LYS A 23 -7.07 -13.02 5.79
N ASP A 24 -7.60 -13.99 5.09
CA ASP A 24 -7.05 -14.29 3.73
C ASP A 24 -8.20 -14.63 2.79
N ILE A 25 -8.58 -13.71 1.94
CA ILE A 25 -9.69 -13.99 0.99
C ILE A 25 -9.27 -15.10 0.02
N GLY A 26 -8.02 -15.16 -0.32
CA GLY A 26 -7.56 -16.23 -1.25
C GLY A 26 -6.94 -17.38 -0.45
N GLN A 27 -6.85 -18.55 -1.03
CA GLN A 27 -6.27 -19.70 -0.31
C GLN A 27 -4.98 -19.27 0.37
N CYS A 28 -4.13 -18.57 -0.33
CA CYS A 28 -2.85 -18.11 0.28
C CYS A 28 -2.38 -16.83 -0.41
N CYS A 29 -2.52 -16.77 -1.71
CA CYS A 29 -2.10 -15.54 -2.43
C CYS A 29 -3.24 -14.52 -2.45
N ASN A 30 -3.33 -13.71 -1.44
CA ASN A 30 -4.42 -12.70 -1.39
C ASN A 30 -4.48 -12.08 0.01
N GLU A 31 -4.41 -12.89 1.03
CA GLU A 31 -4.46 -12.35 2.41
C GLU A 31 -3.54 -11.14 2.49
N PHE A 32 -3.97 -10.11 3.17
CA PHE A 32 -3.11 -8.89 3.28
C PHE A 32 -2.44 -8.83 4.65
N ILE A 33 -1.27 -8.27 4.69
CA ILE A 33 -0.55 -8.14 5.98
C ILE A 33 -0.52 -6.66 6.35
N MET A 34 -0.76 -5.79 5.41
CA MET A 34 -0.76 -4.34 5.72
C MET A 34 -1.96 -3.67 5.05
N GLU A 35 -3.05 -3.56 5.76
CA GLU A 35 -4.26 -2.91 5.16
C GLU A 35 -4.78 -1.85 6.12
N GLY A 36 -4.49 -0.60 5.87
CA GLY A 36 -4.99 0.47 6.78
C GLY A 36 -4.64 1.85 6.24
N THR A 37 -3.59 2.44 6.73
CA THR A 37 -3.22 3.80 6.27
C THR A 37 -1.69 3.96 6.27
N LEU A 38 -1.16 4.49 5.20
CA LEU A 38 0.32 4.71 5.13
C LEU A 38 0.57 5.92 4.24
N THR A 39 1.63 6.64 4.45
CA THR A 39 1.89 7.85 3.63
C THR A 39 2.97 7.60 2.58
N ARG A 40 2.98 8.39 1.55
CA ARG A 40 4.01 8.25 0.49
C ARG A 40 5.01 9.39 0.65
N VAL A 41 5.95 9.25 1.55
CA VAL A 41 6.95 10.33 1.80
C VAL A 41 7.29 11.04 0.49
N GLY A 42 7.38 12.34 0.52
CA GLY A 42 7.69 13.10 -0.73
C GLY A 42 6.50 13.97 -1.10
N ALA A 43 5.34 13.66 -0.57
CA ALA A 43 4.13 14.47 -0.87
C ALA A 43 3.66 15.16 0.40
N LYS A 44 2.38 15.37 0.53
CA LYS A 44 1.84 16.04 1.75
C LYS A 44 0.39 15.61 1.97
N HIS A 45 0.13 14.33 1.97
CA HIS A 45 -1.27 13.86 2.16
C HIS A 45 -1.31 12.34 2.07
N GLU A 46 -0.99 11.66 3.14
CA GLU A 46 -1.02 10.17 3.12
C GLU A 46 -2.29 9.69 2.42
N ARG A 47 -2.36 8.41 2.13
CA ARG A 47 -3.57 7.88 1.44
C ARG A 47 -3.85 6.45 1.94
N HIS A 48 -5.05 5.97 1.74
CA HIS A 48 -5.37 4.59 2.20
C HIS A 48 -4.41 3.63 1.50
N ILE A 49 -3.94 2.62 2.18
CA ILE A 49 -3.00 1.68 1.52
C ILE A 49 -3.44 0.24 1.77
N PHE A 50 -3.01 -0.66 0.93
CA PHE A 50 -3.36 -2.09 1.11
C PHE A 50 -2.16 -2.92 0.62
N LEU A 51 -1.93 -4.07 1.18
CA LEU A 51 -0.75 -4.86 0.72
C LEU A 51 -1.00 -6.35 0.91
N PHE A 52 -1.04 -7.09 -0.17
CA PHE A 52 -1.26 -8.55 -0.10
C PHE A 52 0.10 -9.28 -0.14
N ASP A 53 0.65 -9.60 0.99
CA ASP A 53 1.96 -10.31 1.02
C ASP A 53 2.91 -9.71 -0.03
N GLY A 54 2.94 -10.27 -1.20
CA GLY A 54 3.86 -9.74 -2.25
C GLY A 54 3.09 -8.90 -3.27
N LEU A 55 2.15 -8.11 -2.83
CA LEU A 55 1.38 -7.28 -3.77
C LEU A 55 1.08 -5.92 -3.12
N MET A 56 1.13 -4.86 -3.87
CA MET A 56 0.85 -3.52 -3.26
C MET A 56 -0.36 -2.88 -3.93
N ILE A 57 -1.13 -2.14 -3.17
CA ILE A 57 -2.33 -1.46 -3.73
C ILE A 57 -2.52 -0.14 -2.96
N CYS A 58 -3.21 0.80 -3.54
CA CYS A 58 -3.41 2.11 -2.82
C CYS A 58 -4.80 2.66 -3.17
N CYS A 59 -5.32 3.54 -2.35
CA CYS A 59 -6.66 4.13 -2.62
C CYS A 59 -6.72 5.55 -2.07
N LYS A 60 -7.61 6.37 -2.59
CA LYS A 60 -7.73 7.77 -2.10
C LYS A 60 -6.60 8.61 -2.70
N SER A 61 -6.69 8.90 -3.97
CA SER A 61 -5.62 9.72 -4.63
C SER A 61 -5.95 11.21 -4.47
N ASN A 62 -5.53 12.02 -5.40
CA ASN A 62 -5.83 13.47 -5.32
C ASN A 62 -7.09 13.80 -6.13
N HIS A 63 -8.20 13.23 -5.74
CA HIS A 63 -9.46 13.51 -6.48
C HIS A 63 -10.24 14.64 -5.79
N GLY A 64 -10.61 14.44 -4.55
CA GLY A 64 -11.36 15.49 -3.81
C GLY A 64 -12.44 16.07 -4.72
N GLN A 65 -13.61 15.47 -4.74
CA GLN A 65 -14.70 15.99 -5.61
C GLN A 65 -14.99 17.45 -5.26
N PRO A 66 -15.08 18.29 -6.26
CA PRO A 66 -15.35 19.72 -6.09
C PRO A 66 -16.85 19.94 -5.84
N ARG A 67 -17.22 21.11 -5.40
CA ARG A 67 -18.65 21.40 -5.14
C ARG A 67 -19.42 21.38 -6.46
N LEU A 68 -18.74 21.59 -7.56
CA LEU A 68 -19.43 21.59 -8.88
C LEU A 68 -18.70 20.60 -9.81
N PRO A 69 -19.47 19.75 -10.44
CA PRO A 69 -18.92 18.74 -11.38
C PRO A 69 -18.58 19.39 -12.72
N GLY A 70 -17.46 19.03 -13.30
CA GLY A 70 -17.07 19.62 -14.60
C GLY A 70 -16.26 20.90 -14.37
N ALA A 71 -15.61 21.00 -13.23
CA ALA A 71 -14.81 22.21 -12.95
C ALA A 71 -13.37 21.80 -12.60
N SER A 72 -13.17 21.23 -11.45
CA SER A 72 -11.79 20.82 -11.06
C SER A 72 -11.34 19.65 -11.95
N SER A 73 -10.06 19.40 -12.01
CA SER A 73 -9.56 18.29 -12.85
C SER A 73 -8.10 18.00 -12.52
N ALA A 74 -7.84 17.38 -11.40
CA ALA A 74 -6.43 17.08 -11.03
C ALA A 74 -6.02 15.72 -11.59
N GLU A 75 -4.89 15.21 -11.17
CA GLU A 75 -4.44 13.88 -11.68
C GLU A 75 -4.93 12.79 -10.74
N TYR A 76 -6.14 12.32 -10.94
CA TYR A 76 -6.67 11.24 -10.06
C TYR A 76 -6.91 9.98 -10.88
N ARG A 77 -6.47 8.85 -10.38
CA ARG A 77 -6.66 7.58 -11.14
C ARG A 77 -7.40 6.57 -10.26
N LEU A 78 -8.30 7.04 -9.43
CA LEU A 78 -9.06 6.11 -8.56
C LEU A 78 -8.09 5.39 -7.62
N LYS A 79 -7.60 4.24 -8.02
CA LYS A 79 -6.66 3.50 -7.14
C LYS A 79 -5.51 2.94 -7.99
N GLU A 80 -4.39 2.65 -7.39
CA GLU A 80 -3.25 2.11 -8.16
C GLU A 80 -2.80 0.78 -7.55
N LYS A 81 -2.05 0.01 -8.28
CA LYS A 81 -1.59 -1.29 -7.73
C LYS A 81 -0.23 -1.67 -8.34
N PHE A 82 0.71 -2.01 -7.51
CA PHE A 82 2.06 -2.41 -8.03
C PHE A 82 2.38 -3.83 -7.58
N PHE A 83 3.58 -4.26 -7.81
CA PHE A 83 3.98 -5.64 -7.39
C PHE A 83 4.94 -5.54 -6.20
N MET A 84 4.57 -6.11 -5.08
CA MET A 84 5.46 -6.04 -3.89
C MET A 84 6.17 -7.37 -3.66
N ARG A 85 6.81 -7.90 -4.66
CA ARG A 85 7.53 -9.20 -4.47
C ARG A 85 9.00 -9.03 -4.86
N LYS A 86 9.34 -7.93 -5.46
CA LYS A 86 10.75 -7.71 -5.84
C LYS A 86 11.23 -6.41 -5.19
N VAL A 87 10.71 -6.13 -4.03
CA VAL A 87 11.11 -4.88 -3.33
C VAL A 87 11.74 -5.21 -1.98
N GLN A 88 12.46 -4.29 -1.42
CA GLN A 88 13.12 -4.53 -0.10
C GLN A 88 13.03 -3.24 0.73
N ILE A 89 12.70 -3.37 1.98
CA ILE A 89 12.57 -2.17 2.85
C ILE A 89 13.92 -1.85 3.50
N ASN A 90 14.32 -0.60 3.45
CA ASN A 90 15.61 -0.20 4.07
C ASN A 90 15.34 0.69 5.27
N ASP A 91 15.19 0.12 6.43
CA ASP A 91 14.92 0.94 7.64
C ASP A 91 16.22 1.64 8.07
N LYS A 92 16.14 2.89 8.43
CA LYS A 92 17.37 3.62 8.86
C LYS A 92 17.11 4.32 10.19
N ASP A 93 17.79 3.88 11.22
CA ASP A 93 17.58 4.52 12.55
C ASP A 93 18.82 5.33 12.93
N ASP A 94 19.46 5.94 11.96
CA ASP A 94 20.68 6.74 12.27
C ASP A 94 20.27 8.17 12.62
N THR A 95 19.97 8.97 11.63
CA THR A 95 19.55 10.38 11.90
C THR A 95 18.96 10.99 10.64
N SER A 96 18.77 12.27 10.62
CA SER A 96 18.14 12.91 9.43
C SER A 96 16.67 12.52 9.42
N GLU A 97 16.26 11.77 10.43
CA GLU A 97 14.86 11.32 10.51
C GLU A 97 14.71 10.37 11.70
N TYR A 98 15.64 9.47 11.87
CA TYR A 98 15.56 8.51 13.01
C TYR A 98 14.35 7.59 12.80
N LYS A 99 14.14 6.66 13.71
CA LYS A 99 12.98 5.74 13.56
C LYS A 99 11.74 6.53 13.13
N HIS A 100 11.05 6.08 12.13
CA HIS A 100 9.84 6.83 11.67
C HIS A 100 9.20 6.09 10.49
N ALA A 101 9.83 6.13 9.34
CA ALA A 101 9.26 5.45 8.15
C ALA A 101 10.25 4.41 7.63
N PHE A 102 10.12 4.01 6.39
CA PHE A 102 11.05 3.01 5.82
C PHE A 102 11.17 3.25 4.33
N GLU A 103 12.33 3.15 3.78
CA GLU A 103 12.47 3.42 2.33
C GLU A 103 12.65 2.12 1.55
N ILE A 104 11.59 1.67 0.94
CA ILE A 104 11.68 0.43 0.13
C ILE A 104 12.10 0.83 -1.29
N ILE A 105 12.60 -0.08 -2.07
CA ILE A 105 13.01 0.29 -3.46
C ILE A 105 12.34 -0.64 -4.46
N LEU A 106 12.11 -0.15 -5.64
CA LEU A 106 11.52 -1.00 -6.69
C LEU A 106 12.67 -1.67 -7.42
N LYS A 107 12.42 -2.77 -8.05
CA LYS A 107 13.54 -3.43 -8.76
C LYS A 107 13.51 -2.98 -10.21
N ASP A 108 12.84 -1.89 -10.48
CA ASP A 108 12.75 -1.38 -11.87
C ASP A 108 13.59 -0.11 -11.99
N GLY A 109 13.41 0.81 -11.08
CA GLY A 109 14.20 2.07 -11.14
C GLY A 109 13.55 3.17 -10.29
N ASN A 110 12.87 2.83 -9.23
CA ASN A 110 12.23 3.86 -8.39
C ASN A 110 12.40 3.49 -6.91
N SER A 111 11.68 4.13 -6.03
CA SER A 111 11.82 3.79 -4.60
C SER A 111 10.46 3.93 -3.91
N VAL A 112 10.02 2.89 -3.24
CA VAL A 112 8.70 2.96 -2.55
C VAL A 112 8.91 3.36 -1.08
N ILE A 113 9.02 4.63 -0.81
CA ILE A 113 9.22 5.05 0.61
C ILE A 113 7.91 5.60 1.18
N PHE A 114 7.47 5.07 2.27
CA PHE A 114 6.19 5.54 2.89
C PHE A 114 6.38 5.75 4.39
N SER A 115 5.38 6.22 5.08
CA SER A 115 5.53 6.45 6.54
C SER A 115 4.16 6.32 7.22
N ALA A 116 4.03 5.40 8.14
CA ALA A 116 2.72 5.22 8.82
C ALA A 116 2.52 6.31 9.88
N LYS A 117 1.31 6.76 10.05
CA LYS A 117 1.02 7.82 11.05
C LYS A 117 0.88 7.19 12.44
N SER A 118 1.79 6.34 12.81
CA SER A 118 1.71 5.68 14.15
C SER A 118 2.95 4.81 14.36
N ALA A 119 3.08 4.22 15.52
CA ALA A 119 4.26 3.35 15.77
C ALA A 119 3.93 1.92 15.38
N GLU A 120 2.69 1.54 15.48
CA GLU A 120 2.30 0.15 15.11
C GLU A 120 2.04 0.09 13.60
N GLU A 121 1.57 1.17 13.02
CA GLU A 121 1.32 1.17 11.56
C GLU A 121 2.64 1.29 10.81
N LYS A 122 3.59 1.99 11.36
CA LYS A 122 4.92 2.12 10.68
C LYS A 122 5.67 0.80 10.78
N ASN A 123 5.69 0.22 11.95
CA ASN A 123 6.41 -1.08 12.12
C ASN A 123 5.57 -2.21 11.51
N ASN A 124 4.36 -1.93 11.13
CA ASN A 124 3.52 -2.99 10.54
C ASN A 124 3.85 -3.18 9.07
N TRP A 125 3.82 -2.14 8.27
CA TRP A 125 4.13 -2.32 6.84
C TRP A 125 5.58 -2.75 6.67
N MET A 126 6.48 -2.19 7.42
CA MET A 126 7.91 -2.58 7.26
C MET A 126 8.11 -4.07 7.57
N ALA A 127 7.48 -4.57 8.59
CA ALA A 127 7.68 -6.01 8.93
C ALA A 127 6.94 -6.91 7.93
N ALA A 128 5.81 -6.48 7.45
CA ALA A 128 5.06 -7.33 6.48
C ALA A 128 5.87 -7.47 5.19
N LEU A 129 6.81 -6.58 4.96
CA LEU A 129 7.64 -6.69 3.73
C LEU A 129 8.74 -7.71 3.94
N ILE A 130 9.65 -7.45 4.85
CA ILE A 130 10.75 -8.40 5.10
C ILE A 130 10.18 -9.67 5.71
N SER A 131 8.93 -9.67 6.09
CA SER A 131 8.33 -10.89 6.68
C SER A 131 7.99 -11.86 5.55
N LEU A 132 7.46 -11.36 4.46
CA LEU A 132 7.11 -12.25 3.32
C LEU A 132 8.31 -12.38 2.38
N GLN A 133 9.27 -11.52 2.51
CA GLN A 133 10.46 -11.58 1.63
C GLN A 133 11.25 -12.86 1.93
N TYR A 134 11.33 -13.23 3.18
CA TYR A 134 12.07 -14.47 3.54
C TYR A 134 11.66 -15.60 2.61
N ARG A 135 10.41 -15.65 2.21
CA ARG A 135 9.96 -16.73 1.30
C ARG A 135 9.73 -16.15 -0.10
N SER A 136 8.58 -15.59 -0.33
CA SER A 136 8.30 -15.00 -1.67
C SER A 136 8.92 -13.61 -1.77
N SER A 2 -5.10 -2.26 -20.63
CA SER A 2 -5.88 -3.14 -21.55
C SER A 2 -5.94 -4.55 -20.98
N LYS A 3 -4.81 -5.16 -20.73
CA LYS A 3 -4.80 -6.53 -20.17
C LYS A 3 -4.71 -6.47 -18.64
N GLN A 4 -5.26 -5.44 -18.05
CA GLN A 4 -5.20 -5.32 -16.57
C GLN A 4 -6.39 -6.07 -15.96
N LEU A 5 -6.99 -6.96 -16.70
CA LEU A 5 -8.16 -7.71 -16.16
C LEU A 5 -7.76 -8.29 -14.80
N ALA A 6 -6.51 -8.64 -14.63
CA ALA A 6 -6.07 -9.20 -13.33
C ALA A 6 -5.86 -8.04 -12.35
N ILE A 7 -5.42 -6.92 -12.84
CA ILE A 7 -5.21 -5.76 -11.94
C ILE A 7 -6.56 -5.15 -11.57
N LYS A 8 -7.61 -5.59 -12.22
CA LYS A 8 -8.95 -5.04 -11.90
C LYS A 8 -9.45 -5.69 -10.60
N LYS A 9 -9.02 -6.88 -10.31
CA LYS A 9 -9.46 -7.56 -9.07
C LYS A 9 -8.89 -6.82 -7.86
N MET A 10 -7.58 -6.70 -7.78
CA MET A 10 -6.96 -5.98 -6.63
C MET A 10 -7.78 -4.73 -6.31
N ASN A 11 -8.26 -4.04 -7.30
CA ASN A 11 -9.06 -2.82 -7.04
C ASN A 11 -10.28 -3.20 -6.18
N GLU A 12 -11.08 -4.11 -6.66
CA GLU A 12 -12.28 -4.53 -5.88
C GLU A 12 -11.83 -5.26 -4.61
N ILE A 13 -10.55 -5.55 -4.52
CA ILE A 13 -10.04 -6.26 -3.31
C ILE A 13 -9.75 -5.24 -2.21
N GLN A 14 -9.32 -4.07 -2.58
CA GLN A 14 -9.04 -3.03 -1.55
C GLN A 14 -10.36 -2.42 -1.11
N LYS A 15 -11.40 -2.61 -1.88
CA LYS A 15 -12.73 -2.06 -1.52
C LYS A 15 -13.50 -3.09 -0.70
N ASN A 16 -13.56 -4.29 -1.19
CA ASN A 16 -14.28 -5.37 -0.47
C ASN A 16 -13.97 -5.29 1.03
N ILE A 17 -12.84 -4.73 1.38
CA ILE A 17 -12.50 -4.62 2.83
C ILE A 17 -12.23 -3.16 3.19
N ASP A 18 -11.46 -2.47 2.38
CA ASP A 18 -11.15 -1.03 2.66
C ASP A 18 -9.99 -0.92 3.65
N GLY A 19 -10.05 -1.68 4.71
CA GLY A 19 -8.98 -1.66 5.73
C GLY A 19 -9.13 -2.95 6.51
N TRP A 20 -9.44 -4.00 5.78
CA TRP A 20 -9.65 -5.33 6.37
C TRP A 20 -11.15 -5.55 6.62
N GLU A 21 -11.73 -4.77 7.49
CA GLU A 21 -13.19 -4.91 7.79
C GLU A 21 -13.41 -6.04 8.80
N GLY A 22 -12.75 -7.16 8.63
CA GLY A 22 -12.93 -8.27 9.59
C GLY A 22 -13.09 -9.59 8.82
N LYS A 23 -12.33 -9.78 7.78
CA LYS A 23 -12.44 -11.03 6.99
C LYS A 23 -11.21 -11.20 6.10
N ASP A 24 -10.79 -12.40 5.84
CA ASP A 24 -9.60 -12.62 4.98
C ASP A 24 -10.04 -12.74 3.51
N ILE A 25 -9.74 -11.76 2.71
CA ILE A 25 -10.14 -11.82 1.28
C ILE A 25 -9.65 -13.12 0.66
N GLY A 26 -8.43 -13.49 0.93
CA GLY A 26 -7.89 -14.76 0.34
C GLY A 26 -6.64 -15.18 1.09
N GLN A 27 -6.00 -16.23 0.65
CA GLN A 27 -4.76 -16.70 1.34
C GLN A 27 -3.57 -16.54 0.39
N CYS A 28 -3.79 -16.76 -0.89
CA CYS A 28 -2.67 -16.63 -1.86
C CYS A 28 -2.72 -15.25 -2.52
N CYS A 29 -3.60 -14.40 -2.06
CA CYS A 29 -3.71 -13.05 -2.64
C CYS A 29 -4.69 -12.22 -1.82
N ASN A 30 -4.22 -11.22 -1.13
CA ASN A 30 -5.12 -10.39 -0.28
C ASN A 30 -5.33 -11.14 1.03
N GLU A 31 -4.71 -10.70 2.08
CA GLU A 31 -4.87 -11.43 3.36
C GLU A 31 -4.99 -10.44 4.53
N PHE A 32 -4.32 -10.66 5.62
CA PHE A 32 -4.46 -9.72 6.77
C PHE A 32 -3.09 -9.25 7.26
N ILE A 33 -2.03 -9.65 6.59
CA ILE A 33 -0.69 -9.21 7.05
C ILE A 33 -0.72 -7.72 7.36
N MET A 34 -1.07 -6.90 6.41
CA MET A 34 -1.10 -5.43 6.71
C MET A 34 -2.12 -4.70 5.84
N GLU A 35 -3.38 -4.85 6.12
CA GLU A 35 -4.40 -4.12 5.31
C GLU A 35 -5.00 -3.02 6.19
N GLY A 36 -4.87 -1.78 5.80
CA GLY A 36 -5.43 -0.69 6.65
C GLY A 36 -5.19 0.68 6.00
N THR A 37 -4.14 1.36 6.41
CA THR A 37 -3.87 2.71 5.82
C THR A 37 -2.37 2.96 5.73
N LEU A 38 -1.91 3.38 4.59
CA LEU A 38 -0.46 3.69 4.41
C LEU A 38 -0.34 4.76 3.34
N THR A 39 0.68 5.59 3.41
CA THR A 39 0.83 6.68 2.41
C THR A 39 1.96 6.36 1.43
N ARG A 40 2.40 7.32 0.68
CA ARG A 40 3.52 7.06 -0.29
C ARG A 40 4.71 7.95 0.06
N VAL A 41 5.00 8.07 1.33
CA VAL A 41 6.15 8.92 1.77
C VAL A 41 6.11 10.28 1.08
N GLY A 42 7.01 11.15 1.44
CA GLY A 42 7.06 12.51 0.82
C GLY A 42 5.66 13.02 0.50
N ALA A 43 4.71 12.77 1.36
CA ALA A 43 3.32 13.22 1.08
C ALA A 43 2.55 13.39 2.40
N LYS A 44 1.52 14.19 2.40
CA LYS A 44 0.74 14.40 3.65
C LYS A 44 -0.62 13.69 3.50
N HIS A 45 -1.00 13.36 2.31
CA HIS A 45 -2.31 12.66 2.11
C HIS A 45 -2.06 11.20 1.75
N GLU A 46 -2.50 10.29 2.58
CA GLU A 46 -2.28 8.85 2.30
C GLU A 46 -3.53 8.25 1.64
N ARG A 47 -3.56 6.96 1.48
CA ARG A 47 -4.75 6.31 0.84
C ARG A 47 -4.92 4.90 1.39
N HIS A 48 -6.09 4.32 1.26
CA HIS A 48 -6.30 2.94 1.77
C HIS A 48 -5.23 2.02 1.20
N ILE A 49 -4.87 0.99 1.91
CA ILE A 49 -3.82 0.06 1.40
C ILE A 49 -4.11 -1.37 1.85
N PHE A 50 -3.68 -2.34 1.09
CA PHE A 50 -3.90 -3.77 1.47
C PHE A 50 -2.61 -4.53 1.20
N LEU A 51 -1.93 -4.96 2.24
CA LEU A 51 -0.66 -5.69 2.03
C LEU A 51 -0.89 -7.20 2.01
N PHE A 52 -0.67 -7.82 0.88
CA PHE A 52 -0.88 -9.28 0.76
C PHE A 52 0.48 -9.99 0.95
N ASP A 53 1.15 -9.69 2.02
CA ASP A 53 2.47 -10.34 2.26
C ASP A 53 3.30 -10.39 0.96
N GLY A 54 2.98 -9.57 -0.01
CA GLY A 54 3.76 -9.61 -1.28
C GLY A 54 3.17 -8.61 -2.27
N LEU A 55 1.89 -8.38 -2.21
CA LEU A 55 1.26 -7.43 -3.17
C LEU A 55 0.85 -6.16 -2.42
N MET A 56 1.50 -5.05 -2.68
CA MET A 56 1.13 -3.80 -1.98
C MET A 56 0.06 -3.07 -2.80
N ILE A 57 -1.19 -3.19 -2.42
CA ILE A 57 -2.27 -2.52 -3.17
C ILE A 57 -2.55 -1.15 -2.57
N CYS A 58 -3.12 -0.27 -3.35
CA CYS A 58 -3.42 1.11 -2.83
C CYS A 58 -4.67 1.65 -3.51
N CYS A 59 -5.51 2.34 -2.79
CA CYS A 59 -6.75 2.90 -3.39
C CYS A 59 -7.04 4.27 -2.80
N LYS A 60 -7.73 5.10 -3.53
CA LYS A 60 -8.05 6.46 -3.00
C LYS A 60 -9.37 6.94 -3.60
N SER A 61 -9.60 6.69 -4.85
CA SER A 61 -10.87 7.14 -5.48
C SER A 61 -12.05 6.60 -4.68
N ASN A 62 -13.25 6.94 -5.06
CA ASN A 62 -14.44 6.44 -4.31
C ASN A 62 -15.70 6.60 -5.18
N HIS A 63 -15.93 5.68 -6.06
CA HIS A 63 -17.13 5.77 -6.94
C HIS A 63 -18.39 5.68 -6.08
N GLY A 64 -19.54 5.55 -6.69
CA GLY A 64 -20.80 5.45 -5.90
C GLY A 64 -21.62 6.73 -6.10
N GLN A 65 -21.19 7.83 -5.55
CA GLN A 65 -21.95 9.09 -5.71
C GLN A 65 -22.15 9.40 -7.20
N PRO A 66 -23.26 10.02 -7.50
CA PRO A 66 -23.60 10.38 -8.89
C PRO A 66 -22.83 11.63 -9.33
N ARG A 67 -22.84 11.93 -10.59
CA ARG A 67 -22.10 13.14 -11.07
C ARG A 67 -22.87 14.40 -10.68
N LEU A 68 -24.08 14.53 -11.13
CA LEU A 68 -24.88 15.75 -10.78
C LEU A 68 -24.28 16.96 -11.48
N PRO A 69 -25.06 18.00 -11.59
CA PRO A 69 -24.64 19.25 -12.25
C PRO A 69 -23.74 20.07 -11.31
N GLY A 70 -22.69 20.63 -11.82
CA GLY A 70 -21.78 21.43 -10.96
C GLY A 70 -20.68 20.51 -10.38
N ALA A 71 -20.90 19.23 -10.43
CA ALA A 71 -19.88 18.29 -9.88
C ALA A 71 -19.59 18.64 -8.42
N SER A 72 -20.34 18.09 -7.50
CA SER A 72 -20.11 18.39 -6.07
C SER A 72 -18.63 18.20 -5.74
N SER A 73 -18.14 18.85 -4.72
CA SER A 73 -16.70 18.70 -4.36
C SER A 73 -16.38 17.22 -4.17
N ALA A 74 -15.86 16.58 -5.18
CA ALA A 74 -15.52 15.14 -5.06
C ALA A 74 -14.64 14.71 -6.23
N GLU A 75 -13.37 15.03 -6.16
CA GLU A 75 -12.45 14.65 -7.28
C GLU A 75 -12.12 13.16 -7.17
N TYR A 76 -12.34 12.41 -8.22
CA TYR A 76 -12.04 10.96 -8.17
C TYR A 76 -10.54 10.74 -8.41
N ARG A 77 -10.12 9.52 -8.53
CA ARG A 77 -8.68 9.24 -8.76
C ARG A 77 -8.51 7.83 -9.34
N LEU A 78 -7.31 7.33 -9.36
CA LEU A 78 -7.08 5.96 -9.91
C LEU A 78 -6.40 5.10 -8.84
N LYS A 79 -6.76 3.84 -8.77
CA LYS A 79 -6.13 2.95 -7.75
C LYS A 79 -4.89 2.30 -8.36
N GLU A 80 -3.83 2.19 -7.60
CA GLU A 80 -2.59 1.58 -8.14
C GLU A 80 -2.11 0.46 -7.22
N LYS A 81 -1.32 -0.44 -7.74
CA LYS A 81 -0.80 -1.55 -6.91
C LYS A 81 0.56 -1.99 -7.45
N PHE A 82 1.40 -2.56 -6.63
CA PHE A 82 2.74 -3.00 -7.12
C PHE A 82 3.08 -4.36 -6.53
N PHE A 83 4.13 -4.97 -7.02
CA PHE A 83 4.53 -6.30 -6.50
C PHE A 83 5.48 -6.13 -5.31
N MET A 84 4.95 -6.09 -4.12
CA MET A 84 5.81 -5.90 -2.92
C MET A 84 6.23 -7.26 -2.35
N ARG A 85 6.95 -8.05 -3.09
CA ARG A 85 7.40 -9.37 -2.56
C ARG A 85 8.89 -9.54 -2.78
N LYS A 86 9.41 -8.96 -3.83
CA LYS A 86 10.87 -9.07 -4.08
C LYS A 86 11.49 -7.70 -3.87
N VAL A 87 10.94 -6.96 -2.96
CA VAL A 87 11.47 -5.60 -2.68
C VAL A 87 12.15 -5.57 -1.31
N GLN A 88 12.98 -4.59 -1.07
CA GLN A 88 13.68 -4.52 0.25
C GLN A 88 13.35 -3.18 0.92
N ILE A 89 12.94 -3.22 2.17
CA ILE A 89 12.60 -1.97 2.89
C ILE A 89 13.85 -1.40 3.57
N ASN A 90 14.04 -0.11 3.50
CA ASN A 90 15.24 0.51 4.14
C ASN A 90 14.77 1.58 5.13
N ASP A 91 14.89 1.31 6.40
CA ASP A 91 14.46 2.33 7.41
C ASP A 91 15.50 3.45 7.47
N LYS A 92 15.14 4.62 7.03
CA LYS A 92 16.11 5.76 7.05
C LYS A 92 15.90 6.58 8.32
N ASP A 93 16.35 7.81 8.32
CA ASP A 93 16.18 8.66 9.53
C ASP A 93 15.67 10.04 9.11
N ASP A 94 14.38 10.18 8.93
CA ASP A 94 13.82 11.49 8.52
C ASP A 94 14.27 12.57 9.50
N THR A 95 13.89 12.46 10.74
CA THR A 95 14.30 13.48 11.74
C THR A 95 15.15 12.82 12.83
N SER A 96 16.19 13.50 13.26
CA SER A 96 17.05 12.91 14.31
C SER A 96 16.18 12.56 15.53
N GLU A 97 15.00 13.13 15.60
CA GLU A 97 14.11 12.84 16.75
C GLU A 97 13.53 11.43 16.61
N TYR A 98 13.19 11.03 15.41
CA TYR A 98 12.63 9.67 15.21
C TYR A 98 12.51 9.37 13.72
N LYS A 99 12.25 8.13 13.36
CA LYS A 99 12.13 7.78 11.92
C LYS A 99 10.89 8.47 11.34
N HIS A 100 10.26 7.85 10.39
CA HIS A 100 9.04 8.47 9.78
C HIS A 100 8.37 7.48 8.83
N ALA A 101 9.12 6.93 7.91
CA ALA A 101 8.53 5.95 6.95
C ALA A 101 9.56 4.89 6.59
N PHE A 102 9.44 4.29 5.44
CA PHE A 102 10.42 3.26 5.01
C PHE A 102 10.50 3.28 3.50
N GLU A 103 11.69 3.33 2.95
CA GLU A 103 11.80 3.39 1.48
C GLU A 103 12.12 2.01 0.91
N ILE A 104 11.13 1.35 0.39
CA ILE A 104 11.35 0.03 -0.22
C ILE A 104 11.70 0.25 -1.69
N ILE A 105 12.30 -0.72 -2.33
CA ILE A 105 12.65 -0.52 -3.77
C ILE A 105 12.27 -1.75 -4.57
N LEU A 106 11.94 -1.56 -5.82
CA LEU A 106 11.61 -2.71 -6.67
C LEU A 106 12.90 -3.19 -7.30
N LYS A 107 12.99 -4.43 -7.63
CA LYS A 107 14.25 -4.91 -8.23
C LYS A 107 14.16 -4.72 -9.75
N ASP A 108 13.22 -3.92 -10.20
CA ASP A 108 13.06 -3.68 -11.66
C ASP A 108 13.57 -2.29 -11.99
N GLY A 109 13.35 -1.34 -11.12
CA GLY A 109 13.85 0.04 -11.41
C GLY A 109 13.00 1.10 -10.68
N ASN A 110 11.93 0.72 -10.04
CA ASN A 110 11.11 1.73 -9.33
C ASN A 110 11.41 1.69 -7.83
N SER A 111 10.66 2.41 -7.04
CA SER A 111 10.91 2.42 -5.58
C SER A 111 9.56 2.53 -4.85
N VAL A 112 9.33 1.66 -3.90
CA VAL A 112 8.04 1.70 -3.16
C VAL A 112 8.25 2.37 -1.79
N ILE A 113 8.23 3.67 -1.73
CA ILE A 113 8.40 4.35 -0.42
C ILE A 113 7.04 4.82 0.10
N PHE A 114 6.67 4.37 1.26
CA PHE A 114 5.34 4.79 1.82
C PHE A 114 5.52 5.26 3.26
N SER A 115 4.46 5.67 3.90
CA SER A 115 4.59 6.16 5.31
C SER A 115 3.28 5.93 6.05
N ALA A 116 3.29 5.13 7.08
CA ALA A 116 2.02 4.88 7.82
C ALA A 116 1.72 6.05 8.75
N LYS A 117 0.47 6.40 8.86
CA LYS A 117 0.06 7.54 9.73
C LYS A 117 -0.04 7.08 11.18
N SER A 118 0.93 6.33 11.65
CA SER A 118 0.89 5.86 13.06
C SER A 118 2.28 5.32 13.43
N ALA A 119 2.44 4.84 14.64
CA ALA A 119 3.76 4.30 15.04
C ALA A 119 3.81 2.81 14.72
N GLU A 120 2.83 2.07 15.19
CA GLU A 120 2.81 0.62 14.90
C GLU A 120 2.46 0.41 13.43
N GLU A 121 1.68 1.29 12.87
CA GLU A 121 1.31 1.16 11.43
C GLU A 121 2.56 1.35 10.56
N LYS A 122 3.40 2.28 10.93
CA LYS A 122 4.64 2.51 10.14
C LYS A 122 5.51 1.26 10.19
N ASN A 123 5.86 0.82 11.37
CA ASN A 123 6.69 -0.40 11.50
C ASN A 123 5.86 -1.62 11.13
N ASN A 124 4.58 -1.45 10.94
CA ASN A 124 3.70 -2.60 10.57
C ASN A 124 3.98 -3.04 9.14
N TRP A 125 3.70 -2.21 8.18
CA TRP A 125 3.94 -2.60 6.76
C TRP A 125 5.43 -2.91 6.58
N MET A 126 6.27 -2.17 7.24
CA MET A 126 7.74 -2.40 7.13
C MET A 126 8.06 -3.85 7.52
N ALA A 127 7.38 -4.37 8.50
CA ALA A 127 7.66 -5.76 8.93
C ALA A 127 7.07 -6.77 7.94
N ALA A 128 5.94 -6.47 7.37
CA ALA A 128 5.32 -7.43 6.39
C ALA A 128 6.26 -7.57 5.19
N LEU A 129 7.15 -6.65 4.99
CA LEU A 129 8.08 -6.75 3.84
C LEU A 129 9.26 -7.66 4.21
N ILE A 130 10.06 -7.26 5.15
CA ILE A 130 11.21 -8.09 5.55
C ILE A 130 10.68 -9.38 6.20
N SER A 131 9.41 -9.45 6.47
CA SER A 131 8.85 -10.69 7.09
C SER A 131 8.67 -11.74 5.99
N LEU A 132 8.26 -11.33 4.83
CA LEU A 132 8.07 -12.31 3.73
C LEU A 132 9.40 -12.55 3.01
N GLN A 133 10.28 -11.58 3.05
CA GLN A 133 11.60 -11.75 2.38
C GLN A 133 12.29 -13.00 2.94
N TYR A 134 12.20 -13.21 4.22
CA TYR A 134 12.85 -14.40 4.83
C TYR A 134 12.61 -15.62 3.95
N ARG A 135 11.38 -15.86 3.56
CA ARG A 135 11.09 -17.04 2.70
C ARG A 135 9.96 -16.70 1.74
N SER A 136 8.73 -16.83 2.17
CA SER A 136 7.58 -16.52 1.28
C SER A 136 7.87 -15.21 0.52
N SER A 2 -7.44 -3.50 -21.78
CA SER A 2 -8.23 -4.50 -22.54
C SER A 2 -8.04 -5.88 -21.90
N LYS A 3 -6.83 -6.36 -21.84
CA LYS A 3 -6.59 -7.70 -21.23
C LYS A 3 -6.28 -7.54 -19.75
N GLN A 4 -6.82 -6.53 -19.13
CA GLN A 4 -6.56 -6.32 -17.68
C GLN A 4 -7.60 -7.09 -16.86
N LEU A 5 -8.14 -8.14 -17.40
CA LEU A 5 -9.16 -8.92 -16.64
C LEU A 5 -8.52 -9.39 -15.33
N ALA A 6 -7.24 -9.59 -15.31
CA ALA A 6 -6.57 -10.02 -14.06
C ALA A 6 -6.26 -8.79 -13.22
N ILE A 7 -6.13 -7.66 -13.84
CA ILE A 7 -5.83 -6.41 -13.09
C ILE A 7 -7.15 -5.79 -12.61
N LYS A 8 -8.26 -6.30 -13.07
CA LYS A 8 -9.57 -5.75 -12.65
C LYS A 8 -9.95 -6.39 -11.32
N LYS A 9 -9.49 -7.58 -11.06
CA LYS A 9 -9.82 -8.24 -9.78
C LYS A 9 -9.22 -7.43 -8.64
N MET A 10 -7.95 -7.14 -8.70
CA MET A 10 -7.29 -6.33 -7.64
C MET A 10 -8.24 -5.24 -7.13
N ASN A 11 -9.12 -4.76 -7.97
CA ASN A 11 -10.06 -3.71 -7.50
C ASN A 11 -11.10 -4.35 -6.57
N GLU A 12 -11.74 -5.39 -7.02
CA GLU A 12 -12.75 -6.07 -6.18
C GLU A 12 -12.05 -6.78 -5.02
N ILE A 13 -10.74 -6.83 -5.06
CA ILE A 13 -9.98 -7.51 -3.96
C ILE A 13 -9.72 -6.51 -2.83
N GLN A 14 -9.24 -5.35 -3.16
CA GLN A 14 -8.97 -4.33 -2.11
C GLN A 14 -10.29 -3.66 -1.72
N LYS A 15 -11.28 -3.81 -2.55
CA LYS A 15 -12.61 -3.20 -2.26
C LYS A 15 -13.47 -4.18 -1.48
N ASN A 16 -13.46 -5.42 -1.89
CA ASN A 16 -14.28 -6.44 -1.18
C ASN A 16 -13.74 -6.62 0.24
N ILE A 17 -12.59 -6.05 0.52
CA ILE A 17 -12.01 -6.18 1.89
C ILE A 17 -12.19 -4.85 2.64
N ASP A 18 -11.71 -3.77 2.07
CA ASP A 18 -11.86 -2.43 2.74
C ASP A 18 -10.77 -2.24 3.80
N GLY A 19 -10.60 -3.18 4.68
CA GLY A 19 -9.57 -3.07 5.74
C GLY A 19 -9.43 -4.45 6.38
N TRP A 20 -9.66 -5.46 5.58
CA TRP A 20 -9.57 -6.85 6.08
C TRP A 20 -10.89 -7.22 6.78
N GLU A 21 -10.84 -8.12 7.72
CA GLU A 21 -12.09 -8.51 8.44
C GLU A 21 -13.09 -9.08 7.44
N GLY A 22 -12.64 -9.41 6.26
CA GLY A 22 -13.58 -9.97 5.24
C GLY A 22 -13.05 -11.31 4.75
N LYS A 23 -12.27 -11.98 5.56
CA LYS A 23 -11.71 -13.30 5.14
C LYS A 23 -10.67 -13.09 4.04
N ASP A 24 -9.41 -13.07 4.40
CA ASP A 24 -8.35 -12.86 3.38
C ASP A 24 -8.66 -13.74 2.16
N ILE A 25 -8.83 -13.13 1.02
CA ILE A 25 -9.13 -13.92 -0.21
C ILE A 25 -8.22 -15.16 -0.25
N GLY A 26 -6.96 -14.99 -0.01
CA GLY A 26 -6.03 -16.16 -0.03
C GLY A 26 -5.37 -16.32 1.34
N GLN A 27 -5.04 -17.53 1.71
CA GLN A 27 -4.40 -17.76 3.04
C GLN A 27 -2.94 -17.33 2.96
N CYS A 28 -2.26 -17.66 1.88
CA CYS A 28 -0.83 -17.27 1.76
C CYS A 28 -0.59 -16.62 0.39
N CYS A 29 -1.62 -16.47 -0.40
CA CYS A 29 -1.44 -15.84 -1.73
C CYS A 29 -2.56 -14.82 -1.97
N ASN A 30 -2.80 -13.97 -1.01
CA ASN A 30 -3.88 -12.94 -1.15
C ASN A 30 -4.34 -12.48 0.24
N GLU A 31 -3.44 -12.41 1.19
CA GLU A 31 -3.84 -11.96 2.55
C GLU A 31 -3.17 -10.61 2.83
N PHE A 32 -3.94 -9.58 3.01
CA PHE A 32 -3.36 -8.24 3.28
C PHE A 32 -2.72 -8.20 4.67
N ILE A 33 -1.49 -8.61 4.78
CA ILE A 33 -0.82 -8.57 6.12
C ILE A 33 -1.07 -7.20 6.75
N MET A 34 -1.18 -6.19 5.94
CA MET A 34 -1.42 -4.82 6.47
C MET A 34 -2.69 -4.24 5.86
N GLU A 35 -3.75 -4.18 6.63
CA GLU A 35 -5.02 -3.62 6.11
C GLU A 35 -5.31 -2.30 6.82
N GLY A 36 -5.01 -1.18 6.22
CA GLY A 36 -5.29 0.11 6.91
C GLY A 36 -4.93 1.29 6.00
N THR A 37 -3.89 2.00 6.33
CA THR A 37 -3.51 3.18 5.50
C THR A 37 -1.99 3.40 5.58
N LEU A 38 -1.40 3.85 4.51
CA LEU A 38 0.08 4.11 4.53
C LEU A 38 0.36 5.29 3.61
N THR A 39 1.39 6.04 3.88
CA THR A 39 1.67 7.23 3.04
C THR A 39 2.83 7.00 2.07
N ARG A 40 2.91 7.79 1.03
CA ARG A 40 4.02 7.64 0.06
C ARG A 40 5.06 8.71 0.40
N VAL A 41 5.57 8.66 1.61
CA VAL A 41 6.58 9.65 2.09
C VAL A 41 6.52 10.96 1.32
N GLY A 42 6.03 11.99 1.94
CA GLY A 42 5.95 13.31 1.26
C GLY A 42 4.49 13.62 0.91
N ALA A 43 3.63 13.65 1.89
CA ALA A 43 2.20 13.94 1.61
C ALA A 43 1.43 14.13 2.93
N LYS A 44 0.13 14.12 2.88
CA LYS A 44 -0.67 14.31 4.11
C LYS A 44 -2.00 13.55 3.99
N HIS A 45 -2.14 12.46 4.70
CA HIS A 45 -3.40 11.68 4.61
C HIS A 45 -3.43 10.90 3.30
N GLU A 46 -2.45 10.06 3.08
CA GLU A 46 -2.39 9.28 1.83
C GLU A 46 -3.67 8.46 1.63
N ARG A 47 -3.59 7.39 0.88
CA ARG A 47 -4.78 6.55 0.61
C ARG A 47 -4.73 5.25 1.40
N HIS A 48 -5.85 4.59 1.53
CA HIS A 48 -5.88 3.29 2.27
C HIS A 48 -4.92 2.34 1.57
N ILE A 49 -4.47 1.32 2.24
CA ILE A 49 -3.52 0.39 1.59
C ILE A 49 -3.88 -1.06 1.91
N PHE A 50 -3.40 -1.97 1.13
CA PHE A 50 -3.67 -3.41 1.36
C PHE A 50 -2.42 -4.19 0.94
N LEU A 51 -1.57 -4.55 1.87
CA LEU A 51 -0.32 -5.28 1.49
C LEU A 51 -0.53 -6.79 1.61
N PHE A 52 -0.54 -7.48 0.50
CA PHE A 52 -0.71 -8.95 0.53
C PHE A 52 0.67 -9.60 0.29
N ASP A 53 1.34 -9.96 1.34
CA ASP A 53 2.68 -10.60 1.19
C ASP A 53 3.48 -9.92 0.08
N GLY A 54 3.37 -10.39 -1.13
CA GLY A 54 4.11 -9.76 -2.25
C GLY A 54 3.17 -8.91 -3.10
N LEU A 55 2.32 -8.14 -2.48
CA LEU A 55 1.38 -7.30 -3.27
C LEU A 55 1.15 -5.97 -2.53
N MET A 56 1.06 -4.89 -3.24
CA MET A 56 0.83 -3.58 -2.59
C MET A 56 -0.27 -2.81 -3.33
N ILE A 57 -1.47 -2.85 -2.84
CA ILE A 57 -2.57 -2.11 -3.53
C ILE A 57 -2.93 -0.85 -2.75
N CYS A 58 -3.59 0.07 -3.38
CA CYS A 58 -3.98 1.34 -2.70
C CYS A 58 -5.32 1.82 -3.25
N CYS A 59 -6.06 2.56 -2.47
CA CYS A 59 -7.38 3.05 -2.95
C CYS A 59 -7.63 4.48 -2.44
N LYS A 60 -8.18 5.33 -3.26
CA LYS A 60 -8.45 6.73 -2.82
C LYS A 60 -9.96 6.91 -2.60
N SER A 61 -10.57 6.02 -1.86
CA SER A 61 -12.03 6.14 -1.62
C SER A 61 -12.36 7.52 -1.06
N ASN A 62 -13.32 8.19 -1.63
CA ASN A 62 -13.68 9.55 -1.13
C ASN A 62 -15.20 9.69 -1.06
N HIS A 63 -15.69 10.34 -0.04
CA HIS A 63 -17.17 10.51 0.09
C HIS A 63 -17.50 11.98 0.29
N GLY A 64 -17.28 12.79 -0.72
CA GLY A 64 -17.59 14.24 -0.61
C GLY A 64 -18.85 14.58 -1.40
N GLN A 65 -18.68 15.00 -2.63
CA GLN A 65 -19.87 15.34 -3.46
C GLN A 65 -20.90 14.21 -3.37
N PRO A 66 -22.13 14.55 -3.66
CA PRO A 66 -23.25 13.60 -3.62
C PRO A 66 -23.24 12.72 -4.87
N ARG A 67 -24.25 11.92 -5.06
CA ARG A 67 -24.31 11.03 -6.25
C ARG A 67 -25.59 11.30 -7.04
N LEU A 68 -26.70 11.35 -6.38
CA LEU A 68 -27.99 11.59 -7.10
C LEU A 68 -28.15 13.09 -7.40
N PRO A 69 -27.99 13.90 -6.38
CA PRO A 69 -28.12 15.36 -6.52
C PRO A 69 -26.84 15.96 -7.11
N GLY A 70 -26.96 16.93 -7.96
CA GLY A 70 -25.75 17.55 -8.56
C GLY A 70 -25.53 16.99 -9.97
N ALA A 71 -25.66 15.70 -10.12
CA ALA A 71 -25.46 15.08 -11.47
C ALA A 71 -24.23 15.68 -12.13
N SER A 72 -23.08 15.11 -11.89
CA SER A 72 -21.83 15.63 -12.51
C SER A 72 -21.10 14.49 -13.22
N SER A 73 -20.64 13.53 -12.49
CA SER A 73 -19.91 12.38 -13.11
C SER A 73 -19.81 11.24 -12.11
N ALA A 74 -18.88 10.35 -12.30
CA ALA A 74 -18.74 9.20 -11.35
C ALA A 74 -18.42 9.74 -9.96
N GLU A 75 -18.56 8.91 -8.95
CA GLU A 75 -18.27 9.38 -7.57
C GLU A 75 -16.95 8.79 -7.10
N TYR A 76 -16.86 7.48 -7.03
CA TYR A 76 -15.59 6.84 -6.57
C TYR A 76 -14.49 7.12 -7.61
N ARG A 77 -13.25 7.00 -7.21
CA ARG A 77 -12.13 7.25 -8.16
C ARG A 77 -11.48 5.92 -8.55
N LEU A 78 -10.35 5.97 -9.20
CA LEU A 78 -9.66 4.71 -9.60
C LEU A 78 -8.71 4.28 -8.48
N LYS A 79 -7.93 3.25 -8.70
CA LYS A 79 -6.99 2.78 -7.64
C LYS A 79 -5.67 2.36 -8.29
N GLU A 80 -4.62 2.23 -7.52
CA GLU A 80 -3.32 1.81 -8.09
C GLU A 80 -2.83 0.53 -7.43
N LYS A 81 -1.90 -0.15 -8.04
CA LYS A 81 -1.38 -1.42 -7.44
C LYS A 81 0.07 -1.63 -7.87
N PHE A 82 0.82 -2.37 -7.09
CA PHE A 82 2.24 -2.62 -7.45
C PHE A 82 2.66 -4.00 -6.93
N PHE A 83 3.90 -4.36 -7.13
CA PHE A 83 4.38 -5.69 -6.64
C PHE A 83 5.36 -5.47 -5.48
N MET A 84 5.22 -6.21 -4.42
CA MET A 84 6.15 -6.04 -3.26
C MET A 84 6.77 -7.38 -2.89
N ARG A 85 7.50 -7.99 -3.78
CA ARG A 85 8.13 -9.30 -3.46
C ARG A 85 9.63 -9.25 -3.75
N LYS A 86 10.03 -8.39 -4.65
CA LYS A 86 11.47 -8.29 -4.98
C LYS A 86 11.98 -6.96 -4.46
N VAL A 87 11.37 -6.48 -3.43
CA VAL A 87 11.78 -5.17 -2.87
C VAL A 87 12.41 -5.36 -1.48
N GLN A 88 13.17 -4.39 -1.03
CA GLN A 88 13.81 -4.50 0.31
C GLN A 88 13.60 -3.18 1.05
N ILE A 89 13.27 -3.25 2.31
CA ILE A 89 13.05 -2.00 3.09
C ILE A 89 14.35 -1.51 3.70
N ASN A 90 14.60 -0.22 3.60
CA ASN A 90 15.86 0.35 4.17
C ASN A 90 15.50 1.37 5.25
N ASP A 91 15.51 0.97 6.49
CA ASP A 91 15.17 1.93 7.58
C ASP A 91 16.42 2.70 7.99
N LYS A 92 16.98 3.46 7.09
CA LYS A 92 18.21 4.24 7.43
C LYS A 92 18.20 5.58 6.69
N ASP A 93 17.72 5.60 5.48
CA ASP A 93 17.68 6.87 4.72
C ASP A 93 16.40 7.64 5.06
N ASP A 94 16.24 8.02 6.30
CA ASP A 94 15.01 8.76 6.69
C ASP A 94 15.26 10.26 6.55
N THR A 95 14.69 11.07 7.40
CA THR A 95 14.90 12.54 7.29
C THR A 95 15.73 13.02 8.49
N SER A 96 16.63 13.93 8.26
CA SER A 96 17.45 14.44 9.38
C SER A 96 16.53 14.98 10.48
N GLU A 97 15.30 15.24 10.13
CA GLU A 97 14.34 15.76 11.15
C GLU A 97 13.94 14.63 12.11
N TYR A 98 13.74 13.45 11.58
CA TYR A 98 13.36 12.30 12.45
C TYR A 98 12.93 11.13 11.57
N LYS A 99 13.29 9.93 11.95
CA LYS A 99 12.89 8.75 11.15
C LYS A 99 11.47 8.33 11.50
N HIS A 100 10.63 8.17 10.51
CA HIS A 100 9.23 7.76 10.78
C HIS A 100 8.69 6.99 9.58
N ALA A 101 9.55 6.51 8.72
CA ALA A 101 9.08 5.75 7.53
C ALA A 101 10.15 4.73 7.13
N PHE A 102 10.04 4.18 5.95
CA PHE A 102 11.04 3.18 5.49
C PHE A 102 11.14 3.28 3.96
N GLU A 103 12.33 3.32 3.43
CA GLU A 103 12.43 3.45 1.96
C GLU A 103 12.68 2.08 1.32
N ILE A 104 11.64 1.50 0.79
CA ILE A 104 11.77 0.19 0.10
C ILE A 104 12.09 0.46 -1.37
N ILE A 105 12.61 -0.49 -2.08
CA ILE A 105 12.94 -0.23 -3.52
C ILE A 105 12.38 -1.34 -4.40
N LEU A 106 12.06 -1.00 -5.62
CA LEU A 106 11.56 -2.02 -6.56
C LEU A 106 12.78 -2.58 -7.28
N LYS A 107 12.65 -3.69 -7.94
CA LYS A 107 13.84 -4.23 -8.64
C LYS A 107 13.75 -3.84 -10.12
N ASP A 108 12.88 -2.95 -10.46
CA ASP A 108 12.75 -2.52 -11.88
C ASP A 108 13.42 -1.17 -12.05
N GLY A 109 13.06 -0.21 -11.26
CA GLY A 109 13.71 1.12 -11.37
C GLY A 109 12.94 2.18 -10.58
N ASN A 110 12.31 1.81 -9.50
CA ASN A 110 11.56 2.81 -8.69
C ASN A 110 11.85 2.58 -7.21
N SER A 111 11.12 3.22 -6.35
CA SER A 111 11.36 3.03 -4.89
C SER A 111 10.04 3.09 -4.14
N VAL A 112 9.76 2.09 -3.35
CA VAL A 112 8.48 2.09 -2.58
C VAL A 112 8.70 2.69 -1.20
N ILE A 113 8.87 3.99 -1.12
CA ILE A 113 9.09 4.63 0.21
C ILE A 113 7.76 5.13 0.75
N PHE A 114 7.37 4.65 1.91
CA PHE A 114 6.06 5.09 2.49
C PHE A 114 6.25 5.42 3.98
N SER A 115 5.21 5.85 4.64
CA SER A 115 5.31 6.18 6.09
C SER A 115 3.94 5.98 6.73
N ALA A 116 3.85 5.20 7.77
CA ALA A 116 2.53 4.98 8.40
C ALA A 116 2.12 6.17 9.26
N LYS A 117 0.84 6.44 9.32
CA LYS A 117 0.35 7.59 10.12
C LYS A 117 0.20 7.16 11.58
N SER A 118 1.16 6.46 12.11
CA SER A 118 1.09 6.01 13.52
C SER A 118 2.44 5.42 13.92
N ALA A 119 2.55 4.84 15.08
CA ALA A 119 3.86 4.26 15.49
C ALA A 119 3.92 2.80 15.04
N GLU A 120 3.06 1.99 15.59
CA GLU A 120 3.03 0.55 15.21
C GLU A 120 2.71 0.42 13.73
N GLU A 121 1.82 1.26 13.23
CA GLU A 121 1.47 1.18 11.79
C GLU A 121 2.74 1.38 10.95
N LYS A 122 3.66 2.19 11.41
CA LYS A 122 4.91 2.41 10.64
C LYS A 122 5.68 1.10 10.55
N ASN A 123 6.08 0.58 11.68
CA ASN A 123 6.83 -0.71 11.68
C ASN A 123 5.92 -1.84 11.22
N ASN A 124 4.65 -1.57 11.06
CA ASN A 124 3.71 -2.64 10.62
C ASN A 124 3.96 -3.01 9.16
N TRP A 125 3.80 -2.08 8.25
CA TRP A 125 4.03 -2.42 6.83
C TRP A 125 5.51 -2.74 6.61
N MET A 126 6.36 -2.03 7.28
CA MET A 126 7.82 -2.28 7.13
C MET A 126 8.14 -3.72 7.57
N ALA A 127 7.48 -4.20 8.59
CA ALA A 127 7.77 -5.58 9.06
C ALA A 127 7.13 -6.60 8.11
N ALA A 128 5.98 -6.30 7.58
CA ALA A 128 5.32 -7.26 6.65
C ALA A 128 6.21 -7.46 5.42
N LEU A 129 7.09 -6.54 5.15
CA LEU A 129 7.98 -6.68 3.97
C LEU A 129 9.13 -7.63 4.31
N ILE A 130 9.98 -7.24 5.22
CA ILE A 130 11.11 -8.12 5.60
C ILE A 130 10.55 -9.39 6.26
N SER A 131 9.28 -9.41 6.56
CA SER A 131 8.69 -10.61 7.20
C SER A 131 8.38 -11.63 6.11
N LEU A 132 7.74 -11.22 5.06
CA LEU A 132 7.39 -12.18 3.97
C LEU A 132 8.59 -12.32 3.03
N GLN A 133 9.58 -11.49 3.18
CA GLN A 133 10.77 -11.56 2.29
C GLN A 133 11.55 -12.85 2.56
N TYR A 134 11.68 -13.25 3.79
CA TYR A 134 12.45 -14.49 4.10
C TYR A 134 11.59 -15.73 3.83
N ARG A 135 10.40 -15.78 4.35
CA ARG A 135 9.54 -16.97 4.11
C ARG A 135 9.32 -17.14 2.61
N SER A 136 8.62 -16.23 2.01
CA SER A 136 8.35 -16.31 0.56
C SER A 136 9.69 -16.27 -0.20
#